data_3AZB
#
_entry.id   3AZB
#
_cell.length_a   217.050
_cell.length_b   217.050
_cell.length_c   157.330
_cell.angle_alpha   90.00
_cell.angle_beta   90.00
_cell.angle_gamma   90.00
#
_symmetry.space_group_name_H-M   'I 41'
#
loop_
_entity.id
_entity.type
_entity.pdbx_description
1 polymer 'Beta-hydroxyacyl-ACP dehydratase'
2 non-polymer GLYCEROL
3 non-polymer 5-chloro-8-[(3-chlorobenzyl)oxy]quinoline
4 water water
#
_entity_poly.entity_id   1
_entity_poly.type   'polypeptide(L)'
_entity_poly.pdbx_seq_one_letter_code
;GSHMPNYDTSIDIEDIKKILPHRYPFLLVDKVIYMQPNKTIIGLKQVSTNEPFFNGHFPQKQIMPGVLQIEALAQLAGIL
CLKSDDSQKNNLFLFAGVDGVRWKKPVLPGDTLTMQANLISFKSSLGIAKLSGVGYVNGKVVINISEMTFALSK
;
_entity_poly.pdbx_strand_id   A,B,C,D,E,F,G,H,I,J,K,L,M,N,O,P,Q,R,S,T,U,V,W,X
#
# COMPACT_ATOMS: atom_id res chain seq x y z
N ASP A 8 2.57 3.06 30.38
CA ASP A 8 1.54 3.98 29.93
C ASP A 8 0.30 3.91 30.82
N THR A 9 -0.38 2.78 30.77
CA THR A 9 -1.59 2.58 31.57
C THR A 9 -2.57 3.72 31.33
N SER A 10 -2.66 4.16 30.09
CA SER A 10 -3.56 5.26 29.73
C SER A 10 -4.59 4.84 28.68
N ILE A 11 -5.86 4.95 29.06
CA ILE A 11 -6.96 4.63 28.16
C ILE A 11 -7.49 5.95 27.60
N ASP A 12 -7.45 6.13 26.29
CA ASP A 12 -8.05 7.33 25.69
C ASP A 12 -9.53 7.13 25.27
N ILE A 13 -10.26 8.24 25.09
CA ILE A 13 -11.73 8.24 24.95
C ILE A 13 -12.34 7.08 24.14
N GLU A 14 -11.69 6.70 23.04
CA GLU A 14 -12.21 5.61 22.21
C GLU A 14 -12.33 4.33 23.06
N ASP A 15 -11.24 3.96 23.74
CA ASP A 15 -11.27 2.75 24.59
C ASP A 15 -12.22 2.86 25.78
N ILE A 16 -12.39 4.07 26.33
CA ILE A 16 -13.39 4.31 27.40
C ILE A 16 -14.81 3.90 26.95
N LYS A 17 -15.13 4.27 25.71
CA LYS A 17 -16.43 4.01 25.08
C LYS A 17 -16.66 2.54 24.73
N LYS A 18 -15.58 1.76 24.77
CA LYS A 18 -15.66 0.28 24.70
C LYS A 18 -15.91 -0.36 26.07
N ILE A 19 -15.54 0.36 27.13
CA ILE A 19 -15.74 -0.11 28.51
C ILE A 19 -17.07 0.39 29.08
N LEU A 20 -17.33 1.70 28.95
CA LEU A 20 -18.59 2.28 29.43
C LEU A 20 -19.68 2.36 28.34
N PRO A 21 -20.95 2.19 28.74
CA PRO A 21 -22.08 2.28 27.83
C PRO A 21 -22.59 3.72 27.64
N HIS A 22 -22.27 4.58 28.62
CA HIS A 22 -22.52 6.02 28.58
C HIS A 22 -22.11 6.66 27.23
N ARG A 23 -22.98 7.54 26.73
CA ARG A 23 -22.66 8.36 25.56
C ARG A 23 -22.98 9.81 25.86
N TYR A 24 -22.79 10.69 24.88
CA TYR A 24 -23.14 12.09 25.01
C TYR A 24 -24.66 12.20 25.24
N PRO A 25 -25.10 13.09 26.14
CA PRO A 25 -24.33 14.02 26.96
C PRO A 25 -24.06 13.52 28.38
N PHE A 26 -23.85 12.23 28.55
CA PHE A 26 -23.64 11.73 29.91
C PHE A 26 -22.40 10.91 30.12
N LEU A 27 -21.40 11.16 29.28
CA LEU A 27 -20.11 10.51 29.46
C LEU A 27 -19.17 11.56 30.03
N LEU A 28 -18.73 11.35 31.26
CA LEU A 28 -18.03 12.37 32.02
C LEU A 28 -16.64 11.95 32.47
N VAL A 29 -16.06 10.95 31.78
CA VAL A 29 -14.64 10.62 31.96
C VAL A 29 -13.93 10.75 30.62
N ASP A 30 -12.97 11.67 30.56
CA ASP A 30 -12.32 12.03 29.31
C ASP A 30 -11.11 11.16 29.11
N LYS A 31 -10.36 10.89 30.18
CA LYS A 31 -9.15 10.11 30.06
C LYS A 31 -8.67 9.49 31.38
N VAL A 32 -8.34 8.21 31.32
CA VAL A 32 -7.80 7.47 32.46
C VAL A 32 -6.26 7.52 32.36
N ILE A 33 -5.62 8.14 33.35
CA ILE A 33 -4.16 8.29 33.34
C ILE A 33 -3.40 7.19 34.08
N TYR A 34 -4.02 6.63 35.13
CA TYR A 34 -3.43 5.48 35.85
C TYR A 34 -4.52 4.60 36.45
N MET A 35 -4.40 3.28 36.22
CA MET A 35 -5.30 2.30 36.82
C MET A 35 -4.57 1.05 37.29
N GLN A 36 -4.91 0.60 38.50
CA GLN A 36 -4.45 -0.68 39.00
C GLN A 36 -5.66 -1.55 39.38
N PRO A 37 -5.85 -2.68 38.68
CA PRO A 37 -7.02 -3.55 38.85
C PRO A 37 -7.25 -3.91 40.31
N ASN A 38 -8.52 -4.01 40.70
CA ASN A 38 -8.91 -4.45 42.04
C ASN A 38 -8.49 -3.49 43.17
N LYS A 39 -7.88 -2.35 42.82
CA LYS A 39 -7.33 -1.46 43.84
C LYS A 39 -7.70 0.02 43.69
N THR A 40 -7.10 0.71 42.73
CA THR A 40 -7.34 2.16 42.50
C THR A 40 -7.36 2.57 41.01
N ILE A 41 -7.93 3.75 40.71
CA ILE A 41 -7.95 4.33 39.36
C ILE A 41 -7.88 5.86 39.42
N ILE A 42 -7.11 6.46 38.50
CA ILE A 42 -7.02 7.91 38.41
C ILE A 42 -7.41 8.36 37.01
N GLY A 43 -8.42 9.22 36.93
CA GLY A 43 -8.83 9.79 35.66
C GLY A 43 -9.11 11.27 35.78
N LEU A 44 -9.48 11.88 34.67
CA LEU A 44 -9.81 13.31 34.68
C LEU A 44 -10.96 13.66 33.73
N LYS A 45 -11.62 14.78 34.05
CA LYS A 45 -12.70 15.34 33.26
C LYS A 45 -12.34 16.80 33.01
N GLN A 46 -12.29 17.17 31.73
CA GLN A 46 -12.01 18.55 31.33
C GLN A 46 -13.29 19.39 31.38
N VAL A 47 -13.20 20.53 32.07
CA VAL A 47 -14.38 21.36 32.27
C VAL A 47 -14.36 22.50 31.27
N SER A 48 -15.27 22.44 30.33
CA SER A 48 -15.37 23.47 29.32
C SER A 48 -16.69 24.20 29.38
N THR A 49 -16.66 25.47 29.03
CA THR A 49 -17.90 26.25 28.88
C THR A 49 -18.78 25.66 27.76
N ASN A 50 -18.14 24.91 26.86
CA ASN A 50 -18.83 24.29 25.72
C ASN A 50 -19.42 22.91 26.05
N GLU A 51 -20.03 22.80 27.22
CA GLU A 51 -20.80 21.63 27.60
C GLU A 51 -22.28 22.06 27.74
N PRO A 52 -23.21 21.17 27.36
CA PRO A 52 -24.64 21.55 27.35
C PRO A 52 -25.25 21.84 28.74
N PHE A 53 -24.75 21.22 29.83
CA PHE A 53 -25.34 21.50 31.16
C PHE A 53 -25.13 22.94 31.64
N PHE A 54 -24.04 23.58 31.24
CA PHE A 54 -23.70 24.89 31.74
C PHE A 54 -24.72 25.99 31.47
N ASN A 55 -25.51 25.83 30.41
CA ASN A 55 -26.51 26.86 30.08
C ASN A 55 -27.64 26.96 31.07
N GLY A 56 -27.83 25.90 31.84
CA GLY A 56 -28.93 25.87 32.77
C GLY A 56 -28.48 25.82 34.21
N HIS A 57 -27.16 25.77 34.41
CA HIS A 57 -26.56 25.71 35.74
C HIS A 57 -25.24 26.49 35.85
N PHE A 58 -25.26 27.83 35.84
CA PHE A 58 -26.45 28.67 35.78
C PHE A 58 -26.25 29.79 34.77
N PRO A 59 -27.34 30.30 34.16
CA PRO A 59 -27.24 31.40 33.22
C PRO A 59 -26.19 32.46 33.61
N GLN A 60 -26.28 32.94 34.85
CA GLN A 60 -25.50 34.08 35.33
C GLN A 60 -24.16 33.65 35.98
N LYS A 61 -23.98 32.35 36.22
CA LYS A 61 -22.82 31.83 36.91
C LYS A 61 -22.63 30.36 36.57
N GLN A 62 -21.65 30.06 35.74
CA GLN A 62 -21.46 28.68 35.31
C GLN A 62 -20.72 27.93 36.39
N ILE A 63 -21.43 27.02 37.07
CA ILE A 63 -20.83 26.13 38.06
C ILE A 63 -21.17 24.68 37.73
N MET A 64 -20.19 23.79 37.86
CA MET A 64 -20.39 22.39 37.56
C MET A 64 -21.34 21.82 38.58
N PRO A 65 -22.49 21.31 38.11
CA PRO A 65 -23.40 20.67 39.05
C PRO A 65 -22.61 19.67 39.87
N GLY A 66 -22.71 19.81 41.20
CA GLY A 66 -22.22 18.81 42.14
C GLY A 66 -22.59 17.38 41.80
N VAL A 67 -23.89 17.12 41.55
CA VAL A 67 -24.35 15.76 41.18
C VAL A 67 -23.52 15.16 40.02
N LEU A 68 -23.21 16.00 39.04
CA LEU A 68 -22.42 15.57 37.88
C LEU A 68 -21.00 15.17 38.25
N GLN A 69 -20.48 15.81 39.29
CA GLN A 69 -19.19 15.47 39.88
C GLN A 69 -19.25 14.09 40.52
N ILE A 70 -20.41 13.74 41.06
CA ILE A 70 -20.63 12.38 41.55
C ILE A 70 -20.61 11.39 40.37
N GLU A 71 -21.50 11.60 39.41
CA GLU A 71 -21.50 10.78 38.19
C GLU A 71 -20.09 10.60 37.60
N ALA A 72 -19.38 11.70 37.42
CA ALA A 72 -18.01 11.65 36.93
C ALA A 72 -17.21 10.59 37.68
N LEU A 73 -17.14 10.73 39.01
CA LEU A 73 -16.40 9.79 39.85
C LEU A 73 -16.89 8.36 39.72
N ALA A 74 -18.21 8.18 39.83
CA ALA A 74 -18.87 6.88 39.68
C ALA A 74 -18.62 6.17 38.36
N GLN A 75 -18.52 6.95 37.27
CA GLN A 75 -18.19 6.37 35.97
C GLN A 75 -16.74 5.91 35.92
N LEU A 76 -15.84 6.67 36.53
CA LEU A 76 -14.44 6.25 36.71
C LEU A 76 -14.36 5.03 37.63
N ALA A 77 -15.16 5.03 38.69
CA ALA A 77 -15.28 3.86 39.55
C ALA A 77 -15.68 2.63 38.74
N GLY A 78 -16.69 2.81 37.89
CA GLY A 78 -17.20 1.74 37.03
C GLY A 78 -16.19 1.14 36.08
N ILE A 79 -15.31 1.98 35.53
CA ILE A 79 -14.23 1.53 34.63
C ILE A 79 -13.28 0.58 35.36
N LEU A 80 -12.95 0.93 36.60
CA LEU A 80 -12.14 0.06 37.46
C LEU A 80 -12.82 -1.29 37.68
N CYS A 81 -14.11 -1.27 38.03
CA CYS A 81 -14.86 -2.51 38.26
C CYS A 81 -14.93 -3.41 37.04
N LEU A 82 -15.16 -2.83 35.87
CA LEU A 82 -15.29 -3.64 34.66
C LEU A 82 -13.96 -4.21 34.17
N LYS A 83 -12.87 -3.59 34.57
CA LYS A 83 -11.53 -4.05 34.19
C LYS A 83 -10.91 -4.96 35.26
N SER A 84 -11.30 -4.77 36.52
CA SER A 84 -10.91 -5.65 37.62
C SER A 84 -11.59 -7.02 37.49
N ASP A 85 -12.88 -7.00 37.20
CA ASP A 85 -13.61 -8.23 36.94
C ASP A 85 -14.63 -7.98 35.84
N ASP A 86 -14.46 -8.67 34.70
CA ASP A 86 -15.48 -8.65 33.64
C ASP A 86 -16.05 -10.04 33.47
N SER A 87 -16.14 -10.80 34.58
CA SER A 87 -16.72 -12.15 34.52
C SER A 87 -18.09 -12.06 33.89
N GLN A 88 -18.91 -11.16 34.45
CA GLN A 88 -20.23 -10.86 33.94
C GLN A 88 -20.07 -10.09 32.63
N LYS A 89 -20.76 -10.57 31.59
CA LYS A 89 -20.83 -9.89 30.30
C LYS A 89 -21.91 -8.81 30.36
N ASN A 90 -21.63 -7.78 31.17
CA ASN A 90 -22.60 -6.72 31.47
C ASN A 90 -21.77 -5.51 31.89
N ASN A 91 -21.98 -4.39 31.19
CA ASN A 91 -21.29 -3.15 31.53
C ASN A 91 -22.30 -2.13 32.09
N LEU A 92 -23.57 -2.53 32.16
CA LEU A 92 -24.65 -1.68 32.63
C LEU A 92 -24.75 -1.69 34.17
N PHE A 93 -23.94 -0.83 34.78
CA PHE A 93 -23.88 -0.70 36.24
C PHE A 93 -24.83 0.40 36.69
N LEU A 94 -25.72 0.06 37.61
CA LEU A 94 -26.56 1.08 38.22
C LEU A 94 -26.10 1.47 39.63
N PHE A 95 -26.22 2.76 39.91
CA PHE A 95 -25.93 3.35 41.21
C PHE A 95 -26.96 2.85 42.22
N ALA A 96 -26.49 2.10 43.22
CA ALA A 96 -27.38 1.53 44.23
C ALA A 96 -27.56 2.49 45.41
N GLY A 97 -26.51 3.27 45.68
CA GLY A 97 -26.53 4.22 46.76
C GLY A 97 -25.22 4.96 46.81
N VAL A 98 -25.27 6.16 47.38
CA VAL A 98 -24.05 6.94 47.57
C VAL A 98 -24.08 7.55 48.98
N ASP A 99 -22.90 7.76 49.56
CA ASP A 99 -22.79 8.18 50.96
C ASP A 99 -21.60 9.08 51.19
N GLY A 100 -21.74 10.00 52.15
CA GLY A 100 -20.64 10.83 52.63
C GLY A 100 -20.08 11.78 51.60
N VAL A 101 -20.97 12.40 50.83
CA VAL A 101 -20.54 13.36 49.81
C VAL A 101 -20.39 14.76 50.42
N ARG A 102 -19.23 15.39 50.19
CA ARG A 102 -19.01 16.80 50.51
C ARG A 102 -18.46 17.54 49.29
N TRP A 103 -19.01 18.74 49.05
CA TRP A 103 -18.49 19.62 48.01
C TRP A 103 -17.81 20.82 48.69
N LYS A 104 -16.53 21.01 48.39
CA LYS A 104 -15.68 21.94 49.11
C LYS A 104 -15.58 23.25 48.37
N LYS A 105 -15.46 23.14 47.05
CA LYS A 105 -15.14 24.27 46.20
C LYS A 105 -15.79 24.06 44.83
N PRO A 106 -16.42 25.15 44.31
CA PRO A 106 -17.00 25.16 42.97
C PRO A 106 -15.98 24.68 41.93
N VAL A 107 -16.41 23.77 41.07
CA VAL A 107 -15.68 23.42 39.85
C VAL A 107 -16.17 24.33 38.69
N LEU A 108 -15.22 24.92 37.97
CA LEU A 108 -15.55 25.96 36.99
C LEU A 108 -15.10 25.60 35.56
N PRO A 109 -15.75 26.17 34.53
CA PRO A 109 -15.21 26.13 33.16
C PRO A 109 -13.72 26.53 33.13
N GLY A 110 -12.88 25.64 32.62
CA GLY A 110 -11.44 25.90 32.57
C GLY A 110 -10.62 25.01 33.48
N ASP A 111 -11.26 24.49 34.53
CA ASP A 111 -10.61 23.58 35.47
C ASP A 111 -10.38 22.23 34.80
N THR A 112 -9.44 21.46 35.37
CA THR A 112 -9.31 20.07 35.04
C THR A 112 -9.66 19.35 36.32
N LEU A 113 -10.69 18.52 36.24
CA LEU A 113 -11.11 17.72 37.36
C LEU A 113 -10.28 16.45 37.30
N THR A 114 -9.33 16.31 38.21
CA THR A 114 -8.56 15.07 38.34
C THR A 114 -9.24 14.21 39.42
N MET A 115 -9.50 12.94 39.10
CA MET A 115 -10.32 12.09 39.95
C MET A 115 -9.66 10.79 40.35
N GLN A 116 -9.85 10.41 41.62
CA GLN A 116 -9.41 9.11 42.11
C GLN A 116 -10.55 8.32 42.76
N ALA A 117 -10.68 7.05 42.38
CA ALA A 117 -11.60 6.12 43.04
C ALA A 117 -10.86 4.85 43.45
N ASN A 118 -11.19 4.37 44.65
CA ASN A 118 -10.54 3.22 45.23
C ASN A 118 -11.57 2.14 45.54
N LEU A 119 -11.22 0.90 45.20
CA LEU A 119 -12.09 -0.23 45.48
C LEU A 119 -11.99 -0.58 46.96
N ILE A 120 -13.14 -0.91 47.55
CA ILE A 120 -13.21 -1.29 48.96
C ILE A 120 -13.61 -2.77 49.05
N SER A 121 -14.81 -3.08 48.56
CA SER A 121 -15.33 -4.46 48.56
C SER A 121 -16.00 -4.83 47.24
N PHE A 122 -15.85 -6.10 46.86
CA PHE A 122 -16.43 -6.63 45.63
C PHE A 122 -16.83 -8.08 45.88
N LYS A 123 -18.07 -8.42 45.54
CA LYS A 123 -18.48 -9.83 45.49
C LYS A 123 -19.18 -10.10 44.15
N SER A 124 -18.42 -10.55 43.14
CA SER A 124 -18.96 -10.82 41.80
C SER A 124 -19.98 -11.96 41.80
N SER A 125 -20.11 -12.60 42.97
CA SER A 125 -21.17 -13.57 43.22
C SER A 125 -22.52 -12.87 42.97
N LEU A 126 -22.80 -11.83 43.76
CA LEU A 126 -24.00 -11.01 43.55
C LEU A 126 -23.86 -10.09 42.32
N GLY A 127 -22.67 -9.53 42.12
CA GLY A 127 -22.47 -8.43 41.16
C GLY A 127 -22.60 -7.12 41.90
N ILE A 128 -21.84 -7.00 43.00
CA ILE A 128 -21.98 -5.92 43.98
C ILE A 128 -20.59 -5.34 44.33
N ALA A 129 -20.44 -4.02 44.20
CA ALA A 129 -19.16 -3.36 44.50
C ALA A 129 -19.31 -2.00 45.22
N LYS A 130 -18.31 -1.69 46.06
CA LYS A 130 -18.26 -0.44 46.82
C LYS A 130 -16.95 0.30 46.53
N LEU A 131 -17.02 1.64 46.49
CA LEU A 131 -15.84 2.44 46.16
C LEU A 131 -15.82 3.80 46.84
N SER A 132 -14.62 4.29 47.10
CA SER A 132 -14.42 5.65 47.63
C SER A 132 -13.92 6.57 46.51
N GLY A 133 -14.15 7.89 46.64
CA GLY A 133 -13.77 8.82 45.57
C GLY A 133 -13.42 10.23 46.00
N VAL A 134 -12.37 10.78 45.40
CA VAL A 134 -11.95 12.16 45.64
C VAL A 134 -11.68 12.88 44.32
N GLY A 135 -12.22 14.10 44.20
CA GLY A 135 -12.00 14.95 43.04
C GLY A 135 -11.17 16.17 43.40
N TYR A 136 -10.25 16.52 42.51
CA TYR A 136 -9.32 17.62 42.72
C TYR A 136 -9.34 18.61 41.59
N VAL A 137 -9.05 19.87 41.94
CA VAL A 137 -8.69 20.90 40.97
C VAL A 137 -7.44 21.64 41.48
N ASN A 138 -6.32 21.52 40.74
CA ASN A 138 -5.07 22.19 41.14
C ASN A 138 -4.44 21.57 42.40
N GLY A 139 -4.57 20.25 42.55
CA GLY A 139 -4.09 19.55 43.74
C GLY A 139 -5.01 19.63 44.95
N LYS A 140 -5.98 20.54 44.89
CA LYS A 140 -6.86 20.80 46.01
C LYS A 140 -8.19 20.04 45.89
N VAL A 141 -8.74 19.60 47.03
CA VAL A 141 -9.94 18.80 47.05
C VAL A 141 -11.20 19.64 46.77
N VAL A 142 -12.07 19.16 45.88
CA VAL A 142 -13.32 19.86 45.56
C VAL A 142 -14.55 19.03 45.89
N ILE A 143 -14.38 17.70 45.83
CA ILE A 143 -15.42 16.74 46.20
C ILE A 143 -14.80 15.52 46.91
N ASN A 144 -15.52 14.99 47.90
CA ASN A 144 -15.16 13.76 48.62
C ASN A 144 -16.34 12.82 48.74
N ILE A 145 -16.12 11.53 48.54
CA ILE A 145 -17.20 10.55 48.65
C ILE A 145 -16.77 9.32 49.46
N SER A 146 -17.42 9.13 50.61
CA SER A 146 -17.12 8.03 51.51
C SER A 146 -17.39 6.69 50.85
N GLU A 147 -18.62 6.55 50.34
CA GLU A 147 -19.07 5.30 49.72
C GLU A 147 -19.96 5.46 48.48
N MET A 148 -19.56 4.83 47.38
CA MET A 148 -20.41 4.66 46.20
C MET A 148 -20.74 3.18 46.00
N THR A 149 -22.03 2.85 45.99
CA THR A 149 -22.46 1.46 45.86
C THR A 149 -23.12 1.22 44.49
N PHE A 150 -22.71 0.15 43.81
CA PHE A 150 -23.16 -0.09 42.46
C PHE A 150 -23.67 -1.50 42.22
N ALA A 151 -24.74 -1.61 41.42
CA ALA A 151 -25.33 -2.91 41.08
C ALA A 151 -25.07 -3.29 39.61
N LEU A 152 -24.86 -4.59 39.37
CA LEU A 152 -24.66 -5.16 38.02
C LEU A 152 -25.99 -5.65 37.44
N SER A 153 -26.72 -4.75 36.78
CA SER A 153 -28.07 -5.08 36.29
C SER A 153 -28.10 -5.51 34.82
N THR B 9 -49.01 26.35 49.17
CA THR B 9 -49.52 27.15 48.02
C THR B 9 -48.96 26.57 46.72
N SER B 10 -49.85 26.31 45.77
CA SER B 10 -49.50 25.57 44.56
C SER B 10 -48.87 26.46 43.48
N ILE B 11 -47.91 25.89 42.75
CA ILE B 11 -47.04 26.64 41.84
C ILE B 11 -46.91 25.96 40.46
N ASP B 12 -47.21 26.71 39.42
CA ASP B 12 -47.00 26.26 38.04
C ASP B 12 -45.58 26.66 37.59
N ILE B 13 -45.16 26.21 36.41
CA ILE B 13 -43.74 26.21 36.04
C ILE B 13 -43.08 27.57 35.75
N GLU B 14 -43.87 28.57 35.39
CA GLU B 14 -43.32 29.91 35.15
C GLU B 14 -42.81 30.51 36.45
N ASP B 15 -43.48 30.19 37.55
CA ASP B 15 -43.14 30.73 38.86
C ASP B 15 -41.98 30.02 39.52
N ILE B 16 -41.69 28.80 39.08
CA ILE B 16 -40.51 28.08 39.55
C ILE B 16 -39.21 28.78 39.10
N LYS B 17 -39.17 29.20 37.84
CA LYS B 17 -38.02 29.86 37.25
C LYS B 17 -37.81 31.27 37.82
N LYS B 18 -38.81 31.77 38.54
CA LYS B 18 -38.70 33.06 39.25
C LYS B 18 -38.06 32.88 40.61
N ILE B 19 -38.20 31.68 41.15
CA ILE B 19 -37.56 31.31 42.41
C ILE B 19 -36.18 30.72 42.13
N LEU B 20 -36.09 29.69 41.29
CA LEU B 20 -34.81 29.03 40.99
C LEU B 20 -34.04 29.68 39.84
N PRO B 21 -32.69 29.59 39.88
CA PRO B 21 -31.91 30.09 38.76
C PRO B 21 -31.65 29.03 37.67
N HIS B 22 -31.93 27.76 37.97
CA HIS B 22 -31.75 26.65 37.00
C HIS B 22 -32.59 26.85 35.76
N ARG B 23 -31.97 26.63 34.60
CA ARG B 23 -32.68 26.57 33.32
C ARG B 23 -32.36 25.26 32.61
N TYR B 24 -32.80 25.14 31.36
CA TYR B 24 -32.53 23.97 30.54
C TYR B 24 -31.02 23.88 30.24
N PRO B 25 -30.45 22.65 30.22
CA PRO B 25 -31.06 21.33 30.45
C PRO B 25 -30.95 20.87 31.90
N PHE B 26 -31.11 21.77 32.85
CA PHE B 26 -30.82 21.37 34.24
C PHE B 26 -31.81 21.92 35.27
N LEU B 27 -33.01 22.24 34.80
CA LEU B 27 -34.17 22.37 35.68
C LEU B 27 -34.89 21.03 35.75
N LEU B 28 -34.96 20.46 36.95
CA LEU B 28 -35.54 19.13 37.16
C LEU B 28 -36.77 19.14 38.09
N VAL B 29 -37.50 20.24 38.07
CA VAL B 29 -38.79 20.35 38.76
C VAL B 29 -39.82 20.88 37.75
N ASP B 30 -40.88 20.10 37.54
CA ASP B 30 -41.93 20.51 36.62
C ASP B 30 -43.11 21.18 37.28
N LYS B 31 -43.44 20.77 38.50
CA LYS B 31 -44.55 21.41 39.19
C LYS B 31 -44.43 21.30 40.71
N VAL B 32 -44.86 22.33 41.41
CA VAL B 32 -44.92 22.28 42.87
C VAL B 32 -46.39 22.21 43.30
N ILE B 33 -46.78 21.07 43.88
CA ILE B 33 -48.19 20.82 44.16
C ILE B 33 -48.60 21.20 45.59
N TYR B 34 -47.66 21.12 46.53
CA TYR B 34 -47.92 21.50 47.93
C TYR B 34 -46.66 22.04 48.57
N MET B 35 -46.79 23.13 49.30
CA MET B 35 -45.65 23.67 50.03
C MET B 35 -46.01 24.27 51.38
N GLN B 36 -45.32 23.84 52.44
CA GLN B 36 -45.44 24.52 53.73
C GLN B 36 -44.10 25.08 54.22
N PRO B 37 -43.99 26.44 54.24
CA PRO B 37 -42.78 27.17 54.61
C PRO B 37 -42.12 26.71 55.91
N ASN B 38 -40.80 26.56 55.89
CA ASN B 38 -40.03 26.01 57.02
C ASN B 38 -40.33 24.53 57.34
N LYS B 39 -41.19 23.87 56.55
CA LYS B 39 -41.56 22.49 56.88
C LYS B 39 -41.48 21.43 55.78
N THR B 40 -42.34 21.49 54.77
CA THR B 40 -42.30 20.47 53.71
C THR B 40 -42.67 21.02 52.34
N ILE B 41 -42.26 20.29 51.30
CA ILE B 41 -42.59 20.61 49.91
C ILE B 41 -42.82 19.33 49.09
N ILE B 42 -43.89 19.33 48.31
CA ILE B 42 -44.23 18.22 47.42
C ILE B 42 -44.35 18.69 45.98
N GLY B 43 -43.84 17.87 45.07
CA GLY B 43 -43.75 18.25 43.67
C GLY B 43 -43.54 17.05 42.77
N LEU B 44 -43.40 17.31 41.48
CA LEU B 44 -43.21 16.26 40.48
C LEU B 44 -42.25 16.66 39.37
N LYS B 45 -41.68 15.64 38.74
CA LYS B 45 -40.80 15.79 37.59
C LYS B 45 -41.19 14.67 36.62
N GLN B 46 -41.69 15.07 35.46
CA GLN B 46 -42.19 14.11 34.49
C GLN B 46 -41.02 13.58 33.68
N VAL B 47 -40.96 12.27 33.56
CA VAL B 47 -39.85 11.58 32.92
C VAL B 47 -40.30 11.19 31.53
N SER B 48 -39.85 11.93 30.51
CA SER B 48 -40.15 11.65 29.10
C SER B 48 -38.89 11.21 28.35
N THR B 49 -39.04 10.32 27.36
CA THR B 49 -37.97 9.98 26.42
C THR B 49 -37.39 11.19 25.65
N ASN B 50 -38.12 12.31 25.68
CA ASN B 50 -37.73 13.46 24.88
C ASN B 50 -36.85 14.41 25.65
N GLU B 51 -35.95 13.85 26.46
CA GLU B 51 -35.06 14.64 27.30
C GLU B 51 -33.64 14.39 26.90
N PRO B 52 -32.78 15.41 26.99
CA PRO B 52 -31.46 15.34 26.37
C PRO B 52 -30.53 14.29 26.94
N PHE B 53 -30.70 13.91 28.19
CA PHE B 53 -29.79 12.94 28.84
C PHE B 53 -30.01 11.50 28.41
N PHE B 54 -31.21 11.23 27.91
CA PHE B 54 -31.63 9.87 27.67
C PHE B 54 -30.85 9.14 26.59
N ASN B 55 -30.39 9.85 25.56
CA ASN B 55 -29.46 9.31 24.56
C ASN B 55 -28.13 8.80 25.15
N GLY B 56 -27.68 9.43 26.22
CA GLY B 56 -26.40 9.04 26.80
C GLY B 56 -26.47 7.98 27.88
N HIS B 57 -27.68 7.67 28.34
CA HIS B 57 -27.89 6.94 29.58
C HIS B 57 -29.22 6.15 29.55
N PHE B 58 -29.30 5.06 28.78
CA PHE B 58 -28.24 4.58 27.90
C PHE B 58 -28.79 4.36 26.48
N PRO B 59 -27.91 4.27 25.48
CA PRO B 59 -28.39 3.97 24.12
C PRO B 59 -29.33 2.76 24.07
N GLN B 60 -28.93 1.68 24.72
CA GLN B 60 -29.68 0.41 24.68
C GLN B 60 -30.69 0.28 25.80
N LYS B 61 -30.56 1.11 26.83
CA LYS B 61 -31.54 1.14 27.93
C LYS B 61 -31.71 2.54 28.53
N GLN B 62 -32.88 3.13 28.30
CA GLN B 62 -33.20 4.44 28.82
C GLN B 62 -33.59 4.43 30.30
N ILE B 63 -32.71 4.93 31.17
CA ILE B 63 -32.93 4.92 32.63
C ILE B 63 -32.54 6.27 33.15
N MET B 64 -33.39 6.87 33.96
CA MET B 64 -33.07 8.17 34.57
C MET B 64 -31.82 7.96 35.41
N PRO B 65 -30.79 8.80 35.20
CA PRO B 65 -29.59 8.70 36.01
C PRO B 65 -29.91 9.06 37.44
N GLY B 66 -29.45 8.21 38.34
CA GLY B 66 -29.63 8.39 39.77
C GLY B 66 -29.30 9.79 40.23
N VAL B 67 -28.11 10.28 39.86
CA VAL B 67 -27.67 11.61 40.29
C VAL B 67 -28.64 12.72 39.90
N LEU B 68 -29.33 12.57 38.77
CA LEU B 68 -30.31 13.54 38.35
C LEU B 68 -31.59 13.46 39.16
N GLN B 69 -31.82 12.33 39.81
CA GLN B 69 -32.89 12.22 40.81
C GLN B 69 -32.54 12.98 42.09
N ILE B 70 -31.25 12.96 42.45
CA ILE B 70 -30.77 13.75 43.58
C ILE B 70 -31.01 15.22 43.26
N GLU B 71 -30.59 15.63 42.06
CA GLU B 71 -30.64 17.04 41.65
C GLU B 71 -32.09 17.56 41.66
N ALA B 72 -32.97 16.78 41.04
CA ALA B 72 -34.42 17.01 41.13
C ALA B 72 -34.89 17.33 42.56
N LEU B 73 -34.73 16.38 43.47
CA LEU B 73 -35.13 16.57 44.86
C LEU B 73 -34.48 17.81 45.48
N ALA B 74 -33.17 17.93 45.27
CA ALA B 74 -32.35 19.01 45.81
C ALA B 74 -32.86 20.37 45.38
N GLN B 75 -33.24 20.48 44.10
CA GLN B 75 -33.93 21.67 43.56
C GLN B 75 -35.26 21.98 44.24
N LEU B 76 -36.09 20.95 44.41
CA LEU B 76 -37.36 21.10 45.12
C LEU B 76 -37.11 21.46 46.58
N ALA B 77 -36.08 20.84 47.17
CA ALA B 77 -35.63 21.24 48.49
C ALA B 77 -35.32 22.74 48.52
N GLY B 78 -34.56 23.22 47.51
CA GLY B 78 -34.08 24.60 47.45
C GLY B 78 -35.20 25.62 47.26
N ILE B 79 -36.26 25.21 46.56
CA ILE B 79 -37.45 26.06 46.41
C ILE B 79 -38.02 26.38 47.79
N LEU B 80 -38.23 25.33 48.60
CA LEU B 80 -38.67 25.43 49.99
C LEU B 80 -37.81 26.42 50.82
N CYS B 81 -36.48 26.31 50.73
CA CYS B 81 -35.55 27.20 51.44
C CYS B 81 -35.77 28.65 51.04
N LEU B 82 -35.74 28.90 49.73
CA LEU B 82 -35.93 30.25 49.21
C LEU B 82 -37.30 30.83 49.55
N LYS B 83 -38.30 29.97 49.72
CA LYS B 83 -39.65 30.42 50.09
C LYS B 83 -39.95 30.36 51.59
N SER B 84 -38.99 29.82 52.36
CA SER B 84 -39.08 29.78 53.83
C SER B 84 -38.39 30.98 54.44
N ASP B 85 -37.26 31.34 53.84
CA ASP B 85 -36.48 32.50 54.23
C ASP B 85 -35.67 32.95 53.02
N ASP B 86 -36.16 33.97 52.33
CA ASP B 86 -35.39 34.61 51.28
C ASP B 86 -34.75 35.93 51.75
N SER B 87 -34.57 36.07 53.06
CA SER B 87 -33.97 37.29 53.60
C SER B 87 -32.59 37.58 52.98
N GLN B 88 -31.78 36.54 52.80
CA GLN B 88 -30.55 36.65 51.99
C GLN B 88 -30.97 36.72 50.52
N LYS B 89 -30.74 37.87 49.89
CA LYS B 89 -31.15 38.09 48.50
C LYS B 89 -30.23 37.33 47.53
N ASN B 90 -30.34 36.00 47.56
CA ASN B 90 -29.48 35.13 46.76
C ASN B 90 -30.22 33.84 46.46
N ASN B 91 -30.52 33.60 45.18
CA ASN B 91 -31.16 32.33 44.78
C ASN B 91 -30.17 31.23 44.33
N LEU B 92 -28.89 31.61 44.26
CA LEU B 92 -27.80 30.70 43.89
C LEU B 92 -27.41 29.79 45.07
N PHE B 93 -28.11 28.68 45.21
CA PHE B 93 -27.81 27.67 46.22
C PHE B 93 -26.83 26.62 45.70
N LEU B 94 -25.85 26.25 46.51
CA LEU B 94 -24.86 25.25 46.12
C LEU B 94 -24.86 24.03 47.03
N PHE B 95 -24.85 22.86 46.41
CA PHE B 95 -24.81 21.60 47.13
C PHE B 95 -23.47 21.50 47.86
N ALA B 96 -23.53 21.36 49.18
CA ALA B 96 -22.34 21.28 50.01
C ALA B 96 -22.04 19.85 50.51
N GLY B 97 -23.10 19.05 50.72
CA GLY B 97 -22.95 17.65 51.05
C GLY B 97 -24.26 16.92 50.92
N VAL B 98 -24.21 15.62 50.63
CA VAL B 98 -25.43 14.78 50.54
C VAL B 98 -25.13 13.38 51.08
N ASP B 99 -26.05 12.84 51.87
CA ASP B 99 -25.78 11.65 52.67
C ASP B 99 -27.00 10.72 52.74
N GLY B 100 -26.74 9.41 52.70
CA GLY B 100 -27.79 8.40 52.87
C GLY B 100 -28.72 8.37 51.69
N VAL B 101 -28.15 8.23 50.49
CA VAL B 101 -28.91 8.16 49.25
C VAL B 101 -29.06 6.68 48.84
N ARG B 102 -30.30 6.25 48.67
CA ARG B 102 -30.61 4.89 48.23
C ARG B 102 -31.55 4.89 47.03
N TRP B 103 -31.08 4.30 45.92
CA TRP B 103 -31.91 4.08 44.73
C TRP B 103 -32.46 2.64 44.74
N LYS B 104 -33.78 2.52 44.90
CA LYS B 104 -34.41 1.20 44.99
C LYS B 104 -34.86 0.69 43.63
N LYS B 105 -35.46 1.59 42.84
CA LYS B 105 -36.10 1.18 41.57
C LYS B 105 -35.70 2.14 40.45
N PRO B 106 -35.39 1.58 39.25
CA PRO B 106 -35.19 2.37 38.05
C PRO B 106 -36.36 3.32 37.76
N VAL B 107 -36.04 4.60 37.56
CA VAL B 107 -37.02 5.55 37.02
C VAL B 107 -36.91 5.53 35.48
N LEU B 108 -38.03 5.27 34.82
CA LEU B 108 -38.03 5.06 33.36
C LEU B 108 -38.87 6.10 32.65
N PRO B 109 -38.69 6.24 31.32
CA PRO B 109 -39.56 7.06 30.50
C PRO B 109 -41.01 6.64 30.71
N GLY B 110 -41.89 7.61 30.95
CA GLY B 110 -43.30 7.31 31.19
C GLY B 110 -43.77 7.56 32.63
N ASP B 111 -42.84 7.48 33.58
CA ASP B 111 -43.17 7.63 35.01
C ASP B 111 -43.44 9.08 35.43
N THR B 112 -44.12 9.23 36.55
CA THR B 112 -44.19 10.52 37.23
C THR B 112 -43.35 10.31 38.48
N LEU B 113 -42.27 11.09 38.60
CA LEU B 113 -41.48 11.14 39.81
C LEU B 113 -42.08 12.19 40.73
N THR B 114 -42.77 11.70 41.76
CA THR B 114 -43.34 12.58 42.78
C THR B 114 -42.30 12.72 43.88
N MET B 115 -42.14 13.92 44.40
CA MET B 115 -41.05 14.20 45.33
C MET B 115 -41.44 14.98 46.57
N GLN B 116 -40.85 14.57 47.69
CA GLN B 116 -41.09 15.19 48.99
C GLN B 116 -39.79 15.52 49.72
N ALA B 117 -39.68 16.78 50.14
CA ALA B 117 -38.50 17.27 50.86
C ALA B 117 -38.88 17.94 52.18
N ASN B 118 -38.19 17.57 53.25
CA ASN B 118 -38.51 18.06 54.59
C ASN B 118 -37.34 18.79 55.19
N LEU B 119 -37.60 19.99 55.70
CA LEU B 119 -36.55 20.80 56.27
C LEU B 119 -36.24 20.30 57.67
N ILE B 120 -34.98 19.92 57.87
CA ILE B 120 -34.50 19.48 59.18
C ILE B 120 -34.03 20.69 59.98
N SER B 121 -33.04 21.42 59.44
CA SER B 121 -32.45 22.59 60.09
C SER B 121 -32.07 23.72 59.14
N PHE B 122 -32.17 24.95 59.63
CA PHE B 122 -31.83 26.16 58.89
C PHE B 122 -31.00 27.01 59.84
N LYS B 123 -29.67 26.95 59.68
CA LYS B 123 -28.77 27.49 60.72
C LYS B 123 -28.01 28.74 60.34
N ILE B 128 -26.51 27.56 56.65
CA ILE B 128 -26.49 26.14 56.34
C ILE B 128 -27.87 25.51 56.53
N ALA B 129 -28.43 24.99 55.44
CA ALA B 129 -29.76 24.36 55.47
C ALA B 129 -29.63 22.86 55.20
N LYS B 130 -30.37 22.06 55.97
CA LYS B 130 -30.30 20.59 55.83
C LYS B 130 -31.68 20.01 55.62
N LEU B 131 -31.80 19.11 54.65
CA LEU B 131 -33.11 18.54 54.27
C LEU B 131 -33.05 17.06 53.96
N SER B 132 -34.22 16.43 53.92
CA SER B 132 -34.34 15.04 53.50
C SER B 132 -35.26 14.99 52.28
N GLY B 133 -35.18 13.90 51.52
CA GLY B 133 -35.94 13.81 50.29
C GLY B 133 -36.32 12.39 49.96
N VAL B 134 -37.58 12.24 49.57
CA VAL B 134 -38.10 10.94 49.09
C VAL B 134 -38.64 11.10 47.68
N GLY B 135 -38.48 10.07 46.84
CA GLY B 135 -39.02 10.06 45.48
C GLY B 135 -39.90 8.86 45.23
N TYR B 136 -41.11 9.11 44.75
CA TYR B 136 -42.09 8.05 44.47
C TYR B 136 -42.41 7.92 43.00
N VAL B 137 -42.55 6.68 42.53
CA VAL B 137 -43.24 6.42 41.28
C VAL B 137 -44.35 5.41 41.52
N ASN B 138 -45.59 5.87 41.34
CA ASN B 138 -46.79 5.08 41.64
C ASN B 138 -46.98 4.79 43.12
N GLY B 139 -46.61 5.76 43.97
CA GLY B 139 -46.65 5.56 45.42
C GLY B 139 -45.55 4.67 45.98
N LYS B 140 -44.69 4.16 45.11
CA LYS B 140 -43.59 3.27 45.48
C LYS B 140 -42.27 4.03 45.51
N VAL B 141 -41.51 3.85 46.58
CA VAL B 141 -40.27 4.61 46.79
C VAL B 141 -39.20 4.18 45.78
N VAL B 142 -38.63 5.16 45.09
CA VAL B 142 -37.58 4.90 44.11
C VAL B 142 -36.25 5.47 44.59
N ILE B 143 -36.30 6.64 45.23
CA ILE B 143 -35.11 7.23 45.82
C ILE B 143 -35.33 7.72 47.27
N ASN B 144 -34.32 7.50 48.11
CA ASN B 144 -34.30 8.02 49.48
C ASN B 144 -33.08 8.87 49.72
N ILE B 145 -33.27 10.02 50.35
CA ILE B 145 -32.16 10.88 50.75
C ILE B 145 -32.24 11.27 52.22
N SER B 146 -31.34 10.69 53.04
CA SER B 146 -31.29 10.98 54.46
C SER B 146 -31.09 12.47 54.70
N GLU B 147 -30.05 13.04 54.07
CA GLU B 147 -29.66 14.45 54.34
C GLU B 147 -28.95 15.16 53.18
N MET B 148 -29.68 16.09 52.55
CA MET B 148 -29.11 17.09 51.64
C MET B 148 -28.71 18.31 52.46
N THR B 149 -27.52 18.84 52.18
CA THR B 149 -26.96 20.01 52.83
C THR B 149 -26.75 21.13 51.80
N PHE B 150 -27.16 22.34 52.13
CA PHE B 150 -27.09 23.48 51.22
C PHE B 150 -26.54 24.77 51.87
N ALA B 151 -25.63 25.43 51.17
CA ALA B 151 -25.04 26.69 51.63
C ALA B 151 -25.01 27.80 50.56
N LEU B 152 -26.08 28.60 50.50
CA LEU B 152 -26.13 29.78 49.64
C LEU B 152 -24.83 30.58 49.74
N SER B 153 -24.10 30.64 48.60
CA SER B 153 -22.79 31.29 48.51
C SER B 153 -22.76 32.41 47.46
N THR C 9 -22.97 15.48 -11.58
CA THR C 9 -24.39 15.12 -11.37
C THR C 9 -24.86 15.67 -10.03
N SER C 10 -26.17 15.90 -9.89
CA SER C 10 -26.79 16.30 -8.61
C SER C 10 -26.58 15.16 -7.60
N ILE C 11 -26.35 15.49 -6.33
CA ILE C 11 -26.30 14.49 -5.24
C ILE C 11 -27.11 14.88 -3.98
N ASP C 12 -28.12 14.06 -3.63
CA ASP C 12 -28.97 14.23 -2.43
C ASP C 12 -28.20 14.07 -1.12
N ILE C 13 -28.81 14.50 -0.01
CA ILE C 13 -28.24 14.41 1.32
C ILE C 13 -27.98 12.97 1.80
N GLU C 14 -28.92 12.08 1.50
CA GLU C 14 -28.79 10.65 1.82
C GLU C 14 -27.52 10.03 1.22
N ASP C 15 -27.19 10.42 0.00
CA ASP C 15 -25.97 9.92 -0.65
C ASP C 15 -24.73 10.68 -0.19
N ILE C 16 -24.88 11.97 0.12
CA ILE C 16 -23.82 12.74 0.79
C ILE C 16 -23.33 12.01 2.05
N LYS C 17 -24.27 11.49 2.84
CA LYS C 17 -23.96 10.77 4.09
C LYS C 17 -23.29 9.41 3.86
N LYS C 18 -23.40 8.91 2.64
CA LYS C 18 -22.76 7.66 2.26
C LYS C 18 -21.28 7.87 1.99
N ILE C 19 -20.94 9.07 1.52
CA ILE C 19 -19.58 9.44 1.11
C ILE C 19 -18.85 10.10 2.26
N LEU C 20 -19.52 10.99 2.99
CA LEU C 20 -18.88 11.71 4.09
C LEU C 20 -19.21 11.11 5.46
N PRO C 21 -18.20 11.00 6.36
CA PRO C 21 -18.45 10.53 7.74
C PRO C 21 -19.14 11.56 8.65
N HIS C 22 -19.03 12.84 8.28
CA HIS C 22 -19.66 13.98 8.98
C HIS C 22 -21.12 13.74 9.36
N ARG C 23 -21.45 14.04 10.62
CA ARG C 23 -22.80 13.90 11.17
C ARG C 23 -23.19 15.12 11.98
N TYR C 24 -24.48 15.22 12.31
CA TYR C 24 -24.98 16.37 13.05
C TYR C 24 -24.19 16.47 14.36
N PRO C 25 -23.83 17.71 14.80
CA PRO C 25 -24.10 19.02 14.21
C PRO C 25 -22.89 19.57 13.46
N PHE C 26 -22.23 18.72 12.66
CA PHE C 26 -21.08 19.16 11.89
C PHE C 26 -21.08 18.71 10.42
N LEU C 27 -22.25 18.41 9.86
CA LEU C 27 -22.41 18.23 8.41
C LEU C 27 -23.00 19.48 7.72
N LEU C 28 -22.20 20.12 6.86
CA LEU C 28 -22.52 21.44 6.34
C LEU C 28 -22.66 21.53 4.82
N VAL C 29 -23.01 20.40 4.21
CA VAL C 29 -23.42 20.35 2.81
C VAL C 29 -24.84 19.75 2.73
N ASP C 30 -25.80 20.55 2.29
CA ASP C 30 -27.20 20.11 2.15
C ASP C 30 -27.51 19.46 0.78
N LYS C 31 -26.77 19.89 -0.26
CA LYS C 31 -26.94 19.35 -1.60
C LYS C 31 -25.67 19.53 -2.47
N VAL C 32 -25.37 18.53 -3.29
CA VAL C 32 -24.39 18.69 -4.34
C VAL C 32 -25.14 18.85 -5.64
N ILE C 33 -25.04 20.01 -6.27
CA ILE C 33 -25.83 20.28 -7.49
C ILE C 33 -25.12 19.94 -8.81
N TYR C 34 -23.80 20.13 -8.86
CA TYR C 34 -23.00 19.67 -10.01
C TYR C 34 -21.62 19.20 -9.61
N MET C 35 -21.24 18.02 -10.07
CA MET C 35 -19.90 17.51 -9.84
C MET C 35 -19.21 17.03 -11.12
N GLN C 36 -17.94 17.34 -11.25
CA GLN C 36 -17.10 16.72 -12.26
C GLN C 36 -15.86 16.10 -11.62
N PRO C 37 -15.73 14.77 -11.70
CA PRO C 37 -14.60 14.08 -11.12
C PRO C 37 -13.25 14.68 -11.51
N ASN C 38 -12.38 14.83 -10.53
CA ASN C 38 -11.01 15.27 -10.71
C ASN C 38 -10.87 16.78 -11.01
N LYS C 39 -11.99 17.48 -11.17
CA LYS C 39 -11.95 18.89 -11.56
C LYS C 39 -12.71 19.89 -10.70
N THR C 40 -14.05 19.87 -10.75
CA THR C 40 -14.85 20.83 -9.99
C THR C 40 -16.17 20.27 -9.41
N ILE C 41 -16.60 20.88 -8.31
CA ILE C 41 -17.84 20.51 -7.65
C ILE C 41 -18.64 21.76 -7.26
N ILE C 42 -19.96 21.68 -7.40
CA ILE C 42 -20.84 22.74 -6.95
C ILE C 42 -21.89 22.17 -6.01
N GLY C 43 -22.14 22.93 -4.94
CA GLY C 43 -23.04 22.51 -3.91
C GLY C 43 -23.56 23.65 -3.08
N LEU C 44 -24.55 23.35 -2.24
CA LEU C 44 -25.20 24.36 -1.40
C LEU C 44 -25.38 23.97 0.07
N LYS C 45 -25.47 25.00 0.89
CA LYS C 45 -25.80 24.85 2.30
C LYS C 45 -26.85 25.92 2.56
N GLN C 46 -28.06 25.47 2.90
CA GLN C 46 -29.14 26.35 3.33
C GLN C 46 -28.86 26.83 4.75
N VAL C 47 -28.93 28.14 4.96
CA VAL C 47 -28.63 28.77 6.26
C VAL C 47 -29.92 29.20 6.96
N SER C 48 -30.31 28.41 7.96
CA SER C 48 -31.54 28.66 8.66
C SER C 48 -31.27 29.22 10.04
N THR C 49 -32.27 29.87 10.62
CA THR C 49 -32.21 30.32 12.01
C THR C 49 -32.17 29.12 12.96
N ASN C 50 -32.68 28.00 12.46
CA ASN C 50 -32.87 26.77 13.22
C ASN C 50 -31.67 25.83 13.24
N GLU C 51 -30.49 26.43 13.34
CA GLU C 51 -29.25 25.69 13.50
C GLU C 51 -28.64 25.93 14.88
N PRO C 52 -27.98 24.91 15.46
CA PRO C 52 -27.57 25.01 16.87
C PRO C 52 -26.43 26.00 17.14
N PHE C 53 -25.66 26.36 16.12
CA PHE C 53 -24.64 27.37 16.32
C PHE C 53 -25.17 28.81 16.45
N PHE C 54 -26.40 29.04 15.96
CA PHE C 54 -26.87 30.42 15.82
C PHE C 54 -27.11 31.12 17.14
N ASN C 55 -27.45 30.35 18.17
CA ASN C 55 -27.60 30.85 19.54
C ASN C 55 -26.30 31.36 20.15
N GLY C 56 -25.17 30.90 19.61
CA GLY C 56 -23.87 31.18 20.18
C GLY C 56 -23.11 32.22 19.39
N HIS C 57 -23.63 32.56 18.22
CA HIS C 57 -22.93 33.38 17.25
C HIS C 57 -23.91 34.15 16.36
N PHE C 58 -24.58 35.16 16.90
CA PHE C 58 -24.47 35.57 18.30
C PHE C 58 -25.86 35.80 18.84
N PRO C 59 -26.05 35.76 20.17
CA PRO C 59 -27.36 35.99 20.75
C PRO C 59 -28.09 37.19 20.15
N GLN C 60 -27.37 38.30 19.94
CA GLN C 60 -27.98 39.56 19.52
C GLN C 60 -27.93 39.80 18.00
N LYS C 61 -26.99 39.15 17.30
CA LYS C 61 -26.92 39.22 15.83
C LYS C 61 -26.42 37.92 15.18
N GLN C 62 -27.33 37.24 14.49
CA GLN C 62 -27.11 35.88 13.98
C GLN C 62 -26.31 35.90 12.71
N ILE C 63 -25.03 35.52 12.82
CA ILE C 63 -24.14 35.53 11.68
C ILE C 63 -23.54 34.14 11.63
N MET C 64 -23.53 33.54 10.43
CA MET C 64 -22.89 32.25 10.24
C MET C 64 -21.39 32.43 10.42
N PRO C 65 -20.82 31.71 11.41
CA PRO C 65 -19.37 31.73 11.64
C PRO C 65 -18.62 31.43 10.36
N GLY C 66 -17.57 32.21 10.09
CA GLY C 66 -16.72 32.07 8.91
C GLY C 66 -16.00 30.75 8.86
N VAL C 67 -15.54 30.26 10.02
CA VAL C 67 -14.84 28.97 10.06
C VAL C 67 -15.75 27.81 9.63
N LEU C 68 -17.05 28.05 9.70
CA LEU C 68 -18.05 27.04 9.32
C LEU C 68 -18.31 27.05 7.83
N GLN C 69 -18.21 28.25 7.25
CA GLN C 69 -18.13 28.46 5.82
C GLN C 69 -16.90 27.74 5.22
N ILE C 70 -15.76 27.85 5.91
CA ILE C 70 -14.54 27.10 5.54
C ILE C 70 -14.84 25.60 5.60
N GLU C 71 -15.41 25.16 6.71
CA GLU C 71 -15.81 23.75 6.87
C GLU C 71 -16.73 23.26 5.76
N ALA C 72 -17.72 24.07 5.40
CA ALA C 72 -18.70 23.68 4.39
C ALA C 72 -18.03 23.49 3.01
N LEU C 73 -17.17 24.43 2.64
CA LEU C 73 -16.41 24.29 1.39
C LEU C 73 -15.48 23.10 1.42
N ALA C 74 -14.90 22.86 2.60
CA ALA C 74 -13.96 21.77 2.83
C ALA C 74 -14.61 20.41 2.70
N GLN C 75 -15.85 20.32 3.17
CA GLN C 75 -16.63 19.08 3.10
C GLN C 75 -17.02 18.79 1.67
N LEU C 76 -17.23 19.86 0.93
CA LEU C 76 -17.57 19.79 -0.49
C LEU C 76 -16.33 19.46 -1.30
N ALA C 77 -15.21 20.08 -0.95
CA ALA C 77 -13.91 19.69 -1.51
C ALA C 77 -13.62 18.22 -1.25
N GLY C 78 -13.88 17.80 -0.02
CA GLY C 78 -13.73 16.40 0.39
C GLY C 78 -14.51 15.37 -0.41
N ILE C 79 -15.79 15.66 -0.70
CA ILE C 79 -16.65 14.79 -1.50
C ILE C 79 -16.07 14.55 -2.89
N LEU C 80 -15.62 15.63 -3.51
CA LEU C 80 -15.03 15.59 -4.85
C LEU C 80 -13.82 14.68 -4.85
N CYS C 81 -13.01 14.75 -3.80
CA CYS C 81 -11.82 13.92 -3.70
C CYS C 81 -12.20 12.48 -3.66
N LEU C 82 -13.11 12.14 -2.76
CA LEU C 82 -13.53 10.76 -2.58
C LEU C 82 -14.20 10.17 -3.83
N LYS C 83 -14.90 10.99 -4.61
CA LYS C 83 -15.49 10.52 -5.87
C LYS C 83 -14.49 10.55 -7.03
N SER C 84 -13.48 11.42 -6.94
CA SER C 84 -12.45 11.47 -7.97
C SER C 84 -11.52 10.28 -7.85
N ASP C 85 -11.31 9.83 -6.63
CA ASP C 85 -10.46 8.67 -6.36
C ASP C 85 -10.84 8.05 -5.02
N ASP C 86 -11.50 6.88 -5.08
CA ASP C 86 -11.82 6.11 -3.86
C ASP C 86 -11.06 4.78 -3.81
N SER C 87 -9.95 4.68 -4.55
CA SER C 87 -9.05 3.54 -4.40
C SER C 87 -8.58 3.46 -2.94
N GLN C 88 -8.15 4.60 -2.39
CA GLN C 88 -8.03 4.74 -0.94
C GLN C 88 -9.42 4.60 -0.32
N LYS C 89 -9.64 3.44 0.30
CA LYS C 89 -10.87 3.13 1.04
C LYS C 89 -10.77 3.72 2.44
N ASN C 90 -10.92 5.03 2.50
CA ASN C 90 -10.88 5.79 3.74
C ASN C 90 -11.62 7.10 3.51
N ASN C 91 -12.80 7.25 4.13
CA ASN C 91 -13.55 8.51 3.99
C ASN C 91 -13.19 9.57 5.02
N LEU C 92 -12.44 9.17 6.04
CA LEU C 92 -11.98 10.07 7.08
C LEU C 92 -10.81 10.94 6.61
N PHE C 93 -11.14 12.15 6.18
CA PHE C 93 -10.16 13.12 5.68
C PHE C 93 -9.90 14.14 6.76
N LEU C 94 -8.65 14.58 6.87
CA LEU C 94 -8.32 15.61 7.83
C LEU C 94 -7.76 16.85 7.15
N PHE C 95 -8.31 18.00 7.54
CA PHE C 95 -7.83 19.28 7.11
C PHE C 95 -6.36 19.32 7.53
N ALA C 96 -5.46 19.58 6.58
CA ALA C 96 -4.03 19.64 6.86
C ALA C 96 -3.55 21.08 6.83
N GLY C 97 -4.12 21.86 5.93
CA GLY C 97 -3.75 23.25 5.79
C GLY C 97 -4.80 24.06 5.07
N VAL C 98 -4.85 25.35 5.37
CA VAL C 98 -5.67 26.27 4.61
C VAL C 98 -4.97 27.63 4.44
N ASP C 99 -5.15 28.19 3.25
CA ASP C 99 -4.43 29.37 2.82
C ASP C 99 -5.37 30.31 2.05
N GLY C 100 -5.17 31.61 2.25
CA GLY C 100 -5.85 32.64 1.48
C GLY C 100 -7.35 32.70 1.67
N VAL C 101 -7.79 32.73 2.92
CA VAL C 101 -9.21 32.86 3.24
C VAL C 101 -9.56 34.32 3.41
N ARG C 102 -10.65 34.73 2.78
CA ARG C 102 -11.15 36.09 2.86
C ARG C 102 -12.65 35.97 2.97
N TRP C 103 -13.21 36.55 4.02
CA TRP C 103 -14.65 36.73 4.12
C TRP C 103 -14.98 38.13 3.66
N LYS C 104 -15.95 38.23 2.76
CA LYS C 104 -16.33 39.52 2.17
C LYS C 104 -17.62 40.02 2.79
N LYS C 105 -18.59 39.12 2.93
CA LYS C 105 -19.94 39.51 3.31
C LYS C 105 -20.52 38.54 4.33
N PRO C 106 -21.17 39.08 5.37
CA PRO C 106 -21.86 38.28 6.39
C PRO C 106 -22.88 37.31 5.79
N VAL C 107 -22.79 36.02 6.16
CA VAL C 107 -23.81 35.04 5.75
C VAL C 107 -24.89 34.93 6.83
N LEU C 108 -26.14 35.11 6.41
CA LEU C 108 -27.24 35.32 7.35
C LEU C 108 -28.35 34.26 7.22
N PRO C 109 -29.12 34.01 8.30
CA PRO C 109 -30.29 33.14 8.21
C PRO C 109 -31.19 33.56 7.07
N GLY C 110 -31.59 32.58 6.26
CA GLY C 110 -32.38 32.83 5.06
C GLY C 110 -31.58 32.81 3.76
N ASP C 111 -30.26 32.86 3.87
CA ASP C 111 -29.40 32.88 2.70
C ASP C 111 -29.22 31.48 2.18
N THR C 112 -28.99 31.37 0.87
CA THR C 112 -28.46 30.15 0.30
C THR C 112 -26.97 30.37 0.03
N LEU C 113 -26.15 29.51 0.62
CA LEU C 113 -24.74 29.55 0.41
C LEU C 113 -24.38 28.52 -0.66
N THR C 114 -24.22 29.02 -1.89
CA THR C 114 -23.81 28.24 -3.04
C THR C 114 -22.27 28.21 -3.07
N MET C 115 -21.70 26.99 -3.11
CA MET C 115 -20.26 26.80 -2.98
C MET C 115 -19.64 26.07 -4.16
N GLN C 116 -18.43 26.48 -4.55
CA GLN C 116 -17.69 25.80 -5.60
C GLN C 116 -16.24 25.50 -5.21
N ALA C 117 -15.81 24.27 -5.43
CA ALA C 117 -14.46 23.83 -5.12
C ALA C 117 -13.75 23.23 -6.32
N ASN C 118 -12.52 23.70 -6.56
CA ASN C 118 -11.74 23.29 -7.73
C ASN C 118 -10.47 22.54 -7.38
N LEU C 119 -10.43 21.26 -7.72
CA LEU C 119 -9.23 20.45 -7.52
C LEU C 119 -8.02 21.04 -8.25
N ILE C 120 -6.94 21.22 -7.51
CA ILE C 120 -5.70 21.78 -8.06
C ILE C 120 -4.68 20.68 -8.29
N SER C 121 -4.39 19.90 -7.24
CA SER C 121 -3.46 18.75 -7.33
C SER C 121 -3.93 17.56 -6.50
N PHE C 122 -3.59 16.36 -6.97
CA PHE C 122 -3.85 15.14 -6.23
C PHE C 122 -2.66 14.20 -6.30
N LYS C 123 -2.13 13.87 -5.13
CA LYS C 123 -1.17 12.79 -5.02
C LYS C 123 -1.99 11.58 -4.58
N SER C 124 -2.24 10.69 -5.54
CA SER C 124 -3.12 9.53 -5.40
C SER C 124 -3.07 8.86 -4.04
N SER C 125 -1.85 8.49 -3.64
CA SER C 125 -1.69 7.65 -2.46
C SER C 125 -0.51 8.09 -1.57
N LEU C 126 -0.35 9.42 -1.50
CA LEU C 126 0.30 10.08 -0.39
C LEU C 126 -0.88 10.62 0.38
N GLY C 127 -1.96 10.85 -0.36
CA GLY C 127 -3.23 11.31 0.20
C GLY C 127 -3.37 12.82 0.28
N ILE C 128 -2.45 13.53 -0.37
CA ILE C 128 -2.42 14.98 -0.31
C ILE C 128 -3.16 15.57 -1.49
N ALA C 129 -4.38 16.04 -1.23
CA ALA C 129 -5.12 16.82 -2.21
C ALA C 129 -5.11 18.32 -1.89
N LYS C 130 -5.04 19.13 -2.95
CA LYS C 130 -5.11 20.58 -2.85
C LYS C 130 -6.24 21.14 -3.74
N LEU C 131 -6.95 22.14 -3.23
CA LEU C 131 -8.14 22.67 -3.89
C LEU C 131 -8.37 24.14 -3.55
N SER C 132 -9.10 24.83 -4.41
CA SER C 132 -9.54 26.18 -4.15
C SER C 132 -11.05 26.17 -3.96
N GLY C 133 -11.58 27.23 -3.35
CA GLY C 133 -13.01 27.32 -3.09
C GLY C 133 -13.56 28.72 -2.96
N VAL C 134 -14.82 28.88 -3.38
CA VAL C 134 -15.52 30.17 -3.38
C VAL C 134 -16.97 29.96 -2.92
N GLY C 135 -17.50 30.92 -2.18
CA GLY C 135 -18.86 30.81 -1.73
C GLY C 135 -19.67 32.01 -2.14
N TYR C 136 -20.95 31.80 -2.43
CA TYR C 136 -21.81 32.87 -2.91
C TYR C 136 -23.16 32.94 -2.20
N VAL C 137 -23.56 34.15 -1.85
CA VAL C 137 -24.98 34.40 -1.58
C VAL C 137 -25.47 35.44 -2.57
N ASN C 138 -26.46 35.06 -3.36
CA ASN C 138 -27.08 35.94 -4.36
C ASN C 138 -26.11 36.39 -5.44
N GLY C 139 -25.31 35.45 -5.92
CA GLY C 139 -24.39 35.73 -7.00
C GLY C 139 -23.15 36.47 -6.53
N LYS C 140 -23.18 36.93 -5.29
CA LYS C 140 -22.08 37.70 -4.69
C LYS C 140 -21.17 36.87 -3.77
N VAL C 141 -19.87 37.02 -3.99
CA VAL C 141 -18.80 36.34 -3.26
C VAL C 141 -18.90 36.66 -1.78
N VAL C 142 -18.97 35.62 -0.95
CA VAL C 142 -18.97 35.81 0.50
C VAL C 142 -17.72 35.25 1.14
N ILE C 143 -17.10 34.29 0.46
CA ILE C 143 -15.88 33.65 0.90
C ILE C 143 -15.00 33.20 -0.27
N ASN C 144 -13.74 33.60 -0.19
CA ASN C 144 -12.71 33.07 -1.08
C ASN C 144 -11.73 32.20 -0.31
N ILE C 145 -11.33 31.06 -0.90
CA ILE C 145 -10.21 30.26 -0.39
C ILE C 145 -9.20 29.90 -1.51
N SER C 146 -7.97 30.42 -1.39
CA SER C 146 -6.86 30.11 -2.31
C SER C 146 -6.47 28.63 -2.33
N GLU C 147 -6.36 28.03 -1.16
CA GLU C 147 -5.87 26.64 -1.05
C GLU C 147 -6.31 25.95 0.22
N MET C 148 -7.12 24.91 0.06
CA MET C 148 -7.33 23.94 1.11
C MET C 148 -6.37 22.79 0.83
N THR C 149 -5.70 22.32 1.87
CA THR C 149 -4.90 21.10 1.78
C THR C 149 -5.45 20.07 2.75
N PHE C 150 -5.61 18.83 2.28
CA PHE C 150 -6.14 17.77 3.13
C PHE C 150 -5.18 16.60 3.35
N ALA C 151 -5.32 15.96 4.53
CA ALA C 151 -4.64 14.73 4.88
C ALA C 151 -5.59 13.55 4.70
N LEU C 152 -5.43 12.81 3.60
CA LEU C 152 -6.37 11.74 3.21
C LEU C 152 -6.31 10.49 4.08
N ASP D 8 -1.77 37.34 39.18
CA ASP D 8 -3.10 37.17 38.54
C ASP D 8 -3.37 38.24 37.49
N THR D 9 -2.90 37.96 36.26
CA THR D 9 -3.07 38.82 35.09
C THR D 9 -4.11 38.19 34.14
N SER D 10 -5.08 37.49 34.72
CA SER D 10 -5.90 36.54 33.96
C SER D 10 -7.39 36.89 33.94
N ILE D 11 -8.17 36.04 33.24
CA ILE D 11 -9.61 36.24 33.04
C ILE D 11 -10.39 34.90 33.08
N ASP D 12 -11.18 34.69 34.13
CA ASP D 12 -12.04 33.51 34.18
C ASP D 12 -13.28 33.63 33.28
N ILE D 13 -14.01 32.53 33.12
CA ILE D 13 -15.09 32.43 32.14
C ILE D 13 -16.14 33.53 32.18
N GLU D 14 -16.55 33.93 33.38
CA GLU D 14 -17.58 34.95 33.57
C GLU D 14 -17.11 36.29 33.00
N ASP D 15 -15.81 36.56 33.18
CA ASP D 15 -15.22 37.79 32.69
C ASP D 15 -14.95 37.73 31.18
N ILE D 16 -14.71 36.54 30.65
CA ILE D 16 -14.57 36.35 29.19
C ILE D 16 -15.86 36.71 28.45
N LYS D 17 -16.99 36.25 29.00
CA LYS D 17 -18.32 36.59 28.47
C LYS D 17 -18.71 38.08 28.49
N LYS D 18 -18.01 38.88 29.31
CA LYS D 18 -18.20 40.35 29.31
C LYS D 18 -17.40 40.97 28.17
N ILE D 19 -16.40 40.22 27.71
CA ILE D 19 -15.58 40.66 26.58
C ILE D 19 -16.17 40.13 25.27
N LEU D 20 -16.32 38.81 25.15
CA LEU D 20 -16.81 38.24 23.90
C LEU D 20 -18.34 38.15 23.89
N PRO D 21 -18.92 38.36 22.70
CA PRO D 21 -20.35 38.20 22.57
C PRO D 21 -20.73 36.74 22.37
N HIS D 22 -19.73 35.86 22.23
CA HIS D 22 -19.93 34.45 21.87
C HIS D 22 -20.55 33.74 23.01
N ARG D 23 -21.54 32.91 22.72
CA ARG D 23 -22.10 32.04 23.73
C ARG D 23 -22.10 30.60 23.25
N TYR D 24 -22.61 29.70 24.10
CA TYR D 24 -22.73 28.28 23.78
C TYR D 24 -23.65 28.10 22.57
N PRO D 25 -23.31 27.16 21.66
CA PRO D 25 -22.19 26.24 21.68
C PRO D 25 -20.95 26.70 20.89
N PHE D 26 -20.68 28.01 20.86
CA PHE D 26 -19.62 28.54 20.00
C PHE D 26 -18.66 29.50 20.70
N LEU D 27 -18.57 29.38 22.01
CA LEU D 27 -17.53 30.00 22.81
C LEU D 27 -16.43 28.98 23.08
N LEU D 28 -15.25 29.19 22.52
CA LEU D 28 -14.21 28.19 22.60
C LEU D 28 -12.94 28.58 23.35
N VAL D 29 -13.06 29.55 24.25
CA VAL D 29 -12.02 29.82 25.23
C VAL D 29 -12.57 29.58 26.66
N ASP D 30 -11.93 28.69 27.40
CA ASP D 30 -12.29 28.48 28.80
C ASP D 30 -11.61 29.48 29.74
N LYS D 31 -10.31 29.70 29.57
CA LYS D 31 -9.54 30.54 30.49
C LYS D 31 -8.35 31.27 29.88
N VAL D 32 -8.29 32.59 30.13
CA VAL D 32 -7.12 33.41 29.76
C VAL D 32 -6.11 33.45 30.91
N ILE D 33 -4.94 32.87 30.69
CA ILE D 33 -3.94 32.71 31.75
C ILE D 33 -2.84 33.79 31.77
N TYR D 34 -2.50 34.33 30.60
CA TYR D 34 -1.60 35.49 30.49
C TYR D 34 -2.04 36.41 29.35
N MET D 35 -1.97 37.72 29.59
CA MET D 35 -2.29 38.74 28.57
C MET D 35 -1.41 39.99 28.70
N GLN D 36 -0.76 40.38 27.60
CA GLN D 36 -0.07 41.66 27.56
C GLN D 36 -0.68 42.59 26.51
N PRO D 37 -1.40 43.63 26.95
CA PRO D 37 -2.02 44.59 26.05
C PRO D 37 -1.13 45.00 24.88
N ASN D 38 -1.67 44.91 23.68
CA ASN D 38 -0.97 45.29 22.43
C ASN D 38 0.16 44.33 22.05
N LYS D 39 0.27 43.21 22.75
CA LYS D 39 1.39 42.29 22.49
C LYS D 39 0.95 40.85 22.29
N THR D 40 0.69 40.17 23.41
CA THR D 40 0.47 38.74 23.36
C THR D 40 -0.63 38.27 24.30
N ILE D 41 -1.32 37.20 23.90
CA ILE D 41 -2.35 36.61 24.76
C ILE D 41 -2.22 35.11 24.81
N ILE D 42 -2.20 34.56 26.01
CA ILE D 42 -2.19 33.12 26.17
C ILE D 42 -3.51 32.68 26.78
N GLY D 43 -4.12 31.66 26.18
CA GLY D 43 -5.37 31.11 26.68
C GLY D 43 -5.41 29.59 26.64
N LEU D 44 -6.50 29.03 27.17
CA LEU D 44 -6.73 27.61 27.06
C LEU D 44 -8.17 27.25 26.75
N LYS D 45 -8.35 26.04 26.25
CA LYS D 45 -9.65 25.47 25.99
C LYS D 45 -9.54 24.00 26.35
N GLN D 46 -10.41 23.56 27.24
CA GLN D 46 -10.41 22.16 27.64
C GLN D 46 -11.22 21.35 26.62
N VAL D 47 -10.68 20.20 26.24
CA VAL D 47 -11.27 19.37 25.18
C VAL D 47 -11.94 18.15 25.77
N SER D 48 -13.27 18.16 25.80
CA SER D 48 -14.03 17.10 26.45
C SER D 48 -14.93 16.36 25.49
N THR D 49 -15.07 15.06 25.69
CA THR D 49 -16.04 14.25 24.97
C THR D 49 -17.47 14.84 25.08
N ASN D 50 -17.76 15.48 26.21
CA ASN D 50 -19.06 16.05 26.50
C ASN D 50 -19.27 17.42 25.86
N GLU D 51 -18.95 17.52 24.57
CA GLU D 51 -19.13 18.76 23.81
C GLU D 51 -19.95 18.38 22.59
N PRO D 52 -20.84 19.30 22.15
CA PRO D 52 -21.82 18.98 21.11
C PRO D 52 -21.24 18.54 19.74
N PHE D 53 -20.10 19.07 19.35
CA PHE D 53 -19.56 18.79 18.01
C PHE D 53 -18.96 17.40 17.83
N PHE D 54 -18.64 16.74 18.95
CA PHE D 54 -17.94 15.45 18.92
C PHE D 54 -18.77 14.26 18.43
N ASN D 55 -20.10 14.37 18.46
CA ASN D 55 -20.97 13.35 17.90
C ASN D 55 -20.94 13.38 16.36
N GLY D 56 -20.62 14.56 15.79
CA GLY D 56 -20.61 14.75 14.36
C GLY D 56 -19.26 14.53 13.70
N HIS D 57 -18.19 14.48 14.50
CA HIS D 57 -16.82 14.61 13.97
C HIS D 57 -15.80 13.85 14.86
N PHE D 58 -15.75 12.53 14.77
CA PHE D 58 -16.63 11.72 13.94
C PHE D 58 -17.23 10.59 14.79
N PRO D 59 -18.44 10.11 14.43
CA PRO D 59 -19.10 9.06 15.22
C PRO D 59 -18.17 7.93 15.70
N GLN D 60 -17.20 7.55 14.87
CA GLN D 60 -16.31 6.44 15.19
C GLN D 60 -14.91 6.92 15.60
N LYS D 61 -14.64 8.21 15.47
CA LYS D 61 -13.35 8.74 15.88
C LYS D 61 -13.40 10.24 16.20
N GLN D 62 -13.56 10.54 17.48
CA GLN D 62 -13.68 11.90 17.99
C GLN D 62 -12.40 12.69 17.76
N ILE D 63 -12.46 13.60 16.78
CA ILE D 63 -11.38 14.55 16.52
C ILE D 63 -11.95 15.97 16.57
N MET D 64 -11.24 16.88 17.26
CA MET D 64 -11.61 18.29 17.28
C MET D 64 -11.41 18.94 15.89
N PRO D 65 -12.52 19.43 15.30
CA PRO D 65 -12.51 20.10 14.00
C PRO D 65 -11.42 21.16 13.93
N GLY D 66 -10.60 21.10 12.89
CA GLY D 66 -9.48 22.02 12.75
C GLY D 66 -9.96 23.46 12.71
N VAL D 67 -11.08 23.68 12.02
CA VAL D 67 -11.70 24.99 11.93
C VAL D 67 -12.12 25.54 13.29
N LEU D 68 -12.34 24.65 14.25
CA LEU D 68 -12.72 25.04 15.61
C LEU D 68 -11.50 25.39 16.44
N GLN D 69 -10.37 24.83 16.04
CA GLN D 69 -9.08 25.30 16.54
C GLN D 69 -8.78 26.71 16.03
N ILE D 70 -8.97 26.94 14.74
CA ILE D 70 -8.92 28.31 14.19
C ILE D 70 -9.86 29.28 14.93
N GLU D 71 -11.11 28.87 15.17
CA GLU D 71 -12.11 29.74 15.80
C GLU D 71 -11.71 30.12 17.22
N ALA D 72 -11.22 29.13 17.97
CA ALA D 72 -10.80 29.35 19.36
C ALA D 72 -9.64 30.31 19.42
N LEU D 73 -8.62 30.08 18.58
CA LEU D 73 -7.46 30.98 18.55
C LEU D 73 -7.90 32.39 18.21
N ALA D 74 -8.82 32.47 17.24
CA ALA D 74 -9.32 33.76 16.78
C ALA D 74 -10.12 34.46 17.84
N GLN D 75 -10.89 33.69 18.62
CA GLN D 75 -11.61 34.20 19.78
C GLN D 75 -10.68 34.80 20.83
N LEU D 76 -9.59 34.08 21.11
CA LEU D 76 -8.52 34.53 22.01
C LEU D 76 -7.84 35.80 21.53
N ALA D 77 -7.50 35.82 20.24
CA ALA D 77 -6.92 36.98 19.61
C ALA D 77 -7.87 38.16 19.77
N GLY D 78 -9.16 37.87 19.68
CA GLY D 78 -10.22 38.86 19.78
C GLY D 78 -10.30 39.55 21.12
N ILE D 79 -10.06 38.80 22.19
CA ILE D 79 -10.03 39.36 23.54
C ILE D 79 -8.88 40.38 23.65
N LEU D 80 -7.69 39.98 23.21
CA LEU D 80 -6.51 40.87 23.21
C LEU D 80 -6.77 42.19 22.51
N CYS D 81 -7.26 42.12 21.28
CA CYS D 81 -7.65 43.31 20.53
C CYS D 81 -8.53 44.22 21.37
N LEU D 82 -9.63 43.68 21.90
CA LEU D 82 -10.60 44.48 22.62
C LEU D 82 -10.02 45.10 23.91
N LYS D 83 -9.23 44.32 24.64
CA LYS D 83 -8.56 44.83 25.85
C LYS D 83 -7.37 45.75 25.51
N SER D 84 -6.81 45.59 24.31
CA SER D 84 -5.76 46.47 23.84
C SER D 84 -6.31 47.85 23.52
N ASP D 85 -7.48 47.93 22.88
CA ASP D 85 -8.10 49.22 22.54
C ASP D 85 -9.63 49.14 22.36
N ASP D 86 -10.36 49.50 23.43
CA ASP D 86 -11.82 49.44 23.43
C ASP D 86 -12.51 50.79 23.15
N SER D 87 -11.73 51.81 22.83
CA SER D 87 -12.26 53.09 22.33
C SER D 87 -13.26 52.86 21.18
N GLN D 88 -12.92 51.90 20.30
CA GLN D 88 -13.86 51.39 19.29
C GLN D 88 -14.80 50.53 20.16
N LYS D 89 -15.97 51.10 20.48
CA LYS D 89 -16.94 50.50 21.41
C LYS D 89 -17.85 49.48 20.74
N ASN D 90 -17.23 48.36 20.34
CA ASN D 90 -17.89 47.27 19.64
C ASN D 90 -17.15 45.96 19.90
N ASN D 91 -17.87 44.96 20.42
CA ASN D 91 -17.28 43.62 20.71
C ASN D 91 -17.60 42.55 19.66
N LEU D 92 -18.45 42.90 18.69
CA LEU D 92 -18.72 42.04 17.54
C LEU D 92 -17.61 42.21 16.48
N PHE D 93 -16.50 41.50 16.68
CA PHE D 93 -15.45 41.42 15.67
C PHE D 93 -15.82 40.36 14.66
N LEU D 94 -15.54 40.62 13.38
CA LEU D 94 -15.66 39.60 12.38
C LEU D 94 -14.28 39.22 11.84
N PHE D 95 -14.11 37.92 11.66
CA PHE D 95 -13.01 37.40 10.91
C PHE D 95 -13.12 37.97 9.48
N ALA D 96 -12.04 38.57 8.97
CA ALA D 96 -12.05 39.04 7.58
C ALA D 96 -11.18 38.15 6.68
N GLY D 97 -10.16 37.53 7.26
CA GLY D 97 -9.34 36.56 6.55
C GLY D 97 -8.48 35.73 7.47
N VAL D 98 -7.95 34.62 6.95
CA VAL D 98 -7.02 33.79 7.70
C VAL D 98 -6.01 33.12 6.77
N ASP D 99 -4.76 33.09 7.21
CA ASP D 99 -3.67 32.72 6.31
C ASP D 99 -2.63 31.90 7.03
N GLY D 100 -2.11 30.90 6.31
CA GLY D 100 -1.03 30.05 6.81
C GLY D 100 -1.42 29.20 8.00
N VAL D 101 -2.51 28.47 7.86
CA VAL D 101 -2.99 27.57 8.89
C VAL D 101 -2.45 26.17 8.60
N ARG D 102 -1.83 25.56 9.60
CA ARG D 102 -1.32 24.20 9.47
C ARG D 102 -1.67 23.40 10.71
N TRP D 103 -2.34 22.28 10.48
CA TRP D 103 -2.65 21.33 11.55
C TRP D 103 -1.62 20.22 11.53
N LYS D 104 -1.02 19.97 12.69
CA LYS D 104 0.13 19.07 12.76
C LYS D 104 -0.25 17.74 13.39
N LYS D 105 -1.16 17.82 14.35
CA LYS D 105 -1.57 16.68 15.13
C LYS D 105 -3.04 16.84 15.43
N PRO D 106 -3.77 15.71 15.51
CA PRO D 106 -5.15 15.72 15.95
C PRO D 106 -5.25 16.17 17.41
N VAL D 107 -6.22 17.03 17.70
CA VAL D 107 -6.58 17.35 19.08
C VAL D 107 -7.76 16.46 19.53
N LEU D 108 -7.61 15.80 20.67
CA LEU D 108 -8.55 14.78 21.13
C LEU D 108 -9.19 15.10 22.49
N PRO D 109 -10.38 14.51 22.76
CA PRO D 109 -11.02 14.59 24.07
C PRO D 109 -10.01 14.25 25.15
N GLY D 110 -9.91 15.12 26.17
CA GLY D 110 -8.92 14.96 27.23
C GLY D 110 -7.70 15.88 27.16
N ASP D 111 -7.47 16.48 26.00
CA ASP D 111 -6.34 17.40 25.83
C ASP D 111 -6.65 18.77 26.44
N THR D 112 -5.61 19.49 26.81
CA THR D 112 -5.74 20.88 27.18
C THR D 112 -5.15 21.62 26.01
N LEU D 113 -6.00 22.28 25.24
CA LEU D 113 -5.52 23.10 24.14
C LEU D 113 -5.07 24.43 24.71
N THR D 114 -3.76 24.63 24.72
CA THR D 114 -3.14 25.87 25.15
C THR D 114 -2.76 26.68 23.91
N MET D 115 -3.16 27.94 23.90
CA MET D 115 -3.12 28.77 22.72
C MET D 115 -2.45 30.12 22.99
N GLN D 116 -1.67 30.59 22.03
CA GLN D 116 -1.04 31.90 22.09
C GLN D 116 -1.33 32.66 20.80
N ALA D 117 -1.83 33.89 20.94
CA ALA D 117 -2.02 34.79 19.81
C ALA D 117 -1.20 36.06 20.00
N ASN D 118 -0.56 36.50 18.92
CA ASN D 118 0.41 37.59 18.98
C ASN D 118 0.01 38.71 18.06
N LEU D 119 -0.12 39.92 18.60
CA LEU D 119 -0.53 41.09 17.81
C LEU D 119 0.60 41.59 16.92
N ILE D 120 0.29 41.70 15.63
CA ILE D 120 1.24 42.13 14.62
C ILE D 120 1.06 43.61 14.24
N SER D 121 -0.16 43.98 13.86
CA SER D 121 -0.51 45.36 13.43
C SER D 121 -1.96 45.74 13.79
N PHE D 122 -2.19 47.02 14.04
CA PHE D 122 -3.52 47.54 14.39
C PHE D 122 -3.76 48.86 13.66
N LYS D 123 -4.98 48.97 13.10
CA LYS D 123 -5.54 50.22 12.52
C LYS D 123 -4.55 51.22 11.93
N ILE D 128 -8.88 46.07 10.90
CA ILE D 128 -7.51 46.42 10.55
C ILE D 128 -6.50 45.82 11.50
N ALA D 129 -6.90 44.78 12.22
CA ALA D 129 -6.00 44.09 13.13
C ALA D 129 -5.53 42.78 12.51
N LYS D 130 -4.24 42.51 12.66
CA LYS D 130 -3.60 41.29 12.18
C LYS D 130 -2.81 40.61 13.28
N LEU D 131 -2.94 39.30 13.40
CA LEU D 131 -2.35 38.54 14.52
C LEU D 131 -1.90 37.14 14.09
N SER D 132 -0.97 36.56 14.85
CA SER D 132 -0.53 35.19 14.62
C SER D 132 -1.04 34.29 15.75
N GLY D 133 -1.22 33.00 15.45
CA GLY D 133 -1.71 32.02 16.43
C GLY D 133 -1.00 30.67 16.47
N VAL D 134 -0.74 30.18 17.67
CA VAL D 134 -0.13 28.86 17.87
C VAL D 134 -0.88 28.10 18.97
N GLY D 135 -1.16 26.82 18.72
CA GLY D 135 -1.85 25.98 19.69
C GLY D 135 -1.00 24.78 20.09
N TYR D 136 -1.07 24.43 21.38
CA TYR D 136 -0.23 23.37 21.94
C TYR D 136 -1.04 22.37 22.75
N VAL D 137 -0.74 21.09 22.59
CA VAL D 137 -1.16 20.10 23.55
C VAL D 137 0.09 19.46 24.08
N ASN D 138 0.32 19.61 25.38
CA ASN D 138 1.47 19.02 26.09
C ASN D 138 2.83 19.49 25.61
N GLY D 139 2.91 20.80 25.37
CA GLY D 139 4.10 21.43 24.81
C GLY D 139 4.17 21.28 23.31
N LYS D 140 3.37 20.36 22.75
CA LYS D 140 3.49 20.02 21.33
C LYS D 140 2.65 20.94 20.45
N VAL D 141 3.18 21.31 19.29
CA VAL D 141 2.48 22.23 18.42
C VAL D 141 1.39 21.49 17.67
N VAL D 142 0.14 21.88 17.88
CA VAL D 142 -0.97 21.21 17.20
C VAL D 142 -1.49 22.01 16.01
N ILE D 143 -1.40 23.33 16.10
CA ILE D 143 -1.88 24.22 15.02
C ILE D 143 -1.05 25.47 14.92
N ASN D 144 -0.72 25.84 13.69
CA ASN D 144 -0.06 27.10 13.39
C ASN D 144 -0.93 27.99 12.54
N ILE D 145 -1.06 29.26 12.93
CA ILE D 145 -1.73 30.27 12.10
C ILE D 145 -0.85 31.50 11.92
N SER D 146 -0.32 31.66 10.72
CA SER D 146 0.57 32.76 10.35
C SER D 146 -0.10 34.11 10.53
N GLU D 147 -1.35 34.23 10.07
CA GLU D 147 -2.03 35.52 10.03
C GLU D 147 -3.56 35.39 10.06
N MET D 148 -4.13 35.87 11.16
CA MET D 148 -5.55 36.11 11.32
C MET D 148 -5.82 37.61 11.12
N THR D 149 -6.77 37.93 10.24
CA THR D 149 -7.16 39.31 9.90
C THR D 149 -8.55 39.71 10.47
N PHE D 150 -8.54 40.82 11.22
CA PHE D 150 -9.72 41.32 11.93
C PHE D 150 -10.08 42.77 11.57
N ALA D 151 -11.38 43.06 11.51
CA ALA D 151 -11.90 44.43 11.35
C ALA D 151 -13.29 44.52 12.00
N ASP E 8 -53.31 -4.65 26.93
CA ASP E 8 -52.79 -6.00 27.24
C ASP E 8 -51.54 -5.89 28.08
N THR E 9 -50.44 -6.32 27.46
CA THR E 9 -49.11 -6.15 28.00
C THR E 9 -48.63 -4.77 27.59
N SER E 10 -47.92 -4.09 28.47
CA SER E 10 -47.37 -2.79 28.14
C SER E 10 -46.11 -2.90 27.29
N ILE E 11 -46.09 -2.16 26.19
CA ILE E 11 -44.88 -1.99 25.40
C ILE E 11 -44.12 -0.75 25.90
N ASP E 12 -43.06 -0.99 26.66
CA ASP E 12 -42.19 0.06 27.17
C ASP E 12 -41.44 0.74 26.01
N ILE E 13 -40.64 1.75 26.35
CA ILE E 13 -39.92 2.56 25.37
C ILE E 13 -38.91 1.78 24.49
N GLU E 14 -38.07 0.93 25.08
CA GLU E 14 -37.08 0.17 24.28
C GLU E 14 -37.77 -0.57 23.12
N ASP E 15 -38.94 -1.14 23.40
CA ASP E 15 -39.74 -1.83 22.38
C ASP E 15 -40.47 -0.91 21.41
N ILE E 16 -40.86 0.28 21.88
CA ILE E 16 -41.35 1.37 21.01
C ILE E 16 -40.33 1.77 19.91
N LYS E 17 -39.06 1.89 20.31
CA LYS E 17 -37.99 2.23 19.37
C LYS E 17 -37.65 1.11 18.37
N LYS E 18 -38.14 -0.10 18.65
CA LYS E 18 -37.98 -1.22 17.74
C LYS E 18 -39.09 -1.21 16.69
N ILE E 19 -40.18 -0.52 17.00
CA ILE E 19 -41.30 -0.42 16.08
C ILE E 19 -41.16 0.85 15.25
N LEU E 20 -41.05 1.99 15.92
CA LEU E 20 -40.90 3.29 15.25
C LEU E 20 -39.45 3.61 14.90
N PRO E 21 -39.23 4.28 13.74
CA PRO E 21 -37.89 4.77 13.36
C PRO E 21 -37.54 6.12 13.99
N HIS E 22 -38.50 6.76 14.66
CA HIS E 22 -38.26 8.05 15.30
C HIS E 22 -37.22 7.98 16.41
N ARG E 23 -36.36 8.99 16.46
CA ARG E 23 -35.44 9.16 17.57
C ARG E 23 -35.53 10.56 18.18
N TYR E 24 -34.69 10.82 19.18
CA TYR E 24 -34.59 12.15 19.80
C TYR E 24 -34.04 13.14 18.76
N PRO E 25 -34.59 14.36 18.73
CA PRO E 25 -35.59 14.90 19.64
C PRO E 25 -37.00 14.84 19.09
N PHE E 26 -37.33 13.78 18.34
CA PHE E 26 -38.64 13.71 17.69
C PHE E 26 -39.41 12.39 17.94
N LEU E 27 -39.10 11.74 19.07
CA LEU E 27 -39.90 10.62 19.56
C LEU E 27 -40.77 11.15 20.68
N LEU E 28 -42.08 11.16 20.44
CA LEU E 28 -43.03 11.80 21.36
C LEU E 28 -44.03 10.84 22.01
N VAL E 29 -43.62 9.57 22.16
CA VAL E 29 -44.46 8.55 22.80
C VAL E 29 -43.61 7.89 23.85
N ASP E 30 -43.97 8.09 25.12
CA ASP E 30 -43.16 7.57 26.22
C ASP E 30 -43.48 6.12 26.60
N LYS E 31 -44.77 5.76 26.57
CA LYS E 31 -45.23 4.42 26.90
C LYS E 31 -46.55 4.09 26.19
N VAL E 32 -46.75 2.80 25.93
CA VAL E 32 -48.02 2.31 25.41
C VAL E 32 -48.64 1.43 26.49
N ILE E 33 -49.84 1.79 26.95
CA ILE E 33 -50.43 1.13 28.11
C ILE E 33 -51.43 0.06 27.68
N TYR E 34 -52.16 0.35 26.60
CA TYR E 34 -53.04 -0.64 25.99
C TYR E 34 -53.08 -0.50 24.46
N MET E 35 -52.95 -1.65 23.80
CA MET E 35 -53.13 -1.73 22.36
C MET E 35 -53.89 -2.98 21.93
N GLN E 36 -54.95 -2.75 21.14
CA GLN E 36 -55.66 -3.80 20.49
C GLN E 36 -55.41 -3.68 19.00
N PRO E 37 -54.74 -4.69 18.41
CA PRO E 37 -54.48 -4.74 16.97
C PRO E 37 -55.72 -4.54 16.10
N ASN E 38 -55.56 -3.73 15.06
CA ASN E 38 -56.63 -3.33 14.13
C ASN E 38 -57.77 -2.47 14.73
N LYS E 39 -57.62 -1.98 15.96
CA LYS E 39 -58.71 -1.22 16.59
C LYS E 39 -58.31 0.08 17.29
N THR E 40 -57.71 -0.03 18.47
CA THR E 40 -57.42 1.15 19.27
C THR E 40 -56.06 1.01 19.93
N ILE E 41 -55.48 2.16 20.30
CA ILE E 41 -54.21 2.17 21.02
C ILE E 41 -54.17 3.32 22.00
N ILE E 42 -53.71 3.05 23.23
CA ILE E 42 -53.56 4.11 24.22
C ILE E 42 -52.10 4.26 24.66
N GLY E 43 -51.64 5.50 24.60
CA GLY E 43 -50.28 5.81 25.02
C GLY E 43 -50.25 7.04 25.90
N LEU E 44 -49.08 7.33 26.42
CA LEU E 44 -48.87 8.57 27.14
C LEU E 44 -47.55 9.22 26.72
N LYS E 45 -47.49 10.53 26.92
CA LYS E 45 -46.26 11.31 26.76
C LYS E 45 -46.13 12.20 28.00
N GLN E 46 -45.05 12.04 28.74
CA GLN E 46 -44.79 12.86 29.91
C GLN E 46 -44.17 14.18 29.47
N VAL E 47 -44.83 15.28 29.82
CA VAL E 47 -44.41 16.62 29.43
C VAL E 47 -43.57 17.25 30.53
N SER E 48 -42.26 17.30 30.30
CA SER E 48 -41.33 17.91 31.23
C SER E 48 -40.72 19.17 30.68
N THR E 49 -40.32 20.07 31.59
CA THR E 49 -39.56 21.28 31.22
C THR E 49 -38.22 20.88 30.61
N ASN E 50 -37.75 19.67 30.90
CA ASN E 50 -36.51 19.17 30.33
C ASN E 50 -36.63 18.59 28.89
N GLU E 51 -37.35 19.29 28.03
CA GLU E 51 -37.45 18.94 26.62
C GLU E 51 -36.93 20.10 25.78
N PRO E 52 -36.17 19.78 24.71
CA PRO E 52 -35.47 20.80 23.91
C PRO E 52 -36.36 21.86 23.29
N PHE E 53 -37.61 21.51 22.98
CA PHE E 53 -38.49 22.47 22.31
C PHE E 53 -38.99 23.60 23.21
N PHE E 54 -38.98 23.38 24.52
CA PHE E 54 -39.62 24.34 25.44
C PHE E 54 -38.98 25.73 25.50
N ASN E 55 -37.65 25.79 25.44
CA ASN E 55 -36.91 27.07 25.34
C ASN E 55 -37.34 27.95 24.17
N GLY E 56 -37.95 27.37 23.15
CA GLY E 56 -38.38 28.17 21.99
C GLY E 56 -39.87 28.39 21.90
N HIS E 57 -40.62 27.75 22.79
CA HIS E 57 -42.07 27.81 22.76
C HIS E 57 -42.70 27.73 24.15
N PHE E 58 -42.60 28.81 24.94
CA PHE E 58 -42.03 30.09 24.56
C PHE E 58 -41.10 30.48 25.69
N PRO E 59 -40.06 31.30 25.38
CA PRO E 59 -39.16 31.77 26.46
C PRO E 59 -39.90 32.24 27.71
N GLN E 60 -41.01 32.96 27.54
CA GLN E 60 -41.70 33.61 28.66
C GLN E 60 -42.93 32.83 29.17
N LYS E 61 -43.36 31.84 28.40
CA LYS E 61 -44.46 30.97 28.79
C LYS E 61 -44.39 29.65 28.04
N GLN E 62 -43.87 28.64 28.74
CA GLN E 62 -43.72 27.27 28.21
C GLN E 62 -45.04 26.52 27.96
N ILE E 63 -45.39 26.38 26.68
CA ILE E 63 -46.62 25.73 26.21
C ILE E 63 -46.27 24.72 25.12
N MET E 64 -46.80 23.50 25.26
CA MET E 64 -46.48 22.43 24.34
C MET E 64 -47.04 22.79 22.98
N PRO E 65 -46.15 22.99 21.98
CA PRO E 65 -46.64 23.31 20.65
C PRO E 65 -47.74 22.34 20.26
N GLY E 66 -48.82 22.88 19.72
CA GLY E 66 -49.96 22.08 19.31
C GLY E 66 -49.68 21.05 18.22
N VAL E 67 -48.75 21.39 17.32
CA VAL E 67 -48.34 20.49 16.23
C VAL E 67 -47.55 19.29 16.75
N LEU E 68 -47.00 19.46 17.96
CA LEU E 68 -46.23 18.40 18.59
C LEU E 68 -47.13 17.39 19.27
N GLN E 69 -48.37 17.82 19.52
CA GLN E 69 -49.38 16.94 20.11
C GLN E 69 -49.95 16.07 19.01
N ILE E 70 -50.18 16.67 17.83
CA ILE E 70 -50.55 15.94 16.61
C ILE E 70 -49.49 14.89 16.32
N GLU E 71 -48.22 15.30 16.37
CA GLU E 71 -47.12 14.38 16.10
C GLU E 71 -47.05 13.22 17.11
N ALA E 72 -47.26 13.51 18.39
CA ALA E 72 -47.35 12.45 19.40
C ALA E 72 -48.52 11.49 19.11
N LEU E 73 -49.67 12.04 18.75
CA LEU E 73 -50.83 11.21 18.47
C LEU E 73 -50.61 10.36 17.21
N ALA E 74 -50.05 10.98 16.18
CA ALA E 74 -49.81 10.33 14.90
C ALA E 74 -48.76 9.23 15.00
N GLN E 75 -47.84 9.36 15.95
CA GLN E 75 -46.85 8.32 16.20
C GLN E 75 -47.50 7.13 16.89
N LEU E 76 -48.45 7.42 17.78
CA LEU E 76 -49.16 6.37 18.50
C LEU E 76 -50.04 5.59 17.52
N ALA E 77 -50.73 6.34 16.65
CA ALA E 77 -51.51 5.76 15.57
C ALA E 77 -50.63 4.85 14.71
N GLY E 78 -49.42 5.34 14.39
CA GLY E 78 -48.39 4.60 13.64
C GLY E 78 -47.92 3.31 14.31
N ILE E 79 -47.68 3.34 15.62
CA ILE E 79 -47.42 2.09 16.36
C ILE E 79 -48.54 1.09 16.07
N LEU E 80 -49.79 1.53 16.20
CA LEU E 80 -50.96 0.67 15.97
C LEU E 80 -50.93 0.00 14.61
N CYS E 81 -50.72 0.80 13.55
CA CYS E 81 -50.68 0.30 12.17
C CYS E 81 -49.62 -0.77 11.94
N LEU E 82 -48.43 -0.55 12.47
CA LEU E 82 -47.31 -1.45 12.22
C LEU E 82 -47.45 -2.80 12.92
N LYS E 83 -48.11 -2.81 14.08
CA LYS E 83 -48.36 -4.05 14.83
C LYS E 83 -49.63 -4.75 14.35
N SER E 84 -50.49 -3.99 13.66
CA SER E 84 -51.76 -4.51 13.16
C SER E 84 -51.48 -5.33 11.91
N ASP E 85 -50.60 -4.79 11.06
CA ASP E 85 -50.17 -5.46 9.85
C ASP E 85 -48.74 -5.05 9.55
N ASP E 86 -47.80 -5.94 9.81
CA ASP E 86 -46.41 -5.65 9.49
C ASP E 86 -46.00 -6.41 8.24
N SER E 87 -46.95 -7.12 7.63
CA SER E 87 -46.69 -7.81 6.36
C SER E 87 -45.79 -6.92 5.52
N GLN E 88 -46.19 -5.65 5.37
CA GLN E 88 -45.30 -4.61 4.86
C GLN E 88 -44.47 -4.16 6.06
N LYS E 89 -43.23 -4.67 6.16
CA LYS E 89 -42.38 -4.42 7.32
C LYS E 89 -41.52 -3.15 7.19
N ASN E 90 -42.03 -2.21 6.38
CA ASN E 90 -41.48 -0.88 6.27
C ASN E 90 -42.05 -0.06 7.43
N ASN E 91 -41.17 0.52 8.26
CA ASN E 91 -41.61 1.27 9.43
C ASN E 91 -41.66 2.79 9.23
N LEU E 92 -41.19 3.23 8.06
CA LEU E 92 -41.18 4.64 7.68
C LEU E 92 -42.53 5.07 7.09
N PHE E 93 -43.44 5.47 7.99
CA PHE E 93 -44.77 5.95 7.63
C PHE E 93 -44.77 7.47 7.58
N LEU E 94 -45.24 8.03 6.46
CA LEU E 94 -45.37 9.48 6.31
C LEU E 94 -46.82 9.98 6.39
N PHE E 95 -47.00 11.03 7.17
CA PHE E 95 -48.26 11.76 7.32
C PHE E 95 -48.71 12.17 5.93
N ALA E 96 -49.95 11.88 5.59
CA ALA E 96 -50.48 12.18 4.26
C ALA E 96 -51.54 13.27 4.32
N GLY E 97 -52.34 13.24 5.38
CA GLY E 97 -53.36 14.24 5.60
C GLY E 97 -53.69 14.29 7.06
N VAL E 98 -54.22 15.44 7.51
CA VAL E 98 -54.81 15.55 8.83
C VAL E 98 -56.08 16.41 8.74
N ASP E 99 -57.10 16.05 9.51
CA ASP E 99 -58.40 16.70 9.42
C ASP E 99 -59.12 16.85 10.76
N GLY E 100 -59.71 18.03 10.96
CA GLY E 100 -60.48 18.33 12.15
C GLY E 100 -59.69 18.31 13.45
N VAL E 101 -58.70 19.19 13.56
CA VAL E 101 -57.90 19.26 14.76
C VAL E 101 -58.37 20.45 15.60
N ARG E 102 -58.74 20.17 16.84
CA ARG E 102 -59.12 21.19 17.82
C ARG E 102 -58.26 21.00 19.06
N TRP E 103 -57.54 22.03 19.45
CA TRP E 103 -56.85 22.08 20.73
C TRP E 103 -57.77 22.79 21.70
N LYS E 104 -57.97 22.24 22.89
CA LYS E 104 -58.92 22.82 23.83
C LYS E 104 -58.29 23.42 25.09
N LYS E 105 -57.10 22.94 25.44
CA LYS E 105 -56.43 23.41 26.65
C LYS E 105 -54.91 23.39 26.46
N PRO E 106 -54.21 24.38 27.04
CA PRO E 106 -52.75 24.40 26.95
C PRO E 106 -52.14 23.18 27.62
N VAL E 107 -51.26 22.48 26.92
CA VAL E 107 -50.51 21.38 27.55
C VAL E 107 -49.20 21.95 28.10
N LEU E 108 -49.05 21.89 29.42
CA LEU E 108 -47.95 22.56 30.10
C LEU E 108 -46.96 21.57 30.74
N PRO E 109 -45.73 22.02 31.04
CA PRO E 109 -44.81 21.18 31.83
C PRO E 109 -45.48 20.73 33.14
N GLY E 110 -45.18 19.50 33.58
CA GLY E 110 -45.88 18.86 34.70
C GLY E 110 -47.00 17.89 34.31
N ASP E 111 -47.56 18.08 33.12
CA ASP E 111 -48.69 17.25 32.63
C ASP E 111 -48.33 15.81 32.19
N THR E 112 -49.36 14.96 32.15
CA THR E 112 -49.26 13.68 31.48
C THR E 112 -50.27 13.73 30.37
N LEU E 113 -49.76 13.68 29.15
CA LEU E 113 -50.60 13.61 27.98
C LEU E 113 -51.00 12.16 27.78
N THR E 114 -52.24 11.83 28.11
CA THR E 114 -52.80 10.50 27.84
C THR E 114 -53.42 10.55 26.46
N MET E 115 -53.11 9.55 25.63
CA MET E 115 -53.51 9.58 24.23
C MET E 115 -54.13 8.29 23.72
N GLN E 116 -55.17 8.42 22.92
CA GLN E 116 -55.81 7.29 22.26
C GLN E 116 -56.00 7.52 20.76
N ALA E 117 -55.67 6.51 19.95
CA ALA E 117 -55.90 6.57 18.52
C ALA E 117 -56.77 5.39 18.09
N ASN E 118 -57.63 5.63 17.12
CA ASN E 118 -58.58 4.61 16.70
C ASN E 118 -58.56 4.35 15.21
N LEU E 119 -58.27 3.10 14.85
CA LEU E 119 -58.20 2.72 13.46
C LEU E 119 -59.59 2.70 12.84
N ILE E 120 -59.72 3.42 11.71
CA ILE E 120 -60.98 3.55 10.98
C ILE E 120 -60.99 2.61 9.79
N SER E 121 -60.00 2.74 8.93
CA SER E 121 -59.82 1.86 7.77
C SER E 121 -58.33 1.70 7.49
N PHE E 122 -58.01 0.64 6.75
CA PHE E 122 -56.63 0.32 6.47
C PHE E 122 -56.52 -0.38 5.13
N LYS E 123 -55.59 0.11 4.30
CA LYS E 123 -55.04 -0.63 3.16
C LYS E 123 -53.74 0.01 2.66
N GLY E 127 -49.10 2.10 1.84
CA GLY E 127 -50.48 1.80 2.16
C GLY E 127 -51.19 3.02 2.75
N ILE E 128 -52.51 3.00 2.67
CA ILE E 128 -53.36 4.06 3.21
C ILE E 128 -54.12 3.57 4.43
N ALA E 129 -53.88 4.21 5.58
CA ALA E 129 -54.66 3.98 6.80
C ALA E 129 -55.21 5.31 7.34
N LYS E 130 -56.42 5.26 7.89
CA LYS E 130 -57.01 6.43 8.56
C LYS E 130 -57.33 6.15 10.03
N LEU E 131 -57.10 7.15 10.87
CA LEU E 131 -57.22 7.02 12.31
C LEU E 131 -57.68 8.32 12.95
N SER E 132 -58.41 8.18 14.05
CA SER E 132 -58.86 9.31 14.86
C SER E 132 -57.98 9.38 16.08
N GLY E 133 -57.84 10.58 16.63
CA GLY E 133 -57.04 10.76 17.83
C GLY E 133 -57.66 11.70 18.85
N VAL E 134 -57.41 11.39 20.13
CA VAL E 134 -57.80 12.24 21.26
C VAL E 134 -56.69 12.16 22.33
N GLY E 135 -56.40 13.30 22.96
CA GLY E 135 -55.41 13.38 24.04
C GLY E 135 -55.97 14.11 25.26
N TYR E 136 -55.68 13.59 26.44
CA TYR E 136 -56.24 14.11 27.70
C TYR E 136 -55.17 14.48 28.71
N VAL E 137 -55.44 15.53 29.49
CA VAL E 137 -54.63 15.82 30.69
C VAL E 137 -55.60 15.95 31.86
N ASN E 138 -55.40 15.10 32.86
CA ASN E 138 -56.30 14.99 34.01
C ASN E 138 -57.75 14.68 33.63
N GLY E 139 -57.94 13.72 32.73
CA GLY E 139 -59.28 13.29 32.37
C GLY E 139 -60.03 14.29 31.52
N LYS E 140 -59.38 15.41 31.20
CA LYS E 140 -59.97 16.45 30.38
C LYS E 140 -59.39 16.46 28.97
N VAL E 141 -60.26 16.62 27.99
CA VAL E 141 -59.86 16.66 26.57
C VAL E 141 -59.02 17.89 26.27
N VAL E 142 -57.79 17.68 25.78
CA VAL E 142 -56.92 18.78 25.38
C VAL E 142 -56.86 18.95 23.86
N ILE E 143 -56.93 17.84 23.12
CA ILE E 143 -56.89 17.86 21.66
C ILE E 143 -57.78 16.79 21.05
N ASN E 144 -58.40 17.13 19.94
CA ASN E 144 -59.15 16.19 19.13
C ASN E 144 -58.67 16.22 17.71
N ILE E 145 -58.61 15.04 17.10
CA ILE E 145 -58.29 14.91 15.68
C ILE E 145 -59.27 13.93 15.06
N SER E 146 -60.11 14.43 14.16
CA SER E 146 -61.05 13.57 13.46
C SER E 146 -60.29 12.50 12.67
N GLU E 147 -59.40 12.94 11.79
CA GLU E 147 -58.77 12.04 10.84
C GLU E 147 -57.30 12.38 10.61
N MET E 148 -56.43 11.42 10.91
CA MET E 148 -55.05 11.45 10.47
C MET E 148 -54.96 10.46 9.31
N THR E 149 -54.38 10.87 8.18
CA THR E 149 -54.19 9.97 7.04
C THR E 149 -52.69 9.63 6.83
N PHE E 150 -52.37 8.37 6.58
CA PHE E 150 -50.96 7.93 6.48
C PHE E 150 -50.59 7.09 5.24
N ALA E 151 -49.33 7.22 4.82
CA ALA E 151 -48.80 6.52 3.66
C ALA E 151 -47.56 5.69 4.02
N LEU E 152 -47.48 4.47 3.48
CA LEU E 152 -46.39 3.54 3.80
C LEU E 152 -45.00 4.18 3.67
N ASP F 8 -44.42 45.59 -0.10
CA ASP F 8 -43.06 45.00 -0.32
C ASP F 8 -42.04 45.33 0.80
N THR F 9 -42.35 44.90 2.02
CA THR F 9 -41.40 45.00 3.12
C THR F 9 -40.63 43.67 3.27
N SER F 10 -39.31 43.78 3.34
CA SER F 10 -38.44 42.63 3.51
C SER F 10 -38.02 42.56 4.98
N ILE F 11 -38.42 41.50 5.66
CA ILE F 11 -38.22 41.35 7.10
C ILE F 11 -37.16 40.28 7.39
N ASP F 12 -36.18 40.63 8.22
CA ASP F 12 -35.05 39.75 8.51
C ASP F 12 -35.11 39.18 9.93
N ILE F 13 -34.49 38.01 10.12
CA ILE F 13 -34.65 37.22 11.33
C ILE F 13 -34.63 38.02 12.65
N GLU F 14 -33.95 39.16 12.69
CA GLU F 14 -33.88 39.93 13.92
C GLU F 14 -35.22 40.61 14.18
N ASP F 15 -35.88 41.02 13.10
CA ASP F 15 -37.10 41.78 13.17
C ASP F 15 -38.31 40.87 13.31
N ILE F 16 -38.16 39.64 12.82
CA ILE F 16 -39.11 38.55 13.06
C ILE F 16 -39.07 38.19 14.53
N LYS F 17 -37.88 38.10 15.10
CA LYS F 17 -37.71 37.87 16.54
C LYS F 17 -38.32 38.99 17.42
N LYS F 18 -38.60 40.14 16.82
CA LYS F 18 -39.23 41.25 17.54
C LYS F 18 -40.74 41.06 17.51
N ILE F 19 -41.23 40.53 16.40
CA ILE F 19 -42.64 40.21 16.28
C ILE F 19 -42.99 38.94 17.08
N LEU F 20 -42.37 37.81 16.73
CA LEU F 20 -42.67 36.50 17.32
C LEU F 20 -41.92 36.16 18.62
N PRO F 21 -42.62 35.55 19.61
CA PRO F 21 -41.98 35.04 20.84
C PRO F 21 -41.31 33.65 20.70
N HIS F 22 -41.45 33.04 19.52
CA HIS F 22 -40.77 31.77 19.24
C HIS F 22 -39.25 31.96 19.23
N ARG F 23 -38.52 30.98 19.75
CA ARG F 23 -37.06 30.99 19.67
C ARG F 23 -36.56 29.59 19.29
N TYR F 24 -35.25 29.44 19.12
CA TYR F 24 -34.67 28.13 18.87
C TYR F 24 -35.04 27.12 19.95
N PRO F 25 -35.40 25.90 19.54
CA PRO F 25 -35.41 25.39 18.17
C PRO F 25 -36.79 25.35 17.52
N PHE F 26 -37.62 26.35 17.77
CA PHE F 26 -38.98 26.30 17.28
C PHE F 26 -39.43 27.56 16.58
N LEU F 27 -38.46 28.35 16.14
CA LEU F 27 -38.74 29.45 15.23
C LEU F 27 -38.47 28.95 13.82
N LEU F 28 -39.47 28.98 12.95
CA LEU F 28 -39.36 28.35 11.63
C LEU F 28 -39.73 29.27 10.46
N VAL F 29 -39.63 30.58 10.69
CA VAL F 29 -39.64 31.57 9.63
C VAL F 29 -38.25 32.21 9.59
N ASP F 30 -37.61 32.18 8.43
CA ASP F 30 -36.23 32.67 8.30
C ASP F 30 -36.20 34.05 7.72
N LYS F 31 -37.24 34.35 6.93
CA LYS F 31 -37.39 35.61 6.24
C LYS F 31 -38.83 35.80 5.78
N VAL F 32 -39.25 37.06 5.74
CA VAL F 32 -40.55 37.46 5.19
C VAL F 32 -40.25 38.31 3.97
N ILE F 33 -40.67 37.84 2.80
CA ILE F 33 -40.38 38.57 1.58
C ILE F 33 -41.49 39.55 1.15
N TYR F 34 -42.75 39.23 1.45
CA TYR F 34 -43.86 40.14 1.11
C TYR F 34 -44.94 40.09 2.14
N MET F 35 -45.44 41.27 2.53
CA MET F 35 -46.54 41.35 3.48
C MET F 35 -47.53 42.45 3.13
N GLN F 36 -48.82 42.08 3.12
CA GLN F 36 -49.90 43.07 3.07
C GLN F 36 -50.81 42.91 4.27
N PRO F 37 -50.89 43.95 5.14
CA PRO F 37 -51.70 43.94 6.35
C PRO F 37 -53.16 43.58 6.09
N ASN F 38 -53.71 42.76 6.95
CA ASN F 38 -55.10 42.30 6.84
C ASN F 38 -55.39 41.52 5.55
N LYS F 39 -54.36 41.25 4.75
CA LYS F 39 -54.52 40.44 3.54
C LYS F 39 -53.64 39.18 3.48
N THR F 40 -52.39 39.34 3.04
CA THR F 40 -51.52 38.17 2.80
C THR F 40 -50.07 38.41 3.16
N ILE F 41 -49.35 37.31 3.35
CA ILE F 41 -47.92 37.34 3.73
C ILE F 41 -47.19 36.22 3.00
N ILE F 42 -46.04 36.55 2.44
CA ILE F 42 -45.19 35.55 1.80
C ILE F 42 -43.81 35.55 2.45
N GLY F 43 -43.38 34.36 2.90
CA GLY F 43 -42.06 34.19 3.47
C GLY F 43 -41.45 32.83 3.17
N LEU F 44 -40.24 32.61 3.71
CA LEU F 44 -39.52 31.37 3.46
C LEU F 44 -38.79 30.81 4.69
N LYS F 45 -38.52 29.52 4.64
CA LYS F 45 -37.73 28.83 5.64
C LYS F 45 -36.79 27.97 4.84
N GLN F 46 -35.50 28.08 5.14
CA GLN F 46 -34.50 27.28 4.46
C GLN F 46 -34.38 25.96 5.20
N VAL F 47 -34.36 24.87 4.43
CA VAL F 47 -34.29 23.51 4.97
C VAL F 47 -32.88 22.92 4.96
N SER F 48 -32.24 22.90 6.13
CA SER F 48 -30.88 22.39 6.22
C SER F 48 -30.77 21.08 6.97
N THR F 49 -29.82 20.23 6.55
CA THR F 49 -29.47 19.01 7.29
C THR F 49 -29.10 19.36 8.70
N ASN F 50 -28.48 20.54 8.87
CA ASN F 50 -27.95 20.98 10.16
C ASN F 50 -29.01 21.56 11.11
N GLU F 51 -30.21 21.02 11.04
CA GLU F 51 -31.23 21.35 12.02
C GLU F 51 -31.40 20.22 13.05
N PRO F 52 -31.79 20.57 14.29
CA PRO F 52 -31.85 19.55 15.34
C PRO F 52 -32.91 18.47 15.14
N PHE F 53 -33.97 18.74 14.39
CA PHE F 53 -35.05 17.75 14.26
C PHE F 53 -34.75 16.57 13.35
N PHE F 54 -33.75 16.72 12.48
CA PHE F 54 -33.50 15.80 11.40
C PHE F 54 -32.83 14.51 11.80
N ASN F 55 -32.16 14.54 12.95
CA ASN F 55 -31.53 13.35 13.50
C ASN F 55 -32.57 12.32 13.95
N GLY F 56 -33.79 12.80 14.19
CA GLY F 56 -34.85 11.98 14.71
C GLY F 56 -35.89 11.68 13.66
N HIS F 57 -35.84 12.41 12.56
CA HIS F 57 -36.87 12.31 11.54
C HIS F 57 -36.34 12.32 10.12
N PHE F 58 -35.74 11.23 9.62
CA PHE F 58 -35.45 10.00 10.35
C PHE F 58 -33.96 9.69 10.19
N PRO F 59 -33.42 8.81 11.05
CA PRO F 59 -32.01 8.43 10.96
C PRO F 59 -31.57 8.00 9.56
N GLN F 60 -32.36 7.14 8.93
CA GLN F 60 -32.02 6.55 7.63
C GLN F 60 -32.53 7.37 6.46
N LYS F 61 -33.42 8.32 6.73
CA LYS F 61 -33.98 9.19 5.69
C LYS F 61 -34.50 10.47 6.34
N GLN F 62 -33.71 11.55 6.25
CA GLN F 62 -34.11 12.85 6.75
C GLN F 62 -35.25 13.40 5.89
N ILE F 63 -36.39 13.61 6.55
CA ILE F 63 -37.57 14.27 5.96
C ILE F 63 -38.09 15.28 6.97
N MET F 64 -38.43 16.48 6.50
CA MET F 64 -38.99 17.50 7.36
C MET F 64 -40.34 17.01 7.87
N PRO F 65 -40.50 16.94 9.20
CA PRO F 65 -41.79 16.57 9.78
C PRO F 65 -42.91 17.47 9.26
N GLY F 66 -43.97 16.87 8.75
CA GLY F 66 -45.12 17.63 8.25
C GLY F 66 -45.70 18.65 9.21
N VAL F 67 -45.65 18.34 10.50
CA VAL F 67 -46.20 19.21 11.54
C VAL F 67 -45.41 20.52 11.62
N LEU F 68 -44.12 20.41 11.37
CA LEU F 68 -43.24 21.57 11.39
C LEU F 68 -43.47 22.43 10.15
N GLN F 69 -43.98 21.83 9.08
CA GLN F 69 -44.49 22.60 7.95
C GLN F 69 -45.79 23.34 8.32
N ILE F 70 -46.66 22.66 9.07
CA ILE F 70 -47.83 23.31 9.69
C ILE F 70 -47.37 24.47 10.57
N GLU F 71 -46.45 24.20 11.48
CA GLU F 71 -45.93 25.24 12.39
C GLU F 71 -45.31 26.43 11.62
N ALA F 72 -44.44 26.15 10.66
CA ALA F 72 -43.86 27.22 9.83
C ALA F 72 -44.95 28.17 9.30
N LEU F 73 -45.94 27.61 8.59
CA LEU F 73 -47.02 28.40 7.98
C LEU F 73 -47.85 29.16 8.99
N ALA F 74 -48.04 28.55 10.15
CA ALA F 74 -48.73 29.14 11.30
C ALA F 74 -48.00 30.36 11.82
N GLN F 75 -46.69 30.21 12.04
CA GLN F 75 -45.84 31.29 12.52
C GLN F 75 -45.84 32.49 11.58
N LEU F 76 -45.73 32.21 10.28
CA LEU F 76 -45.82 33.22 9.24
C LEU F 76 -47.19 33.88 9.36
N ALA F 77 -48.24 33.06 9.33
CA ALA F 77 -49.61 33.52 9.48
C ALA F 77 -49.76 34.45 10.69
N GLY F 78 -49.26 34.00 11.85
CA GLY F 78 -49.21 34.80 13.06
C GLY F 78 -48.40 36.10 12.97
N ILE F 79 -47.43 36.17 12.06
CA ILE F 79 -46.73 37.44 11.83
C ILE F 79 -47.72 38.43 11.23
N LEU F 80 -48.28 38.07 10.09
CA LEU F 80 -49.37 38.83 9.47
C LEU F 80 -50.37 39.36 10.50
N CYS F 81 -50.80 38.48 11.44
CA CYS F 81 -51.84 38.84 12.41
C CYS F 81 -51.38 40.01 13.29
N LEU F 82 -50.17 39.88 13.83
CA LEU F 82 -49.60 40.88 14.74
C LEU F 82 -49.17 42.19 14.02
N LYS F 83 -49.08 42.16 12.70
CA LYS F 83 -48.80 43.38 11.92
C LYS F 83 -50.08 43.92 11.25
N SER F 84 -51.14 43.13 11.32
CA SER F 84 -52.47 43.58 10.91
C SER F 84 -53.14 44.33 12.08
N ASP F 85 -52.97 43.81 13.29
CA ASP F 85 -53.64 44.37 14.47
C ASP F 85 -52.90 43.99 15.76
N ASP F 86 -52.08 44.90 16.25
CA ASP F 86 -51.39 44.70 17.54
C ASP F 86 -52.04 45.47 18.69
N SER F 87 -53.29 45.92 18.51
CA SER F 87 -53.97 46.74 19.52
C SER F 87 -53.95 46.07 20.89
N GLN F 88 -54.22 44.77 20.91
CA GLN F 88 -53.78 43.93 22.02
C GLN F 88 -52.30 43.65 21.81
N LYS F 89 -51.48 44.10 22.76
CA LYS F 89 -50.03 44.01 22.64
C LYS F 89 -49.48 42.64 23.04
N ASN F 90 -50.31 41.61 22.92
CA ASN F 90 -49.92 40.27 23.27
C ASN F 90 -49.45 39.52 22.03
N ASN F 91 -48.22 38.99 22.10
CA ASN F 91 -47.67 38.22 20.99
C ASN F 91 -47.81 36.69 21.14
N LEU F 92 -48.36 36.24 22.27
CA LEU F 92 -48.61 34.81 22.49
C LEU F 92 -49.89 34.33 21.82
N PHE F 93 -49.76 33.92 20.57
CA PHE F 93 -50.87 33.29 19.86
C PHE F 93 -50.73 31.77 19.92
N LEU F 94 -51.79 31.10 20.37
CA LEU F 94 -51.85 29.64 20.35
C LEU F 94 -52.69 29.13 19.19
N PHE F 95 -52.32 27.94 18.73
CA PHE F 95 -53.07 27.21 17.73
C PHE F 95 -54.38 26.71 18.38
N ALA F 96 -55.52 27.08 17.79
CA ALA F 96 -56.83 26.69 18.33
C ALA F 96 -57.45 25.59 17.51
N GLY F 97 -57.16 25.60 16.22
CA GLY F 97 -57.70 24.62 15.29
C GLY F 97 -56.98 24.64 13.96
N VAL F 98 -56.98 23.49 13.28
CA VAL F 98 -56.46 23.40 11.92
C VAL F 98 -57.35 22.44 11.15
N ASP F 99 -57.52 22.68 9.85
CA ASP F 99 -58.45 21.94 9.04
C ASP F 99 -57.96 21.88 7.60
N GLY F 100 -58.18 20.74 6.94
CA GLY F 100 -57.86 20.57 5.53
C GLY F 100 -56.38 20.65 5.19
N VAL F 101 -55.57 19.83 5.84
CA VAL F 101 -54.12 19.81 5.61
C VAL F 101 -53.70 18.64 4.72
N ARG F 102 -53.11 18.97 3.58
CA ARG F 102 -52.61 17.96 2.65
C ARG F 102 -51.12 18.12 2.41
N TRP F 103 -50.38 17.04 2.65
CA TRP F 103 -48.99 16.97 2.28
C TRP F 103 -48.92 16.20 0.97
N LYS F 104 -48.19 16.74 -0.01
CA LYS F 104 -48.11 16.14 -1.35
C LYS F 104 -46.70 15.62 -1.58
N LYS F 105 -45.70 16.52 -1.49
CA LYS F 105 -44.29 16.15 -1.66
C LYS F 105 -43.49 16.29 -0.37
N PRO F 106 -42.51 15.38 -0.18
CA PRO F 106 -41.58 15.39 0.94
C PRO F 106 -40.66 16.61 0.88
N VAL F 107 -40.43 17.22 2.04
CA VAL F 107 -39.57 18.40 2.15
C VAL F 107 -38.23 17.97 2.70
N LEU F 108 -37.18 18.21 1.90
CA LEU F 108 -35.87 17.63 2.14
C LEU F 108 -34.82 18.69 2.38
N PRO F 109 -33.70 18.31 3.03
CA PRO F 109 -32.56 19.19 3.19
C PRO F 109 -32.15 19.71 1.83
N GLY F 110 -31.87 21.00 1.73
CA GLY F 110 -31.44 21.60 0.47
C GLY F 110 -32.50 22.46 -0.17
N ASP F 111 -33.75 22.19 0.20
CA ASP F 111 -34.91 22.90 -0.32
C ASP F 111 -35.14 24.25 0.36
N THR F 112 -35.73 25.16 -0.38
CA THR F 112 -36.27 26.38 0.18
C THR F 112 -37.79 26.17 0.27
N LEU F 113 -38.34 26.42 1.45
CA LEU F 113 -39.77 26.27 1.70
C LEU F 113 -40.45 27.63 1.62
N THR F 114 -40.85 28.05 0.42
CA THR F 114 -41.60 29.29 0.24
C THR F 114 -43.05 29.13 0.68
N MET F 115 -43.54 30.07 1.47
CA MET F 115 -44.81 29.94 2.17
C MET F 115 -45.64 31.17 1.99
N GLN F 116 -46.94 30.97 1.75
CA GLN F 116 -47.92 32.04 1.76
C GLN F 116 -49.12 31.70 2.63
N ALA F 117 -49.49 32.67 3.48
CA ALA F 117 -50.70 32.61 4.29
C ALA F 117 -51.65 33.77 3.94
N ASN F 118 -52.93 33.42 3.76
CA ASN F 118 -53.99 34.37 3.48
C ASN F 118 -54.91 34.51 4.69
N LEU F 119 -55.22 35.75 5.06
CA LEU F 119 -56.17 36.00 6.14
C LEU F 119 -57.60 35.90 5.62
N ILE F 120 -58.40 35.07 6.27
CA ILE F 120 -59.82 34.90 5.92
C ILE F 120 -60.79 35.73 6.77
N SER F 121 -60.74 35.54 8.08
CA SER F 121 -61.57 36.29 9.03
C SER F 121 -60.79 36.68 10.28
N PHE F 122 -61.12 37.82 10.88
CA PHE F 122 -60.50 38.27 12.13
C PHE F 122 -61.59 38.80 13.05
N LYS F 123 -61.89 38.03 14.09
CA LYS F 123 -62.95 38.37 15.03
C LYS F 123 -62.30 38.77 16.35
N SER F 124 -62.58 40.01 16.78
CA SER F 124 -62.06 40.59 18.01
C SER F 124 -62.89 40.14 19.21
N SER F 125 -63.97 39.43 18.91
CA SER F 125 -64.82 38.81 19.91
C SER F 125 -63.99 37.93 20.88
N LEU F 126 -63.42 36.84 20.35
CA LEU F 126 -62.64 35.92 21.18
C LEU F 126 -61.14 35.97 20.87
N GLY F 127 -60.77 36.73 19.84
CA GLY F 127 -59.41 36.76 19.33
C GLY F 127 -59.30 35.74 18.21
N ILE F 128 -60.44 35.44 17.58
CA ILE F 128 -60.55 34.41 16.54
C ILE F 128 -60.09 34.93 15.18
N ALA F 129 -58.87 34.56 14.82
CA ALA F 129 -58.33 34.81 13.49
C ALA F 129 -58.26 33.49 12.71
N LYS F 130 -58.67 33.53 11.44
CA LYS F 130 -58.70 32.35 10.58
C LYS F 130 -57.95 32.58 9.28
N LEU F 131 -57.07 31.63 8.95
CA LEU F 131 -56.16 31.78 7.82
C LEU F 131 -55.99 30.49 7.00
N SER F 132 -55.76 30.64 5.69
CA SER F 132 -55.36 29.50 4.86
C SER F 132 -53.83 29.56 4.61
N GLY F 133 -53.25 28.43 4.20
CA GLY F 133 -51.80 28.35 4.02
C GLY F 133 -51.34 27.35 2.97
N VAL F 134 -50.45 27.81 2.09
CA VAL F 134 -49.84 26.99 1.05
C VAL F 134 -48.31 27.07 1.14
N GLY F 135 -47.65 25.91 1.10
CA GLY F 135 -46.19 25.83 1.09
C GLY F 135 -45.67 25.23 -0.20
N TYR F 136 -44.56 25.79 -0.71
CA TYR F 136 -43.97 25.35 -1.96
C TYR F 136 -42.48 25.00 -1.83
N VAL F 137 -42.03 24.08 -2.67
CA VAL F 137 -40.62 23.89 -2.96
C VAL F 137 -40.46 23.80 -4.47
N ASN F 138 -39.78 24.78 -5.04
CA ASN F 138 -39.64 24.89 -6.48
C ASN F 138 -40.99 25.10 -7.19
N GLY F 139 -41.74 26.10 -6.72
CA GLY F 139 -43.00 26.48 -7.36
C GLY F 139 -44.12 25.46 -7.21
N LYS F 140 -43.74 24.29 -6.71
CA LYS F 140 -44.63 23.14 -6.61
C LYS F 140 -45.12 22.92 -5.17
N VAL F 141 -46.45 22.89 -5.02
CA VAL F 141 -47.16 22.69 -3.74
C VAL F 141 -46.64 21.51 -2.92
N VAL F 142 -46.11 21.78 -1.73
CA VAL F 142 -45.69 20.71 -0.83
C VAL F 142 -46.68 20.53 0.32
N ILE F 143 -47.29 21.63 0.75
CA ILE F 143 -48.34 21.57 1.75
C ILE F 143 -49.53 22.53 1.49
N ASN F 144 -50.73 22.04 1.77
CA ASN F 144 -51.96 22.81 1.69
C ASN F 144 -52.69 22.79 3.03
N ILE F 145 -53.15 23.96 3.45
CA ILE F 145 -53.99 24.06 4.65
C ILE F 145 -55.20 24.94 4.31
N SER F 146 -56.41 24.37 4.44
CA SER F 146 -57.66 25.12 4.12
C SER F 146 -57.95 26.17 5.18
N GLU F 147 -57.94 25.75 6.45
CA GLU F 147 -58.15 26.68 7.55
C GLU F 147 -57.25 26.49 8.77
N MET F 148 -56.61 27.58 9.18
CA MET F 148 -55.91 27.67 10.44
C MET F 148 -56.72 28.61 11.34
N THR F 149 -56.90 28.23 12.60
CA THR F 149 -57.64 29.06 13.57
C THR F 149 -56.70 29.41 14.70
N PHE F 150 -56.64 30.69 15.07
CA PHE F 150 -55.76 31.08 16.17
C PHE F 150 -56.45 31.88 17.25
N ALA F 151 -55.87 31.80 18.45
CA ALA F 151 -56.43 32.39 19.66
C ALA F 151 -55.38 33.24 20.38
N LEU F 152 -55.64 34.54 20.41
CA LEU F 152 -54.80 35.51 21.14
C LEU F 152 -54.93 35.32 22.66
N SER F 153 -53.81 35.04 23.31
CA SER F 153 -53.81 34.77 24.75
C SER F 153 -53.57 36.03 25.58
N ASP G 8 -34.09 -64.62 -34.22
CA ASP G 8 -33.34 -63.33 -34.16
C ASP G 8 -32.93 -62.96 -32.74
N THR G 9 -33.69 -63.47 -31.77
CA THR G 9 -33.39 -63.44 -30.32
C THR G 9 -32.93 -62.11 -29.68
N SER G 10 -33.40 -60.98 -30.23
CA SER G 10 -32.94 -59.67 -29.75
C SER G 10 -33.99 -58.85 -29.02
N ILE G 11 -33.77 -58.70 -27.72
CA ILE G 11 -34.61 -57.97 -26.77
C ILE G 11 -34.13 -56.52 -26.65
N ASP G 12 -35.05 -55.57 -26.78
CA ASP G 12 -34.69 -54.17 -26.61
C ASP G 12 -35.12 -53.60 -25.26
N ILE G 13 -34.72 -52.36 -25.01
CA ILE G 13 -34.92 -51.71 -23.71
C ILE G 13 -36.30 -51.96 -23.04
N GLU G 14 -37.41 -51.82 -23.76
CA GLU G 14 -38.74 -52.01 -23.12
C GLU G 14 -38.96 -53.42 -22.57
N ASP G 15 -38.41 -54.42 -23.28
CA ASP G 15 -38.45 -55.81 -22.82
C ASP G 15 -37.41 -56.08 -21.72
N ILE G 16 -36.25 -55.43 -21.83
CA ILE G 16 -35.20 -55.51 -20.81
C ILE G 16 -35.74 -55.01 -19.48
N LYS G 17 -36.53 -53.95 -19.54
CA LYS G 17 -37.10 -53.35 -18.36
C LYS G 17 -38.15 -54.25 -17.74
N LYS G 18 -38.71 -55.14 -18.55
CA LYS G 18 -39.69 -56.09 -18.06
C LYS G 18 -39.01 -57.26 -17.37
N ILE G 19 -37.73 -57.49 -17.70
CA ILE G 19 -36.95 -58.57 -17.10
C ILE G 19 -36.25 -58.06 -15.84
N LEU G 20 -35.35 -57.10 -16.01
CA LEU G 20 -34.59 -56.55 -14.90
C LEU G 20 -35.41 -55.50 -14.12
N PRO G 21 -35.23 -55.45 -12.78
CA PRO G 21 -35.90 -54.43 -11.97
C PRO G 21 -35.13 -53.10 -11.91
N HIS G 22 -33.89 -53.09 -12.42
CA HIS G 22 -33.02 -51.90 -12.39
C HIS G 22 -33.63 -50.81 -13.20
N ARG G 23 -33.39 -49.57 -12.77
CA ARG G 23 -33.87 -48.38 -13.46
C ARG G 23 -32.81 -47.29 -13.41
N TYR G 24 -33.08 -46.17 -14.08
CA TYR G 24 -32.19 -45.02 -14.08
C TYR G 24 -31.92 -44.60 -12.64
N PRO G 25 -30.66 -44.29 -12.29
CA PRO G 25 -29.52 -44.25 -13.22
C PRO G 25 -28.64 -45.47 -13.10
N PHE G 26 -29.25 -46.63 -12.95
CA PHE G 26 -28.46 -47.84 -12.74
C PHE G 26 -28.82 -49.03 -13.67
N LEU G 27 -29.59 -48.75 -14.71
CA LEU G 27 -29.80 -49.70 -15.81
C LEU G 27 -28.67 -49.50 -16.79
N LEU G 28 -27.89 -50.57 -16.96
CA LEU G 28 -26.69 -50.45 -17.78
C LEU G 28 -26.65 -51.46 -18.94
N VAL G 29 -27.81 -51.96 -19.37
CA VAL G 29 -27.89 -52.76 -20.60
C VAL G 29 -28.84 -52.13 -21.63
N ASP G 30 -28.29 -51.58 -22.70
CA ASP G 30 -29.09 -50.90 -23.72
C ASP G 30 -29.89 -51.84 -24.60
N LYS G 31 -29.28 -52.97 -24.98
CA LYS G 31 -29.95 -53.95 -25.84
C LYS G 31 -29.23 -55.30 -25.91
N VAL G 32 -30.04 -56.36 -25.94
CA VAL G 32 -29.59 -57.75 -26.07
C VAL G 32 -29.64 -58.22 -27.54
N ILE G 33 -28.47 -58.33 -28.17
CA ILE G 33 -28.36 -58.71 -29.59
C ILE G 33 -28.55 -60.22 -29.86
N TYR G 34 -28.01 -61.07 -28.99
CA TYR G 34 -28.12 -62.53 -29.13
C TYR G 34 -28.14 -63.18 -27.75
N MET G 35 -29.07 -64.12 -27.54
CA MET G 35 -29.24 -64.80 -26.25
C MET G 35 -29.69 -66.25 -26.40
N GLN G 36 -28.89 -67.15 -25.82
CA GLN G 36 -29.21 -68.58 -25.79
C GLN G 36 -29.45 -68.98 -24.33
N PRO G 37 -30.67 -69.45 -24.02
CA PRO G 37 -31.04 -69.86 -22.68
C PRO G 37 -30.05 -70.89 -22.15
N ASN G 38 -29.64 -70.71 -20.90
CA ASN G 38 -28.77 -71.66 -20.18
C ASN G 38 -27.32 -71.74 -20.68
N LYS G 39 -26.97 -70.92 -21.67
CA LYS G 39 -25.63 -70.96 -22.27
C LYS G 39 -24.88 -69.62 -22.36
N THR G 40 -25.38 -68.71 -23.20
CA THR G 40 -24.64 -67.47 -23.51
C THR G 40 -25.57 -66.30 -23.78
N ILE G 41 -25.01 -65.09 -23.68
CA ILE G 41 -25.74 -63.86 -23.98
C ILE G 41 -24.77 -62.79 -24.44
N ILE G 42 -25.10 -62.17 -25.57
CA ILE G 42 -24.38 -61.00 -26.05
C ILE G 42 -25.34 -59.80 -26.05
N GLY G 43 -24.78 -58.61 -25.83
CA GLY G 43 -25.58 -57.42 -25.70
C GLY G 43 -24.69 -56.23 -25.51
N LEU G 44 -25.27 -55.05 -25.48
CA LEU G 44 -24.45 -53.86 -25.52
C LEU G 44 -24.92 -52.73 -24.66
N LYS G 45 -23.93 -51.96 -24.19
CA LYS G 45 -24.16 -50.69 -23.52
C LYS G 45 -23.45 -49.63 -24.37
N GLN G 46 -24.21 -48.59 -24.70
CA GLN G 46 -23.67 -47.45 -25.44
C GLN G 46 -23.18 -46.42 -24.44
N VAL G 47 -22.01 -45.86 -24.71
CA VAL G 47 -21.35 -44.97 -23.77
C VAL G 47 -21.38 -43.58 -24.37
N SER G 48 -22.04 -42.67 -23.66
CA SER G 48 -22.19 -41.29 -24.09
C SER G 48 -21.68 -40.35 -23.01
N THR G 49 -21.40 -39.10 -23.38
CA THR G 49 -20.92 -38.08 -22.45
C THR G 49 -22.08 -37.57 -21.61
N ASN G 50 -23.29 -37.96 -22.01
CA ASN G 50 -24.55 -37.52 -21.40
C ASN G 50 -25.04 -38.51 -20.35
N GLU G 51 -24.13 -39.23 -19.71
CA GLU G 51 -24.49 -40.10 -18.59
C GLU G 51 -24.13 -39.42 -17.26
N PRO G 52 -24.95 -39.59 -16.21
CA PRO G 52 -24.73 -38.74 -15.05
C PRO G 52 -23.42 -39.05 -14.31
N PHE G 53 -22.92 -40.26 -14.44
CA PHE G 53 -21.69 -40.61 -13.73
C PHE G 53 -20.44 -39.92 -14.25
N PHE G 54 -20.48 -39.42 -15.49
CA PHE G 54 -19.26 -38.88 -16.11
C PHE G 54 -18.73 -37.61 -15.48
N ASN G 55 -19.63 -36.79 -14.99
CA ASN G 55 -19.28 -35.55 -14.31
C ASN G 55 -18.32 -35.75 -13.12
N GLY G 56 -18.38 -36.91 -12.47
CA GLY G 56 -17.57 -37.16 -11.28
C GLY G 56 -16.42 -38.14 -11.50
N HIS G 57 -16.28 -38.62 -12.72
CA HIS G 57 -15.31 -39.63 -13.02
C HIS G 57 -14.73 -39.54 -14.45
N PHE G 58 -13.99 -38.49 -14.79
CA PHE G 58 -13.55 -37.41 -13.91
C PHE G 58 -13.73 -36.05 -14.58
N PRO G 59 -13.90 -34.97 -13.79
CA PRO G 59 -14.20 -33.70 -14.39
C PRO G 59 -13.32 -33.42 -15.59
N GLN G 60 -12.02 -33.75 -15.46
CA GLN G 60 -11.02 -33.42 -16.50
C GLN G 60 -10.61 -34.56 -17.43
N LYS G 61 -11.18 -35.74 -17.23
CA LYS G 61 -11.03 -36.87 -18.14
C LYS G 61 -12.18 -37.84 -17.92
N GLN G 62 -13.02 -38.01 -18.93
CA GLN G 62 -14.19 -38.85 -18.75
C GLN G 62 -13.85 -40.30 -19.05
N ILE G 63 -13.87 -41.13 -18.01
CA ILE G 63 -13.50 -42.55 -18.10
C ILE G 63 -14.57 -43.41 -17.43
N MET G 64 -15.09 -44.43 -18.13
CA MET G 64 -16.15 -45.25 -17.56
C MET G 64 -15.67 -46.05 -16.35
N PRO G 65 -16.33 -45.86 -15.19
CA PRO G 65 -15.87 -46.57 -14.01
C PRO G 65 -15.86 -48.04 -14.24
N GLY G 66 -14.69 -48.66 -14.09
CA GLY G 66 -14.55 -50.11 -14.14
C GLY G 66 -15.70 -50.81 -13.46
N VAL G 67 -16.04 -50.35 -12.27
CA VAL G 67 -17.13 -50.94 -11.48
C VAL G 67 -18.50 -50.88 -12.18
N LEU G 68 -18.72 -49.85 -13.00
CA LEU G 68 -19.93 -49.80 -13.83
C LEU G 68 -19.85 -50.73 -15.05
N GLN G 69 -18.63 -50.99 -15.52
CA GLN G 69 -18.43 -52.05 -16.52
C GLN G 69 -18.84 -53.41 -15.97
N ILE G 70 -18.43 -53.70 -14.73
CA ILE G 70 -18.80 -54.94 -14.03
C ILE G 70 -20.33 -55.04 -13.99
N GLU G 71 -20.97 -53.98 -13.51
CA GLU G 71 -22.43 -53.95 -13.38
C GLU G 71 -23.15 -54.27 -14.68
N ALA G 72 -22.64 -53.75 -15.80
CA ALA G 72 -23.24 -54.02 -17.11
C ALA G 72 -23.13 -55.51 -17.45
N LEU G 73 -21.97 -56.08 -17.17
CA LEU G 73 -21.78 -57.51 -17.37
C LEU G 73 -22.66 -58.34 -16.44
N ALA G 74 -22.70 -57.95 -15.16
CA ALA G 74 -23.59 -58.57 -14.16
C ALA G 74 -25.08 -58.44 -14.50
N GLN G 75 -25.48 -57.26 -14.98
CA GLN G 75 -26.85 -57.05 -15.40
C GLN G 75 -27.22 -57.90 -16.61
N LEU G 76 -26.30 -58.02 -17.57
CA LEU G 76 -26.52 -58.81 -18.76
C LEU G 76 -26.60 -60.30 -18.38
N ALA G 77 -25.69 -60.73 -17.50
CA ALA G 77 -25.67 -62.11 -16.99
C ALA G 77 -26.98 -62.47 -16.31
N GLY G 78 -27.54 -61.51 -15.58
CA GLY G 78 -28.82 -61.69 -14.89
C GLY G 78 -30.01 -61.81 -15.81
N ILE G 79 -29.94 -61.19 -16.98
CA ILE G 79 -30.97 -61.40 -17.99
C ILE G 79 -30.99 -62.87 -18.40
N LEU G 80 -29.81 -63.44 -18.62
CA LEU G 80 -29.69 -64.86 -18.97
C LEU G 80 -30.27 -65.76 -17.87
N CYS G 81 -29.77 -65.63 -16.64
CA CYS G 81 -30.28 -66.44 -15.51
C CYS G 81 -31.79 -66.35 -15.40
N LEU G 82 -32.33 -65.14 -15.53
CA LEU G 82 -33.78 -64.91 -15.41
C LEU G 82 -34.62 -65.49 -16.54
N LYS G 83 -34.05 -65.58 -17.74
CA LYS G 83 -34.72 -66.26 -18.86
C LYS G 83 -34.38 -67.75 -18.98
N SER G 84 -33.21 -68.15 -18.46
CA SER G 84 -32.80 -69.58 -18.43
C SER G 84 -33.65 -70.38 -17.44
N ASP G 85 -33.86 -69.81 -16.25
CA ASP G 85 -34.73 -70.37 -15.24
C ASP G 85 -35.43 -69.28 -14.44
N ASP G 86 -36.69 -69.02 -14.81
CA ASP G 86 -37.55 -68.05 -14.14
C ASP G 86 -38.56 -68.73 -13.20
N SER G 87 -38.37 -70.02 -12.93
CA SER G 87 -39.30 -70.75 -12.04
C SER G 87 -39.41 -70.08 -10.67
N GLN G 88 -38.26 -69.67 -10.13
CA GLN G 88 -38.22 -68.77 -8.98
C GLN G 88 -38.66 -67.40 -9.52
N LYS G 89 -39.96 -67.09 -9.35
CA LYS G 89 -40.57 -65.85 -9.83
C LYS G 89 -40.15 -64.60 -9.04
N ASN G 90 -38.89 -64.23 -9.24
CA ASN G 90 -38.22 -63.21 -8.46
C ASN G 90 -37.10 -62.70 -9.37
N ASN G 91 -37.11 -61.39 -9.64
CA ASN G 91 -36.14 -60.79 -10.57
C ASN G 91 -35.01 -60.05 -9.85
N LEU G 92 -35.14 -59.95 -8.53
CA LEU G 92 -34.16 -59.26 -7.70
C LEU G 92 -32.97 -60.17 -7.33
N PHE G 93 -32.10 -60.44 -8.30
CA PHE G 93 -30.85 -61.16 -8.01
C PHE G 93 -29.89 -60.25 -7.26
N LEU G 94 -28.96 -60.85 -6.52
CA LEU G 94 -27.96 -60.09 -5.83
C LEU G 94 -26.57 -60.64 -6.16
N PHE G 95 -25.60 -59.74 -6.23
CA PHE G 95 -24.23 -60.07 -6.49
C PHE G 95 -23.69 -60.72 -5.23
N ALA G 96 -23.40 -62.02 -5.26
CA ALA G 96 -22.82 -62.70 -4.09
C ALA G 96 -21.30 -62.58 -4.05
N GLY G 97 -20.67 -62.64 -5.24
CA GLY G 97 -19.25 -62.31 -5.39
C GLY G 97 -18.80 -62.15 -6.85
N VAL G 98 -17.68 -61.45 -7.03
CA VAL G 98 -17.00 -61.39 -8.33
C VAL G 98 -15.50 -61.66 -8.23
N ASP G 99 -14.96 -62.41 -9.20
CA ASP G 99 -13.61 -62.94 -9.11
C ASP G 99 -12.85 -62.87 -10.44
N GLY G 100 -11.59 -62.49 -10.38
CA GLY G 100 -10.72 -62.37 -11.55
C GLY G 100 -11.20 -61.31 -12.52
N VAL G 101 -11.25 -60.06 -12.05
CA VAL G 101 -11.63 -58.94 -12.93
C VAL G 101 -10.41 -58.20 -13.40
N ARG G 102 -10.26 -58.10 -14.73
CA ARG G 102 -9.15 -57.38 -15.33
C ARG G 102 -9.66 -56.36 -16.34
N TRP G 103 -9.35 -55.09 -16.08
CA TRP G 103 -9.56 -54.03 -17.04
C TRP G 103 -8.28 -53.80 -17.83
N LYS G 104 -8.42 -53.87 -19.16
CA LYS G 104 -7.31 -53.79 -20.11
C LYS G 104 -7.14 -52.38 -20.72
N LYS G 105 -8.27 -51.71 -20.96
CA LYS G 105 -8.32 -50.38 -21.58
C LYS G 105 -9.39 -49.52 -20.91
N PRO G 106 -9.20 -48.19 -20.92
CA PRO G 106 -10.29 -47.34 -20.45
C PRO G 106 -11.39 -47.29 -21.48
N VAL G 107 -12.65 -47.39 -21.03
CA VAL G 107 -13.80 -47.18 -21.91
C VAL G 107 -14.19 -45.68 -21.95
N LEU G 108 -14.33 -45.12 -23.15
CA LEU G 108 -14.51 -43.66 -23.36
C LEU G 108 -15.84 -43.23 -24.02
N PRO G 109 -16.24 -41.95 -23.86
CA PRO G 109 -17.50 -41.50 -24.47
C PRO G 109 -17.48 -41.65 -25.98
N GLY G 110 -18.52 -42.25 -26.54
CA GLY G 110 -18.51 -42.52 -27.95
C GLY G 110 -18.34 -43.99 -28.28
N ASP G 111 -17.87 -44.78 -27.30
CA ASP G 111 -17.65 -46.21 -27.48
C ASP G 111 -18.96 -47.00 -27.40
N THR G 112 -18.97 -48.15 -28.08
CA THR G 112 -19.98 -49.15 -27.86
C THR G 112 -19.33 -50.33 -27.14
N LEU G 113 -19.69 -50.50 -25.87
CA LEU G 113 -19.21 -51.63 -25.11
C LEU G 113 -20.12 -52.79 -25.47
N THR G 114 -19.61 -53.75 -26.24
CA THR G 114 -20.34 -54.98 -26.53
C THR G 114 -19.94 -56.01 -25.49
N MET G 115 -20.92 -56.70 -24.92
CA MET G 115 -20.65 -57.58 -23.80
C MET G 115 -21.07 -59.01 -24.04
N GLN G 116 -20.29 -59.94 -23.50
CA GLN G 116 -20.67 -61.36 -23.51
C GLN G 116 -20.63 -61.97 -22.11
N ALA G 117 -21.68 -62.73 -21.78
CA ALA G 117 -21.75 -63.46 -20.52
C ALA G 117 -22.13 -64.91 -20.75
N ASN G 118 -21.35 -65.81 -20.14
CA ASN G 118 -21.53 -67.26 -20.32
C ASN G 118 -21.83 -67.97 -19.00
N LEU G 119 -22.79 -68.88 -19.03
CA LEU G 119 -23.20 -69.61 -17.84
C LEU G 119 -22.19 -70.71 -17.50
N ILE G 120 -21.79 -70.75 -16.23
CA ILE G 120 -20.81 -71.69 -15.71
C ILE G 120 -21.49 -72.85 -14.98
N SER G 121 -22.32 -72.50 -14.00
CA SER G 121 -23.23 -73.45 -13.35
C SER G 121 -24.48 -72.74 -12.85
N PHE G 122 -25.49 -73.53 -12.50
CA PHE G 122 -26.75 -73.00 -12.00
C PHE G 122 -27.23 -74.06 -11.04
N LYS G 123 -27.57 -73.62 -9.82
CA LYS G 123 -28.20 -74.50 -8.86
C LYS G 123 -29.50 -73.82 -8.44
N SER G 124 -30.47 -73.88 -9.35
CA SER G 124 -31.81 -73.31 -9.18
C SER G 124 -32.49 -73.89 -7.94
N SER G 125 -31.95 -75.03 -7.48
CA SER G 125 -32.35 -75.65 -6.22
C SER G 125 -32.12 -74.69 -5.05
N LEU G 126 -30.96 -74.02 -5.06
CA LEU G 126 -30.50 -73.20 -3.93
C LEU G 126 -30.64 -71.69 -4.17
N GLY G 127 -30.58 -71.28 -5.43
CA GLY G 127 -30.73 -69.87 -5.81
C GLY G 127 -29.45 -69.21 -6.28
N ILE G 128 -28.38 -70.00 -6.39
CA ILE G 128 -27.03 -69.52 -6.72
C ILE G 128 -26.63 -69.85 -8.16
N ALA G 129 -26.19 -68.83 -8.91
CA ALA G 129 -25.72 -69.00 -10.29
C ALA G 129 -24.33 -68.37 -10.49
N LYS G 130 -23.50 -69.02 -11.30
CA LYS G 130 -22.15 -68.52 -11.62
C LYS G 130 -21.99 -68.30 -13.11
N LEU G 131 -21.28 -67.24 -13.48
CA LEU G 131 -21.08 -66.88 -14.90
C LEU G 131 -19.75 -66.19 -15.12
N SER G 132 -19.25 -66.29 -16.37
CA SER G 132 -18.05 -65.58 -16.80
C SER G 132 -18.46 -64.44 -17.73
N GLY G 133 -17.59 -63.44 -17.88
CA GLY G 133 -17.90 -62.28 -18.71
C GLY G 133 -16.71 -61.66 -19.43
N VAL G 134 -16.98 -61.18 -20.65
CA VAL G 134 -16.03 -60.35 -21.41
C VAL G 134 -16.75 -59.21 -22.12
N GLY G 135 -16.16 -58.02 -22.05
CA GLY G 135 -16.66 -56.86 -22.80
C GLY G 135 -15.67 -56.32 -23.81
N TYR G 136 -16.17 -56.01 -25.00
CA TYR G 136 -15.36 -55.54 -26.12
C TYR G 136 -15.71 -54.13 -26.59
N VAL G 137 -14.67 -53.40 -26.97
CA VAL G 137 -14.78 -52.15 -27.70
C VAL G 137 -14.08 -52.39 -29.04
N ASN G 138 -14.80 -52.20 -30.15
CA ASN G 138 -14.23 -52.36 -31.51
C ASN G 138 -13.52 -53.70 -31.76
N GLY G 139 -14.09 -54.79 -31.25
CA GLY G 139 -13.46 -56.11 -31.40
C GLY G 139 -12.25 -56.31 -30.51
N LYS G 140 -12.00 -55.38 -29.59
CA LYS G 140 -10.88 -55.52 -28.65
C LYS G 140 -11.36 -55.61 -27.23
N VAL G 141 -10.83 -56.61 -26.52
CA VAL G 141 -11.14 -56.82 -25.11
C VAL G 141 -10.78 -55.58 -24.30
N VAL G 142 -11.69 -55.17 -23.42
CA VAL G 142 -11.44 -54.08 -22.46
C VAL G 142 -11.63 -54.52 -21.02
N ILE G 143 -12.60 -55.42 -20.79
CA ILE G 143 -12.83 -56.00 -19.47
C ILE G 143 -12.96 -57.52 -19.53
N ASN G 144 -12.22 -58.19 -18.66
CA ASN G 144 -12.37 -59.62 -18.40
C ASN G 144 -12.97 -59.87 -17.02
N ILE G 145 -13.91 -60.82 -16.93
CA ILE G 145 -14.35 -61.33 -15.64
C ILE G 145 -14.40 -62.85 -15.66
N SER G 146 -13.53 -63.49 -14.88
CA SER G 146 -13.51 -64.95 -14.76
C SER G 146 -14.80 -65.44 -14.10
N GLU G 147 -15.16 -64.87 -12.96
CA GLU G 147 -16.33 -65.39 -12.26
C GLU G 147 -17.21 -64.32 -11.61
N MET G 148 -18.51 -64.38 -11.95
CA MET G 148 -19.55 -63.62 -11.27
C MET G 148 -20.52 -64.58 -10.62
N THR G 149 -20.77 -64.40 -9.33
CA THR G 149 -21.67 -65.30 -8.59
C THR G 149 -22.93 -64.55 -8.10
N PHE G 150 -24.08 -65.19 -8.28
CA PHE G 150 -25.39 -64.58 -7.94
C PHE G 150 -26.25 -65.39 -6.97
N ALA G 151 -27.06 -64.67 -6.19
CA ALA G 151 -28.08 -65.29 -5.34
C ALA G 151 -29.42 -64.59 -5.60
N LEU G 152 -30.45 -65.41 -5.82
CA LEU G 152 -31.81 -64.97 -6.11
C LEU G 152 -32.46 -64.41 -4.84
N SER G 153 -32.47 -63.07 -4.70
CA SER G 153 -33.21 -62.38 -3.62
C SER G 153 -34.67 -62.21 -4.01
N THR H 9 -3.32 -40.58 10.35
CA THR H 9 -4.02 -39.29 10.67
C THR H 9 -5.43 -39.24 10.07
N SER H 10 -6.32 -38.45 10.66
CA SER H 10 -7.69 -38.29 10.15
C SER H 10 -7.75 -37.36 8.93
N ILE H 11 -8.80 -37.50 8.12
CA ILE H 11 -9.02 -36.65 6.92
C ILE H 11 -10.52 -36.52 6.56
N ASP H 12 -11.00 -35.28 6.44
CA ASP H 12 -12.41 -34.97 6.13
C ASP H 12 -12.64 -34.81 4.62
N ILE H 13 -13.82 -34.33 4.24
CA ILE H 13 -14.22 -34.21 2.82
C ILE H 13 -13.47 -33.16 1.97
N GLU H 14 -13.39 -31.91 2.42
CA GLU H 14 -12.65 -30.85 1.69
C GLU H 14 -11.21 -31.21 1.37
N ASP H 15 -10.56 -31.92 2.30
CA ASP H 15 -9.23 -32.50 2.09
C ASP H 15 -9.27 -33.79 1.25
N ILE H 16 -10.39 -34.52 1.32
CA ILE H 16 -10.52 -35.77 0.55
C ILE H 16 -10.58 -35.45 -0.93
N LYS H 17 -11.33 -34.39 -1.25
CA LYS H 17 -11.41 -33.84 -2.61
C LYS H 17 -10.09 -33.22 -3.07
N LYS H 18 -9.21 -32.90 -2.13
CA LYS H 18 -7.87 -32.41 -2.47
C LYS H 18 -6.96 -33.57 -2.89
N ILE H 19 -7.22 -34.74 -2.34
CA ILE H 19 -6.46 -35.92 -2.71
C ILE H 19 -7.04 -36.58 -3.96
N LEU H 20 -8.35 -36.87 -3.91
CA LEU H 20 -9.05 -37.59 -4.97
C LEU H 20 -9.62 -36.67 -6.03
N PRO H 21 -9.53 -37.08 -7.31
CA PRO H 21 -10.10 -36.26 -8.39
C PRO H 21 -11.60 -36.57 -8.63
N HIS H 22 -12.13 -37.55 -7.90
CA HIS H 22 -13.54 -37.95 -8.04
C HIS H 22 -14.43 -36.84 -7.55
N ARG H 23 -15.64 -36.78 -8.11
CA ARG H 23 -16.64 -35.78 -7.73
C ARG H 23 -18.05 -36.38 -7.76
N TYR H 24 -19.05 -35.57 -7.39
CA TYR H 24 -20.45 -36.02 -7.47
C TYR H 24 -20.81 -36.32 -8.94
N PRO H 25 -21.51 -37.45 -9.19
CA PRO H 25 -22.11 -38.38 -8.23
C PRO H 25 -21.30 -39.63 -7.89
N PHE H 26 -19.98 -39.56 -8.00
CA PHE H 26 -19.15 -40.76 -7.84
C PHE H 26 -18.00 -40.67 -6.81
N LEU H 27 -18.12 -39.75 -5.87
CA LEU H 27 -17.19 -39.64 -4.76
C LEU H 27 -17.85 -40.35 -3.59
N LEU H 28 -17.28 -41.48 -3.19
CA LEU H 28 -17.95 -42.39 -2.27
C LEU H 28 -17.15 -42.56 -0.99
N VAL H 29 -16.35 -41.55 -0.66
CA VAL H 29 -15.69 -41.53 0.62
C VAL H 29 -16.06 -40.23 1.32
N ASP H 30 -16.85 -40.33 2.38
CA ASP H 30 -17.23 -39.13 3.10
C ASP H 30 -16.15 -38.66 4.08
N LYS H 31 -15.42 -39.61 4.68
CA LYS H 31 -14.47 -39.30 5.74
C LYS H 31 -13.45 -40.40 5.92
N VAL H 32 -12.21 -39.99 6.22
CA VAL H 32 -11.14 -40.88 6.64
C VAL H 32 -10.93 -40.68 8.14
N ILE H 33 -11.24 -41.69 8.95
CA ILE H 33 -11.06 -41.56 10.41
C ILE H 33 -9.65 -41.92 10.88
N TYR H 34 -8.99 -42.86 10.18
CA TYR H 34 -7.62 -43.27 10.54
C TYR H 34 -6.84 -43.68 9.30
N MET H 35 -5.60 -43.19 9.19
CA MET H 35 -4.71 -43.60 8.11
C MET H 35 -3.27 -43.74 8.61
N GLN H 36 -2.60 -44.78 8.13
CA GLN H 36 -1.18 -44.97 8.40
C GLN H 36 -0.44 -45.25 7.10
N PRO H 37 0.51 -44.37 6.74
CA PRO H 37 1.17 -44.42 5.45
C PRO H 37 1.74 -45.79 5.14
N ASN H 38 1.65 -46.16 3.85
CA ASN H 38 2.21 -47.41 3.32
C ASN H 38 1.64 -48.71 3.92
N LYS H 39 0.59 -48.61 4.73
CA LYS H 39 0.16 -49.73 5.55
C LYS H 39 -1.34 -49.98 5.49
N THR H 40 -2.12 -49.09 6.08
CA THR H 40 -3.55 -49.30 6.20
C THR H 40 -4.30 -47.97 6.07
N ILE H 41 -5.62 -48.05 5.94
CA ILE H 41 -6.48 -46.88 6.03
C ILE H 41 -7.87 -47.28 6.50
N ILE H 42 -8.50 -46.41 7.29
CA ILE H 42 -9.88 -46.58 7.69
C ILE H 42 -10.67 -45.34 7.25
N GLY H 43 -11.92 -45.55 6.88
CA GLY H 43 -12.79 -44.45 6.46
C GLY H 43 -14.23 -44.88 6.34
N LEU H 44 -15.15 -43.92 6.38
CA LEU H 44 -16.57 -44.26 6.26
C LEU H 44 -17.28 -43.65 5.06
N LYS H 45 -18.29 -44.39 4.55
CA LYS H 45 -19.28 -43.84 3.64
C LYS H 45 -20.66 -43.94 4.29
N GLN H 46 -21.30 -42.79 4.53
CA GLN H 46 -22.68 -42.80 5.07
C GLN H 46 -23.64 -43.09 3.94
N VAL H 47 -24.61 -43.94 4.24
CA VAL H 47 -25.56 -44.37 3.25
C VAL H 47 -26.88 -43.65 3.53
N SER H 48 -27.33 -42.86 2.56
CA SER H 48 -28.58 -42.11 2.66
C SER H 48 -29.53 -42.38 1.47
N THR H 49 -30.82 -42.50 1.76
CA THR H 49 -31.89 -42.62 0.74
C THR H 49 -31.83 -41.49 -0.32
N ASN H 50 -31.24 -40.36 0.09
CA ASN H 50 -31.08 -39.20 -0.74
C ASN H 50 -29.80 -39.25 -1.57
N GLU H 51 -29.56 -40.40 -2.19
CA GLU H 51 -28.45 -40.53 -3.12
C GLU H 51 -29.00 -40.92 -4.48
N PRO H 52 -28.34 -40.48 -5.58
CA PRO H 52 -28.99 -40.60 -6.88
C PRO H 52 -29.14 -42.02 -7.41
N PHE H 53 -28.26 -42.94 -7.00
CA PHE H 53 -28.34 -44.33 -7.41
C PHE H 53 -29.52 -45.17 -6.85
N PHE H 54 -30.10 -44.75 -5.72
CA PHE H 54 -31.15 -45.55 -5.06
C PHE H 54 -32.51 -45.66 -5.78
N ASN H 55 -32.86 -44.65 -6.58
CA ASN H 55 -34.04 -44.69 -7.45
C ASN H 55 -33.91 -45.80 -8.50
N GLY H 56 -32.69 -46.11 -8.88
CA GLY H 56 -32.45 -47.10 -9.92
C GLY H 56 -31.98 -48.45 -9.43
N HIS H 57 -31.82 -48.58 -8.11
CA HIS H 57 -31.35 -49.81 -7.51
C HIS H 57 -31.89 -49.94 -6.09
N PHE H 58 -33.16 -50.29 -5.87
CA PHE H 58 -34.19 -50.56 -6.89
C PHE H 58 -35.47 -49.85 -6.46
N PRO H 59 -36.38 -49.56 -7.40
CA PRO H 59 -37.59 -48.82 -7.06
C PRO H 59 -38.25 -49.31 -5.77
N GLN H 60 -38.38 -50.63 -5.65
CA GLN H 60 -39.19 -51.25 -4.60
C GLN H 60 -38.39 -51.73 -3.40
N LYS H 61 -37.08 -51.66 -3.50
CA LYS H 61 -36.20 -52.02 -2.42
C LYS H 61 -34.88 -51.34 -2.63
N GLN H 62 -34.55 -50.40 -1.74
CA GLN H 62 -33.33 -49.65 -1.91
C GLN H 62 -32.17 -50.42 -1.32
N ILE H 63 -31.22 -50.79 -2.16
CA ILE H 63 -30.07 -51.61 -1.78
C ILE H 63 -28.80 -51.01 -2.42
N MET H 64 -27.79 -50.68 -1.62
CA MET H 64 -26.60 -50.07 -2.19
C MET H 64 -25.89 -51.09 -3.07
N PRO H 65 -25.66 -50.71 -4.35
CA PRO H 65 -24.99 -51.55 -5.33
C PRO H 65 -23.64 -52.08 -4.84
N GLY H 66 -23.47 -53.40 -4.95
CA GLY H 66 -22.24 -54.08 -4.56
C GLY H 66 -21.07 -53.38 -5.18
N VAL H 67 -21.20 -53.09 -6.48
CA VAL H 67 -20.12 -52.48 -7.23
C VAL H 67 -19.74 -51.10 -6.69
N LEU H 68 -20.71 -50.36 -6.16
CA LEU H 68 -20.37 -49.06 -5.57
C LEU H 68 -19.71 -49.22 -4.19
N GLN H 69 -20.02 -50.32 -3.51
CA GLN H 69 -19.24 -50.71 -2.31
C GLN H 69 -17.79 -50.95 -2.66
N ILE H 70 -17.54 -51.80 -3.65
CA ILE H 70 -16.20 -51.95 -4.23
C ILE H 70 -15.52 -50.59 -4.37
N GLU H 71 -16.15 -49.68 -5.10
CA GLU H 71 -15.57 -48.43 -5.57
C GLU H 71 -15.23 -47.48 -4.42
N ALA H 72 -16.09 -47.45 -3.40
CA ALA H 72 -15.83 -46.77 -2.12
C ALA H 72 -14.57 -47.30 -1.44
N LEU H 73 -14.42 -48.62 -1.35
CA LEU H 73 -13.19 -49.21 -0.81
C LEU H 73 -11.99 -48.81 -1.63
N ALA H 74 -12.15 -48.89 -2.95
CA ALA H 74 -11.09 -48.61 -3.89
C ALA H 74 -10.67 -47.19 -3.71
N GLN H 75 -11.67 -46.30 -3.60
CA GLN H 75 -11.43 -44.87 -3.42
C GLN H 75 -10.61 -44.62 -2.18
N LEU H 76 -10.95 -45.33 -1.10
CA LEU H 76 -10.25 -45.25 0.17
C LEU H 76 -8.81 -45.78 0.03
N ALA H 77 -8.66 -46.88 -0.70
CA ALA H 77 -7.33 -47.49 -0.90
C ALA H 77 -6.46 -46.54 -1.73
N GLY H 78 -7.08 -45.85 -2.67
CA GLY H 78 -6.41 -44.81 -3.45
C GLY H 78 -5.91 -43.64 -2.62
N ILE H 79 -6.68 -43.25 -1.60
CA ILE H 79 -6.25 -42.18 -0.70
C ILE H 79 -4.94 -42.58 -0.01
N LEU H 80 -4.86 -43.85 0.39
CA LEU H 80 -3.67 -44.40 1.01
C LEU H 80 -2.46 -44.44 0.04
N CYS H 81 -2.70 -44.87 -1.20
CA CYS H 81 -1.66 -44.91 -2.21
C CYS H 81 -1.09 -43.52 -2.45
N LEU H 82 -2.00 -42.57 -2.67
CA LEU H 82 -1.62 -41.20 -3.00
C LEU H 82 -0.92 -40.46 -1.86
N LYS H 83 -1.08 -40.94 -0.62
CA LYS H 83 -0.39 -40.32 0.52
C LYS H 83 0.81 -41.17 0.97
N SER H 84 0.87 -42.41 0.50
CA SER H 84 2.00 -43.30 0.81
C SER H 84 3.17 -42.98 -0.11
N ASP H 85 2.83 -42.67 -1.36
CA ASP H 85 3.79 -42.30 -2.38
C ASP H 85 3.13 -41.35 -3.40
N ASP H 86 3.21 -40.05 -3.13
CA ASP H 86 2.76 -39.04 -4.07
C ASP H 86 3.88 -38.50 -4.95
N SER H 87 5.05 -39.16 -4.91
CA SER H 87 6.18 -38.74 -5.76
C SER H 87 5.73 -38.71 -7.22
N GLN H 88 4.88 -39.67 -7.59
CA GLN H 88 4.21 -39.65 -8.87
C GLN H 88 3.07 -38.64 -8.76
N LYS H 89 3.30 -37.43 -9.29
CA LYS H 89 2.31 -36.34 -9.28
C LYS H 89 1.15 -36.61 -10.26
N ASN H 90 0.30 -37.56 -9.89
CA ASN H 90 -0.81 -38.04 -10.72
C ASN H 90 -1.76 -38.61 -9.67
N ASN H 91 -2.99 -38.12 -9.67
CA ASN H 91 -3.98 -38.52 -8.68
C ASN H 91 -5.05 -39.38 -9.36
N LEU H 92 -4.86 -39.63 -10.66
CA LEU H 92 -5.79 -40.40 -11.52
C LEU H 92 -5.36 -41.88 -11.66
N PHE H 93 -5.65 -42.70 -10.65
CA PHE H 93 -5.37 -44.13 -10.70
C PHE H 93 -6.46 -44.90 -11.45
N LEU H 94 -6.04 -45.93 -12.18
CA LEU H 94 -6.97 -46.81 -12.86
C LEU H 94 -7.21 -48.05 -12.00
N PHE H 95 -8.45 -48.54 -12.05
CA PHE H 95 -8.74 -49.84 -11.46
C PHE H 95 -8.25 -50.87 -12.47
N ALA H 96 -7.13 -51.53 -12.18
CA ALA H 96 -6.53 -52.47 -13.12
C ALA H 96 -7.07 -53.89 -12.95
N GLY H 97 -7.28 -54.27 -11.70
CA GLY H 97 -7.86 -55.57 -11.38
C GLY H 97 -8.47 -55.65 -9.99
N VAL H 98 -9.50 -56.47 -9.87
CA VAL H 98 -10.07 -56.80 -8.57
C VAL H 98 -10.25 -58.31 -8.52
N ASP H 99 -10.18 -58.87 -7.32
CA ASP H 99 -10.21 -60.31 -7.09
C ASP H 99 -10.82 -60.59 -5.73
N GLY H 100 -11.57 -61.68 -5.64
CA GLY H 100 -12.12 -62.18 -4.38
C GLY H 100 -13.07 -61.23 -3.69
N VAL H 101 -14.08 -60.78 -4.44
CA VAL H 101 -15.12 -59.90 -3.89
C VAL H 101 -16.27 -60.73 -3.33
N ARG H 102 -16.63 -60.49 -2.07
CA ARG H 102 -17.75 -61.17 -1.41
C ARG H 102 -18.68 -60.17 -0.72
N TRP H 103 -19.96 -60.23 -1.07
CA TRP H 103 -20.97 -59.47 -0.34
C TRP H 103 -21.74 -60.40 0.57
N LYS H 104 -21.80 -60.06 1.85
CA LYS H 104 -22.36 -60.92 2.89
C LYS H 104 -23.75 -60.46 3.33
N LYS H 105 -23.96 -59.15 3.27
CA LYS H 105 -25.15 -58.52 3.76
C LYS H 105 -25.47 -57.33 2.87
N PRO H 106 -26.76 -57.06 2.65
CA PRO H 106 -27.21 -55.84 1.98
C PRO H 106 -26.87 -54.57 2.76
N VAL H 107 -26.51 -53.52 2.03
CA VAL H 107 -26.20 -52.22 2.62
C VAL H 107 -27.35 -51.25 2.37
N LEU H 108 -27.90 -50.71 3.45
CA LEU H 108 -29.20 -50.03 3.38
C LEU H 108 -29.15 -48.54 3.73
N PRO H 109 -30.12 -47.73 3.25
CA PRO H 109 -30.15 -46.35 3.69
C PRO H 109 -30.30 -46.29 5.21
N GLY H 110 -29.48 -45.48 5.85
CA GLY H 110 -29.45 -45.41 7.31
C GLY H 110 -28.18 -46.02 7.86
N ASP H 111 -27.52 -46.86 7.07
CA ASP H 111 -26.31 -47.54 7.50
C ASP H 111 -25.07 -46.65 7.44
N THR H 112 -24.15 -46.89 8.36
CA THR H 112 -22.81 -46.39 8.18
C THR H 112 -21.98 -47.55 7.65
N LEU H 113 -21.33 -47.31 6.50
CA LEU H 113 -20.42 -48.29 5.93
C LEU H 113 -19.00 -47.91 6.31
N THR H 114 -18.48 -48.61 7.31
CA THR H 114 -17.09 -48.40 7.75
C THR H 114 -16.18 -49.29 6.92
N MET H 115 -15.07 -48.74 6.46
CA MET H 115 -14.21 -49.42 5.50
C MET H 115 -12.73 -49.34 5.83
N GLN H 116 -12.09 -50.50 5.81
CA GLN H 116 -10.64 -50.60 6.01
C GLN H 116 -9.98 -51.21 4.79
N ALA H 117 -8.89 -50.58 4.36
CA ALA H 117 -8.08 -51.11 3.27
C ALA H 117 -6.62 -51.29 3.73
N ASN H 118 -5.96 -52.31 3.20
CA ASN H 118 -4.58 -52.59 3.60
C ASN H 118 -3.67 -52.74 2.39
N LEU H 119 -2.58 -51.98 2.38
CA LEU H 119 -1.60 -52.05 1.31
C LEU H 119 -0.82 -53.36 1.39
N ILE H 120 -0.82 -54.09 0.27
CA ILE H 120 -0.14 -55.37 0.14
C ILE H 120 1.24 -55.18 -0.49
N SER H 121 1.32 -54.30 -1.50
CA SER H 121 2.58 -54.03 -2.21
C SER H 121 2.54 -52.76 -3.07
N PHE H 122 3.67 -52.06 -3.13
CA PHE H 122 3.86 -50.92 -4.04
C PHE H 122 5.14 -51.21 -4.82
N LYS H 123 5.03 -51.90 -5.94
CA LYS H 123 6.24 -52.45 -6.58
C LYS H 123 6.91 -51.49 -7.56
N ILE H 128 2.48 -50.54 -9.66
CA ILE H 128 1.62 -51.63 -9.23
C ILE H 128 1.25 -51.50 -7.75
N ALA H 129 0.04 -51.03 -7.49
CA ALA H 129 -0.46 -50.91 -6.12
C ALA H 129 -1.54 -51.96 -5.86
N LYS H 130 -1.22 -52.89 -4.97
CA LYS H 130 -2.15 -53.97 -4.62
C LYS H 130 -2.61 -53.79 -3.20
N LEU H 131 -3.92 -53.92 -2.98
CA LEU H 131 -4.55 -53.69 -1.67
C LEU H 131 -5.70 -54.64 -1.40
N SER H 132 -5.90 -54.96 -0.12
CA SER H 132 -7.04 -55.75 0.34
C SER H 132 -8.04 -54.83 1.02
N GLY H 133 -9.28 -55.28 1.15
CA GLY H 133 -10.35 -54.44 1.69
C GLY H 133 -11.56 -55.12 2.31
N VAL H 134 -12.07 -54.49 3.37
CA VAL H 134 -13.21 -54.95 4.12
C VAL H 134 -14.04 -53.73 4.46
N GLY H 135 -15.36 -53.89 4.41
CA GLY H 135 -16.30 -52.82 4.79
C GLY H 135 -17.31 -53.39 5.78
N TYR H 136 -17.59 -52.63 6.84
CA TYR H 136 -18.50 -53.08 7.90
C TYR H 136 -19.76 -52.22 8.06
N VAL H 137 -20.83 -52.89 8.50
CA VAL H 137 -22.00 -52.23 9.04
C VAL H 137 -22.27 -52.74 10.46
N ASN H 138 -22.27 -51.82 11.44
CA ASN H 138 -22.41 -52.15 12.86
C ASN H 138 -21.42 -53.22 13.29
N GLY H 139 -20.12 -52.99 13.03
CA GLY H 139 -19.07 -53.96 13.34
C GLY H 139 -19.14 -55.34 12.71
N LYS H 140 -20.07 -55.54 11.77
CA LYS H 140 -20.24 -56.82 11.06
C LYS H 140 -19.88 -56.72 9.58
N VAL H 141 -19.12 -57.71 9.08
CA VAL H 141 -18.64 -57.70 7.68
C VAL H 141 -19.79 -57.74 6.68
N VAL H 142 -19.82 -56.77 5.77
CA VAL H 142 -20.75 -56.79 4.65
C VAL H 142 -20.03 -57.04 3.32
N ILE H 143 -18.76 -56.64 3.24
CA ILE H 143 -17.98 -56.86 2.02
C ILE H 143 -16.53 -57.26 2.32
N ASN H 144 -16.06 -58.26 1.57
CA ASN H 144 -14.67 -58.71 1.61
C ASN H 144 -14.05 -58.69 0.23
N ILE H 145 -12.88 -58.07 0.12
CA ILE H 145 -12.12 -58.06 -1.11
C ILE H 145 -10.69 -58.54 -0.80
N SER H 146 -10.30 -59.64 -1.44
CA SER H 146 -8.94 -60.17 -1.34
C SER H 146 -7.90 -59.20 -1.93
N GLU H 147 -7.98 -58.96 -3.24
CA GLU H 147 -7.00 -58.09 -3.90
C GLU H 147 -7.66 -56.99 -4.77
N MET H 148 -7.21 -55.76 -4.60
CA MET H 148 -7.58 -54.62 -5.45
C MET H 148 -6.32 -54.11 -6.11
N THR H 149 -6.32 -54.07 -7.44
CA THR H 149 -5.12 -53.76 -8.20
C THR H 149 -5.23 -52.39 -8.89
N PHE H 150 -4.25 -51.54 -8.63
CA PHE H 150 -4.11 -50.24 -9.26
C PHE H 150 -2.78 -50.14 -9.98
N ALA H 151 -2.72 -49.21 -10.94
CA ALA H 151 -1.46 -48.76 -11.51
C ALA H 151 -1.69 -47.32 -11.90
N LEU H 152 -0.86 -46.42 -11.35
CA LEU H 152 -0.96 -45.01 -11.65
C LEU H 152 -0.85 -44.77 -13.15
N SER H 153 -1.94 -44.32 -13.77
CA SER H 153 -1.91 -43.87 -15.17
C SER H 153 -2.76 -42.63 -15.40
N SER I 10 -58.42 -23.27 -18.17
CA SER I 10 -57.32 -23.41 -17.19
C SER I 10 -57.08 -24.88 -16.85
N ILE I 11 -55.81 -25.28 -16.80
CA ILE I 11 -55.44 -26.67 -16.47
C ILE I 11 -54.26 -26.67 -15.50
N ASP I 12 -54.43 -27.29 -14.32
CA ASP I 12 -53.34 -27.34 -13.34
C ASP I 12 -52.31 -28.37 -13.77
N ILE I 13 -51.15 -28.38 -13.15
CA ILE I 13 -50.11 -29.34 -13.50
C ILE I 13 -50.63 -30.76 -13.40
N GLU I 14 -51.36 -31.06 -12.32
CA GLU I 14 -51.84 -32.41 -12.05
C GLU I 14 -52.70 -32.92 -13.20
N ASP I 15 -53.44 -32.00 -13.83
CA ASP I 15 -54.27 -32.31 -14.99
C ASP I 15 -53.47 -32.35 -16.28
N ILE I 16 -52.41 -31.53 -16.37
CA ILE I 16 -51.49 -31.61 -17.52
C ILE I 16 -50.83 -33.00 -17.54
N LYS I 17 -50.44 -33.48 -16.37
CA LYS I 17 -49.82 -34.77 -16.23
C LYS I 17 -50.78 -35.93 -16.53
N LYS I 18 -52.08 -35.65 -16.44
CA LYS I 18 -53.09 -36.62 -16.81
C LYS I 18 -53.26 -36.70 -18.33
N ILE I 19 -52.88 -35.62 -19.01
CA ILE I 19 -53.07 -35.50 -20.44
C ILE I 19 -51.80 -35.92 -21.15
N LEU I 20 -50.69 -35.29 -20.75
CA LEU I 20 -49.38 -35.56 -21.34
C LEU I 20 -48.63 -36.67 -20.61
N PRO I 21 -47.94 -37.54 -21.36
CA PRO I 21 -47.13 -38.57 -20.73
C PRO I 21 -45.71 -38.08 -20.37
N HIS I 22 -45.33 -36.87 -20.82
CA HIS I 22 -44.06 -36.25 -20.47
C HIS I 22 -43.93 -36.09 -18.98
N ARG I 23 -42.71 -36.29 -18.47
CA ARG I 23 -42.41 -36.11 -17.06
C ARG I 23 -41.03 -35.48 -16.90
N TYR I 24 -40.59 -35.33 -15.66
CA TYR I 24 -39.31 -34.74 -15.37
C TYR I 24 -38.20 -35.61 -15.94
N PRO I 25 -37.16 -34.98 -16.53
CA PRO I 25 -36.93 -33.53 -16.66
C PRO I 25 -37.33 -32.99 -18.03
N PHE I 26 -38.43 -33.50 -18.57
CA PHE I 26 -38.85 -33.09 -19.91
C PHE I 26 -40.34 -32.73 -20.07
N LEU I 27 -40.97 -32.35 -18.97
CA LEU I 27 -42.30 -31.77 -19.04
C LEU I 27 -42.18 -30.25 -18.92
N LEU I 28 -42.40 -29.56 -20.05
CA LEU I 28 -42.10 -28.13 -20.14
C LEU I 28 -43.33 -27.22 -20.22
N VAL I 29 -44.45 -27.66 -19.64
CA VAL I 29 -45.65 -26.82 -19.55
C VAL I 29 -46.17 -26.74 -18.12
N ASP I 30 -45.97 -25.60 -17.47
CA ASP I 30 -46.34 -25.42 -16.07
C ASP I 30 -47.83 -25.19 -15.88
N LYS I 31 -48.48 -24.61 -16.89
CA LYS I 31 -49.87 -24.22 -16.78
C LYS I 31 -50.51 -23.86 -18.13
N VAL I 32 -51.73 -24.33 -18.32
CA VAL I 32 -52.59 -23.92 -19.42
C VAL I 32 -53.55 -22.84 -18.90
N ILE I 33 -53.49 -21.65 -19.46
CA ILE I 33 -54.35 -20.57 -18.97
C ILE I 33 -55.68 -20.43 -19.71
N TYR I 34 -55.69 -20.86 -20.97
CA TYR I 34 -56.89 -20.83 -21.79
C TYR I 34 -56.75 -21.82 -22.92
N MET I 35 -57.77 -22.65 -23.09
CA MET I 35 -57.80 -23.65 -24.15
C MET I 35 -59.19 -23.76 -24.77
N GLN I 36 -59.24 -23.58 -26.08
CA GLN I 36 -60.45 -23.75 -26.85
C GLN I 36 -60.26 -24.91 -27.80
N PRO I 37 -61.00 -26.01 -27.58
CA PRO I 37 -60.89 -27.22 -28.38
C PRO I 37 -60.93 -26.96 -29.88
N ASN I 38 -60.05 -27.62 -30.60
CA ASN I 38 -60.00 -27.54 -32.06
C ASN I 38 -59.51 -26.19 -32.57
N LYS I 39 -59.20 -25.26 -31.67
CA LYS I 39 -58.83 -23.92 -32.11
C LYS I 39 -57.46 -23.42 -31.63
N THR I 40 -57.33 -23.22 -30.33
CA THR I 40 -56.23 -22.44 -29.81
C THR I 40 -55.96 -22.81 -28.35
N ILE I 41 -54.71 -22.62 -27.95
CA ILE I 41 -54.32 -22.88 -26.58
C ILE I 41 -53.30 -21.82 -26.13
N ILE I 42 -53.44 -21.38 -24.89
CA ILE I 42 -52.48 -20.50 -24.27
C ILE I 42 -52.01 -21.13 -22.96
N GLY I 43 -50.71 -21.09 -22.73
CA GLY I 43 -50.18 -21.59 -21.48
C GLY I 43 -48.82 -21.02 -21.14
N LEU I 44 -48.24 -21.49 -20.05
CA LEU I 44 -46.96 -20.93 -19.65
C LEU I 44 -45.96 -21.95 -19.12
N LYS I 45 -44.69 -21.61 -19.32
CA LYS I 45 -43.58 -22.27 -18.69
C LYS I 45 -42.80 -21.20 -17.96
N GLN I 46 -42.61 -21.41 -16.66
CA GLN I 46 -41.82 -20.52 -15.83
C GLN I 46 -40.37 -20.94 -16.00
N VAL I 47 -39.47 -19.97 -16.01
CA VAL I 47 -38.07 -20.26 -16.29
C VAL I 47 -37.22 -19.85 -15.10
N SER I 48 -36.64 -20.86 -14.45
CA SER I 48 -35.85 -20.63 -13.26
C SER I 48 -34.41 -21.12 -13.46
N THR I 49 -33.47 -20.52 -12.75
CA THR I 49 -32.09 -20.98 -12.73
C THR I 49 -32.01 -22.42 -12.23
N ASN I 50 -33.03 -22.81 -11.47
CA ASN I 50 -33.09 -24.09 -10.80
C ASN I 50 -33.66 -25.19 -11.70
N GLU I 51 -33.41 -25.08 -12.99
CA GLU I 51 -33.69 -26.18 -13.92
C GLU I 51 -32.41 -26.97 -14.29
N PRO I 52 -32.54 -28.29 -14.56
CA PRO I 52 -31.33 -29.08 -14.77
C PRO I 52 -30.60 -28.81 -16.12
N PHE I 53 -31.27 -28.18 -17.09
CA PHE I 53 -30.56 -27.86 -18.34
C PHE I 53 -29.59 -26.66 -18.29
N PHE I 54 -29.69 -25.84 -17.25
CA PHE I 54 -28.98 -24.56 -17.18
C PHE I 54 -27.51 -24.67 -16.87
N ASN I 55 -27.08 -25.77 -16.27
CA ASN I 55 -25.68 -25.97 -15.93
C ASN I 55 -24.85 -26.24 -17.19
N GLY I 56 -25.47 -26.89 -18.16
CA GLY I 56 -24.79 -27.22 -19.41
C GLY I 56 -25.11 -26.31 -20.57
N HIS I 57 -25.91 -25.27 -20.31
CA HIS I 57 -26.31 -24.35 -21.37
C HIS I 57 -26.63 -22.96 -20.83
N PHE I 58 -25.62 -22.19 -20.42
CA PHE I 58 -24.19 -22.56 -20.45
C PHE I 58 -23.59 -22.25 -19.08
N PRO I 59 -22.43 -22.85 -18.73
CA PRO I 59 -21.88 -22.57 -17.40
C PRO I 59 -21.82 -21.08 -17.07
N GLN I 60 -21.34 -20.27 -18.00
CA GLN I 60 -21.09 -18.84 -17.72
C GLN I 60 -22.25 -17.93 -18.14
N LYS I 61 -23.12 -18.44 -19.00
CA LYS I 61 -24.30 -17.68 -19.40
C LYS I 61 -25.56 -18.57 -19.50
N GLN I 62 -26.47 -18.35 -18.57
CA GLN I 62 -27.69 -19.16 -18.51
C GLN I 62 -28.70 -18.72 -19.59
N ILE I 63 -28.86 -19.56 -20.62
CA ILE I 63 -29.73 -19.26 -21.75
C ILE I 63 -30.65 -20.44 -22.05
N MET I 64 -31.95 -20.21 -22.12
CA MET I 64 -32.87 -21.32 -22.37
C MET I 64 -32.67 -21.84 -23.80
N PRO I 65 -32.25 -23.12 -23.93
CA PRO I 65 -32.03 -23.65 -25.28
C PRO I 65 -33.27 -23.49 -26.16
N GLY I 66 -33.06 -22.88 -27.32
CA GLY I 66 -34.09 -22.78 -28.36
C GLY I 66 -34.89 -24.04 -28.60
N VAL I 67 -34.22 -25.19 -28.68
CA VAL I 67 -34.92 -26.44 -28.91
C VAL I 67 -35.97 -26.74 -27.83
N LEU I 68 -35.74 -26.24 -26.61
CA LEU I 68 -36.65 -26.52 -25.52
C LEU I 68 -37.82 -25.54 -25.52
N GLN I 69 -37.57 -24.35 -26.07
CA GLN I 69 -38.64 -23.44 -26.49
C GLN I 69 -39.61 -24.10 -27.49
N ILE I 70 -39.05 -24.76 -28.51
CA ILE I 70 -39.83 -25.60 -29.45
C ILE I 70 -40.60 -26.66 -28.70
N GLU I 71 -39.89 -27.38 -27.83
CA GLU I 71 -40.49 -28.48 -27.08
C GLU I 71 -41.72 -28.06 -26.26
N ALA I 72 -41.59 -26.94 -25.57
CA ALA I 72 -42.66 -26.44 -24.73
C ALA I 72 -43.87 -26.02 -25.57
N LEU I 73 -43.64 -25.34 -26.68
CA LEU I 73 -44.72 -25.09 -27.64
C LEU I 73 -45.29 -26.36 -28.29
N ALA I 74 -44.44 -27.34 -28.54
CA ALA I 74 -44.89 -28.64 -29.06
C ALA I 74 -45.83 -29.38 -28.09
N GLN I 75 -45.38 -29.51 -26.83
CA GLN I 75 -46.16 -30.14 -25.77
C GLN I 75 -47.53 -29.46 -25.55
N LEU I 76 -47.55 -28.14 -25.50
CA LEU I 76 -48.79 -27.39 -25.37
C LEU I 76 -49.75 -27.66 -26.52
N ALA I 77 -49.22 -27.72 -27.74
CA ALA I 77 -50.01 -28.13 -28.93
C ALA I 77 -50.62 -29.50 -28.71
N GLY I 78 -49.79 -30.44 -28.26
CA GLY I 78 -50.20 -31.80 -27.95
C GLY I 78 -51.37 -31.88 -27.00
N ILE I 79 -51.34 -31.07 -25.94
CA ILE I 79 -52.47 -30.94 -25.02
C ILE I 79 -53.74 -30.60 -25.78
N LEU I 80 -53.67 -29.61 -26.67
CA LEU I 80 -54.82 -29.19 -27.44
C LEU I 80 -55.27 -30.29 -28.42
N CYS I 81 -54.31 -31.02 -28.96
CA CYS I 81 -54.62 -32.10 -29.91
C CYS I 81 -55.36 -33.18 -29.18
N LEU I 82 -54.93 -33.44 -27.95
CA LEU I 82 -55.49 -34.54 -27.17
C LEU I 82 -56.89 -34.26 -26.62
N LYS I 83 -57.23 -32.98 -26.44
CA LYS I 83 -58.52 -32.59 -25.88
C LYS I 83 -59.48 -32.11 -26.96
N SER I 84 -58.95 -31.76 -28.14
CA SER I 84 -59.78 -31.52 -29.30
C SER I 84 -60.41 -32.83 -29.77
N ASP I 85 -59.61 -33.89 -29.74
CA ASP I 85 -60.02 -35.20 -30.22
C ASP I 85 -59.21 -36.32 -29.56
N ASP I 86 -59.81 -36.93 -28.55
CA ASP I 86 -59.20 -38.04 -27.84
C ASP I 86 -59.79 -39.41 -28.19
N SER I 87 -60.73 -39.45 -29.15
CA SER I 87 -61.27 -40.74 -29.61
C SER I 87 -60.19 -41.82 -29.56
N GLN I 88 -59.12 -41.62 -30.33
CA GLN I 88 -57.93 -42.48 -30.29
C GLN I 88 -57.34 -42.51 -28.88
N LYS I 89 -57.34 -43.71 -28.29
CA LYS I 89 -56.81 -43.92 -26.94
C LYS I 89 -55.27 -43.92 -26.93
N ASN I 90 -54.69 -42.85 -27.45
CA ASN I 90 -53.24 -42.70 -27.50
C ASN I 90 -52.83 -41.26 -27.20
N ASN I 91 -51.95 -41.12 -26.20
CA ASN I 91 -51.41 -39.81 -25.83
C ASN I 91 -49.99 -39.57 -26.36
N LEU I 92 -49.29 -40.65 -26.68
CA LEU I 92 -47.95 -40.58 -27.27
C LEU I 92 -47.94 -39.96 -28.68
N PHE I 93 -47.78 -38.63 -28.71
CA PHE I 93 -47.67 -37.89 -29.97
C PHE I 93 -46.20 -37.64 -30.31
N LEU I 94 -45.83 -38.03 -31.52
CA LEU I 94 -44.46 -37.90 -31.99
C LEU I 94 -44.30 -36.72 -32.95
N PHE I 95 -43.24 -35.95 -32.73
CA PHE I 95 -42.84 -34.87 -33.60
C PHE I 95 -42.44 -35.47 -34.94
N ALA I 96 -43.21 -35.16 -35.99
CA ALA I 96 -42.90 -35.63 -37.34
C ALA I 96 -42.08 -34.60 -38.10
N GLY I 97 -42.34 -33.32 -37.82
CA GLY I 97 -41.63 -32.23 -38.46
C GLY I 97 -41.93 -30.88 -37.85
N VAL I 98 -40.98 -29.97 -38.00
CA VAL I 98 -41.21 -28.58 -37.66
C VAL I 98 -40.70 -27.70 -38.81
N ASP I 99 -41.31 -26.53 -38.99
CA ASP I 99 -40.99 -25.64 -40.10
C ASP I 99 -41.06 -24.17 -39.66
N GLY I 100 -40.14 -23.35 -40.19
CA GLY I 100 -40.15 -21.90 -39.99
C GLY I 100 -40.04 -21.50 -38.53
N VAL I 101 -38.98 -21.97 -37.89
CA VAL I 101 -38.71 -21.63 -36.50
C VAL I 101 -37.76 -20.45 -36.46
N ARG I 102 -38.15 -19.43 -35.68
CA ARG I 102 -37.35 -18.24 -35.53
C ARG I 102 -37.28 -17.85 -34.07
N TRP I 103 -36.05 -17.76 -33.56
CA TRP I 103 -35.81 -17.22 -32.24
C TRP I 103 -35.35 -15.75 -32.36
N LYS I 104 -36.07 -14.87 -31.66
CA LYS I 104 -35.83 -13.43 -31.72
C LYS I 104 -35.09 -12.89 -30.48
N LYS I 105 -35.32 -13.49 -29.33
CA LYS I 105 -34.68 -13.03 -28.10
C LYS I 105 -34.40 -14.17 -27.15
N PRO I 106 -33.21 -14.17 -26.56
CA PRO I 106 -32.85 -15.23 -25.62
C PRO I 106 -33.80 -15.22 -24.42
N VAL I 107 -34.25 -16.42 -24.03
CA VAL I 107 -35.08 -16.60 -22.83
C VAL I 107 -34.18 -16.89 -21.64
N LEU I 108 -34.38 -16.18 -20.53
CA LEU I 108 -33.47 -16.22 -19.38
C LEU I 108 -34.15 -16.61 -18.06
N PRO I 109 -33.39 -17.16 -17.10
CA PRO I 109 -33.94 -17.38 -15.75
C PRO I 109 -34.57 -16.12 -15.17
N GLY I 110 -35.85 -16.18 -14.82
CA GLY I 110 -36.57 -15.02 -14.31
C GLY I 110 -37.72 -14.69 -15.25
N ASP I 111 -37.63 -15.20 -16.47
CA ASP I 111 -38.63 -15.00 -17.50
C ASP I 111 -39.86 -15.87 -17.32
N THR I 112 -40.99 -15.39 -17.85
CA THR I 112 -42.20 -16.20 -18.00
C THR I 112 -42.47 -16.34 -19.49
N LEU I 113 -42.29 -17.56 -19.98
CA LEU I 113 -42.52 -17.87 -21.36
C LEU I 113 -44.00 -18.16 -21.51
N THR I 114 -44.75 -17.20 -22.01
CA THR I 114 -46.16 -17.41 -22.31
C THR I 114 -46.27 -17.86 -23.76
N MET I 115 -46.84 -19.05 -23.95
CA MET I 115 -46.93 -19.62 -25.28
C MET I 115 -48.38 -19.77 -25.74
N GLN I 116 -48.56 -19.74 -27.05
CA GLN I 116 -49.82 -19.97 -27.70
C GLN I 116 -49.60 -20.89 -28.89
N ALA I 117 -50.49 -21.87 -29.03
CA ALA I 117 -50.47 -22.75 -30.21
C ALA I 117 -51.87 -22.79 -30.82
N ASN I 118 -51.92 -22.90 -32.14
CA ASN I 118 -53.17 -22.83 -32.87
C ASN I 118 -53.26 -23.94 -33.88
N LEU I 119 -54.34 -24.71 -33.81
CA LEU I 119 -54.60 -25.78 -34.75
C LEU I 119 -54.79 -25.25 -36.17
N ILE I 120 -54.06 -25.83 -37.13
CA ILE I 120 -54.17 -25.46 -38.54
C ILE I 120 -55.04 -26.48 -39.30
N SER I 121 -54.88 -27.74 -38.92
CA SER I 121 -55.67 -28.85 -39.49
C SER I 121 -55.50 -30.12 -38.64
N PHE I 122 -56.55 -30.94 -38.60
CA PHE I 122 -56.48 -32.20 -37.88
C PHE I 122 -56.94 -33.36 -38.76
N LYS I 123 -56.00 -34.02 -39.43
CA LYS I 123 -56.35 -35.28 -40.09
C LYS I 123 -56.50 -36.22 -38.91
N SER I 124 -57.75 -36.64 -38.69
CA SER I 124 -58.19 -37.23 -37.42
C SER I 124 -57.45 -38.53 -37.07
N SER I 125 -57.30 -39.42 -38.04
CA SER I 125 -56.61 -40.70 -37.81
C SER I 125 -55.49 -41.05 -38.78
N LEU I 126 -55.22 -40.16 -39.73
CA LEU I 126 -53.91 -40.16 -40.38
C LEU I 126 -52.89 -39.98 -39.27
N GLY I 127 -53.27 -39.20 -38.27
CA GLY I 127 -52.43 -38.92 -37.12
C GLY I 127 -51.55 -37.73 -37.46
N ILE I 128 -52.05 -36.90 -38.36
CA ILE I 128 -51.36 -35.68 -38.76
C ILE I 128 -52.14 -34.48 -38.23
N ALA I 129 -51.63 -33.90 -37.15
CA ALA I 129 -52.08 -32.59 -36.72
C ALA I 129 -50.99 -31.60 -37.06
N LYS I 130 -51.39 -30.48 -37.67
CA LYS I 130 -50.47 -29.38 -37.91
C LYS I 130 -50.90 -28.15 -37.11
N LEU I 131 -49.91 -27.42 -36.61
CA LEU I 131 -50.18 -26.27 -35.76
C LEU I 131 -49.13 -25.19 -35.98
N SER I 132 -49.43 -23.99 -35.50
CA SER I 132 -48.48 -22.91 -35.46
C SER I 132 -48.31 -22.57 -33.99
N GLY I 133 -47.21 -21.90 -33.67
CA GLY I 133 -46.95 -21.52 -32.29
C GLY I 133 -46.10 -20.28 -32.15
N VAL I 134 -46.39 -19.52 -31.09
CA VAL I 134 -45.64 -18.30 -30.74
C VAL I 134 -45.36 -18.27 -29.22
N GLY I 135 -44.13 -17.88 -28.86
CA GLY I 135 -43.75 -17.71 -27.46
C GLY I 135 -43.41 -16.27 -27.08
N TYR I 136 -44.06 -15.76 -26.03
CA TYR I 136 -43.83 -14.40 -25.58
C TYR I 136 -43.12 -14.34 -24.23
N VAL I 137 -42.22 -13.37 -24.12
CA VAL I 137 -41.72 -12.92 -22.83
C VAL I 137 -41.96 -11.41 -22.74
N ASN I 138 -42.78 -11.00 -21.77
CA ASN I 138 -43.11 -9.58 -21.53
C ASN I 138 -43.86 -8.90 -22.69
N GLY I 139 -44.81 -9.64 -23.26
CA GLY I 139 -45.58 -9.13 -24.38
C GLY I 139 -44.79 -9.10 -25.68
N LYS I 140 -43.53 -9.55 -25.63
CA LYS I 140 -42.66 -9.54 -26.81
C LYS I 140 -42.31 -10.95 -27.31
N VAL I 141 -42.51 -11.16 -28.62
CA VAL I 141 -42.25 -12.44 -29.30
C VAL I 141 -40.77 -12.84 -29.16
N VAL I 142 -40.54 -14.06 -28.70
CA VAL I 142 -39.18 -14.56 -28.55
C VAL I 142 -38.96 -15.73 -29.50
N ILE I 143 -40.00 -16.53 -29.69
CA ILE I 143 -39.98 -17.63 -30.67
C ILE I 143 -41.25 -17.66 -31.52
N ASN I 144 -41.05 -17.63 -32.83
CA ASN I 144 -42.08 -17.94 -33.82
C ASN I 144 -41.90 -19.34 -34.42
N ILE I 145 -42.99 -20.10 -34.55
CA ILE I 145 -42.98 -21.38 -35.32
C ILE I 145 -44.15 -21.46 -36.31
N SER I 146 -43.83 -21.43 -37.61
CA SER I 146 -44.83 -21.51 -38.68
C SER I 146 -45.63 -22.80 -38.65
N GLU I 147 -44.93 -23.94 -38.68
CA GLU I 147 -45.61 -25.23 -38.74
C GLU I 147 -44.90 -26.34 -37.94
N MET I 148 -45.60 -26.83 -36.93
CA MET I 148 -45.23 -28.06 -36.22
C MET I 148 -46.16 -29.17 -36.69
N THR I 149 -45.57 -30.32 -37.00
CA THR I 149 -46.34 -31.47 -37.45
C THR I 149 -46.23 -32.57 -36.40
N PHE I 150 -47.34 -33.21 -36.06
CA PHE I 150 -47.32 -34.33 -35.12
C PHE I 150 -47.94 -35.62 -35.65
N ALA I 151 -47.37 -36.75 -35.21
CA ALA I 151 -47.88 -38.08 -35.52
C ALA I 151 -48.20 -38.85 -34.24
N LEU I 152 -49.48 -39.18 -34.07
CA LEU I 152 -50.00 -39.81 -32.85
C LEU I 152 -49.82 -41.33 -32.87
N ASP J 8 -4.82 -39.02 -38.76
CA ASP J 8 -5.90 -38.84 -37.76
C ASP J 8 -6.46 -37.44 -37.86
N THR J 9 -7.65 -37.34 -38.43
CA THR J 9 -8.39 -36.09 -38.60
C THR J 9 -9.34 -35.85 -37.42
N SER J 10 -9.50 -36.89 -36.59
CA SER J 10 -10.63 -37.03 -35.65
C SER J 10 -10.53 -36.28 -34.31
N ILE J 11 -11.67 -36.18 -33.61
CA ILE J 11 -11.77 -35.47 -32.34
C ILE J 11 -12.54 -36.25 -31.26
N ASP J 12 -11.94 -36.36 -30.07
CA ASP J 12 -12.58 -36.94 -28.90
C ASP J 12 -13.23 -35.88 -27.98
N ILE J 13 -13.88 -36.37 -26.91
CA ILE J 13 -14.67 -35.55 -26.00
C ILE J 13 -13.93 -34.36 -25.33
N GLU J 14 -12.67 -34.55 -24.98
CA GLU J 14 -11.87 -33.49 -24.32
C GLU J 14 -11.54 -32.34 -25.28
N ASP J 15 -11.42 -32.64 -26.57
CA ASP J 15 -11.15 -31.58 -27.55
C ASP J 15 -12.46 -30.91 -27.93
N ILE J 16 -13.50 -31.72 -28.11
CA ILE J 16 -14.86 -31.22 -28.34
C ILE J 16 -15.18 -30.17 -27.28
N LYS J 17 -15.00 -30.54 -26.01
CA LYS J 17 -15.14 -29.62 -24.87
C LYS J 17 -14.29 -28.35 -24.94
N LYS J 18 -13.11 -28.41 -25.56
CA LYS J 18 -12.32 -27.19 -25.80
C LYS J 18 -12.94 -26.26 -26.83
N ILE J 19 -13.81 -26.79 -27.70
CA ILE J 19 -14.44 -26.04 -28.79
C ILE J 19 -15.83 -25.55 -28.41
N LEU J 20 -16.72 -26.47 -28.05
CA LEU J 20 -18.06 -26.09 -27.58
C LEU J 20 -18.05 -25.78 -26.08
N PRO J 21 -18.83 -24.75 -25.69
CA PRO J 21 -19.05 -24.45 -24.28
C PRO J 21 -20.16 -25.32 -23.62
N HIS J 22 -20.92 -26.06 -24.43
CA HIS J 22 -21.97 -26.92 -23.89
C HIS J 22 -21.34 -27.94 -22.95
N ARG J 23 -22.05 -28.26 -21.88
CA ARG J 23 -21.63 -29.26 -20.92
C ARG J 23 -22.85 -30.08 -20.52
N TYR J 24 -22.64 -31.05 -19.64
CA TYR J 24 -23.71 -31.91 -19.16
C TYR J 24 -24.75 -31.10 -18.38
N PRO J 25 -26.04 -31.40 -18.57
CA PRO J 25 -26.63 -32.37 -19.46
C PRO J 25 -27.00 -31.88 -20.87
N PHE J 26 -26.24 -30.96 -21.45
CA PHE J 26 -26.60 -30.43 -22.78
C PHE J 26 -25.47 -30.48 -23.83
N LEU J 27 -24.51 -31.39 -23.65
CA LEU J 27 -23.46 -31.66 -24.63
C LEU J 27 -23.76 -33.00 -25.33
N LEU J 28 -24.04 -32.92 -26.64
CA LEU J 28 -24.70 -34.00 -27.36
C LEU J 28 -23.98 -34.38 -28.63
N VAL J 29 -22.67 -34.25 -28.61
CA VAL J 29 -21.82 -34.75 -29.67
C VAL J 29 -20.75 -35.53 -28.94
N ASP J 30 -20.81 -36.85 -29.05
CA ASP J 30 -19.85 -37.74 -28.37
C ASP J 30 -18.48 -37.75 -29.04
N LYS J 31 -18.48 -37.66 -30.38
CA LYS J 31 -17.26 -37.83 -31.15
C LYS J 31 -17.41 -37.31 -32.57
N VAL J 32 -16.52 -36.42 -32.98
CA VAL J 32 -16.34 -36.08 -34.40
C VAL J 32 -15.41 -37.12 -35.09
N ILE J 33 -15.87 -37.72 -36.19
CA ILE J 33 -15.02 -38.71 -36.90
C ILE J 33 -14.33 -38.15 -38.15
N TYR J 34 -14.90 -37.08 -38.71
CA TYR J 34 -14.37 -36.46 -39.92
C TYR J 34 -14.84 -35.00 -39.97
N MET J 35 -13.92 -34.11 -40.34
CA MET J 35 -14.23 -32.70 -40.50
C MET J 35 -13.37 -32.04 -41.58
N GLN J 36 -14.03 -31.38 -42.52
CA GLN J 36 -13.36 -30.66 -43.59
C GLN J 36 -13.78 -29.18 -43.55
N PRO J 37 -12.87 -28.32 -43.07
CA PRO J 37 -13.20 -26.93 -42.81
C PRO J 37 -13.95 -26.30 -43.99
N ASN J 38 -14.97 -25.52 -43.65
CA ASN J 38 -15.72 -24.71 -44.61
C ASN J 38 -16.62 -25.57 -45.50
N LYS J 39 -16.59 -26.88 -45.28
CA LYS J 39 -17.36 -27.82 -46.12
C LYS J 39 -18.29 -28.74 -45.34
N THR J 40 -17.73 -29.74 -44.64
CA THR J 40 -18.58 -30.79 -44.08
C THR J 40 -18.03 -31.39 -42.76
N ILE J 41 -18.94 -31.80 -41.88
CA ILE J 41 -18.54 -32.41 -40.62
C ILE J 41 -19.39 -33.62 -40.27
N ILE J 42 -18.72 -34.72 -39.95
CA ILE J 42 -19.40 -35.94 -39.56
C ILE J 42 -19.00 -36.29 -38.13
N GLY J 43 -19.98 -36.61 -37.30
CA GLY J 43 -19.72 -37.06 -35.94
C GLY J 43 -20.78 -38.03 -35.48
N LEU J 44 -20.71 -38.42 -34.21
CA LEU J 44 -21.75 -39.28 -33.62
C LEU J 44 -22.13 -38.89 -32.19
N LYS J 45 -23.34 -39.29 -31.82
CA LYS J 45 -23.86 -39.20 -30.47
C LYS J 45 -24.37 -40.60 -30.17
N GLN J 46 -23.92 -41.21 -29.08
CA GLN J 46 -24.41 -42.52 -28.64
C GLN J 46 -25.66 -42.36 -27.80
N VAL J 47 -26.61 -43.28 -27.94
CA VAL J 47 -27.92 -43.15 -27.32
C VAL J 47 -28.11 -44.25 -26.29
N SER J 48 -28.30 -43.85 -25.04
CA SER J 48 -28.31 -44.81 -23.95
C SER J 48 -29.42 -44.54 -22.97
N THR J 49 -30.03 -45.62 -22.48
CA THR J 49 -31.03 -45.52 -21.42
C THR J 49 -30.49 -44.74 -20.21
N ASN J 50 -29.17 -44.62 -20.15
CA ASN J 50 -28.54 -43.91 -19.02
C ASN J 50 -28.34 -42.41 -19.19
N GLU J 51 -29.26 -41.78 -19.90
CA GLU J 51 -29.22 -40.35 -20.11
C GLU J 51 -30.41 -39.75 -19.39
N PRO J 52 -30.21 -38.57 -18.77
CA PRO J 52 -31.19 -38.03 -17.83
C PRO J 52 -32.56 -37.71 -18.47
N PHE J 53 -32.59 -37.51 -19.78
CA PHE J 53 -33.84 -37.14 -20.44
C PHE J 53 -34.84 -38.28 -20.61
N PHE J 54 -34.37 -39.52 -20.61
CA PHE J 54 -35.21 -40.67 -20.92
C PHE J 54 -36.34 -40.93 -19.91
N ASN J 55 -36.10 -40.65 -18.64
CA ASN J 55 -37.11 -40.76 -17.61
C ASN J 55 -38.34 -39.90 -17.88
N GLY J 56 -38.12 -38.75 -18.51
CA GLY J 56 -39.20 -37.86 -18.85
C GLY J 56 -39.72 -37.91 -20.28
N HIS J 57 -39.21 -38.82 -21.11
CA HIS J 57 -39.58 -38.90 -22.54
C HIS J 57 -39.38 -40.30 -23.18
N PHE J 58 -40.21 -41.29 -22.84
CA PHE J 58 -41.27 -41.17 -21.86
C PHE J 58 -41.08 -42.30 -20.82
N PRO J 59 -41.79 -42.23 -19.66
CA PRO J 59 -41.75 -43.34 -18.71
C PRO J 59 -42.02 -44.72 -19.34
N GLN J 60 -43.01 -44.79 -20.22
CA GLN J 60 -43.48 -46.06 -20.76
C GLN J 60 -42.90 -46.34 -22.14
N LYS J 61 -42.28 -45.33 -22.73
CA LYS J 61 -41.60 -45.50 -24.02
C LYS J 61 -40.38 -44.57 -24.25
N GLN J 62 -39.17 -45.13 -24.12
CA GLN J 62 -37.93 -44.35 -24.21
C GLN J 62 -37.58 -43.95 -25.65
N ILE J 63 -37.89 -42.70 -25.99
CA ILE J 63 -37.69 -42.19 -27.36
C ILE J 63 -36.86 -40.92 -27.25
N MET J 64 -35.74 -40.84 -27.96
CA MET J 64 -34.92 -39.64 -27.88
C MET J 64 -35.64 -38.44 -28.51
N PRO J 65 -35.92 -37.39 -27.71
CA PRO J 65 -36.65 -36.23 -28.21
C PRO J 65 -36.12 -35.74 -29.55
N GLY J 66 -37.06 -35.48 -30.47
CA GLY J 66 -36.72 -34.92 -31.77
C GLY J 66 -35.92 -33.65 -31.62
N VAL J 67 -36.35 -32.79 -30.70
CA VAL J 67 -35.63 -31.53 -30.45
C VAL J 67 -34.15 -31.75 -30.07
N LEU J 68 -33.85 -32.84 -29.38
CA LEU J 68 -32.45 -33.07 -29.01
C LEU J 68 -31.58 -33.65 -30.14
N GLN J 69 -32.22 -34.22 -31.16
CA GLN J 69 -31.53 -34.61 -32.38
C GLN J 69 -31.13 -33.37 -33.18
N ILE J 70 -32.04 -32.40 -33.25
CA ILE J 70 -31.72 -31.08 -33.80
C ILE J 70 -30.49 -30.50 -33.11
N GLU J 71 -30.48 -30.54 -31.77
CA GLU J 71 -29.50 -29.85 -30.92
C GLU J 71 -28.12 -30.47 -31.10
N ALA J 72 -28.09 -31.80 -31.10
CA ALA J 72 -26.93 -32.58 -31.46
C ALA J 72 -26.40 -32.22 -32.87
N LEU J 73 -27.29 -32.03 -33.83
CA LEU J 73 -26.86 -31.59 -35.16
C LEU J 73 -26.38 -30.15 -35.18
N ALA J 74 -27.05 -29.29 -34.42
CA ALA J 74 -26.59 -27.93 -34.27
C ALA J 74 -25.18 -27.93 -33.70
N GLN J 75 -24.96 -28.66 -32.62
CA GLN J 75 -23.66 -28.66 -31.97
C GLN J 75 -22.52 -29.08 -32.91
N LEU J 76 -22.73 -30.19 -33.61
CA LEU J 76 -21.86 -30.63 -34.70
C LEU J 76 -21.66 -29.56 -35.77
N ALA J 77 -22.72 -28.87 -36.14
CA ALA J 77 -22.65 -27.80 -37.13
C ALA J 77 -21.72 -26.71 -36.63
N GLY J 78 -21.92 -26.32 -35.36
CA GLY J 78 -21.08 -25.33 -34.71
C GLY J 78 -19.63 -25.74 -34.58
N ILE J 79 -19.36 -27.02 -34.36
CA ILE J 79 -17.97 -27.46 -34.30
C ILE J 79 -17.30 -27.08 -35.61
N LEU J 80 -18.02 -27.30 -36.72
CA LEU J 80 -17.54 -26.96 -38.06
C LEU J 80 -17.36 -25.47 -38.16
N CYS J 81 -18.41 -24.72 -37.83
CA CYS J 81 -18.37 -23.26 -37.88
C CYS J 81 -17.12 -22.75 -37.19
N LEU J 82 -16.95 -23.14 -35.93
CA LEU J 82 -15.85 -22.65 -35.07
C LEU J 82 -14.47 -23.05 -35.58
N LYS J 83 -14.37 -24.18 -36.23
CA LYS J 83 -13.11 -24.62 -36.80
C LYS J 83 -12.86 -24.06 -38.20
N SER J 84 -13.93 -23.66 -38.89
CA SER J 84 -13.84 -23.14 -40.26
C SER J 84 -13.41 -21.68 -40.28
N ASP J 85 -13.81 -20.94 -39.26
CA ASP J 85 -13.46 -19.54 -39.09
C ASP J 85 -13.61 -19.20 -37.61
N ASP J 86 -12.50 -19.22 -36.89
CA ASP J 86 -12.48 -18.87 -35.46
C ASP J 86 -11.96 -17.45 -35.21
N SER J 87 -11.80 -16.66 -36.27
CA SER J 87 -11.35 -15.27 -36.14
C SER J 87 -12.23 -14.59 -35.09
N GLN J 88 -13.50 -15.01 -35.06
CA GLN J 88 -14.45 -14.62 -34.04
C GLN J 88 -14.31 -15.72 -32.98
N LYS J 89 -13.30 -15.54 -32.11
CA LYS J 89 -12.93 -16.51 -31.07
C LYS J 89 -13.97 -16.45 -29.95
N ASN J 90 -15.23 -16.58 -30.36
CA ASN J 90 -16.36 -16.58 -29.46
C ASN J 90 -17.20 -17.82 -29.74
N ASN J 91 -17.08 -18.82 -28.89
CA ASN J 91 -17.72 -20.11 -29.11
C ASN J 91 -19.24 -20.12 -28.84
N LEU J 92 -19.76 -18.97 -28.40
CA LEU J 92 -21.19 -18.82 -28.09
C LEU J 92 -22.02 -18.48 -29.34
N PHE J 93 -22.05 -19.40 -30.30
CA PHE J 93 -23.01 -19.34 -31.40
C PHE J 93 -24.41 -19.64 -30.86
N LEU J 94 -25.41 -18.91 -31.35
CA LEU J 94 -26.78 -19.13 -30.90
C LEU J 94 -27.69 -19.51 -32.06
N PHE J 95 -28.63 -20.42 -31.77
CA PHE J 95 -29.59 -20.89 -32.75
C PHE J 95 -30.54 -19.76 -33.13
N ALA J 96 -30.32 -19.19 -34.31
CA ALA J 96 -31.13 -18.08 -34.77
C ALA J 96 -32.43 -18.58 -35.39
N GLY J 97 -32.33 -19.72 -36.06
CA GLY J 97 -33.47 -20.38 -36.71
C GLY J 97 -33.17 -21.76 -37.26
N VAL J 98 -34.24 -22.53 -37.48
CA VAL J 98 -34.15 -23.86 -38.07
C VAL J 98 -35.37 -24.07 -39.01
N ASP J 99 -35.18 -24.91 -40.02
CA ASP J 99 -36.10 -24.92 -41.17
C ASP J 99 -36.11 -26.27 -41.89
N GLY J 100 -37.29 -26.76 -42.22
CA GLY J 100 -37.43 -28.02 -42.97
C GLY J 100 -36.85 -29.20 -42.22
N VAL J 101 -37.40 -29.45 -41.04
CA VAL J 101 -36.94 -30.53 -40.19
C VAL J 101 -37.88 -31.72 -40.34
N ARG J 102 -37.31 -32.89 -40.59
CA ARG J 102 -38.10 -34.10 -40.74
C ARG J 102 -37.55 -35.26 -39.91
N TRP J 103 -38.35 -35.73 -38.96
CA TRP J 103 -38.04 -36.95 -38.24
C TRP J 103 -38.74 -38.13 -38.94
N LYS J 104 -37.95 -39.11 -39.34
CA LYS J 104 -38.40 -40.22 -40.16
C LYS J 104 -38.66 -41.45 -39.31
N LYS J 105 -37.77 -41.68 -38.34
CA LYS J 105 -37.85 -42.82 -37.43
C LYS J 105 -37.53 -42.37 -36.01
N PRO J 106 -38.16 -43.02 -35.01
CA PRO J 106 -37.81 -42.80 -33.61
C PRO J 106 -36.41 -43.34 -33.35
N VAL J 107 -35.59 -42.53 -32.68
CA VAL J 107 -34.27 -42.94 -32.23
C VAL J 107 -34.44 -43.52 -30.81
N LEU J 108 -33.74 -44.63 -30.54
CA LEU J 108 -33.96 -45.43 -29.32
C LEU J 108 -32.68 -45.77 -28.55
N PRO J 109 -32.79 -46.09 -27.23
CA PRO J 109 -31.59 -46.41 -26.49
C PRO J 109 -30.92 -47.64 -27.06
N GLY J 110 -29.66 -47.52 -27.46
CA GLY J 110 -28.95 -48.62 -28.10
C GLY J 110 -28.53 -48.26 -29.52
N ASP J 111 -29.07 -47.16 -30.03
CA ASP J 111 -28.71 -46.66 -31.34
C ASP J 111 -27.36 -45.94 -31.26
N THR J 112 -26.66 -45.89 -32.39
CA THR J 112 -25.65 -44.85 -32.61
C THR J 112 -26.29 -43.86 -33.60
N LEU J 113 -26.51 -42.63 -33.13
CA LEU J 113 -26.90 -41.55 -34.03
C LEU J 113 -25.64 -41.01 -34.73
N THR J 114 -25.49 -41.35 -36.00
CA THR J 114 -24.44 -40.78 -36.82
C THR J 114 -25.00 -39.55 -37.51
N MET J 115 -24.30 -38.43 -37.36
CA MET J 115 -24.77 -37.18 -37.93
C MET J 115 -23.78 -36.61 -38.96
N GLN J 116 -24.33 -35.89 -39.93
CA GLN J 116 -23.50 -35.12 -40.84
C GLN J 116 -24.10 -33.74 -40.95
N ALA J 117 -23.23 -32.72 -40.96
CA ALA J 117 -23.64 -31.35 -41.19
C ALA J 117 -22.84 -30.72 -42.33
N ASN J 118 -23.51 -29.87 -43.12
CA ASN J 118 -22.90 -29.29 -44.32
C ASN J 118 -23.07 -27.78 -44.41
N LEU J 119 -21.95 -27.09 -44.53
CA LEU J 119 -21.98 -25.64 -44.62
C LEU J 119 -22.58 -25.22 -45.95
N ILE J 120 -23.67 -24.46 -45.87
CA ILE J 120 -24.31 -23.90 -47.04
C ILE J 120 -23.71 -22.53 -47.36
N SER J 121 -23.68 -21.64 -46.37
CA SER J 121 -23.11 -20.28 -46.51
C SER J 121 -22.64 -19.73 -45.16
N PHE J 122 -21.74 -18.74 -45.24
CA PHE J 122 -21.11 -18.09 -44.08
C PHE J 122 -20.87 -16.60 -44.39
N LYS J 123 -21.50 -15.72 -43.58
CA LYS J 123 -21.28 -14.26 -43.60
C LYS J 123 -20.22 -13.76 -44.58
N ILE J 128 -24.40 -14.66 -40.16
CA ILE J 128 -25.28 -15.76 -40.51
C ILE J 128 -24.60 -16.99 -41.10
N ALA J 129 -24.30 -17.98 -40.26
CA ALA J 129 -23.81 -19.26 -40.76
C ALA J 129 -25.01 -20.13 -41.06
N LYS J 130 -25.06 -20.67 -42.27
CA LYS J 130 -26.18 -21.52 -42.68
C LYS J 130 -25.68 -22.90 -43.06
N LEU J 131 -26.36 -23.92 -42.55
CA LEU J 131 -25.94 -25.31 -42.73
C LEU J 131 -27.15 -26.19 -42.91
N SER J 132 -26.93 -27.38 -43.46
CA SER J 132 -27.92 -28.43 -43.48
C SER J 132 -27.36 -29.62 -42.72
N GLY J 133 -28.24 -30.51 -42.28
CA GLY J 133 -27.83 -31.69 -41.54
C GLY J 133 -28.75 -32.89 -41.65
N VAL J 134 -28.14 -34.08 -41.60
CA VAL J 134 -28.86 -35.34 -41.64
C VAL J 134 -28.35 -36.21 -40.50
N GLY J 135 -29.23 -37.02 -39.92
CA GLY J 135 -28.81 -38.02 -38.95
C GLY J 135 -29.19 -39.43 -39.35
N TYR J 136 -28.24 -40.35 -39.25
CA TYR J 136 -28.49 -41.77 -39.58
C TYR J 136 -28.39 -42.65 -38.34
N VAL J 137 -29.20 -43.71 -38.36
CA VAL J 137 -29.06 -44.83 -37.44
C VAL J 137 -29.04 -46.09 -38.30
N ASN J 138 -27.89 -46.76 -38.32
CA ASN J 138 -27.70 -48.01 -39.05
C ASN J 138 -27.82 -47.82 -40.56
N GLY J 139 -27.29 -46.71 -41.05
CA GLY J 139 -27.39 -46.36 -42.46
C GLY J 139 -28.78 -45.97 -42.94
N LYS J 140 -29.66 -45.61 -42.01
CA LYS J 140 -31.04 -45.22 -42.35
C LYS J 140 -31.38 -43.84 -41.83
N VAL J 141 -31.87 -42.97 -42.72
CA VAL J 141 -32.24 -41.61 -42.37
C VAL J 141 -33.24 -41.61 -41.24
N VAL J 142 -32.90 -40.95 -40.16
CA VAL J 142 -33.85 -40.77 -39.08
C VAL J 142 -34.28 -39.30 -38.99
N ILE J 143 -33.37 -38.39 -39.34
CA ILE J 143 -33.67 -36.95 -39.28
C ILE J 143 -33.06 -36.11 -40.42
N ASN J 144 -33.88 -35.21 -40.95
CA ASN J 144 -33.43 -34.26 -41.94
C ASN J 144 -33.57 -32.85 -41.42
N ILE J 145 -32.58 -32.03 -41.73
CA ILE J 145 -32.69 -30.59 -41.58
C ILE J 145 -32.17 -29.94 -42.84
N SER J 146 -33.05 -29.19 -43.52
CA SER J 146 -32.65 -28.43 -44.69
C SER J 146 -31.77 -27.26 -44.28
N GLU J 147 -32.20 -26.50 -43.28
CA GLU J 147 -31.51 -25.27 -42.89
C GLU J 147 -31.46 -24.95 -41.38
N MET J 148 -30.23 -24.84 -40.88
CA MET J 148 -29.93 -24.30 -39.56
C MET J 148 -29.24 -22.95 -39.77
N THR J 149 -29.81 -21.89 -39.20
CA THR J 149 -29.22 -20.56 -39.29
C THR J 149 -28.63 -20.15 -37.91
N PHE J 150 -27.37 -19.70 -37.94
CA PHE J 150 -26.58 -19.38 -36.77
C PHE J 150 -26.03 -17.96 -36.78
N ALA J 151 -25.94 -17.37 -35.59
CA ALA J 151 -25.27 -16.08 -35.40
C ALA J 151 -24.82 -15.99 -33.95
N ASP K 8 -40.55 -49.90 20.59
CA ASP K 8 -41.23 -50.76 19.58
C ASP K 8 -40.31 -51.14 18.41
N THR K 9 -40.89 -51.70 17.36
CA THR K 9 -40.14 -52.00 16.15
C THR K 9 -39.87 -50.66 15.45
N SER K 10 -38.66 -50.53 14.91
CA SER K 10 -38.24 -49.36 14.16
C SER K 10 -38.92 -49.40 12.78
N ILE K 11 -38.63 -48.41 11.95
CA ILE K 11 -39.23 -48.35 10.61
C ILE K 11 -38.17 -48.23 9.53
N ASP K 12 -38.20 -49.21 8.62
CA ASP K 12 -37.35 -49.28 7.42
C ASP K 12 -37.82 -48.29 6.36
N ILE K 13 -36.92 -47.91 5.47
CA ILE K 13 -37.20 -46.99 4.38
C ILE K 13 -38.37 -47.41 3.47
N GLU K 14 -38.51 -48.72 3.20
CA GLU K 14 -39.64 -49.18 2.36
C GLU K 14 -40.96 -49.01 3.10
N ASP K 15 -40.91 -49.03 4.43
CA ASP K 15 -42.09 -48.75 5.26
C ASP K 15 -42.31 -47.26 5.50
N ILE K 16 -41.21 -46.52 5.57
CA ILE K 16 -41.23 -45.05 5.59
C ILE K 16 -41.91 -44.51 4.34
N LYS K 17 -41.51 -45.04 3.18
CA LYS K 17 -42.05 -44.61 1.90
C LYS K 17 -43.54 -44.90 1.75
N LYS K 18 -44.02 -45.89 2.52
CA LYS K 18 -45.42 -46.23 2.51
C LYS K 18 -46.25 -45.26 3.34
N ILE K 19 -45.63 -44.65 4.35
CA ILE K 19 -46.31 -43.69 5.23
C ILE K 19 -46.20 -42.30 4.62
N LEU K 20 -44.97 -41.91 4.24
CA LEU K 20 -44.70 -40.60 3.66
C LEU K 20 -44.82 -40.57 2.13
N PRO K 21 -45.43 -39.49 1.59
CA PRO K 21 -45.44 -39.33 0.14
C PRO K 21 -44.10 -38.82 -0.41
N HIS K 22 -43.27 -38.23 0.44
CA HIS K 22 -41.97 -37.68 0.03
C HIS K 22 -41.11 -38.72 -0.68
N ARG K 23 -40.51 -38.32 -1.81
CA ARG K 23 -39.55 -39.17 -2.51
C ARG K 23 -38.25 -38.43 -2.86
N TYR K 24 -37.31 -39.14 -3.48
CA TYR K 24 -36.09 -38.51 -3.98
C TYR K 24 -36.49 -37.36 -4.91
N PRO K 25 -35.82 -36.20 -4.79
CA PRO K 25 -34.71 -35.95 -3.88
C PRO K 25 -35.13 -35.28 -2.58
N PHE K 26 -36.34 -35.58 -2.09
CA PHE K 26 -36.84 -34.81 -0.95
C PHE K 26 -37.32 -35.65 0.25
N LEU K 27 -36.89 -36.90 0.29
CA LEU K 27 -37.15 -37.74 1.44
C LEU K 27 -35.93 -37.66 2.35
N LEU K 28 -36.16 -37.17 3.56
CA LEU K 28 -35.05 -36.84 4.43
C LEU K 28 -35.16 -37.54 5.75
N VAL K 29 -35.62 -38.78 5.71
CA VAL K 29 -35.67 -39.65 6.87
C VAL K 29 -35.26 -41.04 6.36
N ASP K 30 -34.08 -41.48 6.76
CA ASP K 30 -33.50 -42.77 6.35
C ASP K 30 -34.01 -43.93 7.21
N LYS K 31 -34.29 -43.64 8.48
CA LYS K 31 -34.70 -44.67 9.43
C LYS K 31 -35.36 -44.05 10.69
N VAL K 32 -36.50 -44.62 11.08
CA VAL K 32 -37.15 -44.30 12.35
C VAL K 32 -36.71 -45.38 13.32
N ILE K 33 -35.95 -45.02 14.34
CA ILE K 33 -35.46 -46.02 15.29
C ILE K 33 -36.46 -46.35 16.38
N TYR K 34 -37.31 -45.39 16.73
CA TYR K 34 -38.34 -45.58 17.75
C TYR K 34 -39.54 -44.66 17.53
N MET K 35 -40.73 -45.23 17.68
CA MET K 35 -41.94 -44.45 17.62
C MET K 35 -42.94 -44.81 18.71
N GLN K 36 -43.40 -43.78 19.42
CA GLN K 36 -44.47 -43.95 20.38
C GLN K 36 -45.62 -43.06 19.95
N PRO K 37 -46.74 -43.69 19.52
CA PRO K 37 -47.90 -42.94 19.01
C PRO K 37 -48.34 -41.82 19.93
N ASN K 38 -48.73 -40.70 19.32
CA ASN K 38 -49.30 -39.56 20.02
C ASN K 38 -48.34 -38.92 21.02
N LYS K 39 -47.09 -39.38 21.02
CA LYS K 39 -46.13 -38.96 22.03
C LYS K 39 -44.78 -38.49 21.45
N THR K 40 -44.05 -39.42 20.84
CA THR K 40 -42.68 -39.12 20.44
C THR K 40 -42.24 -39.99 19.28
N ILE K 41 -41.22 -39.51 18.57
CA ILE K 41 -40.58 -40.27 17.51
C ILE K 41 -39.07 -39.93 17.44
N ILE K 42 -38.23 -40.97 17.39
CA ILE K 42 -36.80 -40.81 17.18
C ILE K 42 -36.34 -41.51 15.88
N GLY K 43 -35.49 -40.84 15.12
CA GLY K 43 -35.05 -41.35 13.83
C GLY K 43 -33.73 -40.73 13.39
N LEU K 44 -33.26 -41.12 12.21
CA LEU K 44 -31.99 -40.62 11.72
C LEU K 44 -31.98 -40.37 10.22
N LYS K 45 -31.14 -39.42 9.83
CA LYS K 45 -30.84 -39.11 8.45
C LYS K 45 -29.32 -39.09 8.32
N GLN K 46 -28.81 -39.94 7.44
CA GLN K 46 -27.38 -40.03 7.20
C GLN K 46 -27.02 -38.99 6.15
N VAL K 47 -25.93 -38.28 6.40
CA VAL K 47 -25.56 -37.15 5.58
C VAL K 47 -24.26 -37.49 4.86
N SER K 48 -24.36 -37.68 3.55
CA SER K 48 -23.20 -38.05 2.73
C SER K 48 -22.94 -37.03 1.64
N THR K 49 -21.72 -37.08 1.13
CA THR K 49 -21.27 -36.16 0.10
C THR K 49 -22.04 -36.41 -1.20
N ASN K 50 -22.47 -37.66 -1.38
CA ASN K 50 -23.24 -38.10 -2.54
C ASN K 50 -24.75 -37.76 -2.49
N GLU K 51 -25.09 -36.60 -1.94
CA GLU K 51 -26.48 -36.11 -1.99
C GLU K 51 -26.56 -34.96 -2.97
N PRO K 52 -27.71 -34.82 -3.68
CA PRO K 52 -27.77 -33.83 -4.76
C PRO K 52 -27.65 -32.36 -4.36
N PHE K 53 -28.10 -31.98 -3.17
CA PHE K 53 -27.98 -30.57 -2.70
C PHE K 53 -26.55 -30.06 -2.42
N PHE K 54 -25.60 -30.97 -2.19
CA PHE K 54 -24.28 -30.57 -1.69
C PHE K 54 -23.41 -29.76 -2.64
N ASN K 55 -23.50 -30.06 -3.93
CA ASN K 55 -22.85 -29.29 -5.01
C ASN K 55 -23.18 -27.79 -4.98
N GLY K 56 -24.36 -27.44 -4.48
CA GLY K 56 -24.82 -26.05 -4.49
C GLY K 56 -24.75 -25.33 -3.15
N HIS K 57 -24.45 -26.07 -2.10
CA HIS K 57 -24.45 -25.53 -0.75
C HIS K 57 -23.35 -26.21 0.08
N PHE K 58 -22.08 -25.91 -0.16
CA PHE K 58 -21.58 -24.95 -1.16
C PHE K 58 -20.42 -25.59 -1.95
N PRO K 59 -20.10 -25.04 -3.15
CA PRO K 59 -18.92 -25.47 -3.94
C PRO K 59 -17.59 -25.70 -3.17
N GLN K 60 -17.22 -24.78 -2.31
CA GLN K 60 -15.92 -24.88 -1.63
C GLN K 60 -16.08 -25.48 -0.23
N LYS K 61 -17.31 -25.55 0.25
CA LYS K 61 -17.61 -26.04 1.58
C LYS K 61 -18.96 -26.77 1.56
N GLN K 62 -18.95 -28.04 1.98
CA GLN K 62 -20.18 -28.82 2.08
C GLN K 62 -20.85 -28.73 3.46
N ILE K 63 -21.96 -27.97 3.52
CA ILE K 63 -22.74 -27.78 4.73
C ILE K 63 -24.22 -28.14 4.51
N MET K 64 -24.72 -29.13 5.25
CA MET K 64 -26.16 -29.47 5.14
C MET K 64 -27.05 -28.27 5.48
N PRO K 65 -27.79 -27.76 4.47
CA PRO K 65 -28.65 -26.60 4.60
C PRO K 65 -29.50 -26.70 5.86
N GLY K 66 -29.44 -25.67 6.68
CA GLY K 66 -30.30 -25.53 7.85
C GLY K 66 -31.75 -25.86 7.57
N VAL K 67 -32.32 -25.27 6.52
CA VAL K 67 -33.71 -25.52 6.13
C VAL K 67 -34.02 -27.00 5.88
N LEU K 68 -33.00 -27.78 5.50
CA LEU K 68 -33.20 -29.19 5.15
C LEU K 68 -33.14 -30.07 6.39
N GLN K 69 -32.54 -29.52 7.44
CA GLN K 69 -32.64 -30.11 8.76
C GLN K 69 -34.03 -29.87 9.35
N ILE K 70 -34.63 -28.72 9.07
CA ILE K 70 -36.02 -28.51 9.48
C ILE K 70 -36.90 -29.55 8.78
N GLU K 71 -36.83 -29.58 7.46
CA GLU K 71 -37.53 -30.59 6.63
C GLU K 71 -37.46 -32.06 7.11
N ALA K 72 -36.28 -32.53 7.52
CA ALA K 72 -36.12 -33.91 8.08
C ALA K 72 -36.88 -34.18 9.40
N LEU K 73 -36.81 -33.26 10.36
CA LEU K 73 -37.60 -33.30 11.59
C LEU K 73 -39.11 -33.14 11.30
N ALA K 74 -39.42 -32.22 10.38
CA ALA K 74 -40.80 -32.04 9.93
C ALA K 74 -41.36 -33.33 9.31
N GLN K 75 -40.52 -34.03 8.56
CA GLN K 75 -40.95 -35.28 7.92
C GLN K 75 -41.15 -36.35 8.99
N LEU K 76 -40.27 -36.35 9.98
CA LEU K 76 -40.33 -37.29 11.09
C LEU K 76 -41.61 -37.06 11.89
N ALA K 77 -41.87 -35.80 12.23
CA ALA K 77 -43.11 -35.36 12.84
C ALA K 77 -44.32 -35.80 12.03
N GLY K 78 -44.17 -35.71 10.72
CA GLY K 78 -45.19 -36.10 9.75
C GLY K 78 -45.56 -37.57 9.91
N ILE K 79 -44.54 -38.42 9.86
CA ILE K 79 -44.67 -39.85 10.18
C ILE K 79 -45.48 -40.07 11.47
N LEU K 80 -45.07 -39.43 12.56
CA LEU K 80 -45.76 -39.58 13.83
C LEU K 80 -47.23 -39.24 13.69
N CYS K 81 -47.53 -38.03 13.23
CA CYS K 81 -48.93 -37.56 13.12
C CYS K 81 -49.81 -38.56 12.40
N LEU K 82 -49.21 -39.21 11.40
CA LEU K 82 -49.88 -40.15 10.51
C LEU K 82 -50.01 -41.54 11.12
N LYS K 83 -49.23 -41.82 12.16
CA LYS K 83 -49.33 -43.11 12.87
C LYS K 83 -50.05 -42.96 14.21
N SER K 84 -50.27 -41.70 14.60
CA SER K 84 -50.94 -41.34 15.85
C SER K 84 -52.44 -41.27 15.61
N ASP K 85 -52.80 -40.86 14.41
CA ASP K 85 -54.19 -40.78 13.96
C ASP K 85 -54.24 -40.71 12.45
N ASP K 86 -54.50 -41.87 11.82
CA ASP K 86 -54.62 -41.97 10.36
C ASP K 86 -56.07 -41.93 9.91
N SER K 87 -56.98 -41.67 10.85
CA SER K 87 -58.41 -41.62 10.54
C SER K 87 -58.63 -40.77 9.27
N GLN K 88 -57.76 -39.79 9.06
CA GLN K 88 -57.74 -38.97 7.84
C GLN K 88 -56.89 -39.62 6.74
N LYS K 89 -57.58 -40.23 5.76
CA LYS K 89 -56.92 -40.92 4.64
C LYS K 89 -56.21 -39.90 3.74
N ASN K 90 -55.16 -39.30 4.29
CA ASN K 90 -54.46 -38.19 3.65
C ASN K 90 -53.06 -38.05 4.25
N ASN K 91 -52.04 -38.46 3.49
CA ASN K 91 -50.64 -38.36 3.97
C ASN K 91 -49.97 -37.04 3.59
N LEU K 92 -50.64 -36.29 2.73
CA LEU K 92 -50.18 -34.98 2.28
C LEU K 92 -50.38 -33.89 3.35
N PHE K 93 -49.57 -33.94 4.41
CA PHE K 93 -49.58 -32.89 5.43
C PHE K 93 -48.74 -31.71 4.97
N LEU K 94 -49.12 -30.52 5.42
CA LEU K 94 -48.43 -29.30 4.99
C LEU K 94 -47.91 -28.48 6.16
N PHE K 95 -46.68 -28.00 6.02
CA PHE K 95 -46.07 -27.10 6.97
C PHE K 95 -46.89 -25.82 7.04
N ALA K 96 -47.51 -25.58 8.19
CA ALA K 96 -48.34 -24.40 8.39
C ALA K 96 -47.51 -23.28 8.99
N GLY K 97 -46.75 -23.60 10.03
CA GLY K 97 -45.87 -22.66 10.68
C GLY K 97 -44.73 -23.38 11.37
N VAL K 98 -43.62 -22.68 11.54
CA VAL K 98 -42.49 -23.16 12.34
C VAL K 98 -41.98 -21.97 13.15
N ASP K 99 -41.45 -22.25 14.34
CA ASP K 99 -41.18 -21.21 15.33
C ASP K 99 -40.00 -21.53 16.24
N GLY K 100 -39.16 -20.53 16.47
CA GLY K 100 -38.01 -20.67 17.38
C GLY K 100 -36.98 -21.68 16.95
N VAL K 101 -36.60 -21.60 15.68
CA VAL K 101 -35.60 -22.50 15.11
C VAL K 101 -34.19 -21.95 15.37
N ARG K 102 -33.30 -22.84 15.81
CA ARG K 102 -31.97 -22.51 16.23
C ARG K 102 -30.99 -23.57 15.75
N TRP K 103 -30.04 -23.14 14.93
CA TRP K 103 -28.94 -23.98 14.49
C TRP K 103 -27.72 -23.69 15.37
N LYS K 104 -27.19 -24.74 16.00
CA LYS K 104 -26.09 -24.61 16.95
C LYS K 104 -24.73 -24.89 16.32
N LYS K 105 -24.73 -25.73 15.30
CA LYS K 105 -23.52 -26.28 14.72
C LYS K 105 -23.82 -26.73 13.28
N PRO K 106 -22.82 -26.64 12.39
CA PRO K 106 -23.09 -27.13 11.05
C PRO K 106 -23.18 -28.68 10.99
N VAL K 107 -24.12 -29.20 10.19
CA VAL K 107 -24.12 -30.62 9.86
C VAL K 107 -23.31 -30.88 8.57
N LEU K 108 -22.32 -31.78 8.67
CA LEU K 108 -21.32 -32.00 7.61
C LEU K 108 -21.36 -33.43 7.02
N PRO K 109 -20.91 -33.62 5.76
CA PRO K 109 -20.87 -34.99 5.22
C PRO K 109 -20.11 -35.89 6.18
N GLY K 110 -20.57 -37.14 6.31
CA GLY K 110 -19.99 -38.06 7.26
C GLY K 110 -20.69 -38.11 8.61
N ASP K 111 -21.56 -37.13 8.89
CA ASP K 111 -22.34 -37.10 10.14
C ASP K 111 -23.60 -37.97 10.09
N THR K 112 -24.06 -38.42 11.26
CA THR K 112 -25.39 -39.01 11.37
C THR K 112 -26.27 -38.01 12.12
N LEU K 113 -27.33 -37.54 11.46
CA LEU K 113 -28.29 -36.68 12.12
C LEU K 113 -29.33 -37.54 12.83
N THR K 114 -29.23 -37.67 14.15
CA THR K 114 -30.27 -38.34 14.93
C THR K 114 -31.29 -37.28 15.34
N MET K 115 -32.57 -37.57 15.08
CA MET K 115 -33.63 -36.61 15.32
C MET K 115 -34.72 -37.12 16.23
N GLN K 116 -35.31 -36.19 16.98
CA GLN K 116 -36.45 -36.49 17.85
C GLN K 116 -37.53 -35.46 17.65
N ALA K 117 -38.77 -35.94 17.51
CA ALA K 117 -39.95 -35.09 17.45
C ALA K 117 -40.94 -35.49 18.50
N ASN K 118 -41.55 -34.49 19.14
CA ASN K 118 -42.55 -34.70 20.17
C ASN K 118 -43.86 -33.98 19.91
N LEU K 119 -44.96 -34.73 19.93
CA LEU K 119 -46.30 -34.15 19.83
C LEU K 119 -46.64 -33.23 21.01
N ILE K 120 -47.16 -32.04 20.70
CA ILE K 120 -47.62 -31.09 21.72
C ILE K 120 -49.15 -31.10 21.88
N SER K 121 -49.87 -31.00 20.75
CA SER K 121 -51.34 -31.09 20.70
C SER K 121 -51.82 -31.52 19.32
N PHE K 122 -53.07 -32.00 19.27
CA PHE K 122 -53.70 -32.53 18.04
C PHE K 122 -55.21 -32.23 18.06
N LYS K 123 -55.75 -31.82 16.91
CA LYS K 123 -57.19 -31.59 16.74
C LYS K 123 -58.02 -32.90 16.62
N GLY K 127 -57.21 -29.94 9.33
CA GLY K 127 -56.68 -30.52 10.57
C GLY K 127 -55.32 -29.98 10.95
N ILE K 128 -55.12 -29.73 12.26
CA ILE K 128 -53.90 -29.10 12.79
C ILE K 128 -53.11 -29.93 13.84
N ALA K 129 -51.78 -29.83 13.80
CA ALA K 129 -50.89 -30.60 14.68
C ALA K 129 -49.64 -29.81 15.09
N LYS K 130 -49.40 -29.74 16.41
CA LYS K 130 -48.25 -29.00 16.94
C LYS K 130 -47.19 -29.93 17.55
N LEU K 131 -45.92 -29.67 17.21
CA LEU K 131 -44.80 -30.49 17.65
C LEU K 131 -43.54 -29.67 17.90
N SER K 132 -42.62 -30.23 18.67
CA SER K 132 -41.30 -29.65 18.87
C SER K 132 -40.29 -30.66 18.38
N GLY K 133 -39.05 -30.24 18.16
CA GLY K 133 -38.04 -31.11 17.59
C GLY K 133 -36.60 -30.75 17.90
N VAL K 134 -35.75 -31.77 17.96
CA VAL K 134 -34.34 -31.62 18.26
C VAL K 134 -33.53 -32.58 17.39
N GLY K 135 -32.39 -32.12 16.91
CA GLY K 135 -31.47 -32.97 16.16
C GLY K 135 -30.10 -33.09 16.81
N TYR K 136 -29.54 -34.29 16.75
CA TYR K 136 -28.23 -34.57 17.37
C TYR K 136 -27.21 -35.11 16.41
N VAL K 137 -25.98 -34.62 16.53
CA VAL K 137 -24.83 -35.24 15.90
C VAL K 137 -23.83 -35.55 17.00
N ASN K 138 -23.50 -36.83 17.15
CA ASN K 138 -22.55 -37.28 18.19
C ASN K 138 -22.98 -36.94 19.64
N GLY K 139 -24.28 -36.92 19.91
CA GLY K 139 -24.76 -36.61 21.26
C GLY K 139 -24.77 -35.14 21.61
N LYS K 140 -24.56 -34.28 20.61
CA LYS K 140 -24.66 -32.85 20.82
C LYS K 140 -25.80 -32.28 19.95
N VAL K 141 -26.49 -31.28 20.48
CA VAL K 141 -27.56 -30.63 19.75
C VAL K 141 -27.00 -29.76 18.61
N VAL K 142 -27.53 -30.01 17.40
CA VAL K 142 -27.18 -29.21 16.22
C VAL K 142 -28.37 -28.36 15.75
N ILE K 143 -29.59 -28.85 15.95
CA ILE K 143 -30.80 -28.09 15.62
C ILE K 143 -31.87 -28.13 16.72
N ASN K 144 -32.40 -26.96 17.06
CA ASN K 144 -33.58 -26.85 17.91
C ASN K 144 -34.79 -26.29 17.16
N ILE K 145 -35.97 -26.86 17.42
CA ILE K 145 -37.24 -26.31 16.95
C ILE K 145 -38.30 -26.42 18.06
N SER K 146 -38.73 -25.27 18.57
CA SER K 146 -39.72 -25.22 19.64
C SER K 146 -41.12 -25.55 19.14
N GLU K 147 -41.51 -24.97 18.02
CA GLU K 147 -42.81 -25.29 17.44
C GLU K 147 -42.73 -25.57 15.95
N MET K 148 -43.31 -26.72 15.56
CA MET K 148 -43.68 -27.01 14.18
C MET K 148 -45.20 -27.17 14.14
N THR K 149 -45.83 -26.41 13.25
CA THR K 149 -47.28 -26.47 13.06
C THR K 149 -47.55 -27.15 11.72
N PHE K 150 -48.49 -28.11 11.72
CA PHE K 150 -48.85 -28.83 10.50
C PHE K 150 -50.33 -28.87 10.24
N ALA K 151 -50.66 -28.92 8.95
CA ALA K 151 -52.03 -29.00 8.51
C ALA K 151 -52.20 -30.20 7.56
N LEU K 152 -53.18 -31.04 7.85
CA LEU K 152 -53.62 -32.12 6.95
C LEU K 152 -53.34 -31.80 5.47
N ASP L 8 -33.97 0.49 -7.62
CA ASP L 8 -34.32 0.02 -9.00
C ASP L 8 -33.15 -0.65 -9.71
N THR L 9 -32.67 -1.72 -9.08
CA THR L 9 -31.52 -2.46 -9.54
C THR L 9 -31.98 -3.88 -9.90
N SER L 10 -32.49 -4.04 -11.12
CA SER L 10 -32.89 -5.36 -11.61
C SER L 10 -31.65 -6.23 -11.88
N ILE L 11 -31.19 -6.91 -10.84
CA ILE L 11 -30.04 -7.82 -10.91
C ILE L 11 -30.40 -9.09 -11.70
N ASP L 12 -29.46 -9.52 -12.55
CA ASP L 12 -29.67 -10.72 -13.36
C ASP L 12 -28.95 -11.93 -12.73
N ILE L 13 -29.27 -13.12 -13.24
CA ILE L 13 -28.83 -14.38 -12.64
C ILE L 13 -27.30 -14.54 -12.56
N GLU L 14 -26.60 -13.93 -13.51
CA GLU L 14 -25.15 -13.93 -13.56
C GLU L 14 -24.57 -13.06 -12.45
N ASP L 15 -25.29 -11.98 -12.13
CA ASP L 15 -24.89 -11.03 -11.09
C ASP L 15 -25.19 -11.53 -9.69
N ILE L 16 -26.34 -12.18 -9.53
CA ILE L 16 -26.66 -12.94 -8.31
C ILE L 16 -25.58 -13.97 -7.98
N LYS L 17 -25.13 -14.69 -9.01
CA LYS L 17 -24.05 -15.67 -8.85
C LYS L 17 -22.70 -15.06 -8.40
N LYS L 18 -22.46 -13.79 -8.74
CA LYS L 18 -21.29 -13.08 -8.23
C LYS L 18 -21.42 -12.63 -6.76
N ILE L 19 -22.66 -12.55 -6.27
CA ILE L 19 -22.89 -12.14 -4.88
C ILE L 19 -22.99 -13.35 -3.96
N LEU L 20 -23.90 -14.27 -4.28
CA LEU L 20 -24.09 -15.51 -3.52
C LEU L 20 -23.17 -16.64 -3.95
N PRO L 21 -22.85 -17.55 -3.02
CA PRO L 21 -22.09 -18.77 -3.34
C PRO L 21 -22.96 -19.96 -3.72
N HIS L 22 -24.27 -19.85 -3.45
CA HIS L 22 -25.26 -20.89 -3.72
C HIS L 22 -25.29 -21.23 -5.19
N ARG L 23 -25.40 -22.53 -5.48
CA ARG L 23 -25.44 -23.05 -6.86
C ARG L 23 -26.54 -24.08 -7.02
N TYR L 24 -26.79 -24.54 -8.24
CA TYR L 24 -27.75 -25.63 -8.48
C TYR L 24 -27.36 -26.91 -7.75
N PRO L 25 -28.34 -27.60 -7.15
CA PRO L 25 -29.76 -27.34 -7.11
C PRO L 25 -30.30 -26.54 -5.94
N PHE L 26 -29.47 -25.67 -5.38
CA PHE L 26 -29.89 -24.92 -4.21
C PHE L 26 -29.89 -23.38 -4.32
N LEU L 27 -29.86 -22.86 -5.55
CA LEU L 27 -29.91 -21.41 -5.74
C LEU L 27 -31.33 -21.01 -6.10
N LEU L 28 -31.96 -20.22 -5.24
CA LEU L 28 -33.40 -20.01 -5.31
C LEU L 28 -33.85 -18.54 -5.39
N VAL L 29 -33.00 -17.71 -5.99
CA VAL L 29 -33.41 -16.37 -6.36
C VAL L 29 -33.15 -16.28 -7.85
N ASP L 30 -34.18 -16.10 -8.66
CA ASP L 30 -33.98 -16.02 -10.10
C ASP L 30 -33.69 -14.59 -10.54
N LYS L 31 -34.14 -13.63 -9.73
CA LYS L 31 -34.00 -12.20 -10.02
C LYS L 31 -34.20 -11.26 -8.82
N VAL L 32 -33.42 -10.19 -8.79
CA VAL L 32 -33.66 -9.07 -7.89
C VAL L 32 -34.24 -7.94 -8.75
N ILE L 33 -35.40 -7.40 -8.37
CA ILE L 33 -36.02 -6.30 -9.12
C ILE L 33 -35.76 -4.91 -8.49
N TYR L 34 -35.69 -4.86 -7.16
CA TYR L 34 -35.48 -3.61 -6.42
C TYR L 34 -34.68 -3.85 -5.15
N MET L 35 -33.59 -3.10 -5.00
CA MET L 35 -32.76 -3.20 -3.81
C MET L 35 -32.42 -1.79 -3.33
N GLN L 36 -32.37 -1.64 -2.01
CA GLN L 36 -32.00 -0.40 -1.38
C GLN L 36 -31.16 -0.73 -0.17
N PRO L 37 -29.83 -0.55 -0.29
CA PRO L 37 -28.88 -1.08 0.70
C PRO L 37 -29.26 -0.72 2.13
N ASN L 38 -28.94 -1.63 3.05
CA ASN L 38 -29.18 -1.46 4.48
C ASN L 38 -30.66 -1.28 4.82
N LYS L 39 -31.52 -1.36 3.81
CA LYS L 39 -32.94 -1.14 4.04
C LYS L 39 -33.86 -2.31 3.65
N THR L 40 -33.92 -2.63 2.35
CA THR L 40 -35.00 -3.49 1.81
C THR L 40 -34.70 -4.10 0.44
N ILE L 41 -35.08 -5.38 0.24
CA ILE L 41 -34.83 -6.04 -1.04
C ILE L 41 -36.04 -6.81 -1.57
N ILE L 42 -36.30 -6.62 -2.87
CA ILE L 42 -37.39 -7.29 -3.52
C ILE L 42 -36.82 -8.16 -4.65
N GLY L 43 -37.35 -9.38 -4.74
CA GLY L 43 -36.91 -10.32 -5.76
C GLY L 43 -37.98 -11.31 -6.15
N LEU L 44 -37.62 -12.16 -7.11
CA LEU L 44 -38.50 -13.25 -7.49
C LEU L 44 -37.85 -14.63 -7.69
N LYS L 45 -38.65 -15.65 -7.40
CA LYS L 45 -38.34 -17.02 -7.70
C LYS L 45 -39.48 -17.60 -8.51
N GLN L 46 -39.19 -17.98 -9.75
CA GLN L 46 -40.17 -18.57 -10.69
C GLN L 46 -40.30 -20.07 -10.46
N VAL L 47 -41.54 -20.51 -10.26
CA VAL L 47 -41.80 -21.89 -9.81
C VAL L 47 -42.24 -22.73 -11.00
N SER L 48 -41.47 -23.77 -11.30
CA SER L 48 -41.67 -24.62 -12.46
C SER L 48 -41.65 -26.10 -12.09
N THR L 49 -42.42 -26.87 -12.84
CA THR L 49 -42.53 -28.31 -12.64
C THR L 49 -41.21 -28.97 -12.96
N ASN L 50 -40.40 -28.29 -13.76
CA ASN L 50 -39.10 -28.78 -14.20
C ASN L 50 -37.97 -28.46 -13.22
N GLU L 51 -38.29 -28.44 -11.93
CA GLU L 51 -37.27 -28.29 -10.89
C GLU L 51 -37.08 -29.65 -10.21
N PRO L 52 -35.87 -29.94 -9.71
CA PRO L 52 -35.62 -31.30 -9.21
C PRO L 52 -36.46 -31.73 -8.01
N PHE L 53 -36.76 -30.77 -7.13
CA PHE L 53 -37.46 -31.09 -5.88
C PHE L 53 -38.95 -31.51 -6.02
N PHE L 54 -39.56 -31.29 -7.19
CA PHE L 54 -40.99 -31.61 -7.37
C PHE L 54 -41.33 -33.09 -7.53
N ASN L 55 -40.37 -33.89 -7.98
CA ASN L 55 -40.57 -35.33 -8.05
C ASN L 55 -40.76 -35.95 -6.68
N GLY L 56 -40.04 -35.43 -5.70
CA GLY L 56 -40.18 -35.93 -4.36
C GLY L 56 -41.12 -35.15 -3.47
N HIS L 57 -41.74 -34.09 -3.96
CA HIS L 57 -42.59 -33.30 -3.08
C HIS L 57 -43.77 -32.64 -3.79
N PHE L 58 -44.77 -33.41 -4.20
CA PHE L 58 -44.91 -34.84 -3.96
C PHE L 58 -45.23 -35.51 -5.29
N PRO L 59 -45.00 -36.83 -5.41
CA PRO L 59 -45.31 -37.54 -6.66
C PRO L 59 -46.73 -37.31 -7.23
N GLN L 60 -47.76 -37.18 -6.40
CA GLN L 60 -49.14 -36.97 -6.87
C GLN L 60 -49.64 -35.53 -6.70
N LYS L 61 -48.88 -34.67 -6.05
CA LYS L 61 -49.27 -33.28 -5.89
C LYS L 61 -48.02 -32.47 -5.67
N GLN L 62 -47.75 -31.56 -6.60
CA GLN L 62 -46.49 -30.82 -6.62
C GLN L 62 -46.65 -29.49 -5.92
N ILE L 63 -46.17 -29.44 -4.68
CA ILE L 63 -46.30 -28.28 -3.78
C ILE L 63 -44.89 -27.86 -3.39
N MET L 64 -44.52 -26.61 -3.63
CA MET L 64 -43.17 -26.15 -3.25
C MET L 64 -42.93 -26.28 -1.74
N PRO L 65 -41.87 -26.99 -1.35
CA PRO L 65 -41.60 -27.17 0.08
C PRO L 65 -41.55 -25.84 0.81
N GLY L 66 -42.15 -25.82 1.99
CA GLY L 66 -42.22 -24.61 2.83
C GLY L 66 -40.84 -24.16 3.23
N VAL L 67 -39.96 -25.12 3.47
CA VAL L 67 -38.59 -24.81 3.85
C VAL L 67 -37.85 -24.15 2.70
N LEU L 68 -38.16 -24.58 1.48
CA LEU L 68 -37.52 -24.02 0.29
C LEU L 68 -37.98 -22.59 0.04
N GLN L 69 -39.18 -22.27 0.52
CA GLN L 69 -39.66 -20.90 0.59
C GLN L 69 -38.85 -20.01 1.55
N ILE L 70 -38.43 -20.56 2.69
CA ILE L 70 -37.62 -19.81 3.64
C ILE L 70 -36.28 -19.53 2.96
N GLU L 71 -35.62 -20.60 2.51
CA GLU L 71 -34.31 -20.53 1.85
C GLU L 71 -34.24 -19.47 0.75
N ALA L 72 -35.32 -19.37 -0.03
CA ALA L 72 -35.41 -18.39 -1.09
C ALA L 72 -35.44 -16.95 -0.53
N LEU L 73 -36.14 -16.75 0.57
CA LEU L 73 -36.13 -15.44 1.25
C LEU L 73 -34.83 -15.21 2.00
N ALA L 74 -34.24 -16.29 2.53
CA ALA L 74 -32.92 -16.21 3.19
C ALA L 74 -31.84 -15.76 2.22
N GLN L 75 -31.91 -16.28 1.00
CA GLN L 75 -30.91 -16.00 -0.02
C GLN L 75 -31.02 -14.56 -0.54
N LEU L 76 -32.25 -14.09 -0.68
CA LEU L 76 -32.52 -12.70 -1.00
C LEU L 76 -32.01 -11.79 0.11
N ALA L 77 -32.34 -12.15 1.35
CA ALA L 77 -31.88 -11.45 2.55
C ALA L 77 -30.37 -11.35 2.57
N GLY L 78 -29.70 -12.46 2.25
CA GLY L 78 -28.24 -12.50 2.09
C GLY L 78 -27.79 -11.43 1.11
N ILE L 79 -28.39 -11.40 -0.07
CA ILE L 79 -27.99 -10.41 -1.10
C ILE L 79 -27.92 -9.00 -0.53
N LEU L 80 -28.96 -8.61 0.23
CA LEU L 80 -29.00 -7.30 0.89
C LEU L 80 -27.84 -7.13 1.88
N CYS L 81 -27.65 -8.10 2.77
CA CYS L 81 -26.52 -8.11 3.70
C CYS L 81 -25.20 -7.84 2.98
N LEU L 82 -24.91 -8.68 1.98
CA LEU L 82 -23.65 -8.65 1.25
C LEU L 82 -23.43 -7.42 0.38
N LYS L 83 -24.51 -6.71 0.04
CA LYS L 83 -24.41 -5.48 -0.75
C LYS L 83 -24.58 -4.22 0.10
N SER L 84 -25.13 -4.38 1.30
CA SER L 84 -25.25 -3.29 2.28
C SER L 84 -23.90 -3.06 2.95
N ASP L 85 -23.22 -4.16 3.26
CA ASP L 85 -21.91 -4.12 3.89
C ASP L 85 -21.10 -5.34 3.44
N ASP L 86 -20.22 -5.14 2.47
CA ASP L 86 -19.35 -6.23 2.02
C ASP L 86 -17.94 -6.14 2.62
N SER L 87 -17.75 -5.25 3.60
CA SER L 87 -16.43 -4.99 4.19
C SER L 87 -15.71 -6.26 4.65
N GLN L 88 -16.43 -7.16 5.34
CA GLN L 88 -15.89 -8.48 5.67
C GLN L 88 -15.93 -9.25 4.35
N LYS L 89 -14.75 -9.73 3.95
CA LYS L 89 -14.49 -10.35 2.64
C LYS L 89 -14.92 -11.84 2.60
N ASN L 90 -16.23 -12.08 2.77
CA ASN L 90 -16.79 -13.42 2.95
C ASN L 90 -18.27 -13.47 2.52
N ASN L 91 -18.60 -14.38 1.61
CA ASN L 91 -19.97 -14.48 1.09
C ASN L 91 -20.77 -15.64 1.71
N LEU L 92 -20.14 -16.38 2.61
CA LEU L 92 -20.74 -17.56 3.22
C LEU L 92 -21.60 -17.24 4.44
N PHE L 93 -22.88 -16.95 4.22
CA PHE L 93 -23.85 -16.74 5.30
C PHE L 93 -24.54 -18.06 5.64
N LEU L 94 -24.53 -18.38 6.92
CA LEU L 94 -25.18 -19.58 7.42
C LEU L 94 -26.29 -19.19 8.39
N PHE L 95 -27.41 -19.91 8.30
CA PHE L 95 -28.61 -19.65 9.07
C PHE L 95 -28.40 -19.88 10.57
N ALA L 96 -28.39 -18.81 11.37
CA ALA L 96 -28.28 -18.95 12.82
C ALA L 96 -29.63 -19.28 13.47
N GLY L 97 -30.64 -18.50 13.13
CA GLY L 97 -31.99 -18.72 13.61
C GLY L 97 -33.08 -18.13 12.73
N VAL L 98 -34.23 -18.77 12.72
CA VAL L 98 -35.43 -18.21 12.12
C VAL L 98 -36.54 -18.26 13.17
N ASP L 99 -37.53 -17.39 13.02
CA ASP L 99 -38.58 -17.24 14.01
C ASP L 99 -39.89 -16.73 13.38
N GLY L 100 -41.02 -17.15 13.97
CA GLY L 100 -42.34 -16.72 13.56
C GLY L 100 -42.66 -16.86 12.08
N VAL L 101 -42.45 -18.07 11.55
CA VAL L 101 -42.63 -18.37 10.12
C VAL L 101 -44.01 -18.94 9.89
N ARG L 102 -44.77 -18.29 8.99
CA ARG L 102 -46.13 -18.74 8.67
C ARG L 102 -46.31 -19.00 7.17
N TRP L 103 -46.88 -20.16 6.86
CA TRP L 103 -47.22 -20.49 5.48
C TRP L 103 -48.73 -20.35 5.29
N LYS L 104 -49.13 -19.39 4.46
CA LYS L 104 -50.54 -19.11 4.26
C LYS L 104 -51.15 -19.96 3.16
N LYS L 105 -50.41 -20.14 2.07
CA LYS L 105 -50.93 -20.73 0.85
C LYS L 105 -49.87 -21.57 0.17
N PRO L 106 -50.26 -22.75 -0.37
CA PRO L 106 -49.40 -23.55 -1.21
C PRO L 106 -48.88 -22.83 -2.46
N VAL L 107 -47.57 -22.91 -2.68
CA VAL L 107 -46.95 -22.41 -3.90
C VAL L 107 -46.86 -23.56 -4.90
N LEU L 108 -47.28 -23.32 -6.13
CA LEU L 108 -47.46 -24.39 -7.11
C LEU L 108 -46.67 -24.12 -8.42
N PRO L 109 -46.37 -25.19 -9.20
CA PRO L 109 -45.71 -24.95 -10.49
C PRO L 109 -46.53 -23.97 -11.31
N GLY L 110 -45.86 -22.96 -11.85
CA GLY L 110 -46.50 -21.96 -12.68
C GLY L 110 -46.59 -20.63 -11.96
N ASP L 111 -46.37 -20.66 -10.66
CA ASP L 111 -46.40 -19.44 -9.85
C ASP L 111 -45.13 -18.61 -9.95
N THR L 112 -45.26 -17.32 -9.70
CA THR L 112 -44.12 -16.43 -9.46
C THR L 112 -44.16 -16.07 -7.98
N LEU L 113 -43.12 -16.47 -7.25
CA LEU L 113 -43.02 -16.14 -5.82
C LEU L 113 -42.28 -14.83 -5.69
N THR L 114 -43.02 -13.79 -5.31
CA THR L 114 -42.40 -12.47 -5.15
C THR L 114 -41.98 -12.38 -3.69
N MET L 115 -40.74 -11.96 -3.47
CA MET L 115 -40.18 -12.01 -2.13
C MET L 115 -39.54 -10.71 -1.76
N GLN L 116 -39.86 -10.25 -0.55
CA GLN L 116 -39.26 -9.03 -0.02
C GLN L 116 -38.64 -9.28 1.35
N ALA L 117 -37.41 -8.80 1.53
CA ALA L 117 -36.70 -8.93 2.79
C ALA L 117 -36.31 -7.57 3.39
N ASN L 118 -36.47 -7.43 4.71
CA ASN L 118 -36.26 -6.15 5.39
C ASN L 118 -35.22 -6.23 6.48
N LEU L 119 -34.16 -5.43 6.34
CA LEU L 119 -33.10 -5.42 7.33
C LEU L 119 -33.55 -4.74 8.63
N ILE L 120 -33.38 -5.46 9.74
CA ILE L 120 -33.84 -5.02 11.04
C ILE L 120 -32.65 -4.44 11.82
N SER L 121 -31.59 -5.23 11.95
CA SER L 121 -30.35 -4.78 12.60
C SER L 121 -29.12 -5.48 12.00
N PHE L 122 -27.98 -4.82 12.11
CA PHE L 122 -26.72 -5.37 11.66
C PHE L 122 -25.69 -5.13 12.76
N LYS L 123 -25.18 -6.22 13.31
CA LYS L 123 -24.11 -6.19 14.30
C LYS L 123 -22.80 -6.66 13.67
N SER L 124 -22.05 -5.73 13.09
CA SER L 124 -20.66 -5.98 12.62
C SER L 124 -19.78 -6.71 13.63
N SER L 125 -20.12 -6.52 14.91
CA SER L 125 -19.39 -7.04 16.08
C SER L 125 -19.13 -8.55 16.03
N LEU L 126 -20.21 -9.34 16.11
CA LEU L 126 -20.11 -10.80 16.15
C LEU L 126 -20.56 -11.43 14.84
N GLY L 127 -20.77 -10.61 13.80
CA GLY L 127 -21.23 -11.08 12.49
C GLY L 127 -22.70 -11.51 12.41
N ILE L 128 -23.57 -10.82 13.14
CA ILE L 128 -24.99 -11.20 13.18
C ILE L 128 -25.92 -10.18 12.52
N ALA L 129 -26.58 -10.62 11.45
CA ALA L 129 -27.59 -9.81 10.77
C ALA L 129 -28.97 -10.40 11.01
N LYS L 130 -29.95 -9.54 11.26
CA LYS L 130 -31.34 -9.97 11.48
C LYS L 130 -32.24 -9.30 10.46
N LEU L 131 -33.12 -10.10 9.85
CA LEU L 131 -34.04 -9.62 8.81
C LEU L 131 -35.46 -10.17 8.96
N SER L 132 -36.45 -9.43 8.44
CA SER L 132 -37.80 -9.98 8.25
C SER L 132 -38.07 -10.14 6.75
N GLY L 133 -39.02 -11.02 6.43
CA GLY L 133 -39.35 -11.34 5.04
C GLY L 133 -40.79 -11.80 4.87
N VAL L 134 -41.34 -11.49 3.70
CA VAL L 134 -42.65 -11.96 3.26
C VAL L 134 -42.52 -12.42 1.79
N GLY L 135 -43.30 -13.43 1.41
CA GLY L 135 -43.36 -13.93 0.05
C GLY L 135 -44.78 -13.91 -0.45
N TYR L 136 -44.95 -13.55 -1.73
CA TYR L 136 -46.26 -13.36 -2.35
C TYR L 136 -46.42 -14.17 -3.63
N VAL L 137 -47.64 -14.66 -3.85
CA VAL L 137 -48.09 -15.18 -5.15
C VAL L 137 -49.33 -14.39 -5.50
N ASN L 138 -49.26 -13.61 -6.57
CA ASN L 138 -50.43 -12.85 -7.07
C ASN L 138 -50.93 -11.78 -6.11
N GLY L 139 -50.00 -11.04 -5.52
CA GLY L 139 -50.29 -9.94 -4.61
C GLY L 139 -50.86 -10.40 -3.28
N LYS L 140 -50.80 -11.71 -3.04
CA LYS L 140 -51.30 -12.32 -1.81
C LYS L 140 -50.19 -13.05 -1.01
N VAL L 141 -50.10 -12.73 0.27
CA VAL L 141 -49.17 -13.35 1.21
C VAL L 141 -49.28 -14.88 1.24
N VAL L 142 -48.18 -15.56 0.92
CA VAL L 142 -48.09 -17.03 1.02
C VAL L 142 -47.17 -17.49 2.14
N ILE L 143 -46.13 -16.72 2.42
CA ILE L 143 -45.24 -17.00 3.54
C ILE L 143 -44.90 -15.71 4.30
N ASN L 144 -44.87 -15.81 5.63
CA ASN L 144 -44.43 -14.76 6.52
C ASN L 144 -43.25 -15.20 7.37
N ILE L 145 -42.25 -14.33 7.49
CA ILE L 145 -41.14 -14.56 8.42
C ILE L 145 -40.89 -13.29 9.22
N SER L 146 -41.14 -13.38 10.53
CA SER L 146 -40.88 -12.25 11.45
C SER L 146 -39.39 -11.96 11.55
N GLU L 147 -38.59 -12.98 11.88
CA GLU L 147 -37.15 -12.80 12.03
C GLU L 147 -36.28 -13.95 11.47
N MET L 148 -35.35 -13.58 10.60
CA MET L 148 -34.28 -14.47 10.16
C MET L 148 -32.95 -13.95 10.71
N THR L 149 -32.15 -14.84 11.28
CA THR L 149 -30.89 -14.44 11.88
C THR L 149 -29.75 -15.20 11.23
N PHE L 150 -28.70 -14.47 10.81
CA PHE L 150 -27.58 -15.09 10.12
C PHE L 150 -26.22 -14.80 10.77
N ALA L 151 -25.47 -15.87 11.01
CA ALA L 151 -24.08 -15.77 11.45
C ALA L 151 -23.14 -15.93 10.25
N LEU L 152 -22.05 -15.17 10.26
CA LEU L 152 -21.08 -15.19 9.18
C LEU L 152 -20.10 -16.35 9.35
N SER L 153 -19.74 -17.00 8.24
CA SER L 153 -18.63 -17.97 8.20
C SER L 153 -17.35 -17.33 7.64
N ASP M 8 30.60 -44.65 4.30
CA ASP M 8 30.52 -43.99 2.96
C ASP M 8 30.46 -42.47 3.10
N THR M 9 29.30 -41.99 3.53
CA THR M 9 28.95 -40.56 3.71
C THR M 9 29.23 -39.62 2.55
N SER M 10 28.96 -40.09 1.33
CA SER M 10 28.98 -39.23 0.15
C SER M 10 27.58 -38.71 -0.18
N ILE M 11 27.53 -37.56 -0.84
CA ILE M 11 26.28 -37.04 -1.41
C ILE M 11 26.48 -36.70 -2.90
N ASP M 12 25.65 -37.29 -3.76
CA ASP M 12 25.71 -36.97 -5.18
C ASP M 12 24.79 -35.79 -5.52
N ILE M 13 24.74 -35.41 -6.80
CA ILE M 13 24.02 -34.23 -7.29
C ILE M 13 22.48 -34.17 -7.13
N GLU M 14 21.83 -35.28 -6.81
CA GLU M 14 20.38 -35.26 -6.61
C GLU M 14 20.01 -34.95 -5.15
N ASP M 15 20.83 -35.46 -4.23
CA ASP M 15 20.59 -35.27 -2.80
C ASP M 15 21.00 -33.87 -2.38
N ILE M 16 22.05 -33.36 -3.02
CA ILE M 16 22.54 -32.01 -2.78
C ILE M 16 21.39 -31.06 -3.09
N LYS M 17 20.63 -31.41 -4.11
CA LYS M 17 19.44 -30.63 -4.52
C LYS M 17 18.23 -30.67 -3.57
N LYS M 18 18.17 -31.67 -2.67
CA LYS M 18 17.14 -31.68 -1.61
C LYS M 18 17.60 -30.96 -0.33
N ILE M 19 18.91 -30.73 -0.22
CA ILE M 19 19.44 -29.91 0.86
C ILE M 19 19.46 -28.46 0.38
N LEU M 20 20.15 -28.20 -0.72
CA LEU M 20 20.27 -26.83 -1.19
C LEU M 20 19.06 -26.39 -2.02
N PRO M 21 18.76 -25.08 -2.01
CA PRO M 21 17.76 -24.54 -2.93
C PRO M 21 18.38 -24.10 -4.26
N HIS M 22 19.72 -24.03 -4.30
CA HIS M 22 20.45 -23.49 -5.44
C HIS M 22 20.25 -24.41 -6.64
N ARG M 23 20.26 -23.82 -7.82
CA ARG M 23 20.04 -24.52 -9.09
C ARG M 23 20.87 -23.82 -10.16
N TYR M 24 20.75 -24.29 -11.40
CA TYR M 24 21.46 -23.72 -12.53
C TYR M 24 20.98 -22.31 -12.82
N PRO M 25 21.93 -21.35 -13.02
CA PRO M 25 23.37 -21.60 -13.09
C PRO M 25 24.10 -21.13 -11.85
N PHE M 26 23.60 -21.50 -10.68
CA PHE M 26 24.24 -21.10 -9.42
C PHE M 26 24.30 -22.21 -8.36
N LEU M 27 24.36 -23.47 -8.81
CA LEU M 27 24.76 -24.56 -7.94
C LEU M 27 26.22 -24.94 -8.25
N LEU M 28 27.04 -25.02 -7.21
CA LEU M 28 28.49 -25.05 -7.39
C LEU M 28 29.20 -26.15 -6.59
N VAL M 29 28.39 -27.06 -6.03
CA VAL M 29 28.92 -28.23 -5.36
C VAL M 29 28.44 -29.39 -6.21
N ASP M 30 29.34 -30.08 -6.90
CA ASP M 30 28.95 -31.21 -7.74
C ASP M 30 28.79 -32.48 -6.88
N LYS M 31 29.67 -32.62 -5.89
CA LYS M 31 29.73 -33.82 -5.05
C LYS M 31 30.20 -33.50 -3.64
N VAL M 32 29.63 -34.19 -2.65
CA VAL M 32 30.23 -34.22 -1.31
C VAL M 32 30.88 -35.58 -1.14
N ILE M 33 32.19 -35.58 -0.85
CA ILE M 33 32.91 -36.84 -0.56
C ILE M 33 32.98 -37.23 0.93
N TYR M 34 32.97 -36.25 1.83
CA TYR M 34 33.03 -36.49 3.29
C TYR M 34 32.21 -35.42 4.02
N MET M 35 31.45 -35.85 5.03
CA MET M 35 30.72 -34.92 5.88
C MET M 35 30.54 -35.46 7.28
N GLN M 36 30.91 -34.67 8.28
CA GLN M 36 30.63 -35.04 9.65
C GLN M 36 29.86 -33.90 10.33
N PRO M 37 28.63 -34.18 10.78
CA PRO M 37 27.73 -33.11 11.24
C PRO M 37 28.37 -32.26 12.33
N ASN M 38 28.12 -30.95 12.27
CA ASN M 38 28.59 -30.01 13.30
C ASN M 38 30.10 -29.81 13.35
N LYS M 39 30.80 -30.40 12.41
CA LYS M 39 32.26 -30.36 12.47
C LYS M 39 32.87 -29.98 11.14
N THR M 40 32.75 -30.86 10.14
CA THR M 40 33.41 -30.61 8.85
C THR M 40 32.65 -31.19 7.66
N ILE M 41 33.08 -30.75 6.47
CA ILE M 41 32.56 -31.22 5.18
C ILE M 41 33.65 -31.06 4.13
N ILE M 42 33.72 -32.03 3.24
CA ILE M 42 34.66 -32.00 2.15
C ILE M 42 33.86 -32.40 0.93
N GLY M 43 34.06 -31.67 -0.15
CA GLY M 43 33.42 -32.00 -1.42
C GLY M 43 34.21 -31.48 -2.60
N LEU M 44 33.61 -31.54 -3.78
CA LEU M 44 34.28 -31.01 -4.97
C LEU M 44 33.38 -30.28 -5.98
N LYS M 45 34.04 -29.50 -6.82
CA LYS M 45 33.40 -28.84 -7.93
C LYS M 45 34.32 -29.02 -9.15
N GLN M 46 33.79 -29.63 -10.20
CA GLN M 46 34.54 -29.89 -11.43
C GLN M 46 34.47 -28.68 -12.34
N VAL M 47 35.62 -28.06 -12.59
CA VAL M 47 35.70 -26.85 -13.38
C VAL M 47 35.89 -27.17 -14.86
N SER M 48 34.84 -26.87 -15.63
CA SER M 48 34.78 -27.26 -17.04
C SER M 48 34.74 -26.01 -17.93
N THR M 49 35.34 -26.09 -19.11
CA THR M 49 35.22 -24.97 -20.06
C THR M 49 33.76 -24.76 -20.51
N ASN M 50 32.90 -25.73 -20.20
CA ASN M 50 31.52 -25.77 -20.68
C ASN M 50 30.51 -25.25 -19.64
N GLU M 51 30.96 -24.29 -18.82
CA GLU M 51 30.08 -23.58 -17.88
C GLU M 51 29.84 -22.16 -18.38
N PRO M 52 28.59 -21.68 -18.26
CA PRO M 52 28.15 -20.39 -18.84
C PRO M 52 29.04 -19.20 -18.48
N PHE M 53 29.62 -19.19 -17.28
CA PHE M 53 30.36 -18.02 -16.78
C PHE M 53 31.72 -17.75 -17.45
N PHE M 54 32.25 -18.78 -18.11
CA PHE M 54 33.61 -18.71 -18.64
C PHE M 54 33.71 -17.80 -19.84
N ASN M 55 32.61 -17.68 -20.58
CA ASN M 55 32.61 -16.85 -21.79
C ASN M 55 32.90 -15.38 -21.50
N GLY M 56 32.49 -14.92 -20.31
CA GLY M 56 32.70 -13.54 -19.90
C GLY M 56 33.66 -13.33 -18.75
N HIS M 57 34.56 -14.31 -18.54
CA HIS M 57 35.64 -14.26 -17.55
C HIS M 57 36.74 -15.28 -17.84
N PHE M 58 37.49 -15.12 -18.93
CA PHE M 58 37.42 -14.00 -19.87
C PHE M 58 37.47 -14.57 -21.30
N PRO M 59 36.99 -13.81 -22.30
CA PRO M 59 37.00 -14.29 -23.69
C PRO M 59 38.37 -14.75 -24.18
N GLN M 60 39.44 -14.02 -23.80
CA GLN M 60 40.84 -14.39 -24.13
C GLN M 60 41.57 -15.31 -23.14
N LYS M 61 40.98 -15.52 -21.95
CA LYS M 61 41.58 -16.42 -20.95
C LYS M 61 40.53 -16.93 -19.97
N GLN M 62 40.41 -18.25 -19.89
CA GLN M 62 39.37 -18.89 -19.11
C GLN M 62 39.84 -19.18 -17.68
N ILE M 63 39.53 -18.24 -16.78
CA ILE M 63 39.87 -18.33 -15.36
C ILE M 63 38.56 -18.29 -14.53
N MET M 64 38.38 -19.28 -13.66
CA MET M 64 37.20 -19.30 -12.78
C MET M 64 37.19 -18.08 -11.84
N PRO M 65 36.11 -17.30 -11.87
CA PRO M 65 35.98 -16.15 -10.98
C PRO M 65 36.27 -16.52 -9.51
N GLY M 66 37.11 -15.73 -8.85
CA GLY M 66 37.38 -15.91 -7.43
C GLY M 66 36.12 -15.85 -6.59
N VAL M 67 35.16 -15.01 -6.98
CA VAL M 67 33.94 -14.82 -6.18
C VAL M 67 33.09 -16.09 -6.16
N LEU M 68 33.13 -16.83 -7.27
CA LEU M 68 32.42 -18.09 -7.44
C LEU M 68 33.10 -19.22 -6.67
N GLN M 69 34.42 -19.08 -6.49
CA GLN M 69 35.17 -19.94 -5.58
C GLN M 69 34.67 -19.78 -4.14
N ILE M 70 34.38 -18.53 -3.74
CA ILE M 70 33.85 -18.27 -2.40
C ILE M 70 32.48 -18.93 -2.29
N GLU M 71 31.65 -18.67 -3.31
CA GLU M 71 30.27 -19.14 -3.34
C GLU M 71 30.17 -20.68 -3.30
N ALA M 72 31.03 -21.36 -4.05
CA ALA M 72 31.14 -22.82 -3.99
C ALA M 72 31.43 -23.35 -2.56
N LEU M 73 32.42 -22.77 -1.88
CA LEU M 73 32.70 -23.07 -0.47
C LEU M 73 31.51 -22.68 0.41
N ALA M 74 30.91 -21.52 0.09
CA ALA M 74 29.72 -21.01 0.80
C ALA M 74 28.55 -21.99 0.76
N GLN M 75 28.41 -22.68 -0.38
CA GLN M 75 27.35 -23.66 -0.59
C GLN M 75 27.62 -24.97 0.14
N LEU M 76 28.88 -25.38 0.12
CA LEU M 76 29.38 -26.53 0.86
C LEU M 76 29.16 -26.36 2.36
N ALA M 77 29.58 -25.19 2.87
CA ALA M 77 29.40 -24.83 4.26
C ALA M 77 27.90 -24.84 4.65
N GLY M 78 27.06 -24.33 3.75
CA GLY M 78 25.60 -24.42 3.89
C GLY M 78 25.07 -25.85 4.04
N ILE M 79 25.62 -26.79 3.27
CA ILE M 79 25.27 -28.21 3.46
C ILE M 79 25.57 -28.65 4.90
N LEU M 80 26.77 -28.35 5.38
CA LEU M 80 27.12 -28.68 6.77
C LEU M 80 26.11 -28.12 7.78
N CYS M 81 25.68 -26.88 7.58
CA CYS M 81 24.72 -26.20 8.49
C CYS M 81 23.32 -26.83 8.53
N LEU M 82 22.84 -27.25 7.37
CA LEU M 82 21.52 -27.84 7.22
C LEU M 82 21.51 -29.32 7.64
N LYS M 83 22.68 -29.94 7.62
CA LYS M 83 22.78 -31.36 7.99
C LYS M 83 23.24 -31.54 9.43
N SER M 84 23.75 -30.47 10.04
CA SER M 84 24.11 -30.43 11.46
C SER M 84 22.84 -30.27 12.27
N ASP M 85 21.95 -29.38 11.83
CA ASP M 85 20.75 -28.98 12.58
C ASP M 85 19.67 -28.47 11.64
N ASP M 86 18.71 -29.33 11.30
CA ASP M 86 17.59 -28.95 10.43
C ASP M 86 16.38 -28.49 11.26
N SER M 87 16.64 -28.17 12.53
CA SER M 87 15.62 -27.67 13.47
C SER M 87 14.75 -26.55 12.88
N GLN M 88 15.37 -25.74 12.02
CA GLN M 88 14.66 -24.70 11.27
C GLN M 88 14.16 -25.25 9.92
N LYS M 89 12.85 -25.07 9.69
CA LYS M 89 12.20 -25.51 8.46
C LYS M 89 12.52 -24.58 7.30
N ASN M 90 13.81 -24.34 7.06
CA ASN M 90 14.30 -23.38 6.07
C ASN M 90 15.68 -23.78 5.59
N ASN M 91 15.85 -23.84 4.26
CA ASN M 91 17.17 -24.09 3.69
C ASN M 91 17.80 -22.84 3.04
N LEU M 92 17.17 -21.68 3.27
CA LEU M 92 17.56 -20.42 2.62
C LEU M 92 18.53 -19.59 3.47
N PHE M 93 19.75 -20.12 3.63
CA PHE M 93 20.87 -19.43 4.27
C PHE M 93 21.40 -18.28 3.41
N LEU M 94 21.48 -17.08 3.99
CA LEU M 94 22.05 -15.94 3.27
C LEU M 94 23.40 -15.52 3.82
N PHE M 95 24.25 -15.03 2.93
CA PHE M 95 25.58 -14.54 3.30
C PHE M 95 25.48 -13.27 4.16
N ALA M 96 25.92 -13.36 5.40
CA ALA M 96 25.87 -12.22 6.34
C ALA M 96 27.16 -11.41 6.33
N GLY M 97 28.28 -12.11 6.10
CA GLY M 97 29.59 -11.46 6.05
C GLY M 97 30.65 -12.49 5.72
N VAL M 98 31.76 -12.02 5.14
CA VAL M 98 32.91 -12.90 4.92
C VAL M 98 34.21 -12.13 5.21
N ASP M 99 35.22 -12.86 5.70
CA ASP M 99 36.44 -12.24 6.16
C ASP M 99 37.67 -13.09 5.83
N GLY M 100 38.79 -12.40 5.62
CA GLY M 100 40.07 -13.05 5.34
C GLY M 100 40.08 -14.05 4.21
N VAL M 101 39.55 -13.63 3.06
CA VAL M 101 39.55 -14.44 1.85
C VAL M 101 40.83 -14.15 1.05
N ARG M 102 41.47 -15.21 0.57
CA ARG M 102 42.75 -15.12 -0.11
C ARG M 102 42.78 -16.06 -1.30
N TRP M 103 43.13 -15.53 -2.47
CA TRP M 103 43.23 -16.37 -3.67
C TRP M 103 44.69 -16.54 -4.06
N LYS M 104 45.17 -17.78 -3.98
CA LYS M 104 46.58 -18.08 -4.20
C LYS M 104 46.88 -18.36 -5.66
N LYS M 105 46.08 -19.23 -6.28
CA LYS M 105 46.29 -19.66 -7.68
C LYS M 105 45.00 -19.64 -8.49
N PRO M 106 45.12 -19.29 -9.79
CA PRO M 106 43.92 -19.27 -10.64
C PRO M 106 43.37 -20.70 -10.84
N VAL M 107 42.05 -20.86 -10.85
CA VAL M 107 41.38 -22.14 -11.10
C VAL M 107 40.93 -22.25 -12.57
N LEU M 108 41.37 -23.30 -13.26
CA LEU M 108 41.18 -23.38 -14.72
C LEU M 108 40.24 -24.51 -15.22
N PRO M 109 39.69 -24.38 -16.45
CA PRO M 109 38.98 -25.50 -17.08
C PRO M 109 39.89 -26.72 -17.08
N GLY M 110 39.42 -27.82 -16.49
CA GLY M 110 40.24 -29.01 -16.30
C GLY M 110 40.53 -29.27 -14.82
N ASP M 111 40.46 -28.21 -14.02
CA ASP M 111 40.72 -28.34 -12.59
C ASP M 111 39.54 -28.92 -11.82
N THR M 112 39.88 -29.78 -10.86
CA THR M 112 38.94 -30.21 -9.86
C THR M 112 39.22 -29.41 -8.59
N LEU M 113 38.22 -28.63 -8.21
CA LEU M 113 38.25 -27.85 -7.00
C LEU M 113 37.74 -28.65 -5.77
N THR M 114 38.69 -29.18 -5.00
CA THR M 114 38.38 -29.85 -3.73
C THR M 114 38.27 -28.82 -2.63
N MET M 115 37.16 -28.84 -1.91
CA MET M 115 36.89 -27.83 -0.89
C MET M 115 36.59 -28.44 0.47
N GLN M 116 37.08 -27.79 1.52
CA GLN M 116 36.78 -28.21 2.90
C GLN M 116 36.28 -27.02 3.71
N ALA M 117 35.23 -27.27 4.49
CA ALA M 117 34.63 -26.26 5.37
C ALA M 117 34.58 -26.76 6.80
N ASN M 118 34.94 -25.88 7.73
CA ASN M 118 35.01 -26.19 9.16
C ASN M 118 34.08 -25.28 9.94
N LEU M 119 33.08 -25.88 10.60
CA LEU M 119 32.18 -25.14 11.46
C LEU M 119 32.93 -24.64 12.71
N ILE M 120 32.76 -23.35 13.00
CA ILE M 120 33.43 -22.69 14.11
C ILE M 120 32.45 -22.48 15.26
N SER M 121 31.27 -21.91 14.95
CA SER M 121 30.24 -21.61 15.95
C SER M 121 28.83 -21.63 15.34
N PHE M 122 27.87 -22.14 16.10
CA PHE M 122 26.47 -22.16 15.69
C PHE M 122 25.58 -21.64 16.81
N LYS M 123 25.10 -20.40 16.66
CA LYS M 123 24.15 -19.82 17.59
C LYS M 123 22.79 -20.14 16.99
N SER M 124 22.39 -21.42 17.03
CA SER M 124 21.16 -21.87 16.36
C SER M 124 19.91 -21.29 17.02
N SER M 125 20.11 -20.54 18.11
CA SER M 125 19.06 -19.69 18.70
C SER M 125 18.56 -18.65 17.69
N LEU M 126 19.45 -17.73 17.32
CA LEU M 126 19.16 -16.65 16.36
C LEU M 126 19.13 -17.24 14.93
N GLY M 127 20.14 -18.05 14.61
CA GLY M 127 20.32 -18.63 13.28
C GLY M 127 21.65 -18.22 12.66
N ILE M 128 22.63 -17.94 13.53
CA ILE M 128 23.92 -17.37 13.11
C ILE M 128 25.03 -18.42 13.13
N ALA M 129 25.50 -18.79 11.93
CA ALA M 129 26.55 -19.80 11.79
C ALA M 129 27.77 -19.24 11.08
N LYS M 130 28.94 -19.48 11.68
CA LYS M 130 30.23 -19.00 11.19
C LYS M 130 31.13 -20.20 10.92
N LEU M 131 31.82 -20.17 9.77
CA LEU M 131 32.66 -21.28 9.35
C LEU M 131 33.92 -20.77 8.66
N SER M 132 34.95 -21.62 8.55
CA SER M 132 36.15 -21.31 7.77
C SER M 132 36.18 -22.18 6.52
N GLY M 133 37.13 -21.95 5.62
CA GLY M 133 37.18 -22.73 4.39
C GLY M 133 38.48 -22.67 3.61
N VAL M 134 38.83 -23.80 3.01
CA VAL M 134 39.97 -23.89 2.10
C VAL M 134 39.57 -24.65 0.83
N GLY M 135 40.06 -24.17 -0.31
CA GLY M 135 39.84 -24.84 -1.58
C GLY M 135 41.16 -25.23 -2.21
N TYR M 136 41.22 -26.48 -2.68
CA TYR M 136 42.45 -27.03 -3.24
C TYR M 136 42.26 -27.43 -4.69
N VAL M 137 43.30 -27.20 -5.47
CA VAL M 137 43.47 -27.86 -6.75
C VAL M 137 44.80 -28.65 -6.73
N ASN M 138 44.72 -29.97 -6.93
CA ASN M 138 45.91 -30.82 -7.04
C ASN M 138 46.73 -30.97 -5.75
N GLY M 139 46.04 -30.89 -4.62
CA GLY M 139 46.68 -30.96 -3.30
C GLY M 139 47.18 -29.63 -2.75
N LYS M 140 47.32 -28.62 -3.61
CA LYS M 140 47.78 -27.28 -3.19
C LYS M 140 46.61 -26.29 -3.03
N VAL M 141 46.82 -25.30 -2.14
CA VAL M 141 45.80 -24.31 -1.78
C VAL M 141 45.63 -23.28 -2.87
N VAL M 142 44.38 -23.02 -3.25
CA VAL M 142 44.09 -21.96 -4.22
C VAL M 142 43.26 -20.83 -3.60
N ILE M 143 42.38 -21.18 -2.65
CA ILE M 143 41.58 -20.20 -1.89
C ILE M 143 41.57 -20.50 -0.39
N ASN M 144 41.45 -19.44 0.41
CA ASN M 144 41.55 -19.55 1.86
C ASN M 144 40.61 -18.53 2.53
N ILE M 145 39.62 -19.02 3.25
CA ILE M 145 38.64 -18.15 3.91
C ILE M 145 38.64 -18.38 5.41
N SER M 146 39.02 -17.35 6.17
CA SER M 146 39.13 -17.44 7.62
C SER M 146 37.77 -17.62 8.27
N GLU M 147 36.77 -16.94 7.73
CA GLU M 147 35.44 -16.95 8.33
C GLU M 147 34.37 -16.48 7.37
N MET M 148 33.41 -17.38 7.15
CA MET M 148 32.19 -17.05 6.44
C MET M 148 31.12 -16.96 7.51
N THR M 149 30.31 -15.92 7.43
CA THR M 149 29.18 -15.75 8.33
C THR M 149 27.91 -15.86 7.50
N PHE M 150 27.01 -16.71 7.94
CA PHE M 150 25.73 -16.86 7.28
C PHE M 150 24.64 -16.66 8.30
N ALA M 151 23.46 -16.26 7.83
CA ALA M 151 22.26 -16.25 8.66
C ALA M 151 21.15 -17.05 7.99
N LEU M 152 20.17 -17.47 8.79
CA LEU M 152 18.97 -18.11 8.28
C LEU M 152 17.90 -17.04 8.12
N SER M 153 17.29 -16.96 6.92
CA SER M 153 16.19 -16.01 6.68
C SER M 153 14.85 -16.74 6.53
N THR N 9 35.40 12.69 -14.60
CA THR N 9 34.86 12.24 -15.91
C THR N 9 33.63 11.30 -15.75
N SER N 10 32.82 11.19 -16.82
CA SER N 10 31.75 10.17 -16.92
C SER N 10 31.99 9.15 -18.05
N ILE N 11 31.32 7.99 -17.97
CA ILE N 11 31.59 6.81 -18.80
C ILE N 11 30.32 5.99 -19.11
N ASP N 12 30.36 5.19 -20.17
CA ASP N 12 29.28 4.25 -20.53
C ASP N 12 29.74 2.80 -20.75
N ILE N 13 28.77 1.90 -20.97
CA ILE N 13 29.01 0.46 -21.13
C ILE N 13 30.06 0.07 -22.18
N GLU N 14 29.98 0.69 -23.36
CA GLU N 14 30.88 0.41 -24.50
C GLU N 14 32.34 0.78 -24.21
N ASP N 15 32.55 1.90 -23.50
CA ASP N 15 33.88 2.27 -23.01
C ASP N 15 34.34 1.34 -21.86
N ILE N 16 33.47 1.09 -20.88
CA ILE N 16 33.75 0.12 -19.82
C ILE N 16 34.36 -1.14 -20.44
N LYS N 17 33.80 -1.54 -21.59
CA LYS N 17 34.19 -2.77 -22.28
C LYS N 17 35.58 -2.70 -22.92
N LYS N 18 36.07 -1.48 -23.11
CA LYS N 18 37.44 -1.26 -23.59
C LYS N 18 38.45 -1.31 -22.45
N ILE N 19 38.02 -0.90 -21.26
CA ILE N 19 38.84 -1.00 -20.06
C ILE N 19 38.86 -2.45 -19.51
N LEU N 20 37.69 -2.95 -19.09
CA LEU N 20 37.56 -4.30 -18.56
C LEU N 20 37.56 -5.34 -19.67
N PRO N 21 38.09 -6.55 -19.37
CA PRO N 21 37.97 -7.64 -20.33
C PRO N 21 36.66 -8.39 -20.16
N HIS N 22 36.10 -8.33 -18.94
CA HIS N 22 34.89 -9.07 -18.54
C HIS N 22 33.77 -8.93 -19.57
N ARG N 23 33.02 -10.02 -19.77
CA ARG N 23 31.89 -10.03 -20.71
C ARG N 23 30.71 -10.84 -20.15
N TYR N 24 29.61 -10.90 -20.88
CA TYR N 24 28.41 -11.65 -20.47
C TYR N 24 28.76 -13.13 -20.29
N PRO N 25 28.31 -13.76 -19.18
CA PRO N 25 27.46 -13.20 -18.15
C PRO N 25 28.18 -12.74 -16.88
N PHE N 26 29.37 -12.17 -17.00
CA PHE N 26 30.07 -11.67 -15.81
C PHE N 26 30.57 -10.23 -15.79
N LEU N 27 29.83 -9.37 -16.46
CA LEU N 27 30.07 -7.95 -16.45
C LEU N 27 28.97 -7.36 -15.60
N LEU N 28 29.37 -6.59 -14.59
CA LEU N 28 28.47 -6.24 -13.49
C LEU N 28 28.50 -4.75 -13.16
N VAL N 29 29.14 -4.00 -14.04
CA VAL N 29 29.11 -2.54 -13.94
C VAL N 29 28.42 -2.00 -15.17
N ASP N 30 27.17 -1.58 -15.02
CA ASP N 30 26.41 -1.08 -16.15
C ASP N 30 26.89 0.32 -16.59
N LYS N 31 27.23 1.16 -15.61
CA LYS N 31 27.62 2.55 -15.87
C LYS N 31 28.59 3.08 -14.84
N VAL N 32 29.52 3.94 -15.28
CA VAL N 32 30.41 4.70 -14.40
C VAL N 32 29.99 6.18 -14.37
N ILE N 33 29.79 6.67 -13.15
CA ILE N 33 29.23 7.98 -12.88
C ILE N 33 30.28 9.05 -12.64
N TYR N 34 31.16 8.77 -11.68
CA TYR N 34 32.28 9.65 -11.37
C TYR N 34 33.56 8.82 -11.27
N MET N 35 34.65 9.37 -11.77
CA MET N 35 35.95 8.78 -11.56
C MET N 35 37.01 9.85 -11.32
N GLN N 36 37.70 9.72 -10.19
CA GLN N 36 38.91 10.49 -9.97
C GLN N 36 40.01 9.46 -9.91
N PRO N 37 40.91 9.48 -10.93
CA PRO N 37 42.05 8.54 -11.01
C PRO N 37 42.92 8.56 -9.79
N ASN N 38 43.23 7.37 -9.28
CA ASN N 38 44.04 7.18 -8.09
C ASN N 38 43.27 7.51 -6.82
N LYS N 39 42.05 8.05 -6.96
CA LYS N 39 41.24 8.41 -5.79
C LYS N 39 40.10 7.46 -5.55
N THR N 40 39.13 7.50 -6.46
CA THR N 40 37.83 6.92 -6.21
C THR N 40 37.12 6.66 -7.52
N ILE N 41 36.00 5.96 -7.43
CA ILE N 41 35.16 5.61 -8.55
C ILE N 41 33.75 5.41 -8.06
N ILE N 42 32.80 5.94 -8.82
CA ILE N 42 31.40 5.73 -8.50
C ILE N 42 30.69 5.31 -9.75
N GLY N 43 29.86 4.27 -9.61
CA GLY N 43 29.11 3.66 -10.70
C GLY N 43 27.96 2.81 -10.18
N LEU N 44 27.13 2.31 -11.08
CA LEU N 44 25.95 1.52 -10.68
C LEU N 44 25.85 0.19 -11.41
N LYS N 45 25.06 -0.72 -10.83
CA LYS N 45 24.63 -1.96 -11.47
C LYS N 45 23.13 -2.10 -11.29
N GLN N 46 22.41 -2.20 -12.40
CA GLN N 46 20.95 -2.31 -12.40
C GLN N 46 20.51 -3.74 -12.23
N VAL N 47 19.72 -4.00 -11.18
CA VAL N 47 19.33 -5.36 -10.83
C VAL N 47 17.95 -5.69 -11.38
N SER N 48 17.93 -6.66 -12.31
CA SER N 48 16.73 -7.06 -13.01
C SER N 48 16.43 -8.54 -12.76
N THR N 49 15.16 -8.92 -12.86
CA THR N 49 14.79 -10.33 -12.82
C THR N 49 15.22 -11.07 -14.07
N ASN N 50 15.56 -10.31 -15.12
CA ASN N 50 15.96 -10.90 -16.40
C ASN N 50 17.48 -11.10 -16.49
N GLU N 51 18.06 -11.61 -15.41
CA GLU N 51 19.50 -11.85 -15.34
C GLU N 51 19.68 -13.32 -15.12
N PRO N 52 20.63 -13.93 -15.85
CA PRO N 52 20.71 -15.40 -15.88
C PRO N 52 20.83 -16.06 -14.50
N PHE N 53 21.46 -15.39 -13.54
CA PHE N 53 21.70 -15.99 -12.21
C PHE N 53 20.44 -16.16 -11.36
N PHE N 54 19.46 -15.28 -11.56
CA PHE N 54 18.28 -15.28 -10.67
C PHE N 54 17.52 -16.60 -10.57
N ASN N 55 17.40 -17.31 -11.70
CA ASN N 55 16.72 -18.61 -11.77
C ASN N 55 17.23 -19.66 -10.79
N GLY N 56 18.49 -19.53 -10.35
CA GLY N 56 19.03 -20.47 -9.37
C GLY N 56 19.31 -19.87 -8.00
N HIS N 57 19.04 -18.58 -7.81
CA HIS N 57 19.33 -17.90 -6.53
C HIS N 57 18.19 -16.95 -6.11
N PHE N 58 17.01 -17.47 -5.77
CA PHE N 58 16.65 -18.88 -5.75
C PHE N 58 15.29 -18.95 -6.44
N PRO N 59 14.90 -20.14 -6.95
CA PRO N 59 13.60 -20.29 -7.64
C PRO N 59 12.39 -19.63 -6.95
N GLN N 60 12.32 -19.79 -5.63
CA GLN N 60 11.23 -19.26 -4.82
C GLN N 60 11.43 -17.79 -4.47
N LYS N 61 12.68 -17.34 -4.43
CA LYS N 61 12.99 -15.99 -3.98
C LYS N 61 14.25 -15.48 -4.63
N GLN N 62 14.11 -14.35 -5.29
CA GLN N 62 15.13 -13.80 -6.14
C GLN N 62 16.01 -12.79 -5.39
N ILE N 63 17.15 -13.29 -4.91
CA ILE N 63 18.11 -12.46 -4.14
C ILE N 63 19.44 -12.45 -4.89
N MET N 64 20.00 -11.28 -5.12
CA MET N 64 21.28 -11.16 -5.84
C MET N 64 22.37 -11.71 -4.95
N PRO N 65 23.04 -12.78 -5.39
CA PRO N 65 24.16 -13.43 -4.69
C PRO N 65 25.13 -12.40 -4.12
N GLY N 66 25.36 -12.50 -2.81
CA GLY N 66 26.26 -11.59 -2.10
C GLY N 66 27.68 -11.55 -2.68
N VAL N 67 28.08 -12.69 -3.20
CA VAL N 67 29.34 -12.84 -3.91
C VAL N 67 29.41 -12.01 -5.22
N LEU N 68 28.28 -11.84 -5.91
CA LEU N 68 28.26 -11.03 -7.15
C LEU N 68 28.27 -9.51 -6.87
N GLN N 69 27.91 -9.15 -5.64
CA GLN N 69 28.05 -7.77 -5.18
C GLN N 69 29.51 -7.46 -4.89
N ILE N 70 30.20 -8.42 -4.28
CA ILE N 70 31.67 -8.31 -4.15
C ILE N 70 32.24 -8.08 -5.54
N GLU N 71 31.85 -8.96 -6.46
CA GLU N 71 32.40 -8.99 -7.81
C GLU N 71 32.17 -7.68 -8.54
N ALA N 72 30.96 -7.14 -8.40
CA ALA N 72 30.55 -5.88 -8.99
C ALA N 72 31.50 -4.77 -8.59
N LEU N 73 31.62 -4.57 -7.28
CA LEU N 73 32.57 -3.61 -6.72
C LEU N 73 34.01 -3.95 -7.12
N ALA N 74 34.31 -5.23 -7.30
CA ALA N 74 35.65 -5.61 -7.70
C ALA N 74 35.92 -5.12 -9.11
N GLN N 75 34.93 -5.25 -9.99
CA GLN N 75 35.08 -4.82 -11.39
C GLN N 75 35.20 -3.29 -11.48
N LEU N 76 34.39 -2.63 -10.65
CA LEU N 76 34.44 -1.17 -10.48
C LEU N 76 35.79 -0.70 -9.91
N ALA N 77 36.36 -1.49 -8.99
CA ALA N 77 37.70 -1.22 -8.43
C ALA N 77 38.78 -1.33 -9.49
N GLY N 78 38.65 -2.36 -10.32
CA GLY N 78 39.56 -2.57 -11.44
C GLY N 78 39.59 -1.40 -12.39
N ILE N 79 38.41 -0.88 -12.72
CA ILE N 79 38.30 0.26 -13.64
C ILE N 79 39.24 1.38 -13.16
N LEU N 80 39.04 1.83 -11.92
CA LEU N 80 39.89 2.84 -11.31
C LEU N 80 41.39 2.45 -11.36
N CYS N 81 41.72 1.17 -11.13
CA CYS N 81 43.11 0.70 -11.20
C CYS N 81 43.76 0.92 -12.57
N LEU N 82 43.04 0.53 -13.63
CA LEU N 82 43.53 0.65 -15.01
C LEU N 82 43.53 2.09 -15.57
N LYS N 83 42.69 2.97 -15.02
CA LYS N 83 42.69 4.38 -15.44
C LYS N 83 43.64 5.28 -14.62
N SER N 84 44.19 4.73 -13.55
CA SER N 84 45.11 5.46 -12.67
C SER N 84 46.53 5.25 -13.19
N ASP N 85 46.89 3.99 -13.42
CA ASP N 85 48.18 3.61 -13.94
C ASP N 85 48.02 2.51 -14.98
N ASP N 86 47.91 2.89 -16.25
CA ASP N 86 47.87 1.90 -17.34
C ASP N 86 49.27 1.63 -17.94
N SER N 87 50.30 2.16 -17.26
CA SER N 87 51.72 1.88 -17.57
C SER N 87 51.95 0.38 -17.65
N GLN N 88 51.60 -0.31 -16.58
CA GLN N 88 51.65 -1.76 -16.54
C GLN N 88 50.43 -2.25 -17.29
N LYS N 89 50.58 -2.38 -18.61
CA LYS N 89 49.47 -2.74 -19.47
C LYS N 89 49.05 -4.19 -19.29
N ASN N 90 48.16 -4.38 -18.32
CA ASN N 90 47.55 -5.67 -18.06
C ASN N 90 46.16 -5.40 -17.50
N ASN N 91 45.16 -5.50 -18.37
CA ASN N 91 43.76 -5.32 -17.98
C ASN N 91 43.23 -6.54 -17.23
N LEU N 92 43.96 -7.67 -17.38
CA LEU N 92 43.69 -8.93 -16.68
C LEU N 92 44.12 -8.91 -15.20
N PHE N 93 43.44 -8.10 -14.41
CA PHE N 93 43.64 -8.06 -12.97
C PHE N 93 42.97 -9.24 -12.31
N LEU N 94 43.69 -9.90 -11.42
CA LEU N 94 43.09 -10.96 -10.64
C LEU N 94 42.90 -10.55 -9.17
N PHE N 95 41.81 -11.03 -8.60
CA PHE N 95 41.50 -10.86 -7.19
C PHE N 95 42.53 -11.65 -6.36
N ALA N 96 43.28 -10.95 -5.51
CA ALA N 96 44.28 -11.60 -4.65
C ALA N 96 43.77 -11.88 -3.24
N GLY N 97 42.96 -10.96 -2.71
CA GLY N 97 42.40 -11.08 -1.36
C GLY N 97 41.23 -10.14 -1.17
N VAL N 98 40.32 -10.51 -0.26
CA VAL N 98 39.22 -9.63 0.15
C VAL N 98 38.95 -9.87 1.63
N ASP N 99 38.54 -8.81 2.34
CA ASP N 99 38.60 -8.76 3.79
C ASP N 99 37.59 -7.76 4.35
N GLY N 100 36.80 -8.20 5.32
CA GLY N 100 35.86 -7.32 6.01
C GLY N 100 34.58 -7.04 5.24
N VAL N 101 34.06 -8.07 4.58
CA VAL N 101 32.84 -7.94 3.77
C VAL N 101 31.60 -8.07 4.65
N ARG N 102 30.69 -7.12 4.52
CA ARG N 102 29.43 -7.12 5.27
C ARG N 102 28.23 -6.82 4.39
N TRP N 103 27.36 -7.82 4.26
CA TRP N 103 26.11 -7.65 3.54
C TRP N 103 25.09 -7.26 4.57
N LYS N 104 24.52 -6.06 4.41
CA LYS N 104 23.53 -5.53 5.34
C LYS N 104 22.14 -6.02 4.99
N LYS N 105 21.76 -5.81 3.73
CA LYS N 105 20.39 -5.93 3.26
C LYS N 105 20.38 -6.67 1.90
N PRO N 106 19.42 -7.61 1.71
CA PRO N 106 19.25 -8.31 0.42
C PRO N 106 19.06 -7.35 -0.75
N VAL N 107 19.66 -7.66 -1.91
CA VAL N 107 19.45 -6.85 -3.13
C VAL N 107 18.51 -7.60 -4.08
N LEU N 108 17.47 -6.91 -4.56
CA LEU N 108 16.33 -7.55 -5.23
C LEU N 108 15.97 -6.97 -6.59
N PRO N 109 15.40 -7.80 -7.48
CA PRO N 109 15.00 -7.28 -8.79
C PRO N 109 14.25 -5.96 -8.63
N GLY N 110 14.63 -4.96 -9.42
CA GLY N 110 14.06 -3.62 -9.29
C GLY N 110 14.97 -2.62 -8.58
N ASP N 111 16.01 -3.13 -7.92
CA ASP N 111 16.98 -2.26 -7.25
C ASP N 111 18.04 -1.67 -8.20
N THR N 112 18.56 -0.51 -7.81
CA THR N 112 19.72 0.07 -8.46
C THR N 112 20.80 0.05 -7.40
N LEU N 113 21.87 -0.67 -7.73
CA LEU N 113 23.01 -0.80 -6.84
C LEU N 113 23.97 0.31 -7.21
N THR N 114 24.11 1.27 -6.30
CA THR N 114 25.10 2.32 -6.47
C THR N 114 26.35 1.89 -5.70
N MET N 115 27.50 1.88 -6.39
CA MET N 115 28.74 1.39 -5.79
C MET N 115 29.88 2.42 -5.87
N GLN N 116 30.69 2.47 -4.82
CA GLN N 116 31.87 3.31 -4.77
C GLN N 116 33.06 2.53 -4.18
N ALA N 117 34.16 2.48 -4.92
CA ALA N 117 35.40 1.96 -4.41
C ALA N 117 36.41 3.08 -4.21
N ASN N 118 37.30 2.91 -3.22
CA ASN N 118 38.33 3.89 -2.90
C ASN N 118 39.71 3.27 -2.87
N LEU N 119 40.66 3.90 -3.56
CA LEU N 119 42.03 3.38 -3.62
C LEU N 119 42.86 3.64 -2.34
N ILE N 120 43.27 2.56 -1.66
CA ILE N 120 44.11 2.62 -0.44
C ILE N 120 45.62 2.67 -0.77
N SER N 121 46.07 1.71 -1.56
CA SER N 121 47.49 1.66 -1.97
C SER N 121 47.73 1.10 -3.37
N PHE N 122 48.72 1.67 -4.05
CA PHE N 122 49.23 1.17 -5.32
C PHE N 122 50.73 1.01 -5.13
N LYS N 123 51.14 -0.14 -4.60
CA LYS N 123 52.54 -0.33 -4.24
C LYS N 123 53.20 -1.34 -5.16
N ILE N 128 50.50 -4.63 -6.00
CA ILE N 128 49.46 -4.43 -4.97
C ILE N 128 48.65 -3.17 -5.24
N ALA N 129 47.37 -3.37 -5.51
CA ALA N 129 46.38 -2.32 -5.47
C ALA N 129 45.38 -2.82 -4.45
N LYS N 130 45.24 -2.06 -3.36
CA LYS N 130 44.31 -2.36 -2.28
C LYS N 130 43.23 -1.30 -2.24
N LEU N 131 41.96 -1.72 -2.21
CA LEU N 131 40.83 -0.79 -2.26
C LEU N 131 39.68 -1.18 -1.35
N SER N 132 39.02 -0.18 -0.78
CA SER N 132 37.76 -0.42 -0.08
C SER N 132 36.60 -0.22 -1.06
N GLY N 133 35.43 -0.69 -0.68
CA GLY N 133 34.23 -0.47 -1.50
C GLY N 133 32.97 -0.59 -0.68
N VAL N 134 31.92 0.12 -1.12
CA VAL N 134 30.64 0.13 -0.42
C VAL N 134 29.56 0.10 -1.50
N GLY N 135 28.42 -0.50 -1.18
CA GLY N 135 27.30 -0.56 -2.12
C GLY N 135 26.00 -0.06 -1.54
N TYR N 136 25.36 0.87 -2.25
CA TYR N 136 24.11 1.47 -1.80
C TYR N 136 22.93 1.12 -2.69
N VAL N 137 21.76 1.07 -2.04
CA VAL N 137 20.48 0.95 -2.69
C VAL N 137 19.56 1.92 -1.95
N ASN N 138 19.01 2.88 -2.68
CA ASN N 138 18.10 3.88 -2.11
C ASN N 138 18.76 4.71 -0.99
N GLY N 139 20.07 4.91 -1.12
CA GLY N 139 20.83 5.54 -0.07
C GLY N 139 20.82 4.73 1.21
N LYS N 140 20.60 3.41 1.15
CA LYS N 140 20.78 2.57 2.34
C LYS N 140 21.94 1.61 2.02
N VAL N 141 22.95 1.59 2.88
CA VAL N 141 24.08 0.68 2.72
C VAL N 141 23.61 -0.78 2.75
N VAL N 142 23.99 -1.52 1.70
CA VAL N 142 23.68 -2.95 1.57
C VAL N 142 24.94 -3.84 1.63
N ILE N 143 26.08 -3.32 1.18
CA ILE N 143 27.37 -4.02 1.28
C ILE N 143 28.50 -3.07 1.66
N ASN N 144 29.45 -3.62 2.42
CA ASN N 144 30.60 -2.87 2.86
C ASN N 144 31.80 -3.78 2.71
N ILE N 145 32.82 -3.31 2.01
CA ILE N 145 34.08 -4.06 1.95
C ILE N 145 35.23 -3.17 2.35
N SER N 146 35.92 -3.56 3.42
CA SER N 146 37.03 -2.79 3.97
C SER N 146 38.23 -2.73 3.02
N GLU N 147 38.53 -3.85 2.36
CA GLU N 147 39.79 -4.01 1.63
C GLU N 147 39.68 -5.14 0.61
N MET N 148 40.05 -4.79 -0.61
CA MET N 148 40.10 -5.71 -1.73
C MET N 148 41.52 -5.65 -2.20
N THR N 149 42.15 -6.81 -2.40
CA THR N 149 43.52 -6.82 -2.93
C THR N 149 43.58 -7.43 -4.33
N PHE N 150 44.19 -6.67 -5.24
CA PHE N 150 44.28 -7.01 -6.66
C PHE N 150 45.74 -7.04 -7.13
N ALA N 151 46.06 -8.03 -7.97
CA ALA N 151 47.40 -8.16 -8.54
C ALA N 151 47.33 -8.44 -10.05
N LEU N 152 48.33 -7.94 -10.77
CA LEU N 152 48.31 -7.85 -12.24
C LEU N 152 48.86 -9.08 -12.98
N SER N 153 48.79 -10.25 -12.33
CA SER N 153 49.41 -11.49 -12.81
C SER N 153 49.09 -11.83 -14.27
N THR O 9 -1.26 -39.19 -37.68
CA THR O 9 -1.80 -38.49 -36.49
C THR O 9 -0.84 -37.40 -35.99
N SER O 10 -1.14 -36.14 -36.30
CA SER O 10 -0.26 -35.02 -35.92
C SER O 10 -0.16 -34.82 -34.40
N ILE O 11 1.05 -35.05 -33.88
CA ILE O 11 1.31 -34.84 -32.46
C ILE O 11 2.18 -33.63 -32.24
N ASP O 12 1.54 -32.57 -31.74
CA ASP O 12 2.16 -31.28 -31.40
C ASP O 12 3.23 -31.39 -30.31
N ILE O 13 3.85 -30.24 -29.98
CA ILE O 13 4.95 -30.15 -29.01
C ILE O 13 4.50 -30.35 -27.54
N GLU O 14 3.25 -30.03 -27.24
CA GLU O 14 2.76 -30.11 -25.88
C GLU O 14 2.49 -31.55 -25.47
N ASP O 15 2.02 -32.34 -26.42
CA ASP O 15 1.84 -33.78 -26.22
C ASP O 15 3.18 -34.49 -26.29
N ILE O 16 4.09 -34.01 -27.16
CA ILE O 16 5.46 -34.54 -27.17
C ILE O 16 6.06 -34.47 -25.75
N LYS O 17 5.84 -33.34 -25.08
CA LYS O 17 6.33 -33.12 -23.70
C LYS O 17 5.65 -33.94 -22.61
N LYS O 18 4.63 -34.72 -22.96
CA LYS O 18 4.00 -35.63 -22.01
C LYS O 18 4.59 -37.03 -22.17
N ILE O 19 4.91 -37.38 -23.42
CA ILE O 19 5.60 -38.63 -23.75
C ILE O 19 7.06 -38.58 -23.31
N LEU O 20 7.81 -37.59 -23.83
CA LEU O 20 9.24 -37.47 -23.55
C LEU O 20 9.53 -36.65 -22.29
N PRO O 21 10.52 -37.09 -21.49
CA PRO O 21 10.93 -36.29 -20.34
C PRO O 21 11.93 -35.19 -20.72
N HIS O 22 12.34 -35.17 -21.99
CA HIS O 22 13.39 -34.28 -22.45
C HIS O 22 12.87 -32.85 -22.45
N ARG O 23 13.79 -31.89 -22.32
CA ARG O 23 13.44 -30.51 -22.13
C ARG O 23 14.52 -29.62 -22.76
N TYR O 24 14.35 -28.30 -22.69
CA TYR O 24 15.37 -27.39 -23.17
C TYR O 24 16.63 -27.55 -22.31
N PRO O 25 17.82 -27.50 -22.94
CA PRO O 25 18.08 -27.34 -24.35
C PRO O 25 18.33 -28.66 -25.10
N PHE O 26 17.60 -29.71 -24.75
CA PHE O 26 17.88 -31.03 -25.34
C PHE O 26 16.66 -31.81 -25.83
N LEU O 27 15.57 -31.09 -26.05
CA LEU O 27 14.43 -31.65 -26.72
C LEU O 27 14.57 -31.28 -28.20
N LEU O 28 14.59 -32.31 -29.06
CA LEU O 28 15.01 -32.15 -30.46
C LEU O 28 13.99 -32.66 -31.50
N VAL O 29 12.77 -32.93 -31.05
CA VAL O 29 11.64 -33.15 -31.95
C VAL O 29 10.65 -31.99 -31.81
N ASP O 30 10.41 -31.24 -32.87
CA ASP O 30 9.43 -30.14 -32.80
C ASP O 30 8.00 -30.63 -33.05
N LYS O 31 7.87 -31.67 -33.87
CA LYS O 31 6.58 -32.18 -34.33
C LYS O 31 6.63 -33.64 -34.81
N VAL O 32 5.64 -34.43 -34.41
CA VAL O 32 5.39 -35.73 -35.00
C VAL O 32 4.25 -35.55 -36.02
N ILE O 33 4.52 -35.95 -37.25
CA ILE O 33 3.61 -35.81 -38.40
C ILE O 33 3.01 -37.13 -38.95
N TYR O 34 3.50 -38.28 -38.47
CA TYR O 34 2.88 -39.61 -38.72
C TYR O 34 3.44 -40.66 -37.74
N MET O 35 2.58 -41.50 -37.20
CA MET O 35 3.02 -42.60 -36.36
C MET O 35 2.08 -43.79 -36.48
N GLN O 36 2.63 -44.95 -36.82
CA GLN O 36 1.91 -46.22 -36.76
C GLN O 36 2.59 -47.09 -35.68
N PRO O 37 1.85 -47.44 -34.62
CA PRO O 37 2.44 -48.12 -33.46
C PRO O 37 3.07 -49.48 -33.81
N ASN O 38 4.19 -49.78 -33.15
CA ASN O 38 4.96 -51.00 -33.42
C ASN O 38 5.58 -51.07 -34.85
N LYS O 39 5.48 -49.98 -35.62
CA LYS O 39 6.02 -49.98 -37.01
C LYS O 39 6.90 -48.80 -37.43
N THR O 40 6.28 -47.65 -37.68
CA THR O 40 7.02 -46.48 -38.16
C THR O 40 6.58 -45.16 -37.51
N ILE O 41 7.46 -44.16 -37.56
CA ILE O 41 7.20 -42.81 -37.05
C ILE O 41 7.88 -41.77 -37.93
N ILE O 42 7.16 -40.71 -38.24
CA ILE O 42 7.69 -39.60 -39.00
C ILE O 42 7.48 -38.30 -38.23
N GLY O 43 8.47 -37.42 -38.26
CA GLY O 43 8.41 -36.13 -37.59
C GLY O 43 9.43 -35.14 -38.15
N LEU O 44 9.52 -33.96 -37.52
CA LEU O 44 10.50 -32.97 -37.93
C LEU O 44 11.14 -32.24 -36.78
N LYS O 45 12.32 -31.68 -37.06
CA LYS O 45 13.03 -30.75 -36.18
C LYS O 45 13.40 -29.54 -37.03
N GLN O 46 12.82 -28.38 -36.73
CA GLN O 46 13.15 -27.15 -37.46
C GLN O 46 14.48 -26.64 -36.93
N VAL O 47 15.42 -26.37 -37.84
CA VAL O 47 16.78 -25.97 -37.50
C VAL O 47 16.93 -24.48 -37.70
N SER O 48 17.03 -23.75 -36.58
CA SER O 48 17.13 -22.29 -36.61
C SER O 48 18.49 -21.81 -36.13
N THR O 49 18.90 -20.62 -36.56
CA THR O 49 20.12 -20.01 -36.01
C THR O 49 19.94 -19.68 -34.52
N ASN O 50 18.69 -19.58 -34.07
CA ASN O 50 18.39 -19.18 -32.70
C ASN O 50 18.50 -20.33 -31.71
N GLU O 51 19.46 -21.23 -31.94
CA GLU O 51 19.53 -22.45 -31.15
C GLU O 51 20.81 -22.49 -30.34
N PRO O 52 20.70 -22.76 -29.04
CA PRO O 52 21.84 -22.53 -28.15
C PRO O 52 23.16 -23.11 -28.64
N PHE O 53 23.12 -24.22 -29.40
CA PHE O 53 24.34 -24.92 -29.83
C PHE O 53 25.16 -24.29 -30.95
N PHE O 54 24.50 -23.53 -31.82
CA PHE O 54 25.12 -23.02 -33.03
C PHE O 54 26.30 -22.06 -32.81
N ASN O 55 26.25 -21.29 -31.74
CA ASN O 55 27.34 -20.40 -31.39
C ASN O 55 28.63 -21.20 -31.27
N GLY O 56 28.53 -22.41 -30.73
CA GLY O 56 29.72 -23.21 -30.48
C GLY O 56 30.05 -24.26 -31.54
N HIS O 57 29.36 -24.22 -32.69
CA HIS O 57 29.55 -25.24 -33.71
C HIS O 57 29.06 -24.82 -35.10
N PHE O 58 29.75 -23.90 -35.78
CA PHE O 58 30.91 -23.17 -35.26
C PHE O 58 30.74 -21.64 -35.36
N PRO O 59 31.55 -20.87 -34.60
CA PRO O 59 31.46 -19.39 -34.66
C PRO O 59 31.63 -18.80 -36.07
N GLN O 60 32.43 -19.45 -36.91
CA GLN O 60 32.61 -18.99 -38.30
C GLN O 60 31.65 -19.67 -39.28
N LYS O 61 31.20 -20.88 -38.95
CA LYS O 61 30.23 -21.56 -39.81
C LYS O 61 29.26 -22.40 -39.02
N GLN O 62 27.98 -22.03 -39.07
CA GLN O 62 26.93 -22.71 -38.30
C GLN O 62 26.48 -24.05 -38.96
N ILE O 63 26.93 -25.16 -38.39
CA ILE O 63 26.57 -26.49 -38.91
C ILE O 63 25.98 -27.37 -37.80
N MET O 64 24.75 -27.84 -37.98
CA MET O 64 24.10 -28.62 -36.93
C MET O 64 24.96 -29.84 -36.58
N PRO O 65 25.35 -29.97 -35.30
CA PRO O 65 26.16 -31.12 -34.88
C PRO O 65 25.52 -32.45 -35.30
N GLY O 66 26.35 -33.36 -35.80
CA GLY O 66 25.90 -34.67 -36.29
C GLY O 66 25.35 -35.50 -35.16
N VAL O 67 25.99 -35.40 -34.01
CA VAL O 67 25.53 -36.10 -32.81
C VAL O 67 24.09 -35.76 -32.43
N LEU O 68 23.71 -34.49 -32.60
CA LEU O 68 22.37 -34.07 -32.24
C LEU O 68 21.35 -34.50 -33.29
N GLN O 69 21.81 -34.81 -34.50
CA GLN O 69 20.94 -35.42 -35.49
C GLN O 69 20.63 -36.86 -35.07
N ILE O 70 21.65 -37.58 -34.60
CA ILE O 70 21.42 -38.86 -33.93
C ILE O 70 20.42 -38.71 -32.78
N GLU O 71 20.59 -37.65 -31.98
CA GLU O 71 19.77 -37.42 -30.80
C GLU O 71 18.33 -37.00 -31.14
N ALA O 72 18.15 -36.38 -32.30
CA ALA O 72 16.81 -36.06 -32.79
C ALA O 72 16.06 -37.31 -33.23
N LEU O 73 16.73 -38.14 -34.02
CA LEU O 73 16.15 -39.41 -34.44
C LEU O 73 15.90 -40.33 -33.25
N ALA O 74 16.89 -40.41 -32.35
CA ALA O 74 16.77 -41.19 -31.12
C ALA O 74 15.52 -40.81 -30.33
N GLN O 75 15.36 -39.51 -30.03
CA GLN O 75 14.15 -39.02 -29.35
C GLN O 75 12.88 -39.43 -30.07
N LEU O 76 12.88 -39.33 -31.39
CA LEU O 76 11.77 -39.77 -32.23
C LEU O 76 11.47 -41.24 -32.06
N ALA O 77 12.51 -42.07 -32.14
CA ALA O 77 12.36 -43.51 -32.00
C ALA O 77 11.71 -43.85 -30.67
N GLY O 78 12.12 -43.13 -29.62
CA GLY O 78 11.62 -43.32 -28.27
C GLY O 78 10.13 -43.09 -28.15
N ILE O 79 9.66 -42.04 -28.82
CA ILE O 79 8.22 -41.78 -28.90
C ILE O 79 7.52 -43.02 -29.43
N LEU O 80 7.93 -43.49 -30.61
CA LEU O 80 7.38 -44.72 -31.17
C LEU O 80 7.46 -45.91 -30.22
N CYS O 81 8.55 -46.01 -29.44
CA CYS O 81 8.67 -47.05 -28.39
C CYS O 81 7.67 -46.85 -27.27
N LEU O 82 7.42 -45.59 -26.90
CA LEU O 82 6.55 -45.25 -25.76
C LEU O 82 5.08 -45.14 -26.13
N LYS O 83 4.77 -45.36 -27.42
CA LYS O 83 3.40 -45.37 -27.87
C LYS O 83 3.07 -46.73 -28.44
N SER O 84 4.10 -47.56 -28.58
CA SER O 84 3.93 -48.96 -28.96
C SER O 84 3.42 -49.66 -27.70
N ASP O 85 4.19 -49.52 -26.62
CA ASP O 85 4.01 -50.28 -25.38
C ASP O 85 4.41 -49.44 -24.16
N ASP O 86 3.41 -48.95 -23.41
CA ASP O 86 3.69 -48.19 -22.18
C ASP O 86 3.49 -49.02 -20.90
N SER O 87 3.39 -50.35 -21.10
CA SER O 87 3.32 -51.35 -20.01
C SER O 87 4.39 -51.15 -18.93
N GLN O 88 5.52 -50.55 -19.34
CA GLN O 88 6.55 -50.09 -18.43
C GLN O 88 6.29 -48.60 -18.26
N LYS O 89 5.93 -48.19 -17.03
CA LYS O 89 5.58 -46.80 -16.73
C LYS O 89 6.91 -46.10 -16.42
N ASN O 90 7.78 -46.08 -17.43
CA ASN O 90 9.08 -45.43 -17.34
C ASN O 90 9.37 -44.78 -18.71
N ASN O 91 9.36 -43.45 -18.75
CA ASN O 91 9.74 -42.75 -19.98
C ASN O 91 11.25 -42.50 -20.11
N LEU O 92 11.99 -42.76 -19.03
CA LEU O 92 13.42 -42.49 -18.96
C LEU O 92 14.33 -43.47 -19.73
N PHE O 93 14.09 -43.61 -21.03
CA PHE O 93 14.84 -44.53 -21.89
C PHE O 93 16.23 -43.99 -22.21
N LEU O 94 17.24 -44.83 -22.03
CA LEU O 94 18.62 -44.47 -22.40
C LEU O 94 19.04 -45.20 -23.66
N PHE O 95 19.85 -44.50 -24.46
CA PHE O 95 20.55 -45.04 -25.59
C PHE O 95 21.50 -46.14 -25.12
N ALA O 96 21.27 -47.37 -25.60
CA ALA O 96 22.16 -48.50 -25.31
C ALA O 96 23.37 -48.53 -26.25
N GLY O 97 23.10 -48.39 -27.54
CA GLY O 97 24.14 -48.34 -28.56
C GLY O 97 23.59 -47.82 -29.86
N VAL O 98 24.47 -47.31 -30.70
CA VAL O 98 24.09 -46.89 -32.04
C VAL O 98 25.09 -47.47 -33.02
N ASP O 99 24.68 -47.71 -34.26
CA ASP O 99 25.51 -48.42 -35.24
C ASP O 99 25.20 -48.04 -36.68
N GLY O 100 26.24 -47.90 -37.49
CA GLY O 100 26.12 -47.61 -38.92
C GLY O 100 25.64 -46.20 -39.25
N VAL O 101 26.12 -45.22 -38.51
CA VAL O 101 25.75 -43.84 -38.77
C VAL O 101 26.58 -43.27 -39.92
N ARG O 102 25.92 -42.54 -40.81
CA ARG O 102 26.57 -41.94 -41.95
C ARG O 102 25.95 -40.56 -42.14
N TRP O 103 26.80 -39.53 -42.09
CA TRP O 103 26.34 -38.16 -42.37
C TRP O 103 26.66 -37.76 -43.80
N LYS O 104 25.61 -37.41 -44.53
CA LYS O 104 25.73 -37.19 -45.97
C LYS O 104 25.93 -35.72 -46.31
N LYS O 105 25.14 -34.86 -45.65
CA LYS O 105 25.16 -33.44 -45.94
C LYS O 105 25.06 -32.65 -44.65
N PRO O 106 25.82 -31.55 -44.54
CA PRO O 106 25.66 -30.58 -43.47
C PRO O 106 24.23 -30.06 -43.38
N VAL O 107 23.74 -29.93 -42.15
CA VAL O 107 22.36 -29.52 -41.88
C VAL O 107 22.40 -28.12 -41.25
N LEU O 108 21.65 -27.17 -41.82
CA LEU O 108 21.95 -25.74 -41.71
C LEU O 108 20.78 -24.83 -41.28
N PRO O 109 21.10 -23.66 -40.66
CA PRO O 109 20.00 -22.81 -40.21
C PRO O 109 19.11 -22.49 -41.41
N GLY O 110 17.82 -22.78 -41.25
CA GLY O 110 16.87 -22.69 -42.36
C GLY O 110 16.22 -24.02 -42.70
N ASP O 111 16.99 -25.11 -42.61
CA ASP O 111 16.53 -26.45 -42.99
C ASP O 111 15.45 -27.00 -42.04
N THR O 112 14.46 -27.65 -42.62
CA THR O 112 13.55 -28.50 -41.87
C THR O 112 14.16 -29.88 -41.99
N LEU O 113 14.46 -30.48 -40.85
CA LEU O 113 14.95 -31.83 -40.81
C LEU O 113 13.74 -32.71 -40.58
N THR O 114 13.34 -33.45 -41.62
CA THR O 114 12.27 -34.44 -41.55
C THR O 114 12.91 -35.79 -41.36
N MET O 115 12.55 -36.44 -40.27
CA MET O 115 13.21 -37.66 -39.84
C MET O 115 12.20 -38.79 -39.79
N GLN O 116 12.67 -40.00 -40.14
CA GLN O 116 11.87 -41.22 -40.01
C GLN O 116 12.65 -42.27 -39.23
N ALA O 117 11.99 -42.88 -38.26
CA ALA O 117 12.50 -44.05 -37.58
C ALA O 117 11.59 -45.26 -37.85
N ASN O 118 12.20 -46.44 -37.96
CA ASN O 118 11.47 -47.68 -38.19
C ASN O 118 11.83 -48.67 -37.10
N LEU O 119 10.83 -49.29 -36.49
CA LEU O 119 11.10 -50.28 -35.45
C LEU O 119 11.60 -51.58 -36.10
N ILE O 120 12.59 -52.21 -35.47
CA ILE O 120 13.18 -53.47 -35.94
C ILE O 120 12.80 -54.64 -35.02
N SER O 121 12.95 -54.43 -33.70
CA SER O 121 12.65 -55.46 -32.70
C SER O 121 12.34 -54.83 -31.34
N PHE O 122 11.52 -55.52 -30.54
CA PHE O 122 11.17 -55.08 -29.18
C PHE O 122 11.10 -56.29 -28.24
N LYS O 123 12.04 -56.33 -27.29
CA LYS O 123 12.09 -57.42 -26.31
C LYS O 123 11.42 -56.90 -25.05
N SER O 124 10.32 -57.55 -24.65
CA SER O 124 9.30 -56.94 -23.78
C SER O 124 9.71 -56.33 -22.44
N SER O 125 10.13 -57.15 -21.49
CA SER O 125 10.63 -56.63 -20.20
C SER O 125 12.13 -56.98 -20.06
N LEU O 126 12.71 -57.42 -21.18
CA LEU O 126 14.14 -57.30 -21.42
C LEU O 126 14.41 -55.82 -21.64
N GLY O 127 13.45 -55.15 -22.29
CA GLY O 127 13.52 -53.72 -22.57
C GLY O 127 14.58 -53.37 -23.59
N ILE O 128 14.69 -54.18 -24.64
CA ILE O 128 15.74 -54.03 -25.65
C ILE O 128 15.18 -53.71 -27.04
N ALA O 129 14.97 -52.41 -27.30
CA ALA O 129 14.40 -51.95 -28.58
C ALA O 129 15.48 -51.53 -29.59
N LYS O 130 15.29 -51.97 -30.84
CA LYS O 130 16.23 -51.69 -31.93
C LYS O 130 15.51 -51.08 -33.13
N LEU O 131 16.02 -49.96 -33.63
CA LEU O 131 15.34 -49.21 -34.70
C LEU O 131 16.30 -48.61 -35.71
N SER O 132 15.87 -48.55 -36.97
CA SER O 132 16.63 -47.83 -38.00
C SER O 132 16.03 -46.44 -38.27
N GLY O 133 16.81 -45.55 -38.88
CA GLY O 133 16.39 -44.16 -39.04
C GLY O 133 17.05 -43.39 -40.18
N VAL O 134 16.23 -42.62 -40.89
CA VAL O 134 16.71 -41.74 -41.95
C VAL O 134 16.31 -40.29 -41.68
N GLY O 135 17.20 -39.34 -41.94
CA GLY O 135 16.87 -37.92 -41.82
C GLY O 135 17.00 -37.21 -43.15
N TYR O 136 15.97 -36.46 -43.53
CA TYR O 136 15.95 -35.82 -44.84
C TYR O 136 15.77 -34.31 -44.69
N VAL O 137 16.35 -33.60 -45.65
CA VAL O 137 16.15 -32.18 -45.77
C VAL O 137 15.89 -31.95 -47.25
N ASN O 138 14.76 -31.35 -47.57
CA ASN O 138 14.39 -31.07 -48.96
C ASN O 138 14.44 -32.29 -49.88
N GLY O 139 13.99 -33.43 -49.36
CA GLY O 139 13.99 -34.68 -50.13
C GLY O 139 15.33 -35.39 -50.05
N LYS O 140 16.41 -34.62 -50.10
CA LYS O 140 17.78 -35.14 -50.08
C LYS O 140 18.16 -35.72 -48.71
N VAL O 141 18.73 -36.94 -48.71
CA VAL O 141 19.14 -37.62 -47.47
C VAL O 141 20.34 -36.92 -46.85
N VAL O 142 20.35 -36.77 -45.52
CA VAL O 142 21.45 -36.11 -44.82
C VAL O 142 22.10 -37.03 -43.77
N ILE O 143 21.28 -37.84 -43.12
CA ILE O 143 21.76 -38.82 -42.15
C ILE O 143 21.09 -40.19 -42.39
N ASN O 144 21.83 -41.25 -42.04
CA ASN O 144 21.39 -42.63 -42.15
C ASN O 144 21.93 -43.41 -40.97
N ILE O 145 21.02 -44.01 -40.20
CA ILE O 145 21.38 -44.89 -39.07
C ILE O 145 20.76 -46.28 -39.22
N SER O 146 21.62 -47.30 -39.28
CA SER O 146 21.20 -48.68 -39.48
C SER O 146 20.51 -49.23 -38.24
N GLU O 147 21.09 -48.91 -37.08
CA GLU O 147 20.61 -49.46 -35.82
C GLU O 147 20.84 -48.56 -34.62
N MET O 148 19.74 -48.24 -33.94
CA MET O 148 19.79 -47.59 -32.64
C MET O 148 19.23 -48.57 -31.62
N THR O 149 19.96 -48.74 -30.52
CA THR O 149 19.50 -49.59 -29.41
C THR O 149 19.14 -48.72 -28.20
N PHE O 150 17.97 -48.97 -27.64
CA PHE O 150 17.48 -48.18 -26.50
C PHE O 150 17.14 -49.06 -25.31
N ALA O 151 17.55 -48.59 -24.13
CA ALA O 151 17.51 -49.41 -22.91
C ALA O 151 16.51 -48.87 -21.90
N LEU O 152 15.54 -49.73 -21.56
CA LEU O 152 14.46 -49.39 -20.63
C LEU O 152 14.94 -48.89 -19.27
N ASP P 8 56.10 -31.93 -19.00
CA ASP P 8 54.78 -31.79 -19.65
C ASP P 8 54.76 -32.44 -21.07
N THR P 9 53.80 -33.32 -21.31
CA THR P 9 53.51 -33.86 -22.66
C THR P 9 52.14 -33.35 -23.17
N SER P 10 51.50 -32.54 -22.33
CA SER P 10 50.13 -32.04 -22.48
C SER P 10 49.99 -30.76 -23.32
N ILE P 11 48.74 -30.33 -23.48
CA ILE P 11 48.36 -29.01 -24.03
C ILE P 11 47.02 -28.60 -23.42
N ASP P 12 47.06 -27.50 -22.67
CA ASP P 12 45.92 -27.06 -21.87
C ASP P 12 44.82 -26.48 -22.75
N ILE P 13 43.80 -25.90 -22.10
CA ILE P 13 42.61 -25.41 -22.79
C ILE P 13 42.93 -24.37 -23.88
N GLU P 14 43.49 -23.23 -23.51
CA GLU P 14 43.66 -22.07 -24.40
C GLU P 14 44.28 -22.42 -25.75
N ASP P 15 45.14 -23.43 -25.75
CA ASP P 15 45.72 -23.98 -26.98
C ASP P 15 44.72 -24.84 -27.73
N ILE P 16 43.94 -25.63 -26.99
CA ILE P 16 42.90 -26.50 -27.56
C ILE P 16 42.00 -25.66 -28.44
N LYS P 17 41.64 -24.48 -27.92
CA LYS P 17 40.85 -23.51 -28.67
C LYS P 17 41.53 -22.92 -29.93
N LYS P 18 42.86 -23.03 -30.02
CA LYS P 18 43.59 -22.65 -31.25
C LYS P 18 43.64 -23.80 -32.26
N ILE P 19 43.59 -25.03 -31.75
CA ILE P 19 43.50 -26.21 -32.62
C ILE P 19 42.08 -26.33 -33.13
N LEU P 20 41.13 -26.42 -32.18
CA LEU P 20 39.74 -26.69 -32.49
C LEU P 20 39.02 -25.40 -32.76
N PRO P 21 38.06 -25.41 -33.71
CA PRO P 21 37.13 -24.29 -33.89
C PRO P 21 35.97 -24.27 -32.90
N HIS P 22 35.75 -25.38 -32.18
CA HIS P 22 34.59 -25.53 -31.27
C HIS P 22 34.61 -24.49 -30.15
N ARG P 23 33.44 -23.96 -29.82
CA ARG P 23 33.27 -22.99 -28.72
C ARG P 23 32.04 -23.33 -27.88
N TYR P 24 31.76 -22.50 -26.86
CA TYR P 24 30.65 -22.74 -25.94
C TYR P 24 29.35 -22.67 -26.75
N PRO P 25 28.37 -23.55 -26.45
CA PRO P 25 28.27 -24.60 -25.44
C PRO P 25 28.64 -26.01 -25.93
N PHE P 26 29.48 -26.10 -26.95
CA PHE P 26 29.78 -27.38 -27.56
C PHE P 26 31.26 -27.72 -27.69
N LEU P 27 32.09 -27.08 -26.87
CA LEU P 27 33.45 -27.56 -26.64
C LEU P 27 33.42 -28.53 -25.45
N LEU P 28 33.84 -29.78 -25.66
CA LEU P 28 33.70 -30.87 -24.67
C LEU P 28 35.00 -31.64 -24.34
N VAL P 29 36.14 -31.00 -24.59
CA VAL P 29 37.46 -31.51 -24.20
C VAL P 29 38.09 -30.41 -23.37
N ASP P 30 38.09 -30.59 -22.05
CA ASP P 30 38.63 -29.56 -21.13
C ASP P 30 40.17 -29.53 -21.11
N LYS P 31 40.80 -30.70 -21.33
CA LYS P 31 42.27 -30.84 -21.28
C LYS P 31 42.78 -32.03 -22.11
N VAL P 32 43.99 -31.88 -22.66
CA VAL P 32 44.72 -32.96 -23.28
C VAL P 32 45.88 -33.28 -22.35
N ILE P 33 45.93 -34.54 -21.89
CA ILE P 33 46.96 -35.01 -20.96
C ILE P 33 48.11 -35.81 -21.63
N TYR P 34 47.79 -36.58 -22.67
CA TYR P 34 48.80 -37.29 -23.47
C TYR P 34 48.47 -37.29 -24.96
N MET P 35 49.49 -37.03 -25.77
CA MET P 35 49.31 -37.07 -27.22
C MET P 35 50.55 -37.53 -27.98
N GLN P 36 50.33 -38.54 -28.80
CA GLN P 36 51.35 -39.00 -29.68
C GLN P 36 50.83 -38.87 -31.10
N PRO P 37 51.47 -38.01 -31.90
CA PRO P 37 50.96 -37.72 -33.24
C PRO P 37 50.95 -38.98 -34.09
N ASN P 38 49.87 -39.14 -34.87
CA ASN P 38 49.67 -40.29 -35.77
C ASN P 38 49.44 -41.62 -35.05
N LYS P 39 49.27 -41.58 -33.73
CA LYS P 39 49.01 -42.81 -32.99
C LYS P 39 47.83 -42.70 -32.04
N THR P 40 48.00 -41.97 -30.94
CA THR P 40 46.97 -41.89 -29.91
C THR P 40 46.88 -40.52 -29.20
N ILE P 41 45.83 -40.36 -28.40
CA ILE P 41 45.56 -39.13 -27.69
C ILE P 41 44.74 -39.45 -26.45
N ILE P 42 45.08 -38.79 -25.34
CA ILE P 42 44.34 -38.97 -24.09
C ILE P 42 43.99 -37.60 -23.50
N GLY P 43 42.74 -37.46 -23.07
CA GLY P 43 42.26 -36.22 -22.45
C GLY P 43 41.12 -36.39 -21.44
N LEU P 44 40.70 -35.27 -20.85
CA LEU P 44 39.54 -35.30 -19.96
C LEU P 44 38.41 -34.30 -20.26
N LYS P 45 37.22 -34.69 -19.82
CA LYS P 45 36.07 -33.80 -19.76
C LYS P 45 35.44 -33.89 -18.34
N GLN P 46 35.44 -32.75 -17.65
CA GLN P 46 34.96 -32.64 -16.29
C GLN P 46 33.47 -32.36 -16.29
N VAL P 47 32.72 -33.23 -15.64
CA VAL P 47 31.29 -33.18 -15.72
C VAL P 47 30.78 -32.51 -14.47
N SER P 48 30.11 -31.37 -14.65
CA SER P 48 29.60 -30.58 -13.56
C SER P 48 28.13 -30.32 -13.81
N THR P 49 27.37 -30.19 -12.73
CA THR P 49 25.96 -29.86 -12.83
C THR P 49 25.78 -28.53 -13.55
N ASN P 50 26.80 -27.69 -13.46
CA ASN P 50 26.73 -26.30 -13.92
C ASN P 50 26.95 -26.13 -15.43
N GLU P 51 26.44 -27.12 -16.20
CA GLU P 51 26.54 -27.15 -17.66
C GLU P 51 25.18 -26.99 -18.29
N PRO P 52 25.11 -26.22 -19.38
CA PRO P 52 23.79 -25.86 -19.88
C PRO P 52 22.88 -27.05 -20.25
N PHE P 53 23.46 -28.21 -20.57
CA PHE P 53 22.62 -29.35 -21.04
C PHE P 53 21.87 -30.14 -19.97
N PHE P 54 22.22 -29.90 -18.71
CA PHE P 54 21.74 -30.78 -17.64
C PHE P 54 20.31 -30.52 -17.26
N ASN P 55 19.84 -29.33 -17.59
CA ASN P 55 18.46 -28.94 -17.33
C ASN P 55 17.49 -29.65 -18.22
N GLY P 56 17.96 -30.05 -19.41
CA GLY P 56 17.12 -30.74 -20.36
C GLY P 56 17.27 -32.24 -20.41
N HIS P 57 18.22 -32.79 -19.64
CA HIS P 57 18.54 -34.23 -19.75
C HIS P 57 19.04 -34.84 -18.42
N PHE P 58 18.17 -34.98 -17.41
CA PHE P 58 16.74 -34.64 -17.43
C PHE P 58 16.41 -33.88 -16.14
N PRO P 59 15.27 -33.13 -16.12
CA PRO P 59 14.97 -32.25 -14.97
C PRO P 59 14.93 -32.92 -13.60
N GLN P 60 14.70 -34.24 -13.59
CA GLN P 60 14.70 -34.98 -12.34
C GLN P 60 15.97 -35.84 -12.18
N LYS P 61 16.66 -36.15 -13.28
CA LYS P 61 17.88 -36.98 -13.20
C LYS P 61 18.98 -36.53 -14.16
N GLN P 62 20.03 -35.95 -13.60
CA GLN P 62 21.12 -35.39 -14.42
C GLN P 62 22.06 -36.51 -14.88
N ILE P 63 22.01 -36.79 -16.18
CA ILE P 63 22.73 -37.88 -16.83
C ILE P 63 23.25 -37.34 -18.13
N MET P 64 24.57 -37.27 -18.28
CA MET P 64 25.15 -36.73 -19.50
C MET P 64 24.70 -37.50 -20.73
N PRO P 65 24.15 -36.78 -21.73
CA PRO P 65 23.66 -37.41 -22.96
C PRO P 65 24.68 -38.34 -23.63
N GLY P 66 24.23 -39.55 -23.93
CA GLY P 66 25.02 -40.48 -24.74
C GLY P 66 25.74 -39.81 -25.90
N VAL P 67 25.07 -38.92 -26.60
CA VAL P 67 25.59 -38.36 -27.85
C VAL P 67 26.73 -37.34 -27.69
N LEU P 68 26.79 -36.71 -26.50
CA LEU P 68 27.80 -35.68 -26.24
C LEU P 68 29.05 -36.33 -25.68
N GLN P 69 28.89 -37.55 -25.18
CA GLN P 69 30.01 -38.40 -24.91
C GLN P 69 30.73 -38.72 -26.23
N ILE P 70 29.99 -39.29 -27.19
CA ILE P 70 30.49 -39.49 -28.57
C ILE P 70 31.19 -38.21 -29.00
N GLU P 71 30.49 -37.08 -28.87
CA GLU P 71 31.03 -35.78 -29.32
C GLU P 71 32.38 -35.41 -28.68
N ALA P 72 32.52 -35.73 -27.39
CA ALA P 72 33.73 -35.39 -26.67
C ALA P 72 34.90 -36.16 -27.26
N LEU P 73 34.69 -37.47 -27.42
CA LEU P 73 35.64 -38.33 -28.08
C LEU P 73 35.88 -37.94 -29.53
N ALA P 74 34.85 -37.44 -30.19
CA ALA P 74 34.97 -36.91 -31.55
C ALA P 74 35.93 -35.73 -31.58
N GLN P 75 35.76 -34.81 -30.63
CA GLN P 75 36.53 -33.56 -30.61
C GLN P 75 37.97 -33.82 -30.25
N LEU P 76 38.17 -34.80 -29.36
CA LEU P 76 39.50 -35.22 -28.93
C LEU P 76 40.23 -35.85 -30.10
N ALA P 77 39.53 -36.73 -30.83
CA ALA P 77 40.08 -37.40 -32.00
C ALA P 77 40.57 -36.43 -33.05
N GLY P 78 39.87 -35.31 -33.16
CA GLY P 78 40.23 -34.26 -34.12
C GLY P 78 41.51 -33.55 -33.75
N ILE P 79 41.69 -33.30 -32.46
CA ILE P 79 42.94 -32.73 -31.95
C ILE P 79 44.13 -33.56 -32.45
N LEU P 80 44.00 -34.87 -32.33
CA LEU P 80 44.99 -35.82 -32.86
C LEU P 80 45.20 -35.67 -34.38
N CYS P 81 44.11 -35.50 -35.13
CA CYS P 81 44.17 -35.38 -36.60
C CYS P 81 44.82 -34.09 -37.10
N LEU P 82 44.62 -33.01 -36.35
CA LEU P 82 45.19 -31.72 -36.71
C LEU P 82 46.65 -31.56 -36.26
N LYS P 83 47.06 -32.32 -35.25
CA LYS P 83 48.44 -32.29 -34.80
C LYS P 83 49.29 -33.38 -35.47
N SER P 84 48.62 -34.34 -36.11
CA SER P 84 49.32 -35.37 -36.88
C SER P 84 49.75 -34.75 -38.22
N ASP P 85 48.79 -34.10 -38.88
CA ASP P 85 48.97 -33.57 -40.23
C ASP P 85 48.07 -32.33 -40.36
N ASP P 86 48.69 -31.15 -40.33
CA ASP P 86 47.96 -29.90 -40.56
C ASP P 86 48.18 -29.37 -41.98
N SER P 87 48.92 -30.15 -42.79
CA SER P 87 49.21 -29.80 -44.19
C SER P 87 48.01 -29.22 -44.93
N GLN P 88 46.84 -29.83 -44.76
CA GLN P 88 45.60 -29.28 -45.30
C GLN P 88 45.08 -28.27 -44.28
N LYS P 89 45.22 -26.98 -44.61
CA LYS P 89 44.78 -25.89 -43.72
C LYS P 89 43.26 -25.77 -43.67
N ASN P 90 42.68 -26.55 -42.76
CA ASN P 90 41.27 -26.51 -42.43
C ASN P 90 41.16 -27.20 -41.09
N ASN P 91 40.67 -26.49 -40.07
CA ASN P 91 40.43 -27.11 -38.75
C ASN P 91 38.96 -27.55 -38.58
N LEU P 92 38.13 -27.38 -39.61
CA LEU P 92 36.70 -27.71 -39.53
C LEU P 92 36.37 -29.09 -40.12
N PHE P 93 36.75 -30.14 -39.39
CA PHE P 93 36.44 -31.52 -39.76
C PHE P 93 34.98 -31.84 -39.44
N LEU P 94 34.32 -32.54 -40.36
CA LEU P 94 32.95 -32.96 -40.09
C LEU P 94 32.89 -34.44 -39.79
N PHE P 95 32.00 -34.79 -38.87
CA PHE P 95 31.71 -36.17 -38.53
C PHE P 95 31.09 -36.82 -39.76
N ALA P 96 31.73 -37.87 -40.29
CA ALA P 96 31.25 -38.51 -41.53
C ALA P 96 30.36 -39.72 -41.25
N GLY P 97 30.80 -40.54 -40.30
CA GLY P 97 30.04 -41.68 -39.81
C GLY P 97 30.64 -42.16 -38.49
N VAL P 98 29.84 -42.91 -37.73
CA VAL P 98 30.30 -43.54 -36.48
C VAL P 98 29.63 -44.92 -36.37
N ASP P 99 30.28 -45.85 -35.65
CA ASP P 99 29.92 -47.26 -35.76
C ASP P 99 30.39 -48.05 -34.55
N GLY P 100 29.51 -48.88 -34.01
CA GLY P 100 29.85 -49.77 -32.91
C GLY P 100 29.95 -49.04 -31.59
N VAL P 101 28.99 -48.15 -31.35
CA VAL P 101 28.95 -47.33 -30.14
C VAL P 101 28.20 -48.10 -29.08
N ARG P 102 28.77 -48.18 -27.89
CA ARG P 102 28.13 -48.80 -26.75
C ARG P 102 28.30 -47.91 -25.53
N TRP P 103 27.19 -47.71 -24.82
CA TRP P 103 27.15 -46.99 -23.55
C TRP P 103 26.90 -48.01 -22.45
N LYS P 104 27.82 -48.05 -21.47
CA LYS P 104 27.78 -49.06 -20.41
C LYS P 104 27.20 -48.51 -19.10
N LYS P 105 27.60 -47.29 -18.74
CA LYS P 105 27.21 -46.65 -17.51
C LYS P 105 26.82 -45.20 -17.76
N PRO P 106 25.81 -44.70 -17.01
CA PRO P 106 25.53 -43.28 -17.04
C PRO P 106 26.75 -42.49 -16.55
N VAL P 107 26.94 -41.27 -17.07
CA VAL P 107 28.01 -40.37 -16.65
C VAL P 107 27.39 -39.19 -15.91
N LEU P 108 27.75 -39.01 -14.64
CA LEU P 108 26.99 -38.08 -13.78
C LEU P 108 27.74 -36.82 -13.36
N PRO P 109 27.01 -35.75 -12.96
CA PRO P 109 27.78 -34.59 -12.50
C PRO P 109 28.73 -35.00 -11.37
N GLY P 110 29.99 -34.54 -11.46
CA GLY P 110 31.04 -34.86 -10.47
C GLY P 110 32.02 -35.90 -10.98
N ASP P 111 31.68 -36.49 -12.14
CA ASP P 111 32.48 -37.52 -12.77
C ASP P 111 33.53 -36.89 -13.64
N THR P 112 34.73 -37.45 -13.60
CA THR P 112 35.75 -37.07 -14.56
C THR P 112 35.71 -38.08 -15.70
N LEU P 113 35.41 -37.58 -16.90
CA LEU P 113 35.38 -38.39 -18.11
C LEU P 113 36.77 -38.36 -18.71
N THR P 114 37.52 -39.43 -18.48
CA THR P 114 38.80 -39.62 -19.13
C THR P 114 38.52 -40.35 -20.43
N MET P 115 39.08 -39.84 -21.51
CA MET P 115 38.78 -40.37 -22.83
C MET P 115 40.06 -40.66 -23.61
N GLN P 116 40.07 -41.76 -24.36
CA GLN P 116 41.15 -42.09 -25.28
C GLN P 116 40.67 -42.41 -26.69
N ALA P 117 41.33 -41.83 -27.69
CA ALA P 117 41.10 -42.19 -29.09
C ALA P 117 42.38 -42.72 -29.77
N ASN P 118 42.20 -43.75 -30.59
CA ASN P 118 43.28 -44.36 -31.39
C ASN P 118 43.07 -44.12 -32.87
N LEU P 119 44.10 -43.61 -33.55
CA LEU P 119 44.04 -43.44 -35.00
C LEU P 119 44.30 -44.77 -35.74
N ILE P 120 43.27 -45.22 -36.46
CA ILE P 120 43.36 -46.42 -37.29
C ILE P 120 44.04 -46.13 -38.63
N SER P 121 43.54 -45.10 -39.33
CA SER P 121 43.96 -44.78 -40.70
C SER P 121 43.75 -43.30 -41.04
N PHE P 122 44.52 -42.78 -42.00
CA PHE P 122 44.46 -41.38 -42.42
C PHE P 122 44.95 -41.20 -43.88
N LYS P 123 44.42 -40.19 -44.56
CA LYS P 123 44.90 -39.78 -45.90
C LYS P 123 46.39 -39.50 -45.92
N ILE P 128 40.39 -39.81 -45.60
CA ILE P 128 39.38 -40.34 -44.69
C ILE P 128 39.97 -40.86 -43.39
N ALA P 129 40.10 -39.96 -42.41
CA ALA P 129 40.58 -40.35 -41.07
C ALA P 129 39.55 -41.18 -40.30
N LYS P 130 39.96 -42.37 -39.86
CA LYS P 130 39.14 -43.26 -39.03
C LYS P 130 39.80 -43.55 -37.68
N LEU P 131 39.03 -43.39 -36.60
CA LEU P 131 39.56 -43.48 -35.24
C LEU P 131 38.67 -44.33 -34.34
N SER P 132 39.30 -44.97 -33.35
CA SER P 132 38.58 -45.74 -32.34
C SER P 132 38.61 -45.00 -31.03
N GLY P 133 37.69 -45.31 -30.12
CA GLY P 133 37.62 -44.57 -28.86
C GLY P 133 37.00 -45.29 -27.69
N VAL P 134 37.53 -45.02 -26.50
CA VAL P 134 37.01 -45.57 -25.25
C VAL P 134 37.02 -44.44 -24.20
N GLY P 135 35.94 -44.36 -23.44
CA GLY P 135 35.81 -43.33 -22.42
C GLY P 135 35.65 -43.94 -21.05
N TYR P 136 36.34 -43.32 -20.08
CA TYR P 136 36.41 -43.88 -18.75
C TYR P 136 35.97 -42.89 -17.70
N VAL P 137 35.27 -43.41 -16.71
CA VAL P 137 35.10 -42.75 -15.43
C VAL P 137 35.52 -43.73 -14.35
N ASN P 138 36.55 -43.35 -13.58
CA ASN P 138 37.05 -44.09 -12.42
C ASN P 138 37.67 -45.45 -12.75
N GLY P 139 38.34 -45.52 -13.89
CA GLY P 139 39.00 -46.74 -14.31
C GLY P 139 38.07 -47.63 -15.08
N LYS P 140 36.76 -47.37 -14.94
CA LYS P 140 35.73 -48.18 -15.58
C LYS P 140 35.35 -47.60 -16.95
N VAL P 141 34.94 -48.49 -17.86
CA VAL P 141 34.52 -48.06 -19.19
C VAL P 141 33.05 -47.62 -19.11
N VAL P 142 32.73 -46.51 -19.78
CA VAL P 142 31.34 -46.01 -19.84
C VAL P 142 30.88 -45.91 -21.29
N ILE P 143 31.81 -45.65 -22.19
CA ILE P 143 31.49 -45.58 -23.62
C ILE P 143 32.60 -46.18 -24.46
N ASN P 144 32.20 -46.89 -25.52
CA ASN P 144 33.10 -47.59 -26.40
C ASN P 144 32.67 -47.34 -27.83
N ILE P 145 33.59 -46.81 -28.63
CA ILE P 145 33.36 -46.58 -30.04
C ILE P 145 34.42 -47.28 -30.91
N SER P 146 33.95 -48.11 -31.83
CA SER P 146 34.80 -48.98 -32.64
C SER P 146 35.47 -48.20 -33.74
N GLU P 147 34.69 -47.32 -34.37
CA GLU P 147 35.19 -46.53 -35.48
C GLU P 147 34.42 -45.22 -35.60
N MET P 148 35.16 -44.13 -35.62
CA MET P 148 34.63 -42.81 -35.93
C MET P 148 35.28 -42.42 -37.22
N THR P 149 34.49 -42.02 -38.20
CA THR P 149 35.09 -41.60 -39.46
C THR P 149 34.90 -40.11 -39.70
N PHE P 150 35.99 -39.44 -40.08
CA PHE P 150 35.97 -38.00 -40.36
C PHE P 150 36.40 -37.68 -41.79
N ALA P 151 35.98 -36.52 -42.29
CA ALA P 151 36.24 -36.08 -43.67
C ALA P 151 37.24 -34.91 -43.77
N ASP Q 8 -0.71 3.05 -3.03
CA ASP Q 8 -0.90 1.62 -3.38
C ASP Q 8 0.44 0.89 -3.35
N THR Q 9 0.49 -0.18 -2.55
CA THR Q 9 1.72 -0.93 -2.25
C THR Q 9 2.50 -1.39 -3.52
N SER Q 10 3.79 -1.68 -3.35
CA SER Q 10 4.62 -2.06 -4.47
C SER Q 10 4.79 -3.59 -4.61
N ILE Q 11 4.03 -4.17 -5.53
CA ILE Q 11 4.06 -5.62 -5.81
C ILE Q 11 5.45 -6.13 -6.25
N ASP Q 12 6.03 -7.01 -5.43
CA ASP Q 12 7.35 -7.57 -5.67
C ASP Q 12 7.31 -8.62 -6.79
N ILE Q 13 8.50 -9.07 -7.20
CA ILE Q 13 8.65 -10.04 -8.29
C ILE Q 13 8.10 -11.44 -7.97
N GLU Q 14 7.96 -11.76 -6.69
CA GLU Q 14 7.46 -13.09 -6.30
C GLU Q 14 5.96 -13.16 -6.53
N ASP Q 15 5.23 -12.16 -6.06
CA ASP Q 15 3.81 -11.99 -6.35
C ASP Q 15 3.54 -11.79 -7.85
N ILE Q 16 4.33 -10.93 -8.50
CA ILE Q 16 4.27 -10.74 -9.95
C ILE Q 16 4.20 -12.08 -10.71
N LYS Q 17 4.90 -13.08 -10.17
CA LYS Q 17 5.01 -14.38 -10.80
C LYS Q 17 3.82 -15.27 -10.47
N LYS Q 18 2.99 -14.80 -9.54
CA LYS Q 18 1.75 -15.46 -9.17
C LYS Q 18 0.62 -14.82 -9.98
N ILE Q 19 0.89 -13.62 -10.49
CA ILE Q 19 -0.02 -12.97 -11.42
C ILE Q 19 0.26 -13.43 -12.86
N LEU Q 20 1.50 -13.21 -13.31
CA LEU Q 20 1.92 -13.60 -14.66
C LEU Q 20 2.40 -15.06 -14.75
N PRO Q 21 2.28 -15.65 -15.96
CA PRO Q 21 2.86 -16.98 -16.20
C PRO Q 21 4.27 -16.90 -16.78
N HIS Q 22 4.64 -15.71 -17.27
CA HIS Q 22 5.92 -15.50 -17.92
C HIS Q 22 7.07 -15.85 -17.00
N ARG Q 23 8.08 -16.53 -17.56
CA ARG Q 23 9.31 -16.81 -16.83
C ARG Q 23 10.59 -16.39 -17.58
N TYR Q 24 11.74 -16.73 -17.03
CA TYR Q 24 13.01 -16.43 -17.67
C TYR Q 24 13.15 -17.27 -18.94
N PRO Q 25 13.63 -16.66 -20.03
CA PRO Q 25 14.08 -15.26 -20.18
C PRO Q 25 13.06 -14.27 -20.80
N PHE Q 26 11.81 -14.33 -20.36
CA PHE Q 26 10.77 -13.45 -20.91
C PHE Q 26 9.83 -12.80 -19.88
N LEU Q 27 10.25 -12.73 -18.62
CA LEU Q 27 9.62 -11.86 -17.63
C LEU Q 27 10.34 -10.51 -17.62
N LEU Q 28 9.57 -9.45 -17.82
CA LEU Q 28 10.16 -8.14 -18.13
C LEU Q 28 9.65 -6.99 -17.28
N VAL Q 29 8.97 -7.34 -16.19
CA VAL Q 29 8.56 -6.37 -15.19
C VAL Q 29 9.21 -6.84 -13.91
N ASP Q 30 10.09 -6.02 -13.36
CA ASP Q 30 10.80 -6.39 -12.14
C ASP Q 30 10.01 -6.06 -10.86
N LYS Q 31 9.32 -4.92 -10.87
CA LYS Q 31 8.55 -4.48 -9.72
C LYS Q 31 7.38 -3.60 -10.12
N VAL Q 32 6.23 -3.82 -9.49
CA VAL Q 32 5.11 -2.88 -9.53
C VAL Q 32 5.25 -1.91 -8.36
N ILE Q 33 5.17 -0.60 -8.63
CA ILE Q 33 5.18 0.41 -7.56
C ILE Q 33 3.80 0.95 -7.23
N TYR Q 34 2.99 1.24 -8.24
CA TYR Q 34 1.63 1.74 -8.03
C TYR Q 34 0.61 0.99 -8.89
N MET Q 35 -0.46 0.51 -8.27
CA MET Q 35 -1.57 -0.05 -9.03
C MET Q 35 -2.93 0.49 -8.58
N GLN Q 36 -3.77 0.89 -9.53
CA GLN Q 36 -5.19 1.14 -9.23
C GLN Q 36 -6.02 0.27 -10.14
N PRO Q 37 -6.80 -0.67 -9.56
CA PRO Q 37 -7.58 -1.60 -10.37
C PRO Q 37 -8.50 -0.88 -11.33
N ASN Q 38 -8.54 -1.37 -12.57
CA ASN Q 38 -9.45 -0.89 -13.61
C ASN Q 38 -9.07 0.46 -14.21
N LYS Q 39 -7.93 1.02 -13.77
CA LYS Q 39 -7.48 2.33 -14.22
C LYS Q 39 -6.03 2.34 -14.70
N THR Q 40 -5.10 2.16 -13.78
CA THR Q 40 -3.70 2.41 -14.07
C THR Q 40 -2.72 1.55 -13.28
N ILE Q 41 -1.57 1.35 -13.87
CA ILE Q 41 -0.52 0.59 -13.27
C ILE Q 41 0.82 1.28 -13.55
N ILE Q 42 1.69 1.27 -12.55
CA ILE Q 42 3.03 1.77 -12.72
C ILE Q 42 4.01 0.74 -12.16
N GLY Q 43 5.09 0.54 -12.91
CA GLY Q 43 6.14 -0.40 -12.52
C GLY Q 43 7.39 -0.10 -13.30
N LEU Q 44 8.46 -0.84 -13.00
CA LEU Q 44 9.73 -0.65 -13.69
C LEU Q 44 10.38 -1.96 -14.18
N LYS Q 45 11.41 -1.77 -15.01
CA LYS Q 45 12.25 -2.84 -15.48
C LYS Q 45 13.65 -2.28 -15.48
N GLN Q 46 14.53 -2.88 -14.68
CA GLN Q 46 15.92 -2.43 -14.64
C GLN Q 46 16.73 -3.03 -15.78
N VAL Q 47 17.36 -2.16 -16.56
CA VAL Q 47 18.11 -2.60 -17.74
C VAL Q 47 19.59 -2.84 -17.42
N SER Q 48 19.95 -4.11 -17.34
CA SER Q 48 21.32 -4.54 -17.05
C SER Q 48 22.06 -5.02 -18.30
N THR Q 49 23.40 -4.93 -18.29
CA THR Q 49 24.21 -5.62 -19.30
C THR Q 49 24.34 -7.12 -19.01
N ASN Q 50 23.71 -7.58 -17.93
CA ASN Q 50 23.79 -8.98 -17.58
C ASN Q 50 22.48 -9.66 -17.96
N GLU Q 51 21.92 -9.20 -19.07
CA GLU Q 51 20.69 -9.75 -19.61
C GLU Q 51 20.91 -10.49 -20.92
N PRO Q 52 20.41 -11.75 -21.01
CA PRO Q 52 20.73 -12.65 -22.14
C PRO Q 52 20.72 -11.99 -23.51
N PHE Q 53 19.79 -11.06 -23.73
CA PHE Q 53 19.55 -10.52 -25.07
C PHE Q 53 20.64 -9.59 -25.59
N PHE Q 54 21.38 -8.98 -24.66
CA PHE Q 54 22.27 -7.88 -25.02
C PHE Q 54 23.43 -8.34 -25.87
N ASN Q 55 23.90 -9.56 -25.59
CA ASN Q 55 24.89 -10.23 -26.41
C ASN Q 55 24.52 -10.28 -27.90
N GLY Q 56 23.24 -10.41 -28.20
CA GLY Q 56 22.78 -10.39 -29.59
C GLY Q 56 22.23 -9.08 -30.13
N HIS Q 57 22.17 -8.03 -29.30
CA HIS Q 57 21.53 -6.81 -29.76
C HIS Q 57 22.11 -5.51 -29.16
N PHE Q 58 23.30 -5.08 -29.57
CA PHE Q 58 24.13 -5.71 -30.58
C PHE Q 58 25.50 -5.98 -29.95
N PRO Q 59 26.34 -6.80 -30.62
CA PRO Q 59 27.70 -7.07 -30.15
C PRO Q 59 28.54 -5.83 -29.83
N GLN Q 60 28.48 -4.83 -30.72
CA GLN Q 60 29.33 -3.63 -30.66
C GLN Q 60 28.66 -2.51 -29.84
N LYS Q 61 27.34 -2.59 -29.72
CA LYS Q 61 26.55 -1.57 -29.04
C LYS Q 61 25.35 -2.24 -28.43
N GLN Q 62 25.20 -2.07 -27.12
CA GLN Q 62 24.11 -2.70 -26.38
C GLN Q 62 22.93 -1.73 -26.33
N ILE Q 63 21.89 -2.03 -27.10
CA ILE Q 63 20.63 -1.26 -27.11
C ILE Q 63 19.43 -2.20 -26.91
N MET Q 64 18.67 -2.00 -25.84
CA MET Q 64 17.57 -2.92 -25.50
C MET Q 64 16.53 -2.89 -26.61
N PRO Q 65 16.24 -4.06 -27.19
CA PRO Q 65 15.26 -4.21 -28.26
C PRO Q 65 13.98 -3.44 -28.00
N GLY Q 66 13.56 -2.66 -28.99
CA GLY Q 66 12.31 -1.91 -28.95
C GLY Q 66 11.13 -2.82 -28.69
N VAL Q 67 11.21 -4.03 -29.27
CA VAL Q 67 10.15 -5.03 -29.19
C VAL Q 67 9.96 -5.55 -27.76
N LEU Q 68 11.06 -5.64 -27.00
CA LEU Q 68 10.99 -6.08 -25.61
C LEU Q 68 10.53 -4.94 -24.70
N GLN Q 69 10.64 -3.71 -25.20
CA GLN Q 69 10.02 -2.57 -24.52
C GLN Q 69 8.50 -2.68 -24.62
N ILE Q 70 8.02 -3.09 -25.80
CA ILE Q 70 6.60 -3.24 -26.01
C ILE Q 70 6.10 -4.31 -25.11
N GLU Q 71 6.83 -5.43 -25.10
CA GLU Q 71 6.50 -6.58 -24.26
C GLU Q 71 6.50 -6.20 -22.79
N ALA Q 72 7.54 -5.49 -22.35
CA ALA Q 72 7.64 -5.05 -20.94
C ALA Q 72 6.35 -4.34 -20.52
N LEU Q 73 6.00 -3.31 -21.26
CA LEU Q 73 4.73 -2.58 -21.08
C LEU Q 73 3.50 -3.48 -21.18
N ALA Q 74 3.56 -4.47 -22.07
CA ALA Q 74 2.44 -5.38 -22.31
C ALA Q 74 2.23 -6.32 -21.13
N GLN Q 75 3.33 -6.77 -20.53
CA GLN Q 75 3.27 -7.56 -19.31
C GLN Q 75 2.69 -6.76 -18.14
N LEU Q 76 3.25 -5.58 -17.89
CA LEU Q 76 2.70 -4.67 -16.88
C LEU Q 76 1.22 -4.36 -17.14
N ALA Q 77 0.83 -4.30 -18.41
CA ALA Q 77 -0.58 -4.13 -18.77
C ALA Q 77 -1.41 -5.32 -18.28
N GLY Q 78 -0.81 -6.50 -18.35
CA GLY Q 78 -1.50 -7.76 -18.06
C GLY Q 78 -1.83 -7.91 -16.59
N ILE Q 79 -0.86 -7.55 -15.74
CA ILE Q 79 -1.07 -7.48 -14.30
C ILE Q 79 -2.35 -6.67 -13.99
N LEU Q 80 -2.48 -5.48 -14.61
CA LEU Q 80 -3.69 -4.65 -14.47
C LEU Q 80 -4.99 -5.41 -14.78
N CYS Q 81 -5.09 -6.00 -15.97
CA CYS Q 81 -6.29 -6.77 -16.35
C CYS Q 81 -6.58 -7.92 -15.38
N LEU Q 82 -5.52 -8.63 -14.97
CA LEU Q 82 -5.65 -9.77 -14.10
C LEU Q 82 -5.99 -9.41 -12.65
N LYS Q 83 -5.61 -8.21 -12.22
CA LYS Q 83 -5.97 -7.75 -10.88
C LYS Q 83 -7.23 -6.87 -10.90
N SER Q 84 -7.64 -6.44 -12.09
CA SER Q 84 -8.87 -5.65 -12.25
C SER Q 84 -10.07 -6.59 -12.15
N ASP Q 85 -10.00 -7.66 -12.91
CA ASP Q 85 -11.07 -8.66 -13.00
C ASP Q 85 -10.42 -10.04 -13.21
N ASP Q 86 -10.33 -10.83 -12.13
CA ASP Q 86 -9.83 -12.21 -12.19
C ASP Q 86 -10.97 -13.24 -12.28
N SER Q 87 -12.17 -12.76 -12.63
CA SER Q 87 -13.36 -13.60 -12.82
C SER Q 87 -13.10 -14.77 -13.78
N GLN Q 88 -12.22 -14.54 -14.75
CA GLN Q 88 -11.72 -15.58 -15.62
C GLN Q 88 -10.50 -16.17 -14.95
N LYS Q 89 -10.46 -17.50 -14.84
CA LYS Q 89 -9.42 -18.22 -14.09
C LYS Q 89 -8.13 -18.43 -14.89
N ASN Q 90 -7.97 -17.69 -15.99
CA ASN Q 90 -6.85 -17.83 -16.90
C ASN Q 90 -5.94 -16.61 -16.94
N ASN Q 91 -4.67 -16.81 -16.61
CA ASN Q 91 -3.65 -15.74 -16.72
C ASN Q 91 -2.88 -15.77 -18.05
N LEU Q 92 -3.24 -16.71 -18.92
CA LEU Q 92 -2.60 -16.84 -20.24
C LEU Q 92 -3.15 -15.85 -21.28
N PHE Q 93 -2.79 -14.58 -21.10
CA PHE Q 93 -3.18 -13.51 -22.03
C PHE Q 93 -2.31 -13.54 -23.28
N LEU Q 94 -2.90 -13.20 -24.43
CA LEU Q 94 -2.15 -13.09 -25.69
C LEU Q 94 -2.31 -11.72 -26.35
N PHE Q 95 -1.24 -11.27 -27.00
CA PHE Q 95 -1.22 -10.03 -27.74
C PHE Q 95 -2.06 -10.20 -29.00
N ALA Q 96 -3.13 -9.42 -29.10
CA ALA Q 96 -4.03 -9.47 -30.27
C ALA Q 96 -3.61 -8.48 -31.35
N GLY Q 97 -3.36 -7.24 -30.95
CA GLY Q 97 -2.87 -6.20 -31.85
C GLY Q 97 -2.19 -5.08 -31.09
N VAL Q 98 -1.28 -4.39 -31.75
CA VAL Q 98 -0.65 -3.22 -31.16
C VAL Q 98 -0.60 -2.06 -32.19
N ASP Q 99 -0.63 -0.83 -31.70
CA ASP Q 99 -0.85 0.32 -32.58
C ASP Q 99 -0.24 1.61 -32.07
N GLY Q 100 0.39 2.35 -32.96
CA GLY Q 100 0.90 3.69 -32.66
C GLY Q 100 2.06 3.67 -31.69
N VAL Q 101 2.99 2.74 -31.92
CA VAL Q 101 4.17 2.60 -31.08
C VAL Q 101 5.23 3.54 -31.59
N ARG Q 102 5.74 4.37 -30.70
CA ARG Q 102 6.80 5.29 -31.04
C ARG Q 102 7.99 5.12 -30.10
N TRP Q 103 9.15 4.82 -30.67
CA TRP Q 103 10.40 4.82 -29.92
C TRP Q 103 11.13 6.14 -30.15
N LYS Q 104 11.47 6.80 -29.04
CA LYS Q 104 12.06 8.13 -29.05
C LYS Q 104 13.57 8.08 -28.78
N LYS Q 105 13.94 7.45 -27.67
CA LYS Q 105 15.34 7.38 -27.22
C LYS Q 105 15.78 5.95 -26.97
N PRO Q 106 17.03 5.61 -27.33
CA PRO Q 106 17.55 4.29 -27.02
C PRO Q 106 17.68 4.10 -25.52
N VAL Q 107 17.36 2.90 -25.06
CA VAL Q 107 17.44 2.49 -23.67
C VAL Q 107 18.69 1.62 -23.50
N LEU Q 108 19.45 1.84 -22.43
CA LEU Q 108 20.82 1.32 -22.33
C LEU Q 108 21.11 0.64 -20.99
N PRO Q 109 22.18 -0.18 -20.95
CA PRO Q 109 22.52 -0.76 -19.68
C PRO Q 109 22.77 0.40 -18.73
N GLY Q 110 22.05 0.40 -17.62
CA GLY Q 110 22.19 1.50 -16.65
C GLY Q 110 20.86 2.21 -16.40
N ASP Q 111 20.03 2.25 -17.44
CA ASP Q 111 18.70 2.83 -17.32
C ASP Q 111 17.72 2.00 -16.47
N THR Q 112 16.75 2.70 -15.89
CA THR Q 112 15.67 2.11 -15.16
C THR Q 112 14.42 2.49 -15.92
N LEU Q 113 13.79 1.49 -16.52
CA LEU Q 113 12.67 1.75 -17.40
C LEU Q 113 11.39 1.82 -16.57
N THR Q 114 10.89 3.03 -16.41
CA THR Q 114 9.68 3.27 -15.64
C THR Q 114 8.52 3.20 -16.62
N MET Q 115 7.55 2.35 -16.31
CA MET Q 115 6.47 2.07 -17.25
C MET Q 115 5.07 2.31 -16.66
N GLN Q 116 4.22 2.98 -17.43
CA GLN Q 116 2.86 3.28 -16.99
C GLN Q 116 1.82 2.95 -18.05
N ALA Q 117 0.90 2.04 -17.71
CA ALA Q 117 -0.18 1.64 -18.60
C ALA Q 117 -1.51 2.02 -18.00
N ASN Q 118 -2.45 2.31 -18.89
CA ASN Q 118 -3.78 2.78 -18.55
C ASN Q 118 -4.80 1.94 -19.27
N LEU Q 119 -5.85 1.55 -18.56
CA LEU Q 119 -6.91 0.76 -19.14
C LEU Q 119 -7.95 1.61 -19.92
N ILE Q 120 -8.02 1.38 -21.23
CA ILE Q 120 -8.96 2.08 -22.11
C ILE Q 120 -10.35 1.43 -22.05
N SER Q 121 -10.43 0.14 -22.38
CA SER Q 121 -11.70 -0.59 -22.38
C SER Q 121 -11.53 -2.03 -21.91
N PHE Q 122 -12.58 -2.59 -21.33
CA PHE Q 122 -12.63 -4.01 -20.93
C PHE Q 122 -13.99 -4.64 -21.26
N LYS Q 123 -13.96 -5.78 -21.97
CA LYS Q 123 -15.10 -6.67 -22.05
C LYS Q 123 -14.77 -8.07 -21.52
N GLY Q 127 -11.82 -12.45 -22.53
CA GLY Q 127 -12.18 -11.04 -22.62
C GLY Q 127 -11.21 -10.21 -23.45
N ILE Q 128 -11.75 -9.16 -24.09
CA ILE Q 128 -10.91 -8.23 -24.86
C ILE Q 128 -10.69 -6.91 -24.12
N ALA Q 129 -9.42 -6.56 -23.96
CA ALA Q 129 -9.02 -5.34 -23.26
C ALA Q 129 -8.01 -4.56 -24.09
N LYS Q 130 -8.24 -3.26 -24.21
CA LYS Q 130 -7.33 -2.30 -24.85
C LYS Q 130 -6.70 -1.40 -23.79
N LEU Q 131 -5.42 -1.05 -24.00
CA LEU Q 131 -4.62 -0.28 -23.03
C LEU Q 131 -3.56 0.56 -23.72
N SER Q 132 -3.18 1.67 -23.09
CA SER Q 132 -2.15 2.53 -23.63
C SER Q 132 -0.94 2.42 -22.74
N GLY Q 133 0.21 2.86 -23.22
CA GLY Q 133 1.44 2.68 -22.46
C GLY Q 133 2.52 3.67 -22.81
N VAL Q 134 3.18 4.16 -21.76
CA VAL Q 134 4.34 5.03 -21.91
C VAL Q 134 5.48 4.47 -21.07
N GLY Q 135 6.71 4.60 -21.54
CA GLY Q 135 7.86 4.11 -20.81
C GLY Q 135 8.90 5.20 -20.73
N TYR Q 136 9.48 5.37 -19.56
CA TYR Q 136 10.35 6.49 -19.28
C TYR Q 136 11.74 6.11 -18.80
N VAL Q 137 12.69 6.96 -19.17
CA VAL Q 137 14.05 6.89 -18.64
C VAL Q 137 14.39 8.28 -18.07
N ASN Q 138 14.61 8.34 -16.75
CA ASN Q 138 14.95 9.59 -16.06
C ASN Q 138 13.89 10.66 -16.23
N GLY Q 139 12.62 10.24 -16.17
CA GLY Q 139 11.49 11.13 -16.31
C GLY Q 139 11.09 11.44 -17.74
N LYS Q 140 11.99 11.13 -18.69
CA LYS Q 140 11.78 11.38 -20.12
C LYS Q 140 11.10 10.20 -20.81
N VAL Q 141 10.35 10.49 -21.87
CA VAL Q 141 9.66 9.48 -22.65
C VAL Q 141 10.64 8.85 -23.64
N VAL Q 142 10.73 7.53 -23.63
CA VAL Q 142 11.52 6.77 -24.59
C VAL Q 142 10.63 5.96 -25.55
N ILE Q 143 9.49 5.50 -25.05
CA ILE Q 143 8.57 4.70 -25.85
C ILE Q 143 7.13 5.13 -25.59
N ASN Q 144 6.31 5.04 -26.62
CA ASN Q 144 4.94 5.49 -26.55
C ASN Q 144 4.00 4.56 -27.29
N ILE Q 145 3.09 3.93 -26.54
CA ILE Q 145 2.05 3.12 -27.15
C ILE Q 145 0.67 3.76 -26.99
N SER Q 146 0.01 3.95 -28.12
CA SER Q 146 -1.35 4.46 -28.12
C SER Q 146 -2.33 3.37 -27.73
N GLU Q 147 -2.15 2.18 -28.29
CA GLU Q 147 -3.10 1.08 -28.06
C GLU Q 147 -2.42 -0.27 -28.13
N MET Q 148 -2.63 -1.04 -27.06
CA MET Q 148 -2.29 -2.47 -26.99
C MET Q 148 -3.60 -3.24 -26.87
N THR Q 149 -3.75 -4.29 -27.66
CA THR Q 149 -4.97 -5.12 -27.61
C THR Q 149 -4.64 -6.56 -27.22
N PHE Q 150 -5.42 -7.09 -26.27
CA PHE Q 150 -5.11 -8.36 -25.60
C PHE Q 150 -6.31 -9.34 -25.55
N ALA Q 151 -6.02 -10.63 -25.61
CA ALA Q 151 -7.06 -11.65 -25.58
C ALA Q 151 -6.80 -12.70 -24.51
N LEU Q 152 -7.87 -13.19 -23.90
CA LEU Q 152 -7.75 -14.19 -22.85
C LEU Q 152 -7.32 -15.54 -23.41
N ASP R 8 15.22 -14.09 -57.62
CA ASP R 8 15.64 -15.16 -56.65
C ASP R 8 17.11 -15.06 -56.23
N THR R 9 17.34 -15.12 -54.92
CA THR R 9 18.67 -15.14 -54.31
C THR R 9 18.59 -15.96 -53.01
N SER R 10 19.41 -17.01 -52.92
CA SER R 10 19.44 -17.91 -51.76
C SER R 10 20.69 -17.61 -50.92
N ILE R 11 20.49 -16.99 -49.75
CA ILE R 11 21.58 -16.38 -48.98
C ILE R 11 21.69 -16.88 -47.54
N ASP R 12 22.74 -17.66 -47.29
CA ASP R 12 22.93 -18.39 -46.03
C ASP R 12 23.17 -17.47 -44.88
N ILE R 13 22.74 -17.90 -43.69
CA ILE R 13 22.95 -17.14 -42.46
C ILE R 13 24.32 -16.46 -42.42
N GLU R 14 25.37 -17.17 -42.85
CA GLU R 14 26.71 -16.59 -42.89
C GLU R 14 26.68 -15.20 -43.54
N ASP R 15 26.05 -15.11 -44.71
CA ASP R 15 25.89 -13.85 -45.43
C ASP R 15 24.97 -12.84 -44.73
N ILE R 16 23.81 -13.30 -44.29
CA ILE R 16 22.89 -12.51 -43.45
C ILE R 16 23.66 -11.79 -42.33
N LYS R 17 24.56 -12.53 -41.69
CA LYS R 17 25.40 -12.03 -40.60
C LYS R 17 26.44 -11.00 -41.03
N LYS R 18 26.62 -10.84 -42.35
CA LYS R 18 27.54 -9.83 -42.89
C LYS R 18 26.75 -8.59 -43.28
N ILE R 19 25.44 -8.78 -43.44
CA ILE R 19 24.52 -7.67 -43.66
C ILE R 19 23.96 -7.20 -42.32
N LEU R 20 23.49 -8.12 -41.49
CA LEU R 20 22.95 -7.74 -40.17
C LEU R 20 24.01 -7.64 -39.09
N PRO R 21 23.80 -6.77 -38.08
CA PRO R 21 24.64 -6.81 -36.88
C PRO R 21 24.12 -7.76 -35.79
N HIS R 22 22.83 -8.07 -35.85
CA HIS R 22 22.19 -8.95 -34.87
C HIS R 22 22.91 -10.30 -34.73
N ARG R 23 23.03 -10.78 -33.49
CA ARG R 23 23.51 -12.12 -33.21
C ARG R 23 22.62 -12.84 -32.20
N TYR R 24 23.04 -14.02 -31.79
CA TYR R 24 22.29 -14.83 -30.84
C TYR R 24 22.31 -14.06 -29.54
N PRO R 25 21.17 -14.04 -28.81
CA PRO R 25 19.94 -14.74 -29.15
C PRO R 25 18.89 -13.85 -29.78
N PHE R 26 19.32 -12.92 -30.62
CA PHE R 26 18.41 -11.95 -31.25
C PHE R 26 18.62 -11.84 -32.76
N LEU R 27 19.00 -12.97 -33.37
CA LEU R 27 18.95 -13.13 -34.82
C LEU R 27 17.79 -14.04 -35.13
N LEU R 28 16.82 -13.50 -35.88
CA LEU R 28 15.54 -14.17 -36.15
C LEU R 28 15.21 -14.26 -37.64
N VAL R 29 16.24 -14.27 -38.50
CA VAL R 29 16.03 -14.59 -39.90
C VAL R 29 17.02 -15.67 -40.24
N ASP R 30 16.51 -16.88 -40.47
CA ASP R 30 17.39 -17.99 -40.75
C ASP R 30 17.84 -17.94 -42.21
N LYS R 31 16.89 -17.69 -43.12
CA LYS R 31 17.22 -17.70 -44.55
C LYS R 31 16.42 -16.70 -45.39
N VAL R 32 17.09 -16.17 -46.42
CA VAL R 32 16.48 -15.34 -47.49
C VAL R 32 16.40 -16.12 -48.84
N ILE R 33 15.18 -16.50 -49.24
CA ILE R 33 14.94 -17.15 -50.55
C ILE R 33 14.75 -16.21 -51.75
N TYR R 34 14.17 -15.01 -51.53
CA TYR R 34 13.97 -14.05 -52.63
C TYR R 34 14.15 -12.59 -52.18
N MET R 35 14.86 -11.80 -53.00
CA MET R 35 15.08 -10.38 -52.72
C MET R 35 15.28 -9.55 -53.98
N GLN R 36 14.36 -8.61 -54.20
CA GLN R 36 14.50 -7.65 -55.30
C GLN R 36 14.73 -6.23 -54.79
N PRO R 37 15.98 -5.72 -54.91
CA PRO R 37 16.40 -4.45 -54.33
C PRO R 37 15.40 -3.31 -54.55
N ASN R 38 15.14 -2.57 -53.47
CA ASN R 38 14.25 -1.42 -53.47
C ASN R 38 12.78 -1.74 -53.71
N LYS R 39 12.45 -3.03 -53.70
CA LYS R 39 11.08 -3.48 -53.91
C LYS R 39 10.58 -4.37 -52.78
N THR R 40 11.05 -5.62 -52.75
CA THR R 40 10.53 -6.64 -51.82
C THR R 40 11.59 -7.63 -51.37
N ILE R 41 11.24 -8.38 -50.33
CA ILE R 41 12.12 -9.37 -49.72
C ILE R 41 11.26 -10.48 -49.15
N ILE R 42 11.74 -11.72 -49.31
CA ILE R 42 11.08 -12.89 -48.80
C ILE R 42 12.14 -13.72 -48.10
N GLY R 43 11.83 -14.19 -46.89
CA GLY R 43 12.67 -15.10 -46.13
C GLY R 43 11.90 -15.93 -45.11
N LEU R 44 12.61 -16.70 -44.29
CA LEU R 44 11.97 -17.50 -43.25
C LEU R 44 12.71 -17.54 -41.91
N LYS R 45 11.97 -17.93 -40.87
CA LYS R 45 12.47 -18.19 -39.53
C LYS R 45 11.90 -19.53 -39.11
N GLN R 46 12.79 -20.47 -38.75
CA GLN R 46 12.41 -21.80 -38.30
C GLN R 46 12.20 -21.84 -36.79
N VAL R 47 11.00 -22.25 -36.38
CA VAL R 47 10.54 -22.11 -35.01
C VAL R 47 10.66 -23.43 -34.25
N SER R 48 11.80 -23.59 -33.59
CA SER R 48 12.08 -24.79 -32.82
C SER R 48 11.65 -24.65 -31.37
N THR R 49 11.37 -25.76 -30.70
CA THR R 49 11.26 -25.73 -29.25
C THR R 49 12.61 -25.52 -28.59
N ASN R 50 13.70 -25.72 -29.33
CA ASN R 50 15.03 -25.55 -28.79
C ASN R 50 15.51 -24.10 -28.89
N GLU R 51 14.62 -23.15 -28.63
CA GLU R 51 15.02 -21.75 -28.62
C GLU R 51 14.93 -21.23 -27.19
N PRO R 52 15.80 -20.26 -26.84
CA PRO R 52 15.91 -19.82 -25.44
C PRO R 52 14.61 -19.19 -24.92
N PHE R 53 13.91 -18.42 -25.76
CA PHE R 53 12.72 -17.72 -25.31
C PHE R 53 11.55 -18.63 -24.94
N PHE R 54 11.46 -19.82 -25.55
CA PHE R 54 10.30 -20.69 -25.30
C PHE R 54 10.05 -21.07 -23.85
N ASN R 55 11.11 -21.29 -23.07
CA ASN R 55 10.93 -21.60 -21.64
C ASN R 55 10.11 -20.55 -20.89
N GLY R 56 10.15 -19.30 -21.36
CA GLY R 56 9.51 -18.21 -20.64
C GLY R 56 8.17 -17.77 -21.21
N HIS R 57 7.83 -18.30 -22.37
CA HIS R 57 6.63 -17.89 -23.09
C HIS R 57 5.95 -19.07 -23.82
N PHE R 58 5.34 -20.01 -23.09
CA PHE R 58 5.19 -20.01 -21.64
C PHE R 58 5.50 -21.42 -21.14
N PRO R 59 5.84 -21.55 -19.84
CA PRO R 59 6.18 -22.86 -19.28
C PRO R 59 5.22 -23.96 -19.70
N GLN R 60 3.93 -23.66 -19.66
CA GLN R 60 2.89 -24.66 -19.86
C GLN R 60 2.38 -24.70 -21.31
N LYS R 61 2.72 -23.68 -22.11
CA LYS R 61 2.31 -23.64 -23.51
C LYS R 61 3.31 -22.83 -24.31
N GLN R 62 3.95 -23.47 -25.28
CA GLN R 62 4.95 -22.76 -26.05
C GLN R 62 4.30 -22.02 -27.22
N ILE R 63 4.42 -20.70 -27.22
CA ILE R 63 3.87 -19.84 -28.26
C ILE R 63 4.86 -18.75 -28.56
N MET R 64 5.32 -18.66 -29.81
CA MET R 64 6.28 -17.65 -30.21
C MET R 64 5.75 -16.27 -29.81
N PRO R 65 6.52 -15.52 -29.00
CA PRO R 65 6.02 -14.20 -28.61
C PRO R 65 5.77 -13.32 -29.82
N GLY R 66 4.64 -12.62 -29.81
CA GLY R 66 4.20 -11.80 -30.92
C GLY R 66 5.18 -10.70 -31.26
N VAL R 67 5.76 -10.10 -30.21
CA VAL R 67 6.83 -9.12 -30.40
C VAL R 67 8.05 -9.63 -31.22
N LEU R 68 8.38 -10.92 -31.11
CA LEU R 68 9.54 -11.45 -31.86
C LEU R 68 9.20 -11.73 -33.34
N GLN R 69 7.92 -11.95 -33.60
CA GLN R 69 7.39 -12.01 -34.97
C GLN R 69 7.54 -10.66 -35.68
N ILE R 70 7.24 -9.58 -34.96
CA ILE R 70 7.53 -8.23 -35.42
C ILE R 70 9.03 -8.12 -35.68
N GLU R 71 9.82 -8.38 -34.64
CA GLU R 71 11.29 -8.30 -34.75
C GLU R 71 11.85 -9.04 -35.97
N ALA R 72 11.35 -10.27 -36.21
CA ALA R 72 11.75 -11.08 -37.36
C ALA R 72 11.58 -10.35 -38.67
N LEU R 73 10.37 -9.84 -38.88
CA LEU R 73 10.04 -9.09 -40.08
C LEU R 73 10.85 -7.81 -40.15
N ALA R 74 11.04 -7.16 -38.98
CA ALA R 74 11.83 -5.94 -38.94
C ALA R 74 13.24 -6.19 -39.46
N GLN R 75 13.87 -7.26 -38.94
CA GLN R 75 15.20 -7.68 -39.39
C GLN R 75 15.26 -7.98 -40.89
N LEU R 76 14.20 -8.60 -41.40
CA LEU R 76 14.10 -8.94 -42.81
C LEU R 76 14.12 -7.65 -43.63
N ALA R 77 13.19 -6.74 -43.32
CA ALA R 77 13.11 -5.43 -43.95
C ALA R 77 14.44 -4.68 -43.88
N GLY R 78 15.12 -4.78 -42.74
CA GLY R 78 16.45 -4.20 -42.57
C GLY R 78 17.43 -4.66 -43.64
N ILE R 79 17.41 -5.95 -43.95
CA ILE R 79 18.26 -6.53 -44.99
C ILE R 79 17.98 -5.85 -46.33
N LEU R 80 16.71 -5.81 -46.71
CA LEU R 80 16.29 -5.12 -47.93
C LEU R 80 16.81 -3.67 -48.01
N CYS R 81 16.69 -2.90 -46.93
CA CYS R 81 17.21 -1.52 -46.87
C CYS R 81 18.72 -1.45 -47.10
N LEU R 82 19.46 -2.42 -46.56
CA LEU R 82 20.91 -2.42 -46.65
C LEU R 82 21.44 -2.93 -47.99
N LYS R 83 20.68 -3.81 -48.62
CA LYS R 83 21.05 -4.32 -49.95
C LYS R 83 20.53 -3.44 -51.07
N SER R 84 19.52 -2.61 -50.75
CA SER R 84 19.01 -1.59 -51.65
C SER R 84 19.97 -0.39 -51.77
N ASP R 85 20.45 0.11 -50.63
CA ASP R 85 21.25 1.34 -50.57
C ASP R 85 22.21 1.30 -49.37
N ASP R 86 23.46 0.91 -49.63
CA ASP R 86 24.48 0.88 -48.57
C ASP R 86 25.42 2.09 -48.65
N SER R 87 24.98 3.13 -49.37
CA SER R 87 25.69 4.41 -49.49
C SER R 87 26.00 5.00 -48.11
N GLN R 88 25.24 4.57 -47.10
CA GLN R 88 25.65 4.65 -45.69
C GLN R 88 25.81 3.25 -45.09
N LYS R 89 27.04 2.74 -45.15
CA LYS R 89 27.41 1.37 -44.70
C LYS R 89 27.04 1.05 -43.25
N ASN R 90 26.52 2.05 -42.55
CA ASN R 90 26.10 1.90 -41.16
C ASN R 90 24.93 0.91 -41.17
N ASN R 91 25.17 -0.27 -40.58
CA ASN R 91 24.16 -1.33 -40.54
C ASN R 91 23.27 -1.26 -39.28
N LEU R 92 23.57 -0.31 -38.38
CA LEU R 92 22.74 -0.07 -37.21
C LEU R 92 21.42 0.60 -37.55
N PHE R 93 20.42 -0.20 -37.91
CA PHE R 93 19.07 0.30 -38.16
C PHE R 93 18.17 0.11 -36.94
N LEU R 94 17.72 1.22 -36.35
CA LEU R 94 16.86 1.19 -35.16
C LEU R 94 15.38 1.40 -35.49
N PHE R 95 14.52 0.69 -34.76
CA PHE R 95 13.07 0.78 -34.90
C PHE R 95 12.55 2.15 -34.45
N ALA R 96 12.03 2.94 -35.38
CA ALA R 96 11.52 4.27 -35.00
C ALA R 96 10.05 4.23 -34.58
N GLY R 97 9.30 3.36 -35.25
CA GLY R 97 7.86 3.27 -35.02
C GLY R 97 7.30 2.13 -35.81
N VAL R 98 6.12 1.67 -35.39
CA VAL R 98 5.40 0.61 -36.10
C VAL R 98 3.91 0.86 -35.93
N ASP R 99 3.12 0.32 -36.87
CA ASP R 99 1.70 0.63 -36.88
C ASP R 99 0.84 -0.48 -37.46
N GLY R 100 -0.33 -0.67 -36.86
CA GLY R 100 -1.34 -1.58 -37.38
C GLY R 100 -0.89 -3.03 -37.44
N VAL R 101 -0.21 -3.46 -36.37
CA VAL R 101 0.27 -4.83 -36.23
C VAL R 101 -0.91 -5.71 -35.84
N ARG R 102 -1.06 -6.84 -36.53
CA ARG R 102 -2.13 -7.80 -36.22
C ARG R 102 -1.65 -9.24 -36.12
N TRP R 103 -2.01 -9.89 -35.02
CA TRP R 103 -1.71 -11.31 -34.83
C TRP R 103 -3.01 -12.10 -34.91
N LYS R 104 -3.05 -13.07 -35.81
CA LYS R 104 -4.28 -13.78 -36.13
C LYS R 104 -4.26 -15.19 -35.53
N LYS R 105 -3.06 -15.79 -35.58
CA LYS R 105 -2.84 -17.17 -35.15
C LYS R 105 -1.51 -17.24 -34.40
N PRO R 106 -1.49 -18.00 -33.30
CA PRO R 106 -0.27 -18.33 -32.58
C PRO R 106 0.72 -19.11 -33.44
N VAL R 107 1.98 -18.70 -33.41
CA VAL R 107 3.06 -19.42 -34.10
C VAL R 107 3.66 -20.47 -33.15
N LEU R 108 3.82 -21.71 -33.63
CA LEU R 108 4.17 -22.84 -32.74
C LEU R 108 5.50 -23.52 -33.09
N PRO R 109 6.15 -24.20 -32.11
CA PRO R 109 7.31 -25.03 -32.46
C PRO R 109 6.92 -26.09 -33.50
N GLY R 110 7.64 -26.12 -34.62
CA GLY R 110 7.25 -26.92 -35.76
C GLY R 110 6.92 -26.04 -36.96
N ASP R 111 6.56 -24.79 -36.71
CA ASP R 111 6.17 -23.90 -37.78
C ASP R 111 7.36 -23.25 -38.45
N THR R 112 7.27 -23.15 -39.78
CA THR R 112 8.15 -22.32 -40.59
C THR R 112 7.42 -21.01 -40.83
N LEU R 113 8.05 -19.92 -40.42
CA LEU R 113 7.48 -18.58 -40.55
C LEU R 113 8.06 -17.97 -41.82
N THR R 114 7.26 -17.98 -42.89
CA THR R 114 7.68 -17.40 -44.17
C THR R 114 7.23 -15.96 -44.15
N MET R 115 8.19 -15.05 -44.34
CA MET R 115 8.01 -13.62 -44.11
C MET R 115 8.25 -12.82 -45.39
N GLN R 116 7.45 -11.79 -45.60
CA GLN R 116 7.60 -10.92 -46.76
C GLN R 116 7.38 -9.46 -46.39
N ALA R 117 8.37 -8.64 -46.72
CA ALA R 117 8.29 -7.19 -46.52
C ALA R 117 8.34 -6.44 -47.85
N ASN R 118 7.66 -5.30 -47.88
CA ASN R 118 7.60 -4.45 -49.06
C ASN R 118 8.08 -3.04 -48.71
N LEU R 119 9.01 -2.52 -49.51
CA LEU R 119 9.52 -1.16 -49.29
C LEU R 119 8.49 -0.12 -49.77
N ILE R 120 8.13 0.80 -48.88
CA ILE R 120 7.17 1.85 -49.24
C ILE R 120 7.89 3.13 -49.66
N SER R 121 8.73 3.67 -48.78
CA SER R 121 9.52 4.85 -49.10
C SER R 121 10.88 4.81 -48.38
N PHE R 122 11.85 5.50 -48.98
CA PHE R 122 13.23 5.59 -48.48
C PHE R 122 13.75 7.00 -48.77
N LYS R 123 13.86 7.81 -47.71
CA LYS R 123 14.32 9.19 -47.84
C LYS R 123 15.77 9.33 -47.35
N SER R 124 16.70 9.58 -48.29
CA SER R 124 18.12 9.79 -47.97
C SER R 124 18.35 11.01 -47.05
N SER R 125 17.37 11.91 -47.00
CA SER R 125 17.40 13.10 -46.14
C SER R 125 17.38 12.74 -44.65
N LEU R 126 16.49 11.83 -44.27
CA LEU R 126 16.25 11.51 -42.87
C LEU R 126 16.41 10.02 -42.55
N GLY R 127 16.95 9.25 -43.49
CA GLY R 127 17.16 7.80 -43.32
C GLY R 127 15.88 7.07 -42.89
N ILE R 128 14.74 7.70 -43.17
CA ILE R 128 13.43 7.16 -42.82
C ILE R 128 13.00 6.13 -43.88
N ALA R 129 13.33 4.87 -43.62
CA ALA R 129 12.81 3.74 -44.38
C ALA R 129 11.51 3.22 -43.76
N LYS R 130 10.47 3.13 -44.59
CA LYS R 130 9.17 2.63 -44.17
C LYS R 130 8.84 1.41 -45.01
N LEU R 131 8.41 0.36 -44.33
CA LEU R 131 8.06 -0.88 -45.02
C LEU R 131 6.76 -1.44 -44.46
N SER R 132 6.24 -2.49 -45.09
CA SER R 132 5.08 -3.20 -44.55
C SER R 132 5.51 -4.64 -44.41
N GLY R 133 4.80 -5.43 -43.59
CA GLY R 133 5.12 -6.85 -43.45
C GLY R 133 3.88 -7.75 -43.44
N VAL R 134 4.07 -9.01 -43.86
CA VAL R 134 3.10 -10.10 -43.70
C VAL R 134 3.83 -11.42 -43.45
N GLY R 135 3.36 -12.19 -42.45
CA GLY R 135 4.00 -13.45 -42.08
C GLY R 135 3.06 -14.62 -42.17
N TYR R 136 3.55 -15.69 -42.81
CA TYR R 136 2.74 -16.87 -43.11
C TYR R 136 3.30 -18.15 -42.54
N VAL R 137 2.38 -19.05 -42.19
CA VAL R 137 2.69 -20.40 -41.80
C VAL R 137 1.76 -21.28 -42.60
N ASN R 138 2.33 -22.18 -43.39
CA ASN R 138 1.54 -23.06 -44.27
C ASN R 138 0.60 -22.31 -45.21
N GLY R 139 1.07 -21.18 -45.73
CA GLY R 139 0.29 -20.37 -46.65
C GLY R 139 -0.71 -19.43 -45.99
N LYS R 140 -0.99 -19.66 -44.70
CA LYS R 140 -1.92 -18.81 -43.96
C LYS R 140 -1.22 -17.63 -43.30
N VAL R 141 -1.91 -16.50 -43.25
CA VAL R 141 -1.41 -15.30 -42.57
C VAL R 141 -1.51 -15.45 -41.04
N VAL R 142 -0.43 -15.12 -40.33
CA VAL R 142 -0.36 -15.25 -38.87
C VAL R 142 -0.08 -13.90 -38.20
N ILE R 143 0.72 -13.08 -38.87
CA ILE R 143 0.94 -11.70 -38.48
C ILE R 143 0.84 -10.80 -39.71
N ASN R 144 0.43 -9.56 -39.49
CA ASN R 144 0.27 -8.56 -40.52
C ASN R 144 0.79 -7.24 -39.96
N ILE R 145 1.69 -6.58 -40.68
CA ILE R 145 2.15 -5.25 -40.30
C ILE R 145 1.92 -4.24 -41.41
N SER R 146 1.33 -3.12 -41.04
CA SER R 146 0.93 -2.10 -41.99
C SER R 146 2.08 -1.14 -42.28
N GLU R 147 2.85 -0.81 -41.24
CA GLU R 147 3.99 0.10 -41.38
C GLU R 147 5.06 -0.07 -40.31
N MET R 148 6.29 -0.29 -40.78
CA MET R 148 7.48 -0.38 -39.93
C MET R 148 8.40 0.75 -40.30
N THR R 149 8.62 1.65 -39.34
CA THR R 149 9.51 2.79 -39.57
C THR R 149 10.85 2.55 -38.91
N PHE R 150 11.91 2.73 -39.69
CA PHE R 150 13.27 2.57 -39.18
C PHE R 150 14.04 3.88 -39.14
N ALA R 151 15.29 3.79 -38.69
CA ALA R 151 16.19 4.93 -38.60
C ALA R 151 17.64 4.45 -38.56
N LEU R 152 18.52 5.18 -39.24
CA LEU R 152 19.95 4.92 -39.24
C LEU R 152 20.62 5.68 -38.10
N SER R 153 21.47 4.98 -37.33
CA SER R 153 22.06 5.54 -36.12
C SER R 153 23.54 5.21 -36.00
N ASP S 8 11.42 38.23 36.69
CA ASP S 8 12.52 38.33 35.68
C ASP S 8 12.80 36.98 35.02
N THR S 9 13.11 35.96 35.83
CA THR S 9 13.47 34.59 35.39
C THR S 9 14.41 34.51 34.17
N SER S 10 15.48 35.31 34.21
CA SER S 10 16.29 35.63 33.03
C SER S 10 17.77 35.23 33.11
N ILE S 11 18.32 34.80 31.97
CA ILE S 11 19.74 34.47 31.83
C ILE S 11 20.36 35.29 30.70
N ASP S 12 21.20 36.26 31.06
CA ASP S 12 21.92 37.06 30.10
C ASP S 12 23.15 36.28 29.60
N ILE S 13 23.86 36.83 28.62
CA ILE S 13 24.89 36.08 27.88
C ILE S 13 25.99 35.37 28.68
N GLU S 14 26.58 36.06 29.66
CA GLU S 14 27.70 35.49 30.42
C GLU S 14 27.29 34.25 31.16
N ASP S 15 26.03 34.24 31.60
CA ASP S 15 25.44 33.11 32.29
C ASP S 15 25.08 31.98 31.31
N ILE S 16 24.47 32.32 30.17
CA ILE S 16 24.17 31.35 29.10
C ILE S 16 25.41 30.52 28.79
N LYS S 17 26.55 31.20 28.66
CA LYS S 17 27.86 30.57 28.43
C LYS S 17 28.31 29.59 29.54
N LYS S 18 27.78 29.76 30.76
CA LYS S 18 28.05 28.85 31.90
C LYS S 18 27.17 27.62 31.87
N ILE S 19 26.10 27.69 31.08
CA ILE S 19 25.25 26.54 30.79
C ILE S 19 25.74 25.84 29.51
N LEU S 20 25.80 26.57 28.40
CA LEU S 20 26.10 26.00 27.09
C LEU S 20 27.61 25.94 26.75
N PRO S 21 28.06 24.84 26.13
CA PRO S 21 29.47 24.78 25.76
C PRO S 21 29.77 25.52 24.46
N HIS S 22 28.73 25.89 23.71
CA HIS S 22 28.95 26.51 22.42
C HIS S 22 29.59 27.84 22.59
N ARG S 23 30.36 28.23 21.58
CA ARG S 23 31.04 29.51 21.54
C ARG S 23 31.09 30.01 20.09
N TYR S 24 31.51 31.25 19.94
CA TYR S 24 31.64 31.90 18.63
C TYR S 24 32.42 30.99 17.68
N PRO S 25 32.02 30.94 16.40
CA PRO S 25 30.91 31.62 15.76
C PRO S 25 29.60 30.85 15.75
N PHE S 26 29.38 29.94 16.71
CA PHE S 26 28.19 29.11 16.70
C PHE S 26 27.41 29.14 18.03
N LEU S 27 27.46 30.29 18.70
CA LEU S 27 26.56 30.52 19.83
C LEU S 27 25.50 31.49 19.37
N LEU S 28 24.25 31.04 19.41
CA LEU S 28 23.17 31.74 18.74
C LEU S 28 21.98 32.06 19.63
N VAL S 29 22.21 32.11 20.94
CA VAL S 29 21.20 32.59 21.86
C VAL S 29 21.79 33.77 22.64
N ASP S 30 21.31 34.96 22.33
CA ASP S 30 21.84 36.16 22.95
C ASP S 30 21.27 36.36 24.36
N LYS S 31 20.00 36.06 24.55
CA LYS S 31 19.39 36.34 25.84
C LYS S 31 18.17 35.48 26.13
N VAL S 32 18.13 34.95 27.36
CA VAL S 32 16.96 34.24 27.89
C VAL S 32 16.06 35.22 28.68
N ILE S 33 14.82 35.41 28.21
CA ILE S 33 13.89 36.36 28.85
C ILE S 33 12.92 35.72 29.84
N TYR S 34 12.70 34.42 29.70
CA TYR S 34 11.81 33.68 30.59
C TYR S 34 12.07 32.20 30.48
N MET S 35 12.03 31.51 31.62
CA MET S 35 12.20 30.06 31.68
C MET S 35 11.44 29.48 32.88
N GLN S 36 10.74 28.37 32.63
CA GLN S 36 10.12 27.59 33.68
C GLN S 36 10.59 26.13 33.60
N PRO S 37 11.35 25.69 34.62
CA PRO S 37 11.98 24.37 34.62
C PRO S 37 10.99 23.26 34.29
N ASN S 38 11.41 22.35 33.43
CA ASN S 38 10.60 21.22 33.02
C ASN S 38 9.39 21.57 32.15
N LYS S 39 9.31 22.82 31.69
CA LYS S 39 8.17 23.26 30.89
C LYS S 39 8.52 24.08 29.63
N THR S 40 8.98 25.31 29.82
CA THR S 40 9.11 26.23 28.69
C THR S 40 10.26 27.24 28.84
N ILE S 41 10.77 27.72 27.70
CA ILE S 41 11.83 28.75 27.70
C ILE S 41 11.71 29.74 26.56
N ILE S 42 11.72 31.02 26.92
CA ILE S 42 11.66 32.08 25.92
C ILE S 42 13.00 32.84 25.90
N GLY S 43 13.52 33.05 24.70
CA GLY S 43 14.76 33.80 24.54
C GLY S 43 14.80 34.59 23.26
N LEU S 44 15.89 35.32 23.04
CA LEU S 44 16.06 35.98 21.76
C LEU S 44 17.46 35.88 21.16
N LYS S 45 17.52 35.85 19.84
CA LYS S 45 18.74 35.94 19.08
C LYS S 45 18.65 37.25 18.31
N GLN S 46 19.68 38.09 18.43
CA GLN S 46 19.71 39.33 17.67
C GLN S 46 20.35 39.07 16.31
N VAL S 47 19.76 39.60 15.25
CA VAL S 47 20.21 39.29 13.89
C VAL S 47 20.79 40.54 13.26
N SER S 48 22.11 40.52 13.10
CA SER S 48 22.81 41.70 12.62
C SER S 48 23.57 41.36 11.37
N THR S 49 23.75 42.35 10.50
CA THR S 49 24.57 42.18 9.31
C THR S 49 26.04 41.86 9.68
N ASN S 50 26.41 42.21 10.90
CA ASN S 50 27.75 41.97 11.43
C ASN S 50 27.96 40.57 11.98
N GLU S 51 27.49 39.55 11.27
CA GLU S 51 27.63 38.18 11.71
C GLU S 51 28.37 37.42 10.62
N PRO S 52 29.36 36.58 11.01
CA PRO S 52 30.22 35.96 10.01
C PRO S 52 29.44 35.24 8.89
N PHE S 53 28.41 34.48 9.24
CA PHE S 53 27.63 33.73 8.23
C PHE S 53 27.03 34.53 7.07
N PHE S 54 26.65 35.79 7.29
CA PHE S 54 25.91 36.58 6.27
C PHE S 54 26.63 36.74 4.93
N ASN S 55 27.93 37.04 4.99
CA ASN S 55 28.77 37.16 3.79
C ASN S 55 28.58 36.00 2.81
N GLY S 56 28.23 34.84 3.34
CA GLY S 56 28.12 33.59 2.56
C GLY S 56 26.69 33.11 2.36
N HIS S 57 25.72 33.89 2.80
CA HIS S 57 24.32 33.48 2.65
C HIS S 57 23.35 34.66 2.63
N PHE S 58 23.34 35.47 1.57
CA PHE S 58 24.11 35.29 0.33
C PHE S 58 24.72 36.66 -0.04
N PRO S 59 25.86 36.66 -0.76
CA PRO S 59 26.50 37.94 -1.04
C PRO S 59 25.51 39.03 -1.53
N GLN S 60 24.53 38.64 -2.32
CA GLN S 60 23.63 39.64 -2.91
C GLN S 60 22.31 39.72 -2.16
N LYS S 61 22.06 38.73 -1.31
CA LYS S 61 20.91 38.76 -0.41
C LYS S 61 21.23 38.13 0.94
N GLN S 62 21.36 39.00 1.96
CA GLN S 62 21.58 38.56 3.33
C GLN S 62 20.29 38.06 3.98
N ILE S 63 20.19 36.74 4.08
CA ILE S 63 19.08 36.04 4.72
C ILE S 63 19.66 35.07 5.74
N MET S 64 19.11 35.08 6.94
CA MET S 64 19.64 34.21 7.97
C MET S 64 19.35 32.78 7.61
N PRO S 65 20.39 31.92 7.58
CA PRO S 65 20.22 30.57 7.05
C PRO S 65 19.17 29.83 7.83
N GLY S 66 18.22 29.23 7.11
CA GLY S 66 17.23 28.33 7.71
C GLY S 66 17.79 27.56 8.88
N VAL S 67 18.76 26.71 8.60
CA VAL S 67 19.31 25.74 9.56
C VAL S 67 19.87 26.33 10.84
N LEU S 68 20.20 27.63 10.81
CA LEU S 68 20.82 28.29 11.97
C LEU S 68 19.75 28.70 12.98
N GLN S 69 18.58 29.07 12.44
CA GLN S 69 17.35 29.21 13.21
C GLN S 69 17.06 27.92 13.96
N ILE S 70 17.08 26.79 13.25
CA ILE S 70 16.96 25.51 13.95
C ILE S 70 17.90 25.52 15.15
N GLU S 71 19.18 25.74 14.87
CA GLU S 71 20.25 25.63 15.86
C GLU S 71 20.01 26.55 17.07
N ALA S 72 19.45 27.72 16.81
CA ALA S 72 19.14 28.68 17.86
C ALA S 72 18.04 28.17 18.78
N LEU S 73 16.99 27.57 18.21
CA LEU S 73 15.96 26.94 19.04
C LEU S 73 16.50 25.76 19.84
N ALA S 74 17.38 24.98 19.23
CA ALA S 74 17.96 23.79 19.89
C ALA S 74 18.87 24.21 21.02
N GLN S 75 19.66 25.24 20.77
CA GLN S 75 20.46 25.80 21.85
C GLN S 75 19.57 26.27 23.00
N LEU S 76 18.55 27.06 22.65
CA LEU S 76 17.51 27.39 23.60
C LEU S 76 16.97 26.14 24.31
N ALA S 77 16.64 25.10 23.53
CA ALA S 77 16.13 23.84 24.08
C ALA S 77 17.08 23.21 25.10
N GLY S 78 18.35 23.10 24.72
CA GLY S 78 19.41 22.58 25.59
C GLY S 78 19.47 23.30 26.92
N ILE S 79 19.33 24.63 26.90
CA ILE S 79 19.31 25.41 28.14
C ILE S 79 18.12 24.96 28.99
N LEU S 80 16.97 24.73 28.38
CA LEU S 80 15.82 24.25 29.14
C LEU S 80 16.11 22.88 29.77
N CYS S 81 16.73 22.00 29.00
CA CYS S 81 17.04 20.65 29.45
C CYS S 81 18.00 20.57 30.63
N LEU S 82 19.05 21.38 30.59
CA LEU S 82 20.08 21.37 31.63
C LEU S 82 19.71 22.18 32.88
N LYS S 83 18.75 23.10 32.75
CA LYS S 83 18.26 23.83 33.92
C LYS S 83 17.06 23.12 34.57
N SER S 84 16.50 22.15 33.86
CA SER S 84 15.39 21.35 34.37
C SER S 84 16.04 20.29 35.25
N ASP S 85 17.03 19.59 34.69
CA ASP S 85 17.71 18.49 35.37
C ASP S 85 19.18 18.39 34.93
N ASP S 86 20.08 18.86 35.81
CA ASP S 86 21.54 18.81 35.57
C ASP S 86 22.22 17.60 36.25
N SER S 87 21.41 16.74 36.88
CA SER S 87 21.89 15.56 37.65
C SER S 87 23.02 14.79 36.94
N GLN S 88 22.78 14.34 35.69
CA GLN S 88 23.86 13.79 34.85
C GLN S 88 24.65 15.00 34.35
N LYS S 89 25.84 15.20 34.95
CA LYS S 89 26.63 16.46 34.82
C LYS S 89 27.33 16.55 33.46
N ASN S 90 26.54 16.82 32.41
CA ASN S 90 27.04 16.87 31.04
C ASN S 90 26.29 17.94 30.23
N ASN S 91 26.98 19.03 29.91
CA ASN S 91 26.37 20.12 29.13
C ASN S 91 26.46 19.96 27.59
N LEU S 92 27.12 18.88 27.14
CA LEU S 92 27.25 18.56 25.71
C LEU S 92 26.07 17.74 25.18
N PHE S 93 24.95 18.42 24.92
CA PHE S 93 23.79 17.78 24.28
C PHE S 93 24.02 17.69 22.77
N LEU S 94 23.73 16.52 22.21
CA LEU S 94 23.78 16.38 20.77
C LEU S 94 22.40 16.29 20.17
N PHE S 95 22.26 16.92 19.01
CA PHE S 95 21.06 16.81 18.22
C PHE S 95 20.95 15.36 17.72
N ALA S 96 19.90 14.67 18.18
CA ALA S 96 19.58 13.30 17.78
C ALA S 96 18.70 13.30 16.55
N GLY S 97 17.66 14.15 16.57
CA GLY S 97 16.77 14.33 15.43
C GLY S 97 16.04 15.66 15.42
N VAL S 98 15.47 15.99 14.27
CA VAL S 98 14.54 17.12 14.15
C VAL S 98 13.43 16.78 13.15
N ASP S 99 12.22 17.26 13.45
CA ASP S 99 11.01 16.86 12.72
C ASP S 99 10.01 18.02 12.65
N GLY S 100 9.38 18.19 11.50
CA GLY S 100 8.30 19.15 11.31
C GLY S 100 8.75 20.59 11.34
N VAL S 101 9.81 20.87 10.59
CA VAL S 101 10.42 22.19 10.51
C VAL S 101 9.88 22.92 9.29
N ARG S 102 9.32 24.09 9.52
CA ARG S 102 8.78 24.91 8.45
C ARG S 102 9.23 26.34 8.66
N TRP S 103 9.88 26.90 7.65
CA TRP S 103 10.23 28.31 7.62
C TRP S 103 9.15 29.04 6.85
N LYS S 104 8.60 30.08 7.45
CA LYS S 104 7.47 30.81 6.87
C LYS S 104 7.92 32.07 6.17
N LYS S 105 8.83 32.77 6.81
CA LYS S 105 9.30 34.06 6.34
C LYS S 105 10.81 34.19 6.49
N PRO S 106 11.45 34.96 5.58
CA PRO S 106 12.89 35.23 5.69
C PRO S 106 13.16 36.03 6.96
N VAL S 107 14.22 35.66 7.67
CA VAL S 107 14.71 36.42 8.80
C VAL S 107 15.91 37.25 8.32
N LEU S 108 15.80 38.57 8.46
CA LEU S 108 16.75 39.49 7.86
C LEU S 108 17.52 40.28 8.92
N PRO S 109 18.73 40.81 8.57
CA PRO S 109 19.48 41.69 9.44
C PRO S 109 18.62 42.84 9.94
N GLY S 110 18.62 43.04 11.27
CA GLY S 110 17.76 44.04 11.91
C GLY S 110 16.60 43.42 12.70
N ASP S 111 16.23 42.20 12.34
CA ASP S 111 15.16 41.48 13.05
C ASP S 111 15.63 40.99 14.41
N THR S 112 14.70 40.94 15.35
CA THR S 112 14.96 40.32 16.63
C THR S 112 14.24 38.98 16.60
N LEU S 113 14.99 37.90 16.65
CA LEU S 113 14.40 36.58 16.62
C LEU S 113 14.03 36.24 18.04
N THR S 114 12.72 36.16 18.30
CA THR S 114 12.21 35.75 19.60
C THR S 114 11.79 34.28 19.53
N MET S 115 12.37 33.47 20.40
CA MET S 115 12.18 32.02 20.34
C MET S 115 11.56 31.42 21.59
N GLN S 116 10.71 30.42 21.39
CA GLN S 116 10.11 29.70 22.51
C GLN S 116 10.20 28.21 22.22
N ALA S 117 10.80 27.47 23.15
CA ALA S 117 10.84 26.03 23.08
C ALA S 117 10.15 25.46 24.32
N ASN S 118 9.47 24.33 24.16
CA ASN S 118 8.67 23.72 25.23
C ASN S 118 8.98 22.22 25.35
N LEU S 119 9.08 21.75 26.59
CA LEU S 119 9.44 20.36 26.86
C LEU S 119 8.26 19.43 26.66
N ILE S 120 8.49 18.39 25.86
CA ILE S 120 7.47 17.38 25.56
C ILE S 120 7.62 16.18 26.50
N SER S 121 8.85 15.72 26.67
CA SER S 121 9.12 14.51 27.45
C SER S 121 10.59 14.40 27.80
N PHE S 122 10.87 13.96 29.03
CA PHE S 122 12.23 13.74 29.49
C PHE S 122 12.39 12.33 30.02
N LYS S 123 13.33 11.58 29.45
CA LYS S 123 13.75 10.28 29.98
C LYS S 123 15.19 10.41 30.43
N SER S 124 15.40 10.95 31.64
CA SER S 124 16.73 11.11 32.21
C SER S 124 17.31 9.73 32.48
N SER S 125 16.43 8.72 32.42
CA SER S 125 16.81 7.33 32.39
C SER S 125 17.54 7.11 31.06
N LEU S 126 16.84 7.39 29.96
CA LEU S 126 17.29 7.02 28.61
C LEU S 126 18.17 8.05 27.90
N GLY S 127 18.18 9.27 28.41
CA GLY S 127 18.92 10.39 27.80
C GLY S 127 18.31 10.87 26.49
N ILE S 128 16.98 10.90 26.45
CA ILE S 128 16.25 11.36 25.27
C ILE S 128 15.16 12.36 25.65
N ALA S 129 15.32 13.59 25.20
CA ALA S 129 14.34 14.64 25.50
C ALA S 129 13.80 15.14 24.19
N LYS S 130 12.50 15.40 24.18
CA LYS S 130 11.84 15.86 22.98
C LYS S 130 11.17 17.19 23.28
N LEU S 131 11.35 18.14 22.37
CA LEU S 131 10.89 19.50 22.59
C LEU S 131 10.38 20.07 21.28
N SER S 132 9.47 21.03 21.39
CA SER S 132 8.96 21.74 20.23
C SER S 132 9.41 23.19 20.33
N GLY S 133 9.46 23.87 19.20
CA GLY S 133 9.86 25.26 19.19
C GLY S 133 9.14 26.11 18.18
N VAL S 134 9.05 27.40 18.47
CA VAL S 134 8.50 28.42 17.57
C VAL S 134 9.40 29.68 17.58
N GLY S 135 9.60 30.27 16.41
CA GLY S 135 10.33 31.54 16.30
C GLY S 135 9.49 32.66 15.69
N TYR S 136 9.58 33.84 16.32
CA TYR S 136 8.82 35.02 15.89
C TYR S 136 9.72 36.20 15.64
N VAL S 137 9.42 36.92 14.58
CA VAL S 137 9.99 38.24 14.31
C VAL S 137 8.80 39.19 14.23
N ASN S 138 8.70 40.09 15.21
CA ASN S 138 7.62 41.09 15.25
C ASN S 138 6.24 40.44 15.50
N GLY S 139 6.21 39.51 16.44
CA GLY S 139 4.99 38.73 16.73
C GLY S 139 4.50 37.83 15.60
N LYS S 140 5.24 37.83 14.48
CA LYS S 140 4.92 37.02 13.31
C LYS S 140 5.76 35.76 13.30
N VAL S 141 5.12 34.61 13.08
CA VAL S 141 5.81 33.32 13.08
C VAL S 141 6.70 33.20 11.85
N VAL S 142 7.95 32.80 12.07
CA VAL S 142 8.93 32.69 10.98
C VAL S 142 9.47 31.28 10.84
N ILE S 143 9.54 30.56 11.96
CA ILE S 143 9.89 29.15 11.94
C ILE S 143 9.01 28.37 12.89
N ASN S 144 8.66 27.15 12.47
CA ASN S 144 8.08 26.12 13.32
C ASN S 144 8.92 24.86 13.34
N ILE S 145 9.06 24.28 14.53
CA ILE S 145 9.67 22.96 14.65
C ILE S 145 8.75 22.12 15.54
N SER S 146 8.14 21.12 14.92
CA SER S 146 7.23 20.24 15.63
C SER S 146 7.90 19.46 16.76
N GLU S 147 9.14 19.06 16.51
CA GLU S 147 9.88 18.24 17.46
C GLU S 147 11.38 18.40 17.24
N MET S 148 12.10 18.55 18.34
CA MET S 148 13.55 18.45 18.39
C MET S 148 13.85 17.33 19.35
N THR S 149 14.73 16.43 18.93
CA THR S 149 15.12 15.35 19.81
C THR S 149 16.60 15.48 20.13
N PHE S 150 16.92 15.30 21.40
CA PHE S 150 18.28 15.38 21.90
C PHE S 150 18.64 14.12 22.63
N ALA S 151 19.88 13.66 22.42
CA ALA S 151 20.40 12.48 23.08
C ALA S 151 21.63 12.89 23.87
N LEU S 152 21.49 13.04 25.19
CA LEU S 152 22.62 13.45 26.02
C LEU S 152 23.84 12.63 25.58
N SER S 153 24.84 13.34 25.07
CA SER S 153 26.09 12.72 24.65
C SER S 153 26.94 12.35 25.86
N THR T 9 27.03 12.76 -14.08
CA THR T 9 27.95 13.95 -14.24
C THR T 9 28.68 14.29 -12.93
N SER T 10 29.85 14.91 -13.06
CA SER T 10 30.73 15.16 -11.93
C SER T 10 31.11 16.63 -11.84
N ILE T 11 31.23 17.14 -10.62
CA ILE T 11 31.57 18.55 -10.41
C ILE T 11 32.75 18.70 -9.42
N ASP T 12 33.44 19.84 -9.50
CA ASP T 12 34.43 20.23 -8.49
C ASP T 12 34.06 21.61 -7.91
N ILE T 13 34.81 22.07 -6.90
CA ILE T 13 34.44 23.29 -6.16
C ILE T 13 34.18 24.54 -7.04
N GLU T 14 35.07 24.79 -7.99
CA GLU T 14 34.94 25.94 -8.89
C GLU T 14 33.59 25.94 -9.59
N ASP T 15 33.20 24.78 -10.12
CA ASP T 15 31.91 24.66 -10.77
C ASP T 15 30.77 24.61 -9.75
N ILE T 16 31.01 24.02 -8.58
CA ILE T 16 30.00 24.00 -7.52
C ILE T 16 29.56 25.45 -7.26
N LYS T 17 30.53 26.34 -7.03
CA LYS T 17 30.29 27.78 -6.82
C LYS T 17 29.62 28.49 -8.00
N LYS T 18 29.59 27.85 -9.16
CA LYS T 18 28.97 28.43 -10.34
C LYS T 18 27.48 28.12 -10.35
N ILE T 19 27.11 27.06 -9.65
CA ILE T 19 25.70 26.74 -9.49
C ILE T 19 25.11 27.38 -8.21
N LEU T 20 25.71 27.12 -7.04
CA LEU T 20 25.15 27.58 -5.74
C LEU T 20 25.68 28.96 -5.37
N PRO T 21 24.83 29.80 -4.75
CA PRO T 21 25.25 31.15 -4.32
C PRO T 21 25.91 31.19 -2.92
N HIS T 22 25.92 30.04 -2.24
CA HIS T 22 26.59 29.85 -0.94
C HIS T 22 28.10 30.12 -1.02
N ARG T 23 28.65 30.71 0.03
CA ARG T 23 30.06 31.02 0.09
C ARG T 23 30.56 30.82 1.51
N TYR T 24 31.90 30.86 1.69
CA TYR T 24 32.51 30.78 3.01
C TYR T 24 31.81 31.78 3.96
N PRO T 25 31.47 31.35 5.19
CA PRO T 25 31.70 30.10 5.89
C PRO T 25 30.50 29.16 5.81
N PHE T 26 29.75 29.26 4.72
CA PHE T 26 28.54 28.47 4.58
C PHE T 26 28.41 27.63 3.28
N LEU T 27 29.51 27.41 2.57
CA LEU T 27 29.50 26.45 1.47
C LEU T 27 29.90 25.09 2.02
N LEU T 28 28.98 24.13 1.94
CA LEU T 28 29.16 22.87 2.67
C LEU T 28 29.16 21.60 1.82
N VAL T 29 29.43 21.73 0.52
CA VAL T 29 29.81 20.60 -0.35
C VAL T 29 31.17 20.85 -1.03
N ASP T 30 32.11 19.93 -0.84
CA ASP T 30 33.46 20.02 -1.42
C ASP T 30 33.59 19.45 -2.83
N LYS T 31 32.85 18.37 -3.09
CA LYS T 31 32.94 17.69 -4.38
C LYS T 31 31.66 16.93 -4.71
N VAL T 32 31.20 17.09 -5.95
CA VAL T 32 30.07 16.30 -6.43
C VAL T 32 30.60 15.14 -7.21
N ILE T 33 30.41 13.95 -6.66
CA ILE T 33 31.00 12.79 -7.25
C ILE T 33 30.10 12.20 -8.36
N TYR T 34 28.86 11.86 -8.03
CA TYR T 34 27.91 11.45 -9.09
C TYR T 34 26.66 12.32 -9.13
N MET T 35 26.17 12.61 -10.34
CA MET T 35 24.84 13.19 -10.50
C MET T 35 24.07 12.43 -11.59
N GLN T 36 22.74 12.41 -11.45
CA GLN T 36 21.82 12.09 -12.56
C GLN T 36 20.66 13.10 -12.54
N PRO T 37 20.54 13.90 -13.61
CA PRO T 37 19.48 14.91 -13.66
C PRO T 37 18.10 14.33 -13.39
N ASN T 38 17.37 15.01 -12.50
CA ASN T 38 16.00 14.65 -12.09
C ASN T 38 15.87 13.35 -11.31
N LYS T 39 17.00 12.83 -10.80
CA LYS T 39 16.92 11.59 -10.07
C LYS T 39 17.72 11.54 -8.74
N THR T 40 19.05 11.45 -8.83
CA THR T 40 19.89 11.31 -7.65
C THR T 40 21.23 12.05 -7.79
N ILE T 41 21.81 12.39 -6.66
CA ILE T 41 23.14 13.04 -6.62
C ILE T 41 23.96 12.49 -5.44
N ILE T 42 25.24 12.22 -5.72
CA ILE T 42 26.18 11.80 -4.69
C ILE T 42 27.34 12.80 -4.60
N GLY T 43 27.63 13.24 -3.38
CA GLY T 43 28.68 14.22 -3.14
C GLY T 43 29.39 13.97 -1.84
N LEU T 44 30.41 14.78 -1.56
CA LEU T 44 31.09 14.65 -0.28
C LEU T 44 31.46 16.00 0.33
N LYS T 45 31.44 16.02 1.66
CA LYS T 45 31.92 17.13 2.45
C LYS T 45 33.01 16.58 3.36
N GLN T 46 34.15 17.27 3.37
CA GLN T 46 35.31 16.89 4.18
C GLN T 46 35.26 17.58 5.53
N VAL T 47 35.53 16.83 6.60
CA VAL T 47 35.41 17.37 7.96
C VAL T 47 36.78 17.52 8.64
N SER T 48 37.29 18.76 8.59
CA SER T 48 38.59 19.10 9.17
C SER T 48 38.45 19.86 10.50
N THR T 49 39.49 19.78 11.35
CA THR T 49 39.55 20.60 12.55
C THR T 49 39.72 22.09 12.22
N ASN T 50 40.20 22.38 11.02
CA ASN T 50 40.44 23.75 10.57
C ASN T 50 39.21 24.46 10.00
N GLU T 51 38.02 24.06 10.46
CA GLU T 51 36.74 24.66 10.04
C GLU T 51 36.16 25.63 11.09
N PRO T 52 35.83 26.87 10.68
CA PRO T 52 35.49 27.93 11.64
C PRO T 52 34.54 27.55 12.77
N PHE T 53 33.59 26.67 12.48
CA PHE T 53 32.55 26.35 13.49
C PHE T 53 33.07 25.57 14.70
N PHE T 54 34.07 24.72 14.47
CA PHE T 54 34.50 23.73 15.47
C PHE T 54 34.89 24.33 16.80
N ASN T 55 35.53 25.49 16.75
CA ASN T 55 35.83 26.25 17.96
C ASN T 55 34.60 26.46 18.83
N GLY T 56 33.44 26.59 18.20
CA GLY T 56 32.19 26.84 18.90
C GLY T 56 31.27 25.66 19.08
N HIS T 57 31.68 24.49 18.61
CA HIS T 57 30.85 23.30 18.74
C HIS T 57 31.65 22.00 18.82
N PHE T 58 32.43 21.75 19.89
CA PHE T 58 32.51 22.56 21.11
C PHE T 58 33.98 22.64 21.55
N PRO T 59 34.38 23.73 22.24
CA PRO T 59 35.75 23.88 22.72
C PRO T 59 36.36 22.58 23.25
N GLN T 60 35.57 21.82 23.99
CA GLN T 60 36.08 20.67 24.76
C GLN T 60 35.94 19.36 24.02
N LYS T 61 35.02 19.33 23.05
CA LYS T 61 34.84 18.19 22.15
C LYS T 61 34.35 18.72 20.80
N GLN T 62 35.14 18.48 19.75
CA GLN T 62 34.75 18.87 18.40
C GLN T 62 33.80 17.84 17.76
N ILE T 63 32.54 18.23 17.60
CA ILE T 63 31.58 17.43 16.86
C ILE T 63 31.03 18.32 15.78
N MET T 64 31.07 17.87 14.53
CA MET T 64 30.38 18.59 13.45
C MET T 64 28.87 18.74 13.76
N PRO T 65 28.37 19.98 13.83
CA PRO T 65 26.97 20.30 14.16
C PRO T 65 25.95 19.52 13.34
N GLY T 66 24.99 18.92 14.05
CA GLY T 66 23.88 18.24 13.43
C GLY T 66 23.33 19.02 12.26
N VAL T 67 23.08 20.32 12.48
CA VAL T 67 22.35 21.16 11.51
C VAL T 67 23.15 21.60 10.29
N LEU T 68 24.47 21.41 10.32
CA LEU T 68 25.27 21.70 9.12
C LEU T 68 25.39 20.47 8.22
N GLN T 69 25.23 19.29 8.81
CA GLN T 69 25.01 18.08 8.01
C GLN T 69 23.72 18.27 7.21
N ILE T 70 22.64 18.70 7.87
CA ILE T 70 21.40 19.09 7.16
C ILE T 70 21.71 20.08 6.02
N GLU T 71 22.42 21.15 6.35
CA GLU T 71 22.67 22.24 5.39
C GLU T 71 23.44 21.78 4.17
N ALA T 72 24.32 20.80 4.36
CA ALA T 72 25.16 20.28 3.30
C ALA T 72 24.35 19.43 2.35
N LEU T 73 23.63 18.44 2.90
CA LEU T 73 22.70 17.64 2.11
C LEU T 73 21.76 18.55 1.34
N ALA T 74 21.24 19.57 2.00
CA ALA T 74 20.36 20.56 1.35
C ALA T 74 21.04 21.22 0.16
N GLN T 75 22.31 21.56 0.34
CA GLN T 75 23.06 22.25 -0.70
C GLN T 75 23.27 21.32 -1.87
N LEU T 76 23.68 20.08 -1.56
CA LEU T 76 23.81 19.03 -2.56
C LEU T 76 22.48 18.80 -3.25
N ALA T 77 21.39 18.85 -2.47
CA ALA T 77 20.04 18.65 -3.01
C ALA T 77 19.66 19.80 -3.91
N GLY T 78 20.21 20.98 -3.60
CA GLY T 78 20.00 22.19 -4.39
C GLY T 78 20.70 22.13 -5.73
N ILE T 79 21.90 21.56 -5.75
CA ILE T 79 22.68 21.46 -6.99
C ILE T 79 21.93 20.57 -7.95
N LEU T 80 21.42 19.45 -7.41
CA LEU T 80 20.62 18.49 -8.18
C LEU T 80 19.40 19.13 -8.79
N CYS T 81 18.77 20.05 -8.03
CA CYS T 81 17.60 20.80 -8.50
C CYS T 81 17.94 21.74 -9.64
N LEU T 82 19.12 22.33 -9.56
CA LEU T 82 19.46 23.41 -10.47
C LEU T 82 20.03 22.88 -11.79
N LYS T 83 20.57 21.66 -11.71
CA LYS T 83 21.06 20.97 -12.91
C LYS T 83 19.91 20.23 -13.60
N SER T 84 18.88 19.89 -12.83
CA SER T 84 17.70 19.19 -13.33
C SER T 84 16.78 20.13 -14.11
N ASP T 85 16.61 21.34 -13.58
CA ASP T 85 15.77 22.34 -14.21
C ASP T 85 16.31 23.76 -13.93
N ASP T 86 17.21 24.24 -14.79
CA ASP T 86 17.73 25.61 -14.77
C ASP T 86 16.88 26.52 -15.70
N SER T 87 15.61 26.13 -15.88
CA SER T 87 14.61 26.98 -16.53
C SER T 87 14.28 28.23 -15.69
N GLN T 88 13.91 28.01 -14.43
CA GLN T 88 13.62 29.12 -13.51
C GLN T 88 15.03 29.64 -13.18
N LYS T 89 15.35 30.82 -13.73
CA LYS T 89 16.70 31.39 -13.72
C LYS T 89 16.94 32.11 -12.38
N ASN T 90 17.18 31.28 -11.37
CA ASN T 90 17.33 31.71 -9.98
C ASN T 90 18.15 30.62 -9.29
N ASN T 91 19.20 31.01 -8.56
CA ASN T 91 20.00 30.02 -7.82
C ASN T 91 19.81 30.11 -6.28
N LEU T 92 19.15 31.18 -5.84
CA LEU T 92 18.87 31.40 -4.42
C LEU T 92 17.68 30.55 -3.93
N PHE T 93 17.92 29.25 -3.74
CA PHE T 93 16.91 28.37 -3.16
C PHE T 93 16.88 28.54 -1.64
N LEU T 94 15.68 28.80 -1.11
CA LEU T 94 15.46 28.86 0.34
C LEU T 94 14.80 27.61 0.88
N PHE T 95 15.30 27.18 2.04
CA PHE T 95 14.78 26.04 2.75
C PHE T 95 13.38 26.42 3.24
N ALA T 96 12.40 25.56 2.93
CA ALA T 96 11.02 25.81 3.28
C ALA T 96 10.58 24.84 4.37
N GLY T 97 11.02 23.59 4.24
CA GLY T 97 10.75 22.58 5.25
C GLY T 97 11.81 21.49 5.27
N VAL T 98 12.00 20.86 6.41
CA VAL T 98 12.71 19.60 6.47
C VAL T 98 11.89 18.71 7.35
N ASP T 99 12.01 17.40 7.15
CA ASP T 99 11.22 16.43 7.88
C ASP T 99 12.01 15.14 8.03
N GLY T 100 11.76 14.41 9.12
CA GLY T 100 12.31 13.07 9.34
C GLY T 100 13.83 12.99 9.43
N VAL T 101 14.42 13.90 10.21
CA VAL T 101 15.89 13.93 10.38
C VAL T 101 16.33 13.08 11.58
N ARG T 102 17.37 12.28 11.36
CA ARG T 102 17.92 11.34 12.35
C ARG T 102 19.43 11.38 12.28
N TRP T 103 20.08 11.74 13.39
CA TRP T 103 21.54 11.70 13.52
C TRP T 103 21.97 10.45 14.30
N LYS T 104 22.58 9.51 13.58
CA LYS T 104 22.90 8.17 14.09
C LYS T 104 24.26 8.11 14.81
N LYS T 105 25.28 8.68 14.16
CA LYS T 105 26.62 8.76 14.73
C LYS T 105 27.15 10.17 14.65
N PRO T 106 27.86 10.61 15.71
CA PRO T 106 28.63 11.84 15.69
C PRO T 106 29.67 11.83 14.58
N VAL T 107 29.71 12.90 13.76
CA VAL T 107 30.65 13.09 12.65
C VAL T 107 31.82 13.95 13.11
N LEU T 108 33.03 13.37 13.03
CA LEU T 108 34.20 13.92 13.71
C LEU T 108 35.26 14.52 12.76
N PRO T 109 36.12 15.43 13.25
CA PRO T 109 37.19 15.90 12.38
C PRO T 109 38.13 14.76 11.96
N GLY T 110 38.33 14.60 10.66
CA GLY T 110 39.05 13.43 10.14
C GLY T 110 38.10 12.53 9.41
N ASP T 111 36.81 12.89 9.45
CA ASP T 111 35.79 12.18 8.71
C ASP T 111 35.59 12.78 7.31
N THR T 112 35.22 11.92 6.38
CA THR T 112 34.68 12.30 5.09
C THR T 112 33.21 11.97 5.15
N LEU T 113 32.37 12.95 4.84
CA LEU T 113 30.94 12.74 4.88
C LEU T 113 30.46 12.55 3.46
N THR T 114 30.13 11.31 3.11
CA THR T 114 29.55 11.05 1.80
C THR T 114 28.05 11.32 1.88
N MET T 115 27.55 12.06 0.89
CA MET T 115 26.19 12.54 0.92
C MET T 115 25.40 12.07 -0.31
N GLN T 116 24.17 11.63 -0.09
CA GLN T 116 23.29 11.29 -1.21
C GLN T 116 21.85 11.77 -1.02
N ALA T 117 21.39 12.57 -1.99
CA ALA T 117 20.03 13.09 -2.02
C ALA T 117 19.30 12.59 -3.27
N ASN T 118 18.03 12.21 -3.12
CA ASN T 118 17.21 11.77 -4.26
C ASN T 118 16.01 12.69 -4.49
N LEU T 119 15.74 13.05 -5.75
CA LEU T 119 14.58 13.87 -6.08
C LEU T 119 13.25 13.06 -6.05
N ILE T 120 12.31 13.49 -5.21
CA ILE T 120 11.03 12.80 -5.01
C ILE T 120 9.91 13.42 -5.87
N SER T 121 9.91 14.77 -5.96
CA SER T 121 9.02 15.47 -6.87
C SER T 121 9.55 16.85 -7.25
N PHE T 122 9.23 17.26 -8.48
CA PHE T 122 9.35 18.65 -8.91
C PHE T 122 7.99 19.10 -9.44
N LYS T 123 7.44 20.17 -8.87
CA LYS T 123 6.10 20.65 -9.25
C LYS T 123 5.92 22.15 -8.96
N ILE T 128 8.24 23.96 -6.32
CA ILE T 128 8.31 23.14 -5.10
C ILE T 128 9.05 21.83 -5.39
N ALA T 129 10.33 21.79 -5.03
CA ALA T 129 11.10 20.55 -5.10
C ALA T 129 11.16 19.89 -3.73
N LYS T 130 11.05 18.57 -3.69
CA LYS T 130 11.14 17.83 -2.44
C LYS T 130 12.09 16.65 -2.60
N LEU T 131 13.06 16.55 -1.70
CA LEU T 131 14.09 15.52 -1.81
C LEU T 131 14.32 14.78 -0.50
N SER T 132 15.04 13.66 -0.57
CA SER T 132 15.46 12.91 0.62
C SER T 132 16.97 12.84 0.65
N GLY T 133 17.55 12.63 1.82
CA GLY T 133 19.01 12.57 1.94
C GLY T 133 19.51 11.56 2.94
N VAL T 134 20.67 10.96 2.65
CA VAL T 134 21.35 10.03 3.56
C VAL T 134 22.87 10.30 3.60
N GLY T 135 23.44 10.33 4.80
CA GLY T 135 24.86 10.64 4.94
C GLY T 135 25.68 9.53 5.59
N TYR T 136 26.83 9.26 5.00
CA TYR T 136 27.66 8.13 5.43
C TYR T 136 29.03 8.55 5.88
N VAL T 137 29.60 7.77 6.79
CA VAL T 137 30.97 7.95 7.27
C VAL T 137 31.59 6.56 7.34
N ASN T 138 32.36 6.20 6.33
CA ASN T 138 32.94 4.85 6.23
C ASN T 138 31.91 3.78 5.89
N GLY T 139 30.94 4.12 5.04
CA GLY T 139 29.92 3.17 4.65
C GLY T 139 28.88 2.95 5.73
N LYS T 140 28.92 3.75 6.79
CA LYS T 140 27.91 3.67 7.86
C LYS T 140 27.01 4.90 7.86
N VAL T 141 25.70 4.70 8.01
CA VAL T 141 24.75 5.82 8.05
C VAL T 141 24.98 6.67 9.31
N VAL T 142 25.00 7.98 9.12
CA VAL T 142 25.18 8.92 10.25
C VAL T 142 24.04 9.94 10.31
N ILE T 143 23.44 10.21 9.15
CA ILE T 143 22.30 11.10 9.05
C ILE T 143 21.28 10.60 8.04
N ASN T 144 20.03 10.50 8.49
CA ASN T 144 18.91 10.24 7.58
C ASN T 144 18.04 11.47 7.47
N ILE T 145 17.54 11.70 6.25
CA ILE T 145 16.55 12.76 5.99
C ILE T 145 15.45 12.26 5.05
N SER T 146 14.30 11.95 5.65
CA SER T 146 13.08 11.58 4.92
C SER T 146 12.70 12.59 3.86
N GLU T 147 12.71 13.88 4.20
CA GLU T 147 12.18 14.88 3.29
C GLU T 147 12.75 16.30 3.49
N MET T 148 13.29 16.85 2.41
CA MET T 148 13.65 18.27 2.35
C MET T 148 12.74 18.98 1.35
N THR T 149 12.20 20.13 1.75
CA THR T 149 11.31 20.92 0.90
C THR T 149 11.94 22.25 0.56
N PHE T 150 12.07 22.52 -0.74
CA PHE T 150 12.64 23.77 -1.24
C PHE T 150 11.61 24.60 -1.97
N ALA T 151 11.95 25.87 -2.19
CA ALA T 151 11.04 26.86 -2.75
C ALA T 151 11.84 27.94 -3.47
N LEU T 152 11.69 27.98 -4.80
CA LEU T 152 12.40 28.95 -5.63
C LEU T 152 11.86 30.34 -5.36
N SER T 153 12.63 31.12 -4.59
CA SER T 153 12.22 32.46 -4.17
C SER T 153 13.30 33.51 -4.43
N SER U 10 60.63 48.80 26.87
CA SER U 10 60.24 48.07 25.63
C SER U 10 59.35 46.88 25.96
N ILE U 11 58.07 47.13 26.26
CA ILE U 11 57.12 46.04 26.57
C ILE U 11 56.48 45.40 25.31
N ASP U 12 56.81 44.13 25.09
CA ASP U 12 56.31 43.35 23.93
C ASP U 12 54.85 42.91 24.13
N ILE U 13 54.32 42.13 23.18
CA ILE U 13 52.90 41.76 23.15
C ILE U 13 52.44 40.80 24.27
N GLU U 14 53.23 39.78 24.57
CA GLU U 14 52.86 38.81 25.60
C GLU U 14 52.59 39.52 26.93
N ASP U 15 53.45 40.49 27.26
CA ASP U 15 53.35 41.28 28.48
C ASP U 15 52.17 42.26 28.44
N ILE U 16 51.87 42.79 27.25
CA ILE U 16 50.72 43.67 27.05
C ILE U 16 49.41 42.96 27.38
N LYS U 17 49.27 41.73 26.89
CA LYS U 17 48.13 40.87 27.23
C LYS U 17 48.06 40.58 28.73
N LYS U 18 49.15 40.86 29.45
CA LYS U 18 49.16 40.62 30.91
C LYS U 18 48.69 41.87 31.67
N ILE U 19 48.57 42.97 30.94
CA ILE U 19 48.03 44.22 31.46
C ILE U 19 46.60 44.44 30.98
N LEU U 20 46.39 44.30 29.66
CA LEU U 20 45.08 44.53 29.04
C LEU U 20 44.23 43.26 28.88
N PRO U 21 42.90 43.41 28.98
CA PRO U 21 42.03 42.24 28.81
C PRO U 21 41.70 42.00 27.35
N HIS U 22 41.92 43.02 26.52
CA HIS U 22 41.61 42.99 25.10
C HIS U 22 42.28 41.79 24.42
N ARG U 23 41.55 41.09 23.56
CA ARG U 23 42.16 40.08 22.71
C ARG U 23 41.79 40.33 21.25
N TYR U 24 42.21 39.42 20.37
CA TYR U 24 41.85 39.42 18.97
C TYR U 24 40.33 39.25 18.84
N PRO U 25 39.68 40.05 18.00
CA PRO U 25 40.21 41.02 17.04
C PRO U 25 40.16 42.44 17.52
N PHE U 26 40.42 42.67 18.79
CA PHE U 26 40.30 44.02 19.32
C PHE U 26 41.43 44.41 20.28
N LEU U 27 42.59 43.76 20.12
CA LEU U 27 43.83 44.28 20.72
C LEU U 27 44.57 45.09 19.67
N LEU U 28 44.70 46.38 19.94
CA LEU U 28 45.20 47.32 18.94
C LEU U 28 46.51 47.99 19.34
N VAL U 29 47.22 47.41 20.30
CA VAL U 29 48.57 47.89 20.62
C VAL U 29 49.52 46.73 20.41
N ASP U 30 50.53 46.95 19.59
CA ASP U 30 51.43 45.87 19.26
C ASP U 30 52.66 45.86 20.14
N LYS U 31 53.17 47.05 20.48
CA LYS U 31 54.42 47.14 21.23
C LYS U 31 54.58 48.49 21.97
N VAL U 32 54.83 48.41 23.28
CA VAL U 32 55.16 49.59 24.12
C VAL U 32 56.67 49.88 24.07
N ILE U 33 57.06 51.02 23.49
CA ILE U 33 58.49 51.33 23.39
C ILE U 33 59.01 52.18 24.54
N TYR U 34 58.16 53.04 25.09
CA TYR U 34 58.55 53.86 26.23
C TYR U 34 57.39 54.11 27.20
N MET U 35 57.66 54.03 28.49
CA MET U 35 56.69 54.42 29.50
C MET U 35 57.35 55.10 30.71
N GLN U 36 56.71 56.15 31.21
CA GLN U 36 57.04 56.73 32.52
C GLN U 36 55.76 56.80 33.37
N PRO U 37 55.75 56.06 34.48
CA PRO U 37 54.59 55.92 35.35
C PRO U 37 54.00 57.26 35.76
N ASN U 38 52.67 57.35 35.71
CA ASN U 38 51.93 58.55 36.10
C ASN U 38 52.16 59.76 35.16
N LYS U 39 52.82 59.54 34.03
CA LYS U 39 53.15 60.65 33.13
C LYS U 39 52.83 60.41 31.64
N THR U 40 53.65 59.61 30.96
CA THR U 40 53.47 59.38 29.53
C THR U 40 53.73 57.93 29.12
N ILE U 41 53.18 57.55 27.95
CA ILE U 41 53.45 56.26 27.34
C ILE U 41 53.59 56.40 25.82
N ILE U 42 54.56 55.67 25.27
CA ILE U 42 54.82 55.64 23.83
C ILE U 42 54.76 54.19 23.33
N GLY U 43 53.94 53.95 22.32
CA GLY U 43 53.77 52.60 21.75
C GLY U 43 53.34 52.65 20.29
N LEU U 44 53.35 51.49 19.63
CA LEU U 44 52.96 51.39 18.22
C LEU U 44 51.93 50.31 17.91
N LYS U 45 51.32 50.44 16.74
CA LYS U 45 50.36 49.50 16.19
C LYS U 45 50.77 49.30 14.74
N GLN U 46 51.11 48.07 14.37
CA GLN U 46 51.53 47.78 13.01
C GLN U 46 50.33 47.53 12.11
N VAL U 47 50.27 48.29 11.00
CA VAL U 47 49.10 48.30 10.13
C VAL U 47 49.31 47.40 8.91
N SER U 48 48.65 46.24 8.92
CA SER U 48 48.78 45.27 7.84
C SER U 48 47.48 45.05 7.09
N THR U 49 47.59 44.61 5.83
CA THR U 49 46.41 44.27 5.04
C THR U 49 45.79 43.01 5.64
N ASN U 50 46.63 42.17 6.23
CA ASN U 50 46.16 40.98 6.91
C ASN U 50 45.54 41.29 8.26
N GLU U 51 44.62 42.25 8.30
CA GLU U 51 43.83 42.52 9.50
C GLU U 51 42.33 42.49 9.20
N PRO U 52 41.55 41.78 10.04
CA PRO U 52 40.13 41.52 9.73
C PRO U 52 39.33 42.74 9.22
N PHE U 53 39.41 43.87 9.92
CA PHE U 53 38.54 45.03 9.61
C PHE U 53 38.67 45.56 8.21
N PHE U 54 39.87 45.40 7.63
CA PHE U 54 40.19 45.99 6.35
C PHE U 54 39.24 45.61 5.24
N ASN U 55 38.80 44.36 5.25
CA ASN U 55 37.85 43.83 4.25
C ASN U 55 36.54 44.58 4.22
N GLY U 56 36.25 45.28 5.30
CA GLY U 56 34.99 46.00 5.40
C GLY U 56 35.13 47.50 5.50
N HIS U 57 36.32 48.02 5.24
CA HIS U 57 36.55 49.45 5.36
C HIS U 57 37.78 49.92 4.60
N PHE U 58 37.74 49.97 3.28
CA PHE U 58 36.57 49.60 2.46
C PHE U 58 37.04 48.58 1.42
N PRO U 59 36.13 47.69 0.96
CA PRO U 59 36.40 46.72 -0.09
C PRO U 59 37.35 47.22 -1.16
N GLN U 60 37.16 48.46 -1.59
CA GLN U 60 37.88 49.01 -2.74
C GLN U 60 38.92 50.07 -2.37
N LYS U 61 38.97 50.41 -1.08
CA LYS U 61 39.97 51.35 -0.56
C LYS U 61 40.25 51.12 0.94
N GLN U 62 41.29 50.36 1.24
CA GLN U 62 41.58 49.92 2.60
C GLN U 62 42.22 51.03 3.43
N ILE U 63 41.38 51.60 4.30
CA ILE U 63 41.74 52.67 5.20
C ILE U 63 41.51 52.15 6.62
N MET U 64 42.49 52.37 7.50
CA MET U 64 42.31 51.98 8.90
C MET U 64 41.30 52.93 9.56
N PRO U 65 40.23 52.36 10.13
CA PRO U 65 39.10 53.14 10.64
C PRO U 65 39.47 54.17 11.70
N GLY U 66 38.85 55.34 11.61
CA GLY U 66 39.12 56.44 12.52
C GLY U 66 38.94 56.03 13.96
N VAL U 67 37.82 55.36 14.25
CA VAL U 67 37.48 54.99 15.61
C VAL U 67 38.49 54.02 16.20
N LEU U 68 39.00 53.10 15.38
CA LEU U 68 39.94 52.08 15.84
C LEU U 68 41.31 52.70 16.16
N GLN U 69 41.48 53.97 15.83
CA GLN U 69 42.70 54.71 16.15
C GLN U 69 42.55 55.34 17.54
N ILE U 70 41.36 55.86 17.79
CA ILE U 70 40.92 56.23 19.14
C ILE U 70 41.10 55.03 20.06
N GLU U 71 40.62 53.87 19.61
CA GLU U 71 40.62 52.64 20.39
C GLU U 71 42.04 52.17 20.76
N ALA U 72 42.96 52.22 19.81
CA ALA U 72 44.38 51.92 20.08
C ALA U 72 45.02 52.89 21.08
N LEU U 73 44.77 54.18 20.92
CA LEU U 73 45.31 55.16 21.86
C LEU U 73 44.78 54.93 23.28
N ALA U 74 43.46 54.78 23.39
CA ALA U 74 42.80 54.43 24.66
C ALA U 74 43.39 53.18 25.27
N GLN U 75 43.58 52.16 24.43
CA GLN U 75 44.24 50.94 24.85
C GLN U 75 45.63 51.20 25.41
N LEU U 76 46.44 51.94 24.66
CA LEU U 76 47.73 52.42 25.14
C LEU U 76 47.61 53.28 26.39
N ALA U 77 46.57 54.12 26.45
CA ALA U 77 46.37 55.00 27.58
C ALA U 77 45.98 54.21 28.82
N GLY U 78 45.27 53.10 28.61
CA GLY U 78 44.86 52.17 29.66
C GLY U 78 46.01 51.40 30.28
N ILE U 79 47.01 51.04 29.47
CA ILE U 79 48.23 50.39 30.00
C ILE U 79 48.92 51.31 31.02
N LEU U 80 49.04 52.59 30.67
CA LEU U 80 49.64 53.59 31.55
C LEU U 80 48.93 53.63 32.91
N CYS U 81 47.60 53.78 32.90
CA CYS U 81 46.79 53.81 34.13
C CYS U 81 46.94 52.59 35.02
N LEU U 82 47.20 51.43 34.41
CA LEU U 82 47.32 50.17 35.16
C LEU U 82 48.74 49.95 35.68
N LYS U 83 49.72 50.57 35.02
CA LYS U 83 51.11 50.53 35.49
C LYS U 83 51.44 51.75 36.33
N SER U 84 50.52 52.73 36.33
CA SER U 84 50.66 53.94 37.15
C SER U 84 50.13 53.66 38.53
N ASP U 85 48.86 53.26 38.59
CA ASP U 85 48.23 52.86 39.83
C ASP U 85 47.57 51.49 39.63
N ASP U 86 48.17 50.47 40.24
CA ASP U 86 47.68 49.09 40.21
C ASP U 86 46.75 48.76 41.37
N SER U 87 46.78 49.60 42.41
CA SER U 87 45.95 49.47 43.62
C SER U 87 44.53 48.92 43.42
N GLN U 88 43.82 49.44 42.43
CA GLN U 88 42.46 48.99 42.12
C GLN U 88 42.63 47.72 41.27
N LYS U 89 42.28 46.58 41.87
CA LYS U 89 42.45 45.25 41.23
C LYS U 89 41.38 45.01 40.16
N ASN U 90 41.57 45.68 39.01
CA ASN U 90 40.64 45.62 37.88
C ASN U 90 41.40 46.14 36.66
N ASN U 91 41.41 45.34 35.59
CA ASN U 91 42.03 45.75 34.32
C ASN U 91 40.96 46.12 33.28
N LEU U 92 39.70 46.04 33.70
CA LEU U 92 38.54 46.32 32.85
C LEU U 92 38.16 47.80 32.83
N PHE U 93 38.91 48.57 32.03
CA PHE U 93 38.61 49.98 31.86
C PHE U 93 37.61 50.18 30.72
N LEU U 94 36.55 50.94 31.00
CA LEU U 94 35.56 51.28 29.99
C LEU U 94 35.63 52.77 29.63
N PHE U 95 35.49 53.05 28.35
CA PHE U 95 35.49 54.40 27.84
C PHE U 95 34.30 55.16 28.43
N ALA U 96 34.60 56.20 29.22
CA ALA U 96 33.55 57.05 29.80
C ALA U 96 33.22 58.21 28.87
N GLY U 97 34.26 58.80 28.27
CA GLY U 97 34.09 59.91 27.32
C GLY U 97 35.33 60.16 26.49
N VAL U 98 35.14 60.82 25.34
CA VAL U 98 36.24 61.23 24.46
C VAL U 98 35.93 62.57 23.77
N ASP U 99 36.91 63.46 23.74
CA ASP U 99 36.73 64.86 23.35
C ASP U 99 37.88 65.31 22.45
N GLY U 100 37.56 66.12 21.43
CA GLY U 100 38.55 66.82 20.62
C GLY U 100 39.33 65.93 19.65
N VAL U 101 38.60 65.07 18.96
CA VAL U 101 39.26 64.11 18.10
C VAL U 101 39.40 64.68 16.70
N ARG U 102 40.65 64.76 16.25
CA ARG U 102 40.93 65.17 14.88
C ARG U 102 41.71 64.09 14.16
N TRP U 103 41.22 63.72 12.96
CA TRP U 103 41.96 62.88 12.04
C TRP U 103 42.50 63.73 10.90
N LYS U 104 43.84 63.82 10.79
CA LYS U 104 44.53 64.68 9.84
C LYS U 104 44.78 64.00 8.50
N LYS U 105 45.15 62.72 8.57
CA LYS U 105 45.54 61.91 7.42
C LYS U 105 45.02 60.47 7.55
N PRO U 106 44.69 59.84 6.42
CA PRO U 106 44.37 58.41 6.38
C PRO U 106 45.59 57.56 6.72
N VAL U 107 45.38 56.52 7.53
CA VAL U 107 46.44 55.59 7.90
C VAL U 107 46.25 54.32 7.07
N LEU U 108 47.28 53.93 6.32
CA LEU U 108 47.15 52.88 5.30
C LEU U 108 47.93 51.59 5.60
N PRO U 109 47.58 50.48 4.94
CA PRO U 109 48.37 49.25 5.16
C PRO U 109 49.85 49.49 4.83
N GLY U 110 50.74 48.91 5.66
CA GLY U 110 52.18 49.18 5.56
C GLY U 110 52.70 50.32 6.42
N ASP U 111 51.79 51.17 6.93
CA ASP U 111 52.20 52.25 7.83
C ASP U 111 52.49 51.66 9.21
N THR U 112 53.35 52.35 9.97
CA THR U 112 53.40 52.14 11.40
C THR U 112 52.76 53.36 12.07
N LEU U 113 51.81 53.11 12.97
CA LEU U 113 51.24 54.16 13.76
C LEU U 113 51.96 54.19 15.09
N THR U 114 52.91 55.12 15.22
CA THR U 114 53.48 55.46 16.53
C THR U 114 52.45 56.26 17.33
N MET U 115 52.27 55.92 18.60
CA MET U 115 51.23 56.54 19.43
C MET U 115 51.76 56.99 20.78
N GLN U 116 51.29 58.15 21.23
CA GLN U 116 51.64 58.67 22.53
C GLN U 116 50.40 59.14 23.28
N ALA U 117 50.30 58.71 24.53
CA ALA U 117 49.30 59.22 25.46
C ALA U 117 50.01 59.85 26.66
N ASN U 118 49.46 60.95 27.17
CA ASN U 118 49.97 61.58 28.38
C ASN U 118 48.88 61.66 29.45
N LEU U 119 49.21 61.35 30.70
CA LEU U 119 48.25 61.51 31.82
C LEU U 119 47.97 63.00 32.14
N ILE U 120 46.70 63.29 32.40
CA ILE U 120 46.21 64.64 32.74
C ILE U 120 45.81 64.72 34.22
N SER U 121 44.92 63.83 34.66
CA SER U 121 44.58 63.69 36.07
C SER U 121 44.17 62.27 36.45
N PHE U 122 44.36 61.92 37.72
CA PHE U 122 43.93 60.62 38.26
C PHE U 122 43.24 60.80 39.62
N LYS U 123 42.03 60.27 39.75
CA LYS U 123 41.31 60.26 41.03
C LYS U 123 41.50 58.90 41.70
N SER U 124 41.93 58.91 42.97
CA SER U 124 42.49 57.74 43.66
C SER U 124 41.56 56.50 43.72
N SER U 125 40.28 56.70 44.06
CA SER U 125 39.26 55.63 44.01
C SER U 125 37.86 55.99 43.46
N LEU U 126 37.75 57.20 42.88
CA LEU U 126 36.62 57.56 42.02
C LEU U 126 36.63 56.67 40.79
N GLY U 127 37.78 56.05 40.54
CA GLY U 127 37.99 55.14 39.41
C GLY U 127 37.92 55.83 38.08
N ILE U 128 38.59 57.00 37.99
CA ILE U 128 38.50 57.85 36.81
C ILE U 128 39.80 58.59 36.52
N ALA U 129 40.26 58.47 35.27
CA ALA U 129 41.47 59.13 34.81
C ALA U 129 41.25 59.86 33.49
N LYS U 130 42.06 60.87 33.26
CA LYS U 130 41.93 61.69 32.06
C LYS U 130 43.27 61.75 31.35
N LEU U 131 43.25 61.44 30.05
CA LEU U 131 44.47 61.35 29.26
C LEU U 131 44.30 62.00 27.90
N SER U 132 45.41 62.45 27.33
CA SER U 132 45.42 63.04 26.00
C SER U 132 46.23 62.13 25.09
N GLY U 133 46.11 62.29 23.78
CA GLY U 133 46.82 61.42 22.86
C GLY U 133 47.16 62.04 21.51
N VAL U 134 48.17 61.46 20.87
CA VAL U 134 48.57 61.80 19.51
C VAL U 134 49.04 60.52 18.78
N GLY U 135 48.69 60.42 17.50
CA GLY U 135 49.18 59.33 16.67
C GLY U 135 50.00 59.91 15.55
N TYR U 136 51.11 59.27 15.25
CA TYR U 136 51.90 59.60 14.05
C TYR U 136 52.03 58.44 13.07
N VAL U 137 52.18 58.78 11.79
CA VAL U 137 52.81 57.89 10.82
C VAL U 137 53.95 58.68 10.15
N ASN U 138 55.17 58.17 10.26
CA ASN U 138 56.36 58.81 9.70
C ASN U 138 56.75 60.14 10.41
N GLY U 139 56.37 60.28 11.67
CA GLY U 139 56.63 61.52 12.42
C GLY U 139 55.70 62.66 12.00
N LYS U 140 54.72 62.36 11.16
CA LYS U 140 53.66 63.30 10.80
C LYS U 140 52.38 62.93 11.53
N VAL U 141 51.61 63.94 11.92
CA VAL U 141 50.41 63.71 12.73
C VAL U 141 49.26 63.14 11.89
N VAL U 142 48.62 62.09 12.41
CA VAL U 142 47.46 61.47 11.76
C VAL U 142 46.18 61.57 12.62
N ILE U 143 46.33 61.50 13.94
CA ILE U 143 45.23 61.65 14.91
C ILE U 143 45.60 62.48 16.13
N ASN U 144 44.65 63.34 16.55
CA ASN U 144 44.77 64.09 17.80
C ASN U 144 43.60 63.75 18.69
N ILE U 145 43.88 63.61 19.99
CA ILE U 145 42.81 63.49 20.96
C ILE U 145 43.13 64.40 22.13
N SER U 146 42.25 65.36 22.35
CA SER U 146 42.40 66.35 23.43
C SER U 146 42.21 65.67 24.76
N GLU U 147 41.13 64.88 24.87
CA GLU U 147 40.84 64.19 26.12
C GLU U 147 40.18 62.82 25.95
N MET U 148 40.73 61.82 26.64
CA MET U 148 40.12 60.48 26.80
C MET U 148 39.81 60.28 28.28
N THR U 149 38.53 60.13 28.61
CA THR U 149 38.08 59.79 29.96
C THR U 149 37.70 58.31 30.02
N PHE U 150 38.34 57.56 30.91
CA PHE U 150 37.97 56.16 31.17
C PHE U 150 37.31 56.02 32.54
N ALA U 151 36.71 54.85 32.79
CA ALA U 151 36.18 54.49 34.11
C ALA U 151 36.74 53.13 34.55
N LEU U 152 37.24 53.09 35.80
CA LEU U 152 37.85 51.89 36.37
C LEU U 152 36.98 50.63 36.28
N ASP V 8 5.76 54.20 3.34
CA ASP V 8 6.98 53.55 3.91
C ASP V 8 8.21 54.49 3.90
N THR V 9 8.69 54.83 5.10
CA THR V 9 9.88 55.69 5.28
C THR V 9 11.13 54.94 5.79
N SER V 10 11.05 53.61 5.89
CA SER V 10 12.14 52.79 6.43
C SER V 10 12.97 52.04 5.37
N ILE V 11 14.19 51.65 5.74
CA ILE V 11 15.22 51.13 4.80
C ILE V 11 15.92 49.85 5.28
N ASP V 12 15.93 48.83 4.41
CA ASP V 12 16.45 47.51 4.75
C ASP V 12 17.96 47.40 4.54
N ILE V 13 18.55 46.29 4.99
CA ILE V 13 19.99 46.11 4.91
C ILE V 13 20.56 46.26 3.49
N GLU V 14 19.84 45.71 2.52
CA GLU V 14 20.28 45.70 1.11
C GLU V 14 20.33 47.12 0.54
N ASP V 15 19.32 47.94 0.85
CA ASP V 15 19.36 49.37 0.52
C ASP V 15 20.46 50.13 1.26
N ILE V 16 20.69 49.80 2.54
CA ILE V 16 21.74 50.45 3.33
C ILE V 16 23.09 50.31 2.62
N LYS V 17 23.39 49.08 2.22
CA LYS V 17 24.61 48.75 1.46
C LYS V 17 24.72 49.49 0.12
N LYS V 18 23.60 49.97 -0.42
CA LYS V 18 23.62 50.70 -1.71
C LYS V 18 23.92 52.18 -1.50
N ILE V 19 23.75 52.62 -0.26
CA ILE V 19 24.12 53.98 0.16
C ILE V 19 25.54 53.98 0.74
N LEU V 20 25.78 53.17 1.78
CA LEU V 20 27.06 53.07 2.47
C LEU V 20 28.05 52.08 1.83
N PRO V 21 29.36 52.39 1.88
CA PRO V 21 30.37 51.49 1.29
C PRO V 21 30.89 50.43 2.26
N HIS V 22 30.53 50.55 3.53
CA HIS V 22 30.99 49.64 4.58
C HIS V 22 30.46 48.23 4.35
N ARG V 23 31.28 47.23 4.70
CA ARG V 23 30.86 45.85 4.66
C ARG V 23 31.40 45.16 5.90
N TYR V 24 30.93 43.94 6.14
CA TYR V 24 31.50 43.14 7.20
C TYR V 24 33.02 43.25 7.22
N PRO V 25 33.62 43.33 8.44
CA PRO V 25 32.97 43.32 9.74
C PRO V 25 32.64 44.68 10.31
N PHE V 26 32.45 45.66 9.44
CA PHE V 26 32.31 47.04 9.88
C PHE V 26 31.07 47.76 9.34
N LEU V 27 30.06 47.00 8.95
CA LEU V 27 28.74 47.59 8.74
C LEU V 27 28.05 47.55 10.07
N LEU V 28 27.57 48.70 10.52
CA LEU V 28 27.12 48.82 11.91
C LEU V 28 25.72 49.42 12.05
N VAL V 29 25.01 49.49 10.93
CA VAL V 29 23.61 49.85 10.93
C VAL V 29 22.82 48.72 10.28
N ASP V 30 21.85 48.18 11.01
CA ASP V 30 21.09 47.04 10.54
C ASP V 30 19.82 47.50 9.83
N LYS V 31 19.17 48.53 10.36
CA LYS V 31 17.95 49.04 9.77
C LYS V 31 17.75 50.52 10.08
N VAL V 32 17.36 51.27 9.05
CA VAL V 32 16.85 52.63 9.22
C VAL V 32 15.33 52.55 9.36
N ILE V 33 14.78 53.07 10.46
CA ILE V 33 13.31 53.05 10.68
C ILE V 33 12.58 54.35 10.33
N TYR V 34 13.29 55.49 10.42
CA TYR V 34 12.74 56.79 10.06
C TYR V 34 13.85 57.74 9.62
N MET V 35 13.57 58.55 8.60
CA MET V 35 14.52 59.55 8.14
C MET V 35 13.78 60.77 7.58
N GLN V 36 14.25 61.96 7.92
CA GLN V 36 13.83 63.18 7.23
C GLN V 36 15.02 63.90 6.58
N PRO V 37 15.00 64.03 5.24
CA PRO V 37 16.11 64.68 4.53
C PRO V 37 16.52 66.01 5.13
N ASN V 38 17.83 66.25 5.17
CA ASN V 38 18.43 67.47 5.75
C ASN V 38 18.17 67.71 7.25
N LYS V 39 17.61 66.73 7.96
CA LYS V 39 17.21 66.94 9.36
C LYS V 39 17.62 65.84 10.34
N THR V 40 16.90 64.71 10.27
CA THR V 40 17.05 63.67 11.29
C THR V 40 16.90 62.28 10.71
N ILE V 41 17.44 61.30 11.43
CA ILE V 41 17.41 59.92 11.00
C ILE V 41 17.43 59.05 12.25
N ILE V 42 16.51 58.09 12.30
CA ILE V 42 16.45 57.12 13.39
C ILE V 42 16.54 55.72 12.81
N GLY V 43 17.28 54.86 13.50
CA GLY V 43 17.48 53.48 13.07
C GLY V 43 17.98 52.65 14.24
N LEU V 44 18.36 51.42 13.96
CA LEU V 44 18.83 50.56 15.04
C LEU V 44 20.01 49.70 14.65
N LYS V 45 20.78 49.31 15.66
CA LYS V 45 21.80 48.29 15.56
C LYS V 45 21.40 47.21 16.53
N GLN V 46 21.47 45.96 16.07
CA GLN V 46 21.14 44.83 16.92
C GLN V 46 22.42 44.30 17.56
N VAL V 47 22.35 43.97 18.84
CA VAL V 47 23.58 43.57 19.52
C VAL V 47 23.57 42.10 19.90
N SER V 48 24.18 41.27 19.05
CA SER V 48 24.23 39.85 19.29
C SER V 48 25.57 39.42 19.83
N THR V 49 25.63 38.25 20.46
CA THR V 49 26.90 37.68 20.94
C THR V 49 27.66 37.06 19.77
N ASN V 50 26.94 36.75 18.70
CA ASN V 50 27.55 36.22 17.49
C ASN V 50 28.22 37.31 16.62
N GLU V 51 28.80 38.34 17.25
CA GLU V 51 29.54 39.38 16.51
C GLU V 51 31.06 39.27 16.78
N PRO V 52 31.88 39.46 15.74
CA PRO V 52 33.30 39.13 15.83
C PRO V 52 34.05 39.82 16.97
N PHE V 53 33.77 41.11 17.18
CA PHE V 53 34.52 41.88 18.16
C PHE V 53 34.39 41.30 19.56
N PHE V 54 33.22 40.74 19.86
CA PHE V 54 32.88 40.42 21.22
C PHE V 54 33.90 39.57 21.90
N ASN V 55 34.55 38.70 21.12
CA ASN V 55 35.57 37.78 21.60
C ASN V 55 36.78 38.49 22.16
N GLY V 56 37.02 39.72 21.69
CA GLY V 56 38.18 40.49 22.14
C GLY V 56 37.85 41.66 23.04
N HIS V 57 36.58 41.76 23.44
CA HIS V 57 36.09 42.88 24.22
C HIS V 57 34.83 42.54 25.00
N PHE V 58 34.92 41.69 26.03
CA PHE V 58 36.15 41.03 26.46
C PHE V 58 35.88 39.56 26.62
N PRO V 59 36.94 38.72 26.56
CA PRO V 59 36.83 37.29 26.82
C PRO V 59 35.92 36.93 27.99
N GLN V 60 35.99 37.70 29.10
CA GLN V 60 35.26 37.40 30.34
C GLN V 60 33.96 38.17 30.44
N LYS V 61 33.87 39.30 29.74
CA LYS V 61 32.71 40.19 29.79
C LYS V 61 32.47 40.88 28.45
N GLN V 62 31.42 40.46 27.76
CA GLN V 62 31.15 41.00 26.45
C GLN V 62 30.42 42.34 26.56
N ILE V 63 31.16 43.42 26.33
CA ILE V 63 30.60 44.75 26.31
C ILE V 63 30.89 45.31 24.92
N MET V 64 29.85 45.80 24.25
CA MET V 64 30.07 46.41 22.95
C MET V 64 30.97 47.62 23.13
N PRO V 65 32.07 47.68 22.35
CA PRO V 65 33.07 48.75 22.38
C PRO V 65 32.47 50.14 22.20
N GLY V 66 32.79 51.05 23.13
CA GLY V 66 32.37 52.43 23.07
C GLY V 66 32.54 53.04 21.69
N VAL V 67 33.66 52.74 21.04
CA VAL V 67 33.97 53.34 19.74
C VAL V 67 33.10 52.79 18.59
N LEU V 68 32.66 51.55 18.71
CA LEU V 68 31.78 50.94 17.70
C LEU V 68 30.33 51.42 17.85
N GLN V 69 30.06 52.08 18.99
CA GLN V 69 28.83 52.85 19.17
C GLN V 69 28.96 54.19 18.45
N ILE V 70 30.11 54.84 18.57
CA ILE V 70 30.42 56.04 17.81
C ILE V 70 30.21 55.70 16.32
N GLU V 71 30.95 54.70 15.87
CA GLU V 71 30.96 54.30 14.47
C GLU V 71 29.53 54.10 13.94
N ALA V 72 28.71 53.40 14.72
CA ALA V 72 27.31 53.12 14.34
C ALA V 72 26.51 54.39 14.02
N LEU V 73 26.43 55.30 14.99
CA LEU V 73 25.87 56.64 14.77
C LEU V 73 26.49 57.39 13.59
N ALA V 74 27.82 57.37 13.47
CA ALA V 74 28.49 58.09 12.35
C ALA V 74 28.06 57.53 11.01
N GLN V 75 28.06 56.21 10.89
CA GLN V 75 27.53 55.55 9.72
C GLN V 75 26.07 55.93 9.51
N LEU V 76 25.31 56.05 10.60
CA LEU V 76 23.91 56.43 10.50
C LEU V 76 23.85 57.83 9.93
N ALA V 77 24.62 58.74 10.52
CA ALA V 77 24.78 60.14 10.08
C ALA V 77 25.17 60.25 8.60
N GLY V 78 26.13 59.43 8.19
CA GLY V 78 26.52 59.28 6.79
C GLY V 78 25.36 58.93 5.87
N ILE V 79 24.46 58.06 6.33
CA ILE V 79 23.25 57.75 5.55
C ILE V 79 22.36 58.99 5.36
N LEU V 80 22.13 59.73 6.44
CA LEU V 80 21.40 60.99 6.31
C LEU V 80 22.07 61.99 5.33
N CYS V 81 23.39 62.12 5.40
CA CYS V 81 24.14 63.02 4.51
C CYS V 81 23.96 62.71 3.03
N LEU V 82 24.21 61.46 2.68
CA LEU V 82 24.12 60.98 1.30
C LEU V 82 22.69 60.93 0.76
N LYS V 83 21.69 60.93 1.65
CA LYS V 83 20.29 60.97 1.21
C LYS V 83 19.73 62.38 1.26
N SER V 84 20.40 63.28 1.99
CA SER V 84 20.01 64.67 1.99
C SER V 84 20.51 65.29 0.68
N ASP V 85 21.81 65.11 0.41
CA ASP V 85 22.44 65.68 -0.77
C ASP V 85 23.39 64.63 -1.37
N ASP V 86 22.90 63.91 -2.38
CA ASP V 86 23.75 63.02 -3.19
C ASP V 86 24.20 63.72 -4.50
N SER V 87 24.28 65.05 -4.47
CA SER V 87 24.87 65.84 -5.54
C SER V 87 26.32 65.43 -5.84
N GLN V 88 27.24 65.65 -4.89
CA GLN V 88 28.64 65.23 -5.04
C GLN V 88 28.70 63.69 -5.06
N LYS V 89 29.14 63.15 -6.20
CA LYS V 89 29.14 61.71 -6.43
C LYS V 89 30.21 60.97 -5.63
N ASN V 90 29.97 60.85 -4.32
CA ASN V 90 30.91 60.22 -3.42
C ASN V 90 30.16 59.67 -2.20
N ASN V 91 30.29 58.38 -1.95
CA ASN V 91 29.69 57.74 -0.77
C ASN V 91 30.76 57.39 0.29
N LEU V 92 32.01 57.73 -0.01
CA LEU V 92 33.14 57.48 0.90
C LEU V 92 33.41 58.62 1.91
N PHE V 93 32.58 58.71 2.94
CA PHE V 93 32.68 59.77 3.97
C PHE V 93 33.64 59.40 5.10
N LEU V 94 34.69 60.21 5.28
CA LEU V 94 35.63 59.99 6.38
C LEU V 94 35.30 60.83 7.61
N PHE V 95 35.56 60.26 8.79
CA PHE V 95 35.46 60.97 10.05
C PHE V 95 36.60 61.98 10.11
N ALA V 96 36.25 63.26 10.23
CA ALA V 96 37.24 64.31 10.42
C ALA V 96 37.48 64.49 11.92
N GLY V 97 36.39 64.57 12.66
CA GLY V 97 36.48 64.64 14.11
C GLY V 97 35.22 64.15 14.80
N VAL V 98 35.31 64.03 16.12
CA VAL V 98 34.15 63.77 16.97
C VAL V 98 34.35 64.54 18.28
N ASP V 99 33.24 64.96 18.89
CA ASP V 99 33.30 65.79 20.07
C ASP V 99 32.12 65.48 20.97
N GLY V 100 32.38 65.37 22.27
CA GLY V 100 31.33 65.37 23.29
C GLY V 100 30.73 64.00 23.52
N VAL V 101 31.60 63.00 23.53
CA VAL V 101 31.14 61.62 23.65
C VAL V 101 31.09 61.19 25.10
N ARG V 102 29.90 60.76 25.51
CA ARG V 102 29.67 60.20 26.83
C ARG V 102 29.03 58.80 26.73
N TRP V 103 29.61 57.85 27.47
CA TRP V 103 29.04 56.52 27.61
C TRP V 103 28.42 56.40 28.99
N LYS V 104 27.09 56.38 29.00
CA LYS V 104 26.27 56.36 30.22
C LYS V 104 26.08 54.96 30.80
N LYS V 105 25.75 54.01 29.92
CA LYS V 105 25.47 52.62 30.30
C LYS V 105 26.03 51.64 29.27
N PRO V 106 26.58 50.51 29.74
CA PRO V 106 27.12 49.47 28.85
C PRO V 106 26.05 48.87 27.95
N VAL V 107 26.35 48.75 26.66
CA VAL V 107 25.46 48.09 25.71
C VAL V 107 25.85 46.60 25.59
N LEU V 108 24.90 45.71 25.87
CA LEU V 108 25.22 44.27 26.03
C LEU V 108 24.63 43.37 24.93
N PRO V 109 25.21 42.16 24.73
CA PRO V 109 24.62 41.20 23.77
C PRO V 109 23.18 40.87 24.15
N GLY V 110 22.26 41.02 23.19
CA GLY V 110 20.84 40.87 23.44
C GLY V 110 20.12 42.20 23.37
N ASP V 111 20.87 43.29 23.61
CA ASP V 111 20.32 44.64 23.53
C ASP V 111 20.03 45.02 22.09
N THR V 112 19.22 46.08 21.93
CA THR V 112 18.97 46.70 20.64
C THR V 112 19.33 48.17 20.69
N LEU V 113 20.41 48.53 20.01
CA LEU V 113 20.83 49.92 19.98
C LEU V 113 19.97 50.76 19.01
N THR V 114 18.95 51.43 19.52
CA THR V 114 18.22 52.46 18.78
C THR V 114 19.09 53.73 18.72
N MET V 115 19.23 54.31 17.53
CA MET V 115 20.12 55.46 17.33
C MET V 115 19.44 56.61 16.61
N GLN V 116 19.61 57.81 17.15
CA GLN V 116 19.18 59.01 16.45
C GLN V 116 20.33 59.96 16.22
N ALA V 117 20.45 60.42 14.98
CA ALA V 117 21.32 61.52 14.60
C ALA V 117 20.52 62.67 14.01
N ASN V 118 20.99 63.89 14.26
CA ASN V 118 20.42 65.09 13.68
C ASN V 118 21.51 65.92 13.00
N LEU V 119 21.23 66.35 11.77
CA LEU V 119 22.11 67.26 11.05
C LEU V 119 22.08 68.66 11.70
N ILE V 120 23.29 69.22 11.86
CA ILE V 120 23.47 70.56 12.43
C ILE V 120 23.77 71.60 11.34
N SER V 121 24.66 71.24 10.41
CA SER V 121 25.01 72.11 9.29
C SER V 121 25.60 71.34 8.12
N PHE V 122 25.25 71.79 6.91
CA PHE V 122 25.82 71.27 5.67
C PHE V 122 26.29 72.44 4.82
N LYS V 123 27.50 72.31 4.25
CA LYS V 123 28.00 73.21 3.19
C LYS V 123 27.92 74.71 3.49
N ILE V 128 30.72 69.29 3.93
CA ILE V 128 31.01 70.07 5.13
C ILE V 128 30.07 69.78 6.29
N ALA V 129 29.77 68.49 6.50
CA ALA V 129 28.69 68.06 7.43
C ALA V 129 29.08 67.92 8.90
N LYS V 130 28.16 68.32 9.77
CA LYS V 130 28.32 68.25 11.23
C LYS V 130 27.00 67.78 11.86
N LEU V 131 27.05 66.69 12.63
CA LEU V 131 25.83 66.06 13.18
C LEU V 131 25.95 65.66 14.65
N SER V 132 24.81 65.56 15.33
CA SER V 132 24.78 65.09 16.73
C SER V 132 24.13 63.72 16.81
N GLY V 133 24.45 62.96 17.85
CA GLY V 133 23.98 61.59 17.98
C GLY V 133 23.62 61.23 19.40
N VAL V 134 22.64 60.33 19.53
CA VAL V 134 22.12 59.83 20.81
C VAL V 134 21.67 58.38 20.61
N GLY V 135 22.23 57.48 21.41
CA GLY V 135 21.89 56.07 21.34
C GLY V 135 21.12 55.63 22.56
N TYR V 136 20.11 54.80 22.34
CA TYR V 136 19.26 54.28 23.41
C TYR V 136 19.24 52.76 23.50
N VAL V 137 19.15 52.27 24.73
CA VAL V 137 18.76 50.89 24.97
C VAL V 137 17.52 50.95 25.88
N ASN V 138 16.37 50.49 25.37
CA ASN V 138 15.13 50.49 26.16
C ASN V 138 14.67 51.92 26.49
N GLY V 139 14.68 52.79 25.49
CA GLY V 139 14.37 54.20 25.70
C GLY V 139 15.30 54.98 26.62
N LYS V 140 16.30 54.30 27.20
CA LYS V 140 17.30 54.96 28.04
C LYS V 140 18.56 55.33 27.26
N VAL V 141 19.14 56.48 27.60
CA VAL V 141 20.35 56.96 26.92
C VAL V 141 21.53 56.06 27.30
N VAL V 142 22.29 55.62 26.31
CA VAL V 142 23.51 54.83 26.57
C VAL V 142 24.77 55.46 25.97
N ILE V 143 24.58 56.34 24.98
CA ILE V 143 25.69 57.12 24.45
C ILE V 143 25.18 58.49 24.06
N ASN V 144 26.05 59.48 24.19
CA ASN V 144 25.84 60.82 23.64
C ASN V 144 26.99 61.22 22.75
N ILE V 145 26.69 61.95 21.68
CA ILE V 145 27.72 62.63 20.89
C ILE V 145 27.23 64.02 20.46
N SER V 146 27.82 65.06 21.04
CA SER V 146 27.44 66.46 20.76
C SER V 146 27.68 66.86 19.31
N GLU V 147 28.84 66.45 18.78
CA GLU V 147 29.20 66.72 17.38
C GLU V 147 29.99 65.60 16.71
N MET V 148 29.73 65.40 15.42
CA MET V 148 30.56 64.58 14.56
C MET V 148 30.81 65.37 13.29
N THR V 149 32.08 65.57 12.93
CA THR V 149 32.42 66.35 11.74
C THR V 149 32.90 65.43 10.65
N PHE V 150 32.33 65.61 9.45
CA PHE V 150 32.58 64.71 8.33
C PHE V 150 33.07 65.42 7.07
N ALA V 151 33.84 64.69 6.28
CA ALA V 151 34.34 65.17 4.99
C ALA V 151 34.62 63.98 4.07
N ASP W 8 49.20 -0.55 15.45
CA ASP W 8 49.34 0.41 16.58
C ASP W 8 48.12 1.33 16.67
N THR W 9 47.96 1.98 17.82
CA THR W 9 46.71 2.68 18.15
C THR W 9 46.62 4.09 17.54
N SER W 10 45.46 4.43 17.04
CA SER W 10 45.29 5.68 16.30
C SER W 10 44.73 6.84 17.14
N ILE W 11 45.52 7.91 17.24
CA ILE W 11 45.28 9.07 18.11
C ILE W 11 44.33 10.10 17.47
N ASP W 12 43.18 10.33 18.11
CA ASP W 12 42.21 11.30 17.61
C ASP W 12 42.63 12.76 17.91
N ILE W 13 41.80 13.71 17.49
CA ILE W 13 42.05 15.15 17.62
C ILE W 13 42.23 15.63 19.07
N GLU W 14 41.45 15.06 19.99
CA GLU W 14 41.49 15.42 21.43
C GLU W 14 42.83 15.06 22.07
N ASP W 15 43.41 13.94 21.64
CA ASP W 15 44.74 13.53 22.09
C ASP W 15 45.85 14.33 21.37
N ILE W 16 45.67 14.61 20.07
CA ILE W 16 46.65 15.44 19.31
C ILE W 16 46.82 16.83 19.94
N LYS W 17 45.70 17.45 20.33
CA LYS W 17 45.74 18.70 21.10
C LYS W 17 46.38 18.56 22.50
N LYS W 18 46.50 17.33 23.00
CA LYS W 18 47.20 17.09 24.28
C LYS W 18 48.70 16.88 24.09
N ILE W 19 49.11 16.66 22.84
CA ILE W 19 50.53 16.60 22.46
C ILE W 19 50.98 17.96 21.89
N LEU W 20 50.34 18.43 20.81
CA LEU W 20 50.69 19.71 20.17
C LEU W 20 50.07 20.95 20.86
N PRO W 21 50.79 22.10 20.86
CA PRO W 21 50.26 23.39 21.36
C PRO W 21 49.50 24.20 20.32
N HIS W 22 49.50 23.70 19.09
CA HIS W 22 48.81 24.36 17.98
C HIS W 22 47.30 24.34 18.21
N ARG W 23 46.61 25.40 17.81
CA ARG W 23 45.14 25.44 17.80
C ARG W 23 44.67 26.12 16.54
N TYR W 24 43.37 26.07 16.30
CA TYR W 24 42.72 26.84 15.23
C TYR W 24 43.25 28.28 15.18
N PRO W 25 43.50 28.83 13.97
CA PRO W 25 43.32 28.27 12.62
C PRO W 25 44.53 27.61 11.99
N PHE W 26 45.44 27.09 12.82
CA PHE W 26 46.70 26.56 12.30
C PHE W 26 47.06 25.15 12.80
N LEU W 27 46.04 24.38 13.19
CA LEU W 27 46.21 22.96 13.52
C LEU W 27 45.80 22.15 12.31
N LEU W 28 46.75 21.43 11.72
CA LEU W 28 46.57 20.85 10.38
C LEU W 28 46.82 19.33 10.39
N VAL W 29 46.66 18.75 11.57
CA VAL W 29 46.66 17.31 11.73
C VAL W 29 45.31 16.91 12.30
N ASP W 30 44.52 16.21 11.50
CA ASP W 30 43.19 15.79 11.90
C ASP W 30 43.24 14.46 12.59
N LYS W 31 44.11 13.57 12.13
CA LYS W 31 44.26 12.29 12.76
C LYS W 31 45.65 11.69 12.53
N VAL W 32 46.09 10.91 13.53
CA VAL W 32 47.24 10.05 13.40
C VAL W 32 46.69 8.61 13.36
N ILE W 33 47.01 7.88 12.29
CA ILE W 33 46.58 6.47 12.10
C ILE W 33 47.64 5.44 12.53
N TYR W 34 48.92 5.84 12.55
CA TYR W 34 50.03 4.95 12.94
C TYR W 34 51.25 5.73 13.37
N MET W 35 51.91 5.25 14.42
CA MET W 35 53.16 5.84 14.89
C MET W 35 54.09 4.82 15.57
N GLN W 36 55.37 4.87 15.22
CA GLN W 36 56.40 4.07 15.88
C GLN W 36 57.46 4.94 16.55
N PRO W 37 57.44 4.98 17.90
CA PRO W 37 58.34 5.79 18.69
C PRO W 37 59.79 5.72 18.20
N ASN W 38 60.37 6.88 17.94
CA ASN W 38 61.74 7.02 17.43
C ASN W 38 61.95 6.69 15.95
N LYS W 39 60.87 6.48 15.19
CA LYS W 39 61.03 6.07 13.77
C LYS W 39 60.16 6.74 12.70
N THR W 40 58.85 6.56 12.79
CA THR W 40 57.96 6.95 11.70
C THR W 40 56.59 7.30 12.26
N ILE W 41 55.82 8.06 11.48
CA ILE W 41 54.49 8.46 11.87
C ILE W 41 53.65 8.65 10.61
N ILE W 42 52.48 8.03 10.60
CA ILE W 42 51.53 8.14 9.49
C ILE W 42 50.24 8.74 10.04
N GLY W 43 49.75 9.78 9.37
CA GLY W 43 48.53 10.48 9.77
C GLY W 43 47.94 11.23 8.60
N LEU W 44 46.82 11.89 8.82
CA LEU W 44 46.13 12.54 7.70
C LEU W 44 45.59 13.93 8.02
N LYS W 45 45.36 14.72 6.97
CA LYS W 45 44.67 16.00 7.10
C LYS W 45 43.53 15.98 6.09
N GLN W 46 42.36 16.45 6.52
CA GLN W 46 41.21 16.54 5.64
C GLN W 46 41.11 17.93 5.01
N VAL W 47 40.95 17.95 3.69
CA VAL W 47 40.99 19.19 2.95
C VAL W 47 39.57 19.58 2.51
N SER W 48 38.98 20.53 3.26
CA SER W 48 37.62 21.00 3.00
C SER W 48 37.59 22.39 2.37
N THR W 49 36.50 22.71 1.66
CA THR W 49 36.31 24.07 1.19
C THR W 49 36.04 24.97 2.41
N ASN W 50 35.44 24.39 3.45
CA ASN W 50 35.11 25.12 4.69
C ASN W 50 36.30 25.37 5.63
N GLU W 51 37.45 25.73 5.06
CA GLU W 51 38.61 26.11 5.88
C GLU W 51 38.97 27.55 5.57
N PRO W 52 39.26 28.35 6.62
CA PRO W 52 39.51 29.79 6.49
C PRO W 52 40.42 30.22 5.33
N PHE W 53 41.56 29.54 5.16
CA PHE W 53 42.61 29.96 4.22
C PHE W 53 42.22 29.88 2.74
N PHE W 54 41.15 29.15 2.44
CA PHE W 54 40.78 28.93 1.04
C PHE W 54 40.27 30.18 0.36
N ASN W 55 39.52 30.97 1.13
CA ASN W 55 38.95 32.23 0.65
C ASN W 55 39.99 33.18 0.10
N GLY W 56 41.23 33.01 0.55
CA GLY W 56 42.33 33.86 0.13
C GLY W 56 43.44 33.13 -0.60
N HIS W 57 43.18 31.88 -0.99
CA HIS W 57 44.20 31.11 -1.71
C HIS W 57 43.61 30.04 -2.63
N PHE W 58 42.90 30.42 -3.70
CA PHE W 58 42.68 31.81 -4.13
C PHE W 58 41.17 32.00 -4.41
N PRO W 59 40.69 33.26 -4.44
CA PRO W 59 39.26 33.51 -4.61
C PRO W 59 38.60 32.67 -5.72
N GLN W 60 39.28 32.56 -6.86
CA GLN W 60 38.70 31.96 -8.06
C GLN W 60 39.30 30.60 -8.35
N LYS W 61 40.23 30.17 -7.51
CA LYS W 61 40.78 28.82 -7.64
C LYS W 61 41.38 28.40 -6.32
N GLN W 62 40.67 27.48 -5.68
CA GLN W 62 40.98 27.04 -4.32
C GLN W 62 41.99 25.92 -4.46
N ILE W 63 43.14 26.14 -3.80
CA ILE W 63 44.35 25.32 -3.93
C ILE W 63 45.09 25.43 -2.61
N MET W 64 45.15 24.32 -1.86
CA MET W 64 45.76 24.31 -0.53
C MET W 64 47.20 24.78 -0.60
N PRO W 65 47.53 25.88 0.09
CA PRO W 65 48.87 26.48 0.08
C PRO W 65 50.00 25.47 0.29
N GLY W 66 51.01 25.55 -0.56
CA GLY W 66 52.19 24.70 -0.48
C GLY W 66 52.80 24.66 0.91
N VAL W 67 52.89 25.82 1.54
CA VAL W 67 53.55 25.93 2.86
C VAL W 67 52.73 25.30 3.99
N LEU W 68 51.41 25.19 3.78
CA LEU W 68 50.52 24.66 4.79
C LEU W 68 50.55 23.14 4.79
N GLN W 69 50.97 22.58 3.66
CA GLN W 69 51.35 21.19 3.56
C GLN W 69 52.63 20.92 4.37
N ILE W 70 53.71 21.64 4.05
CA ILE W 70 54.94 21.66 4.87
C ILE W 70 54.63 21.74 6.37
N GLU W 71 53.73 22.66 6.74
CA GLU W 71 53.38 22.92 8.13
C GLU W 71 52.75 21.71 8.80
N ALA W 72 51.83 21.05 8.08
CA ALA W 72 51.13 19.88 8.59
C ALA W 72 52.10 18.71 8.84
N LEU W 73 52.95 18.39 7.85
CA LEU W 73 53.99 17.37 8.04
C LEU W 73 54.86 17.65 9.26
N ALA W 74 55.26 18.91 9.40
CA ALA W 74 56.10 19.33 10.54
C ALA W 74 55.41 19.04 11.86
N GLN W 75 54.13 19.44 11.93
CA GLN W 75 53.29 19.15 13.07
C GLN W 75 53.16 17.64 13.30
N LEU W 76 52.93 16.87 12.22
CA LEU W 76 53.00 15.41 12.27
C LEU W 76 54.36 14.94 12.81
N ALA W 77 55.45 15.40 12.21
CA ALA W 77 56.81 15.12 12.70
C ALA W 77 57.02 15.55 14.16
N GLY W 78 56.35 16.65 14.56
CA GLY W 78 56.44 17.18 15.93
C GLY W 78 55.78 16.27 16.96
N ILE W 79 54.73 15.57 16.54
CA ILE W 79 54.08 14.55 17.37
C ILE W 79 54.97 13.31 17.52
N LEU W 80 55.76 12.99 16.49
CA LEU W 80 56.69 11.87 16.60
C LEU W 80 57.75 12.19 17.66
N CYS W 81 58.26 13.41 17.62
CA CYS W 81 59.30 13.84 18.54
C CYS W 81 58.88 13.89 20.01
N LEU W 82 57.59 14.16 20.24
CA LEU W 82 57.08 14.31 21.59
C LEU W 82 56.57 13.00 22.18
N LYS W 83 56.37 12.01 21.32
CA LYS W 83 56.04 10.65 21.75
C LYS W 83 57.31 9.78 21.87
N SER W 84 58.30 10.09 21.05
CA SER W 84 59.58 9.39 21.09
C SER W 84 60.28 9.76 22.39
N ASP W 85 60.51 11.06 22.59
CA ASP W 85 61.23 11.57 23.75
C ASP W 85 60.56 12.82 24.35
N ASP W 86 59.60 12.57 25.23
CA ASP W 86 58.95 13.64 26.01
C ASP W 86 59.80 14.08 27.21
N SER W 87 60.97 13.44 27.40
CA SER W 87 61.91 13.78 28.48
C SER W 87 62.04 15.29 28.66
N GLN W 88 62.18 15.98 27.53
CA GLN W 88 62.11 17.43 27.46
C GLN W 88 60.67 17.93 27.70
N LYS W 89 60.46 18.64 28.81
CA LYS W 89 59.13 19.09 29.25
C LYS W 89 58.57 20.33 28.51
N ASN W 90 58.46 20.21 27.19
CA ASN W 90 58.24 21.35 26.32
C ASN W 90 57.63 20.85 25.01
N ASN W 91 56.46 21.38 24.65
CA ASN W 91 55.78 20.97 23.42
C ASN W 91 55.88 22.04 22.33
N LEU W 92 56.47 23.17 22.69
CA LEU W 92 56.71 24.26 21.75
C LEU W 92 57.94 23.99 20.88
N PHE W 93 57.74 23.24 19.78
CA PHE W 93 58.76 23.05 18.73
C PHE W 93 58.68 24.10 17.63
N LEU W 94 59.84 24.68 17.30
CA LEU W 94 59.89 25.70 16.26
C LEU W 94 60.70 25.20 15.08
N PHE W 95 60.28 25.61 13.88
CA PHE W 95 60.99 25.29 12.63
C PHE W 95 62.35 26.02 12.57
N ALA W 96 63.44 25.26 12.51
CA ALA W 96 64.77 25.83 12.37
C ALA W 96 65.22 25.89 10.90
N GLY W 97 64.92 24.82 10.16
CA GLY W 97 65.22 24.76 8.75
C GLY W 97 64.37 23.71 8.05
N VAL W 98 64.16 23.92 6.76
CA VAL W 98 63.51 22.95 5.88
C VAL W 98 64.23 22.93 4.52
N ASP W 99 64.36 21.73 3.93
CA ASP W 99 65.27 21.50 2.82
C ASP W 99 64.67 20.43 1.89
N GLY W 100 64.89 20.57 0.58
CA GLY W 100 64.49 19.56 -0.39
C GLY W 100 62.98 19.34 -0.51
N VAL W 101 62.23 20.44 -0.61
CA VAL W 101 60.78 20.39 -0.72
C VAL W 101 60.35 20.44 -2.18
N ARG W 102 59.38 19.59 -2.52
CA ARG W 102 58.89 19.48 -3.90
C ARG W 102 57.37 19.27 -3.90
N TRP W 103 56.65 20.13 -4.60
CA TRP W 103 55.21 19.92 -4.77
C TRP W 103 54.99 19.39 -6.17
N LYS W 104 54.37 18.22 -6.23
CA LYS W 104 54.15 17.51 -7.49
C LYS W 104 52.75 17.76 -8.03
N LYS W 105 51.80 17.92 -7.14
CA LYS W 105 50.38 18.00 -7.51
C LYS W 105 49.58 18.89 -6.59
N PRO W 106 48.67 19.72 -7.17
CA PRO W 106 47.75 20.52 -6.38
C PRO W 106 46.93 19.65 -5.43
N VAL W 107 46.86 20.09 -4.18
CA VAL W 107 46.01 19.50 -3.15
C VAL W 107 44.71 20.30 -3.10
N LEU W 108 43.61 19.66 -3.51
CA LEU W 108 42.32 20.34 -3.76
C LEU W 108 41.25 20.04 -2.72
N PRO W 109 40.21 20.92 -2.61
CA PRO W 109 38.99 20.62 -1.83
C PRO W 109 38.44 19.23 -2.18
N GLY W 110 38.18 18.40 -1.17
CA GLY W 110 37.63 17.07 -1.40
C GLY W 110 38.68 15.98 -1.28
N ASP W 111 39.94 16.37 -1.24
CA ASP W 111 41.04 15.45 -1.10
C ASP W 111 41.21 15.04 0.35
N THR W 112 41.91 13.92 0.57
CA THR W 112 42.48 13.57 1.87
C THR W 112 44.03 13.55 1.73
N LEU W 113 44.70 14.38 2.53
CA LEU W 113 46.15 14.39 2.52
C LEU W 113 46.64 13.34 3.54
N THR W 114 47.08 12.19 3.05
CA THR W 114 47.84 11.28 3.90
C THR W 114 49.32 11.75 3.95
N MET W 115 49.85 11.80 5.16
CA MET W 115 51.20 12.26 5.36
C MET W 115 52.00 11.20 6.10
N GLN W 116 53.26 11.04 5.73
CA GLN W 116 54.21 10.20 6.47
C GLN W 116 55.51 10.94 6.73
N ALA W 117 55.89 11.04 8.00
CA ALA W 117 57.21 11.55 8.36
C ALA W 117 58.04 10.44 9.02
N ASN W 118 59.36 10.50 8.83
CA ASN W 118 60.30 9.52 9.38
C ASN W 118 61.48 10.20 10.06
N LEU W 119 61.83 9.72 11.26
CA LEU W 119 62.94 10.30 12.05
C LEU W 119 64.33 9.94 11.48
N ILE W 120 65.18 10.95 11.35
CA ILE W 120 66.55 10.81 10.81
C ILE W 120 67.58 10.81 11.94
N SER W 121 67.63 11.90 12.72
CA SER W 121 68.53 12.02 13.88
C SER W 121 67.93 12.90 14.98
N PHE W 122 68.22 12.56 16.23
CA PHE W 122 67.70 13.26 17.40
C PHE W 122 68.78 13.40 18.47
N LYS W 123 69.07 14.65 18.86
CA LYS W 123 69.94 14.91 20.00
C LYS W 123 69.13 15.48 21.17
N GLY W 127 68.75 20.76 21.76
CA GLY W 127 67.59 19.98 21.31
C GLY W 127 67.33 20.13 19.82
N ILE W 128 67.77 19.15 19.05
CA ILE W 128 67.73 19.20 17.58
C ILE W 128 67.29 17.86 16.94
N ALA W 129 66.09 17.85 16.35
CA ALA W 129 65.57 16.67 15.65
C ALA W 129 65.44 16.91 14.13
N LYS W 130 65.85 15.91 13.34
CA LYS W 130 65.80 16.00 11.85
C LYS W 130 64.93 14.90 11.22
N LEU W 131 63.96 15.30 10.40
CA LEU W 131 62.98 14.35 9.84
C LEU W 131 62.65 14.61 8.37
N SER W 132 62.50 13.53 7.61
CA SER W 132 61.97 13.61 6.23
C SER W 132 60.44 13.41 6.20
N GLY W 133 59.83 13.70 5.06
CA GLY W 133 58.38 13.68 4.98
C GLY W 133 57.83 13.59 3.58
N VAL W 134 56.70 12.92 3.46
CA VAL W 134 56.00 12.76 2.19
C VAL W 134 54.51 12.92 2.44
N GLY W 135 53.84 13.63 1.55
CA GLY W 135 52.39 13.67 1.53
C GLY W 135 51.89 12.99 0.26
N TYR W 136 50.80 12.23 0.40
CA TYR W 136 50.12 11.67 -0.75
C TYR W 136 48.68 12.16 -0.73
N VAL W 137 48.09 12.20 -1.93
CA VAL W 137 46.66 12.35 -2.14
C VAL W 137 46.34 11.20 -3.08
N ASN W 138 45.74 10.14 -2.53
CA ASN W 138 45.30 8.99 -3.32
C ASN W 138 46.41 8.03 -3.70
N GLY W 139 47.39 7.85 -2.81
CA GLY W 139 48.55 7.01 -3.10
C GLY W 139 49.63 7.73 -3.88
N LYS W 140 49.24 8.71 -4.72
CA LYS W 140 50.21 9.50 -5.49
C LYS W 140 50.82 10.61 -4.65
N VAL W 141 52.13 10.79 -4.80
CA VAL W 141 52.85 11.85 -4.08
C VAL W 141 52.31 13.21 -4.53
N VAL W 142 52.04 14.09 -3.56
CA VAL W 142 51.79 15.52 -3.82
C VAL W 142 52.89 16.44 -3.31
N ILE W 143 53.55 16.06 -2.22
CA ILE W 143 54.64 16.82 -1.61
C ILE W 143 55.76 15.87 -1.12
N ASN W 144 57.01 16.29 -1.34
CA ASN W 144 58.18 15.68 -0.76
C ASN W 144 58.94 16.64 0.12
N ILE W 145 59.58 16.11 1.16
CA ILE W 145 60.52 16.88 1.96
C ILE W 145 61.65 15.97 2.37
N SER W 146 62.85 16.30 1.87
CA SER W 146 64.07 15.60 2.22
C SER W 146 64.38 15.72 3.70
N GLU W 147 64.18 16.92 4.27
CA GLU W 147 64.57 17.15 5.66
C GLU W 147 63.82 18.28 6.32
N MET W 148 63.52 18.09 7.60
CA MET W 148 62.87 19.09 8.42
C MET W 148 63.69 19.21 9.71
N THR W 149 64.22 20.40 9.99
CA THR W 149 64.99 20.66 11.23
C THR W 149 64.18 21.49 12.23
N PHE W 150 64.32 21.16 13.53
CA PHE W 150 63.56 21.83 14.62
C PHE W 150 64.40 22.03 15.87
N ALA W 151 63.94 22.93 16.73
CA ALA W 151 64.64 23.24 17.98
C ALA W 151 63.66 23.44 19.13
N LEU W 152 63.67 22.51 20.08
CA LEU W 152 62.79 22.59 21.23
C LEU W 152 63.12 23.78 22.11
N ASP X 8 63.11 51.18 -8.89
CA ASP X 8 62.36 51.78 -7.74
C ASP X 8 60.87 51.86 -8.05
N THR X 9 60.05 51.47 -7.06
CA THR X 9 58.61 51.40 -7.27
C THR X 9 57.84 51.43 -5.94
N SER X 10 57.77 52.62 -5.33
CA SER X 10 56.92 52.79 -4.17
C SER X 10 55.46 52.70 -4.59
N ILE X 11 54.74 51.82 -3.92
CA ILE X 11 53.37 51.47 -4.26
C ILE X 11 52.60 51.05 -2.99
N ASP X 12 51.31 51.36 -2.94
CA ASP X 12 50.41 50.86 -1.88
C ASP X 12 49.94 49.40 -2.06
N ILE X 13 49.11 48.93 -1.13
CA ILE X 13 48.44 47.63 -1.23
C ILE X 13 47.51 47.48 -2.45
N GLU X 14 46.73 48.53 -2.75
CA GLU X 14 45.67 48.47 -3.76
C GLU X 14 46.17 47.97 -5.12
N ASP X 15 47.41 48.35 -5.44
CA ASP X 15 48.04 47.89 -6.65
C ASP X 15 48.53 46.45 -6.52
N ILE X 16 49.08 46.11 -5.36
CA ILE X 16 49.49 44.72 -5.09
C ILE X 16 48.32 43.80 -5.43
N LYS X 17 47.13 44.15 -4.96
CA LYS X 17 45.91 43.33 -5.18
C LYS X 17 45.50 43.24 -6.66
N LYS X 18 46.07 44.12 -7.49
CA LYS X 18 45.81 44.14 -8.95
C LYS X 18 46.82 43.27 -9.71
N ILE X 19 47.87 42.87 -9.00
CA ILE X 19 48.88 41.97 -9.54
C ILE X 19 48.59 40.56 -9.02
N LEU X 20 48.57 40.42 -7.70
CA LEU X 20 48.42 39.14 -7.01
C LEU X 20 46.95 38.73 -6.78
N PRO X 21 46.60 37.46 -7.06
CA PRO X 21 45.24 36.98 -6.87
C PRO X 21 44.93 36.67 -5.40
N HIS X 22 45.97 36.50 -4.58
CA HIS X 22 45.85 36.27 -3.14
C HIS X 22 44.99 37.35 -2.47
N ARG X 23 44.12 36.93 -1.54
CA ARG X 23 43.41 37.84 -0.64
C ARG X 23 43.50 37.39 0.83
N TYR X 24 42.77 38.08 1.72
CA TYR X 24 42.64 37.70 3.13
C TYR X 24 42.01 36.29 3.25
N PRO X 25 42.57 35.42 4.12
CA PRO X 25 43.61 35.67 5.11
C PRO X 25 45.04 35.29 4.69
N PHE X 26 45.32 35.34 3.39
CA PHE X 26 46.59 34.86 2.89
C PHE X 26 47.25 35.77 1.83
N LEU X 27 46.90 37.05 1.87
CA LEU X 27 47.72 38.10 1.25
C LEU X 27 48.71 38.66 2.27
N LEU X 28 50.00 38.45 2.02
CA LEU X 28 51.03 38.66 3.03
C LEU X 28 52.19 39.57 2.58
N VAL X 29 51.95 40.36 1.54
CA VAL X 29 52.82 41.48 1.22
C VAL X 29 52.00 42.77 1.36
N ASP X 30 52.32 43.55 2.40
CA ASP X 30 51.61 44.79 2.70
C ASP X 30 52.03 45.93 1.77
N LYS X 31 53.35 46.12 1.61
CA LYS X 31 53.89 47.18 0.73
C LYS X 31 55.15 46.78 -0.04
N VAL X 32 55.16 47.07 -1.33
CA VAL X 32 56.37 46.94 -2.13
C VAL X 32 57.10 48.27 -2.08
N ILE X 33 58.33 48.25 -1.56
CA ILE X 33 59.09 49.49 -1.43
C ILE X 33 60.01 49.79 -2.60
N TYR X 34 60.67 48.78 -3.15
CA TYR X 34 61.51 48.94 -4.34
C TYR X 34 61.37 47.71 -5.25
N MET X 35 61.33 47.95 -6.56
CA MET X 35 61.39 46.88 -7.55
C MET X 35 62.18 47.29 -8.80
N GLN X 36 63.01 46.36 -9.29
CA GLN X 36 63.62 46.49 -10.62
C GLN X 36 63.35 45.21 -11.43
N PRO X 37 62.52 45.33 -12.50
CA PRO X 37 62.07 44.25 -13.39
C PRO X 37 63.17 43.27 -13.85
N ASN X 38 62.87 41.97 -13.74
CA ASN X 38 63.79 40.85 -14.05
C ASN X 38 65.06 40.76 -13.16
N LYS X 39 65.08 41.54 -12.08
CA LYS X 39 66.21 41.55 -11.19
C LYS X 39 65.78 41.29 -9.74
N THR X 40 65.31 42.33 -9.06
CA THR X 40 65.13 42.27 -7.62
C THR X 40 63.89 43.03 -7.16
N ILE X 41 63.51 42.83 -5.91
CA ILE X 41 62.32 43.44 -5.31
C ILE X 41 62.44 43.46 -3.78
N ILE X 42 62.08 44.60 -3.20
CA ILE X 42 62.09 44.77 -1.76
C ILE X 42 60.71 45.22 -1.32
N GLY X 43 60.20 44.57 -0.28
CA GLY X 43 58.86 44.84 0.23
C GLY X 43 58.82 44.49 1.69
N LEU X 44 57.73 44.84 2.35
CA LEU X 44 57.60 44.61 3.80
C LEU X 44 56.22 44.10 4.18
N LYS X 45 56.18 43.31 5.25
CA LYS X 45 54.97 42.77 5.83
C LYS X 45 55.00 43.23 7.26
N GLN X 46 53.84 43.63 7.80
CA GLN X 46 53.76 44.19 9.14
C GLN X 46 53.16 43.17 10.10
N VAL X 47 53.87 42.91 11.18
CA VAL X 47 53.51 41.79 12.03
C VAL X 47 52.69 42.26 13.23
N SER X 48 51.37 41.99 13.18
CA SER X 48 50.47 42.44 14.23
C SER X 48 49.87 41.29 15.03
N THR X 49 49.54 41.58 16.28
CA THR X 49 48.86 40.58 17.09
C THR X 49 47.47 40.39 16.49
N ASN X 50 47.00 41.41 15.79
CA ASN X 50 45.70 41.39 15.15
C ASN X 50 45.69 40.68 13.78
N GLU X 51 46.27 39.48 13.76
CA GLU X 51 46.34 38.71 12.55
C GLU X 51 45.80 37.33 12.86
N PRO X 52 44.91 36.82 11.98
CA PRO X 52 44.15 35.61 12.35
C PRO X 52 45.01 34.46 12.86
N PHE X 53 46.17 34.19 12.25
CA PHE X 53 46.95 32.98 12.56
C PHE X 53 47.45 32.91 14.00
N PHE X 54 47.92 34.04 14.49
CA PHE X 54 48.52 34.13 15.82
C PHE X 54 47.75 33.39 16.91
N ASN X 55 46.42 33.51 16.86
CA ASN X 55 45.56 32.83 17.84
C ASN X 55 45.78 31.32 17.96
N GLY X 56 46.36 30.74 16.90
CA GLY X 56 46.66 29.31 16.85
C GLY X 56 48.14 28.98 16.79
N HIS X 57 48.98 30.01 16.77
CA HIS X 57 50.44 29.80 16.74
C HIS X 57 51.29 30.80 17.56
N PHE X 58 51.33 30.71 18.90
CA PHE X 58 50.62 29.71 19.73
C PHE X 58 49.88 30.43 20.86
N PRO X 59 48.75 29.86 21.32
CA PRO X 59 47.95 30.49 22.39
C PRO X 59 48.74 31.28 23.46
N GLN X 60 49.89 30.74 23.90
CA GLN X 60 50.62 31.31 25.03
C GLN X 60 51.96 31.93 24.64
N LYS X 61 52.35 31.74 23.40
CA LYS X 61 53.51 32.42 22.85
C LYS X 61 53.20 32.64 21.39
N GLN X 62 53.06 33.90 21.01
CA GLN X 62 52.78 34.29 19.64
C GLN X 62 54.06 34.43 18.84
N ILE X 63 54.25 33.54 17.87
CA ILE X 63 55.41 33.53 16.97
C ILE X 63 54.93 33.44 15.54
N MET X 64 55.51 34.24 14.65
CA MET X 64 55.04 34.20 13.26
C MET X 64 55.45 32.89 12.60
N PRO X 65 54.47 32.08 12.17
CA PRO X 65 54.79 30.78 11.59
C PRO X 65 55.89 30.83 10.53
N GLY X 66 56.91 29.98 10.74
CA GLY X 66 58.00 29.82 9.78
C GLY X 66 57.56 29.74 8.32
N VAL X 67 56.48 29.00 8.07
CA VAL X 67 56.01 28.72 6.71
C VAL X 67 55.36 29.94 6.04
N LEU X 68 54.89 30.90 6.84
CA LEU X 68 54.17 32.07 6.29
C LEU X 68 55.16 33.12 5.85
N GLN X 69 56.33 33.06 6.49
CA GLN X 69 57.49 33.82 6.07
C GLN X 69 57.89 33.41 4.65
N ILE X 70 58.06 32.10 4.43
CA ILE X 70 58.33 31.56 3.07
C ILE X 70 57.27 32.05 2.10
N GLU X 71 56.00 31.95 2.54
CA GLU X 71 54.86 32.30 1.70
C GLU X 71 54.90 33.75 1.23
N ALA X 72 55.07 34.66 2.17
CA ALA X 72 55.11 36.08 1.86
C ALA X 72 56.21 36.42 0.82
N LEU X 73 57.41 35.87 1.00
CA LEU X 73 58.50 36.07 0.05
C LEU X 73 58.12 35.57 -1.34
N ALA X 74 57.51 34.38 -1.39
CA ALA X 74 57.01 33.84 -2.66
C ALA X 74 56.07 34.83 -3.31
N GLN X 75 55.22 35.46 -2.50
CA GLN X 75 54.28 36.47 -2.98
C GLN X 75 55.05 37.69 -3.51
N LEU X 76 56.04 38.14 -2.75
CA LEU X 76 56.97 39.16 -3.23
C LEU X 76 57.58 38.74 -4.57
N ALA X 77 58.19 37.56 -4.58
CA ALA X 77 58.73 36.95 -5.80
C ALA X 77 57.71 36.90 -6.92
N GLY X 78 56.50 36.43 -6.62
CA GLY X 78 55.39 36.44 -7.60
C GLY X 78 55.14 37.78 -8.27
N ILE X 79 55.18 38.85 -7.47
CA ILE X 79 54.99 40.20 -8.02
C ILE X 79 56.13 40.50 -8.98
N LEU X 80 57.35 40.15 -8.61
CA LEU X 80 58.50 40.38 -9.48
C LEU X 80 58.31 39.69 -10.84
N CYS X 81 57.89 38.42 -10.81
CA CYS X 81 57.73 37.62 -12.03
C CYS X 81 56.68 38.18 -12.99
N LEU X 82 55.67 38.83 -12.42
CA LEU X 82 54.50 39.29 -13.18
C LEU X 82 54.69 40.72 -13.66
N LYS X 83 55.56 41.47 -12.98
CA LYS X 83 55.96 42.79 -13.42
C LYS X 83 57.18 42.71 -14.33
N SER X 84 57.76 41.51 -14.42
CA SER X 84 58.92 41.24 -15.27
C SER X 84 58.42 40.85 -16.65
N ASP X 85 57.51 39.88 -16.65
CA ASP X 85 56.99 39.33 -17.87
C ASP X 85 55.52 39.02 -17.62
N ASP X 86 54.64 39.89 -18.13
CA ASP X 86 53.19 39.66 -18.09
C ASP X 86 52.75 38.95 -19.37
N SER X 87 53.72 38.63 -20.25
CA SER X 87 53.42 38.07 -21.60
C SER X 87 52.31 37.03 -21.61
N GLN X 88 52.36 36.11 -20.64
CA GLN X 88 51.20 35.26 -20.36
C GLN X 88 50.30 35.95 -19.34
N LYS X 89 49.04 36.13 -19.72
CA LYS X 89 48.04 36.84 -18.91
C LYS X 89 47.43 35.91 -17.83
N ASN X 90 48.29 35.50 -16.89
CA ASN X 90 47.91 34.56 -15.82
C ASN X 90 48.59 34.98 -14.52
N ASN X 91 47.80 35.33 -13.51
CA ASN X 91 48.38 35.78 -12.24
C ASN X 91 48.39 34.70 -11.16
N LEU X 92 47.97 33.49 -11.54
CA LEU X 92 47.97 32.32 -10.66
C LEU X 92 49.30 31.55 -10.72
N PHE X 93 50.24 31.96 -9.86
CA PHE X 93 51.51 31.23 -9.70
C PHE X 93 51.42 30.28 -8.51
N LEU X 94 51.74 29.00 -8.76
CA LEU X 94 51.84 28.00 -7.70
C LEU X 94 53.30 27.73 -7.39
N PHE X 95 53.54 27.34 -6.15
CA PHE X 95 54.84 26.90 -5.70
C PHE X 95 55.09 25.53 -6.34
N ALA X 96 56.32 25.30 -6.81
CA ALA X 96 56.71 24.02 -7.40
C ALA X 96 57.75 23.33 -6.53
N GLY X 97 58.71 24.11 -6.06
CA GLY X 97 59.71 23.60 -5.12
C GLY X 97 60.27 24.77 -4.34
N VAL X 98 60.57 24.52 -3.07
CA VAL X 98 61.38 25.45 -2.26
C VAL X 98 62.60 24.70 -1.67
N ASP X 99 63.68 25.43 -1.43
CA ASP X 99 64.97 24.83 -1.13
C ASP X 99 65.85 25.75 -0.27
N GLY X 100 66.63 25.15 0.63
CA GLY X 100 67.63 25.88 1.40
C GLY X 100 67.08 26.93 2.34
N VAL X 101 66.07 26.55 3.12
CA VAL X 101 65.40 27.48 4.02
C VAL X 101 65.98 27.41 5.45
N ARG X 102 66.30 28.56 6.02
CA ARG X 102 66.85 28.68 7.35
C ARG X 102 66.15 29.81 8.11
N TRP X 103 65.54 29.46 9.24
CA TRP X 103 64.96 30.42 10.16
C TRP X 103 65.97 30.70 11.25
N LYS X 104 66.52 31.92 11.27
CA LYS X 104 67.54 32.28 12.24
C LYS X 104 66.95 32.80 13.54
N LYS X 105 65.91 33.63 13.43
CA LYS X 105 65.28 34.27 14.60
C LYS X 105 63.77 34.29 14.50
N PRO X 106 63.09 34.09 15.65
CA PRO X 106 61.63 34.20 15.73
C PRO X 106 61.15 35.61 15.34
N VAL X 107 60.16 35.66 14.44
CA VAL X 107 59.50 36.91 14.06
C VAL X 107 58.27 37.16 14.94
N LEU X 108 58.33 38.24 15.73
CA LEU X 108 57.32 38.54 16.75
C LEU X 108 56.34 39.67 16.37
N PRO X 109 55.10 39.63 16.92
CA PRO X 109 54.19 40.76 16.73
C PRO X 109 54.90 42.05 17.11
N GLY X 110 54.76 43.08 16.27
CA GLY X 110 55.44 44.33 16.52
C GLY X 110 56.60 44.57 15.56
N ASP X 111 57.18 43.47 15.04
CA ASP X 111 58.29 43.55 14.07
C ASP X 111 57.80 43.99 12.69
N THR X 112 58.69 44.63 11.93
CA THR X 112 58.48 44.87 10.49
C THR X 112 59.32 43.86 9.70
N LEU X 113 58.68 43.07 8.85
CA LEU X 113 59.42 42.06 8.08
C LEU X 113 59.74 42.66 6.74
N THR X 114 60.98 43.13 6.58
CA THR X 114 61.48 43.64 5.30
C THR X 114 62.00 42.49 4.45
N MET X 115 61.43 42.35 3.27
CA MET X 115 61.73 41.23 2.39
C MET X 115 62.46 41.68 1.13
N GLN X 116 63.49 40.90 0.74
CA GLN X 116 64.08 40.99 -0.59
C GLN X 116 64.20 39.63 -1.32
N ALA X 117 63.70 39.58 -2.55
CA ALA X 117 63.80 38.40 -3.40
C ALA X 117 64.44 38.76 -4.74
N ASN X 118 65.40 37.96 -5.16
CA ASN X 118 66.12 38.23 -6.41
C ASN X 118 65.89 37.14 -7.44
N LEU X 119 65.70 37.54 -8.69
CA LEU X 119 65.51 36.55 -9.78
C LEU X 119 66.84 35.89 -10.13
N ILE X 120 66.83 34.55 -10.18
CA ILE X 120 67.99 33.76 -10.60
C ILE X 120 67.91 33.46 -12.10
N SER X 121 66.80 32.83 -12.51
CA SER X 121 66.55 32.52 -13.93
C SER X 121 65.06 32.53 -14.25
N PHE X 122 64.72 33.10 -15.40
CA PHE X 122 63.36 32.97 -15.92
C PHE X 122 63.39 32.11 -17.18
N LYS X 123 62.54 31.09 -17.19
CA LYS X 123 62.37 30.30 -18.40
C LYS X 123 60.88 30.27 -18.73
N SER X 124 60.52 30.82 -19.89
CA SER X 124 59.16 30.67 -20.41
C SER X 124 58.99 29.30 -21.09
N SER X 125 59.95 28.42 -20.81
CA SER X 125 59.97 27.04 -21.27
C SER X 125 58.77 26.23 -20.78
N LEU X 126 58.74 26.00 -19.46
CA LEU X 126 57.63 25.31 -18.81
C LEU X 126 56.86 26.29 -17.95
N GLY X 127 57.51 27.40 -17.61
CA GLY X 127 56.98 28.38 -16.66
C GLY X 127 57.86 28.55 -15.42
N ILE X 128 58.82 27.64 -15.26
CA ILE X 128 59.67 27.60 -14.06
C ILE X 128 60.58 28.83 -13.94
N ALA X 129 60.17 29.74 -13.06
CA ALA X 129 61.03 30.86 -12.63
C ALA X 129 61.62 30.51 -11.28
N LYS X 130 62.91 30.83 -11.11
CA LYS X 130 63.61 30.50 -9.87
C LYS X 130 64.16 31.76 -9.19
N LEU X 131 64.01 31.82 -7.87
CA LEU X 131 64.30 33.04 -7.11
C LEU X 131 64.84 32.77 -5.70
N SER X 132 65.67 33.68 -5.21
CA SER X 132 66.29 33.58 -3.90
C SER X 132 65.78 34.72 -3.04
N GLY X 133 65.84 34.56 -1.72
CA GLY X 133 65.20 35.51 -0.85
C GLY X 133 65.70 35.47 0.58
N VAL X 134 65.60 36.62 1.24
CA VAL X 134 66.11 36.80 2.60
C VAL X 134 65.11 37.69 3.30
N GLY X 135 64.74 37.34 4.52
CA GLY X 135 63.82 38.15 5.32
C GLY X 135 64.53 38.74 6.51
N TYR X 136 64.26 40.02 6.79
CA TYR X 136 64.93 40.73 7.88
C TYR X 136 63.99 41.28 8.93
N VAL X 137 64.50 41.43 10.15
CA VAL X 137 63.81 42.22 11.18
C VAL X 137 64.84 43.12 11.85
N ASN X 138 64.73 44.43 11.65
CA ASN X 138 65.73 45.40 12.10
C ASN X 138 67.13 45.15 11.49
N GLY X 139 67.15 44.95 10.17
CA GLY X 139 68.41 44.80 9.41
C GLY X 139 69.19 43.52 9.70
N LYS X 140 68.63 42.64 10.53
CA LYS X 140 69.20 41.33 10.83
C LYS X 140 68.39 40.22 10.15
N VAL X 141 69.08 39.21 9.61
CA VAL X 141 68.44 38.08 8.92
C VAL X 141 67.63 37.20 9.86
N VAL X 142 66.36 36.98 9.53
CA VAL X 142 65.52 36.05 10.28
C VAL X 142 65.12 34.87 9.38
N ILE X 143 64.97 35.10 8.08
CA ILE X 143 64.75 34.00 7.14
C ILE X 143 65.72 34.10 5.96
N ASN X 144 66.19 32.95 5.49
CA ASN X 144 66.96 32.81 4.24
C ASN X 144 66.36 31.74 3.36
N ILE X 145 66.30 32.00 2.05
CA ILE X 145 65.89 30.95 1.12
C ILE X 145 66.82 30.93 -0.07
N SER X 146 67.53 29.83 -0.23
CA SER X 146 68.39 29.62 -1.39
C SER X 146 67.62 29.64 -2.70
N GLU X 147 66.44 29.03 -2.74
CA GLU X 147 65.69 28.91 -4.00
C GLU X 147 64.18 28.74 -3.83
N MET X 148 63.42 29.48 -4.64
CA MET X 148 61.99 29.27 -4.82
C MET X 148 61.68 29.01 -6.30
N THR X 149 60.94 27.93 -6.57
CA THR X 149 60.60 27.51 -7.94
C THR X 149 59.08 27.59 -8.12
N PHE X 150 58.63 28.12 -9.26
CA PHE X 150 57.21 28.44 -9.43
C PHE X 150 56.50 27.76 -10.61
N ALA X 151 55.33 27.18 -10.31
CA ALA X 151 54.51 26.44 -11.28
C ALA X 151 53.30 27.24 -11.79
N LEU X 152 53.21 27.38 -13.12
CA LEU X 152 52.11 28.08 -13.80
C LEU X 152 50.81 27.26 -13.78
N SER X 153 49.69 27.93 -13.50
CA SER X 153 48.42 27.24 -13.27
C SER X 153 47.34 27.71 -14.25
#